data_7TD8
#
_entry.id   7TD8
#
_cell.length_a   256.560
_cell.length_b   144.370
_cell.length_c   104.290
_cell.angle_alpha   90.000
_cell.angle_beta   90.000
_cell.angle_gamma   90.000
#
_symmetry.space_group_name_H-M   'P 21 21 2'
#
loop_
_entity.id
_entity.type
_entity.pdbx_description
1 polymer 'Integrin alpha-IIb'
2 polymer 'Integrin beta-3'
3 polymer 'Fab heavy chain'
4 polymer 'Fab light chain'
5 branched beta-D-mannopyranose-(1-3)-[beta-D-mannopyranose-(1-6)]beta-D-mannopyranose-(1-4)-2-acetamido-2-deoxy-beta-D-glucopyranose-(1-4)-2-acetamido-2-deoxy-beta-D-glucopyranose
6 branched 2-acetamido-2-deoxy-beta-D-glucopyranose-(1-4)-2-acetamido-2-deoxy-beta-D-glucopyranose
7 branched beta-D-mannopyranose-(1-3)-beta-D-mannopyranose-(1-4)-2-acetamido-2-deoxy-beta-D-glucopyranose-(1-4)-2-acetamido-2-deoxy-beta-D-glucopyranose
8 non-polymer 'CALCIUM ION'
9 non-polymer 2-acetamido-2-deoxy-beta-D-glucopyranose
10 non-polymer 'SULFATE ION'
11 non-polymer 'MAGNESIUM ION'
12 non-polymer TIROFIBAN
13 water water
#
loop_
_entity_poly.entity_id
_entity_poly.type
_entity_poly.pdbx_seq_one_letter_code
_entity_poly.pdbx_strand_id
1 'polypeptide(L)'
;LNLDPVQLTFYAGPNGSQFGFSLDFHKDSHGRVAIVVGAPRTLGPSQEETGGVFLCPWRAEGGQCPSLLFDLRDETRNVG
SQTLQTFKARQGLGASVVSWSDVIVACAPWQHWNVLEKTEEAEKTPVGSCFLAQPESGRRAEYSPCRGNTLSRIYVENDF
SWDKRYCEAGFSSVVTQAGELVLGAPGGYYFLGLLAQAPVADIFSSYRPGILLWHVSSQSLSFDSSNPEYFDGYWGYSVA
VGEFDGDLNTTEYVVGAPTWSWTLGAVEILDSYYQRLHRLRGEQMASYFGHSVAVTDVNGDGRHDLLVGAPLYMESRADR
KLAEVGRVYLFLQPRGPHALGAPSLLLTGTQLYGRFGSAIAPLGDLDRDGYNDIAVAAPYGGPSGRGQVLVFLGQSEGLR
SRPSQVLDSPFPTGSAFGFSLRGAVDIDDNGYPDLIVGAYGANQVAVYRAQPV
;
A,C
2 'polypeptide(L)'
;GPNICTTRGVSSCQQCLAVSPMCAWCSDEALPLGSPRCDLKENLLKDNCAPESIEFPVSEARVLEDRPLSDKGSGDSSQV
TQVSPQRIALRLRPDDSKNFSIQVRQVEDYPVDIYYLMDLSYSMKDDLWSIQNLGTKLATQMRKLTSNLRIGFGAFVDKP
VSPYMYISPPEALENPCYDMKTTCLPMFGYKHVLTLTDQVTRFNEEVKKQSVSRNRDAPEGGFDAIMQATVCDEKIGWRN
DASHLLVFTTDAKTHIALDGRLAGIVQPNDGQCHVGSDNHYSASTTMDYPSLGLMTEKLSQKNINLIFAVTENVVNLYQN
YSELIPGTTVGVLSMDSSNVLQLIVDAYGKIRSKVELEVRDLPEELSLSFNATCLNNEVIPGLKSCMGLKIGDTVSFSIE
AKVRGCPQEKEKSFTIKPVGFKDSLIVQVTFDCDCACQAQAEPNSHRCNNGNGTFECGVCRCGPGWLGSQC
;
B,D
3 'polypeptide(L)'
;EVQLQQSGAELVKPGASVKLSCTASGFNIKDTYVHWVKQRPEQGLEWIGRIDPANGYTKYDPKFQGKATITADTSSNTAY
LQLSSLTSEDTAVYYCVRPLYDYYAMDYWGQGTSVTVSSAKTTAPSVYPLAPVCTGSSVTLGCLVKGYFPEPVTLTWNSG
SLSSGVHTFPAVLQSDLYTLSSSVTVTSSTWPSQSITCNVAHPASSTKVDKKIEPR
;
E,H
4 'polypeptide(L)'
;DILMTQSPSSMSVSLGDTVSITCHASQGISSNIGWLQQKPGKSFMGLIYYGTNLVDGVPSRFSGSGSGADYSLTISSLDS
EDFADYYCVQYAQLPYTFGGGTKLEIKRADAAPTVSIFPPSSEQLTSGGASVVCFLNNFYPKDINVKWKIDGSERQNGVL
NSWTDQDSKDSTYSMSSTLTLTKDEYERHNSYTCEATHKTSTSPIVKSFNRNEC
;
F,L
#
loop_
_chem_comp.id
_chem_comp.type
_chem_comp.name
_chem_comp.formula
AGG non-polymer TIROFIBAN 'C22 H36 N2 O5 S'
BMA D-saccharide, beta linking beta-D-mannopyranose 'C6 H12 O6'
CA non-polymer 'CALCIUM ION' 'Ca 2'
MG non-polymer 'MAGNESIUM ION' 'Mg 2'
NAG D-saccharide, beta linking 2-acetamido-2-deoxy-beta-D-glucopyranose 'C8 H15 N O6'
SO4 non-polymer 'SULFATE ION' 'O4 S -2'
#
# COMPACT_ATOMS: atom_id res chain seq x y z
N LEU A 1 22.51 1.28 42.35
CA LEU A 1 23.75 1.78 42.95
C LEU A 1 23.86 1.39 44.42
N ASN A 2 22.82 1.70 45.19
CA ASN A 2 22.86 1.57 46.64
C ASN A 2 21.87 0.52 47.16
N LEU A 3 21.54 -0.48 46.34
CA LEU A 3 20.83 -1.64 46.84
C LEU A 3 21.80 -2.55 47.56
N ASP A 4 21.37 -3.08 48.71
CA ASP A 4 22.23 -3.94 49.52
C ASP A 4 22.22 -5.36 48.96
N PRO A 5 23.33 -5.80 48.36
CA PRO A 5 23.39 -7.18 47.84
C PRO A 5 23.95 -8.19 48.82
N VAL A 6 24.14 -7.82 50.08
CA VAL A 6 24.77 -8.69 51.06
C VAL A 6 23.71 -9.32 51.94
N GLN A 7 22.87 -8.50 52.56
CA GLN A 7 21.83 -8.96 53.47
C GLN A 7 20.50 -8.91 52.74
N LEU A 8 20.14 -10.03 52.11
CA LEU A 8 18.88 -10.13 51.39
C LEU A 8 17.79 -10.70 52.31
N THR A 9 16.57 -10.66 51.81
CA THR A 9 15.43 -11.28 52.47
C THR A 9 14.77 -12.22 51.47
N PHE A 10 14.49 -13.45 51.91
CA PHE A 10 13.95 -14.49 51.04
C PHE A 10 12.59 -14.94 51.54
N TYR A 11 11.60 -14.93 50.64
CA TYR A 11 10.31 -15.56 50.86
C TYR A 11 10.21 -16.77 49.94
N ALA A 12 9.42 -17.76 50.34
CA ALA A 12 9.35 -19.00 49.59
C ALA A 12 7.95 -19.59 49.68
N GLY A 13 7.55 -20.24 48.58
CA GLY A 13 6.30 -20.96 48.53
C GLY A 13 6.53 -22.44 48.31
N PRO A 14 5.44 -23.20 48.15
CA PRO A 14 5.58 -24.64 47.96
C PRO A 14 6.37 -24.96 46.71
N ASN A 15 6.92 -26.17 46.66
CA ASN A 15 7.73 -26.54 45.52
C ASN A 15 6.86 -26.79 44.30
N GLY A 16 7.35 -26.37 43.15
CA GLY A 16 6.60 -26.49 41.92
C GLY A 16 5.44 -25.55 41.78
N SER A 17 5.27 -24.61 42.72
CA SER A 17 4.15 -23.66 42.67
C SER A 17 4.44 -22.47 41.78
N GLN A 18 5.69 -22.28 41.35
CA GLN A 18 6.12 -21.08 40.63
C GLN A 18 5.83 -19.82 41.44
N PHE A 19 5.96 -19.94 42.76
CA PHE A 19 5.93 -18.82 43.69
C PHE A 19 6.91 -17.75 43.26
N GLY A 20 6.40 -16.54 43.02
CA GLY A 20 7.22 -15.46 42.50
C GLY A 20 7.12 -15.23 41.02
N PHE A 21 6.22 -15.94 40.32
CA PHE A 21 5.97 -15.64 38.91
C PHE A 21 5.52 -14.20 38.72
N SER A 22 4.69 -13.70 39.64
CA SER A 22 4.29 -12.30 39.68
C SER A 22 4.34 -11.82 41.11
N LEU A 23 4.54 -10.51 41.28
CA LEU A 23 4.61 -9.93 42.61
C LEU A 23 4.25 -8.44 42.52
N ASP A 24 4.02 -7.86 43.69
CA ASP A 24 3.73 -6.43 43.81
C ASP A 24 3.77 -6.05 45.28
N PHE A 25 4.06 -4.78 45.55
CA PHE A 25 3.91 -4.25 46.89
C PHE A 25 2.44 -3.98 47.17
N HIS A 26 2.07 -4.12 48.45
CA HIS A 26 0.69 -3.89 48.87
C HIS A 26 0.69 -3.18 50.22
N LYS A 27 0.07 -2.02 50.26
CA LYS A 27 -0.11 -1.26 51.49
C LYS A 27 -1.53 -1.49 52.02
N ASP A 28 -1.63 -1.71 53.33
CA ASP A 28 -2.94 -1.81 53.94
C ASP A 28 -3.45 -0.41 54.29
N SER A 29 -4.68 -0.35 54.84
CA SER A 29 -5.29 0.92 55.19
C SER A 29 -4.40 1.77 56.10
N HIS A 30 -3.51 1.14 56.85
CA HIS A 30 -2.60 1.83 57.76
C HIS A 30 -1.26 2.15 57.13
N GLY A 31 -1.10 1.91 55.83
CA GLY A 31 0.15 2.20 55.14
C GLY A 31 1.26 1.19 55.35
N ARG A 32 0.94 0.01 55.89
N ARG A 32 0.94 0.01 55.87
CA ARG A 32 1.95 -1.02 56.14
CA ARG A 32 1.95 -1.01 56.13
C ARG A 32 2.19 -1.81 54.86
C ARG A 32 2.20 -1.82 54.87
N VAL A 33 3.44 -1.84 54.40
CA VAL A 33 3.78 -2.46 53.12
C VAL A 33 3.94 -3.97 53.31
N ALA A 34 3.26 -4.73 52.45
CA ALA A 34 3.43 -6.17 52.35
C ALA A 34 3.76 -6.51 50.89
N ILE A 35 3.97 -7.79 50.62
CA ILE A 35 4.33 -8.28 49.29
C ILE A 35 3.31 -9.34 48.88
N VAL A 36 2.48 -9.02 47.88
CA VAL A 36 1.58 -10.00 47.30
C VAL A 36 2.35 -10.79 46.25
N VAL A 37 2.31 -12.11 46.33
CA VAL A 37 3.10 -12.99 45.49
C VAL A 37 2.15 -13.98 44.81
N GLY A 38 2.17 -14.01 43.48
CA GLY A 38 1.42 -14.99 42.72
C GLY A 38 2.22 -16.27 42.56
N ALA A 39 1.52 -17.40 42.65
CA ALA A 39 2.12 -18.73 42.51
C ALA A 39 1.23 -19.57 41.61
N PRO A 40 1.36 -19.40 40.29
CA PRO A 40 0.33 -19.88 39.37
C PRO A 40 0.25 -21.39 39.19
N ARG A 41 1.08 -22.18 39.89
CA ARG A 41 0.95 -23.63 39.83
C ARG A 41 0.76 -24.25 41.21
N THR A 42 0.30 -23.45 42.17
CA THR A 42 -0.03 -23.99 43.49
C THR A 42 -1.14 -25.02 43.37
N LEU A 43 -0.99 -26.12 44.11
CA LEU A 43 -1.99 -27.18 44.07
C LEU A 43 -3.31 -26.73 44.68
N GLY A 44 -4.40 -27.18 44.10
CA GLY A 44 -5.72 -26.84 44.58
C GLY A 44 -6.30 -27.93 45.46
N PRO A 45 -7.63 -27.99 45.53
CA PRO A 45 -8.26 -28.99 46.41
C PRO A 45 -8.17 -30.40 45.86
N SER A 46 -8.33 -30.58 44.54
CA SER A 46 -8.33 -31.91 43.94
C SER A 46 -6.92 -32.31 43.55
N GLN A 47 -5.93 -31.87 44.32
CA GLN A 47 -4.52 -32.18 44.08
C GLN A 47 -4.13 -31.85 42.64
N GLU A 48 -4.74 -30.81 42.09
CA GLU A 48 -4.49 -30.39 40.72
C GLU A 48 -4.06 -28.94 40.72
N GLU A 49 -3.13 -28.60 39.84
CA GLU A 49 -2.61 -27.24 39.78
C GLU A 49 -3.72 -26.26 39.41
N THR A 50 -3.91 -25.25 40.26
CA THR A 50 -4.84 -24.17 39.99
C THR A 50 -4.23 -22.79 40.19
N GLY A 51 -3.05 -22.70 40.79
CA GLY A 51 -2.48 -21.42 41.16
C GLY A 51 -2.89 -21.00 42.55
N GLY A 52 -2.25 -19.92 43.01
CA GLY A 52 -2.53 -19.42 44.34
C GLY A 52 -1.82 -18.10 44.56
N VAL A 53 -2.26 -17.41 45.60
CA VAL A 53 -1.78 -16.08 45.94
C VAL A 53 -1.34 -16.08 47.39
N PHE A 54 -0.23 -15.38 47.66
CA PHE A 54 0.31 -15.27 49.01
C PHE A 54 0.52 -13.80 49.34
N LEU A 55 0.19 -13.43 50.58
CA LEU A 55 0.35 -12.07 51.09
C LEU A 55 1.43 -12.11 52.16
N CYS A 56 2.64 -11.67 51.80
CA CYS A 56 3.80 -11.83 52.66
C CYS A 56 3.96 -10.58 53.54
N PRO A 57 3.81 -10.69 54.85
CA PRO A 57 4.15 -9.55 55.72
C PRO A 57 5.64 -9.28 55.68
N TRP A 58 6.00 -8.00 55.79
CA TRP A 58 7.41 -7.63 55.70
C TRP A 58 8.15 -8.07 56.96
N ARG A 59 9.16 -8.92 56.76
CA ARG A 59 10.06 -9.35 57.82
C ARG A 59 11.46 -9.42 57.24
N ALA A 60 12.44 -8.88 57.96
CA ALA A 60 13.82 -8.94 57.48
C ALA A 60 14.28 -10.38 57.26
N GLU A 61 13.77 -11.31 58.06
CA GLU A 61 14.14 -12.71 57.91
C GLU A 61 13.40 -13.38 56.74
N GLY A 62 12.19 -12.92 56.43
CA GLY A 62 11.44 -13.52 55.34
C GLY A 62 10.74 -14.76 55.82
N GLY A 63 10.81 -15.83 55.01
CA GLY A 63 10.22 -17.10 55.37
C GLY A 63 8.96 -17.43 54.61
N GLN A 64 8.03 -18.12 55.26
CA GLN A 64 6.78 -18.53 54.64
C GLN A 64 5.74 -17.41 54.74
N CYS A 65 4.72 -17.51 53.90
CA CYS A 65 3.67 -16.50 53.85
C CYS A 65 2.30 -17.15 53.95
N PRO A 66 1.33 -16.46 54.54
CA PRO A 66 -0.04 -16.97 54.52
C PRO A 66 -0.67 -16.82 53.15
N SER A 67 -1.59 -17.72 52.84
CA SER A 67 -2.31 -17.66 51.58
C SER A 67 -3.36 -16.56 51.61
N LEU A 68 -3.59 -15.96 50.44
CA LEU A 68 -4.74 -15.10 50.21
C LEU A 68 -5.78 -15.97 49.51
N LEU A 69 -6.77 -16.43 50.27
CA LEU A 69 -7.64 -17.49 49.80
C LEU A 69 -8.63 -17.00 48.76
N PHE A 70 -8.81 -17.82 47.71
CA PHE A 70 -9.80 -17.57 46.68
C PHE A 70 -10.54 -18.87 46.38
N ASP A 71 -11.77 -18.74 45.89
CA ASP A 71 -12.57 -19.90 45.55
C ASP A 71 -11.93 -20.64 44.37
N LEU A 72 -11.54 -21.90 44.60
CA LEU A 72 -10.92 -22.73 43.58
C LEU A 72 -11.87 -23.80 43.05
N ARG A 73 -13.16 -23.73 43.37
CA ARG A 73 -14.12 -24.73 42.96
C ARG A 73 -14.69 -24.39 41.58
N ASP A 74 -14.77 -25.39 40.71
CA ASP A 74 -15.44 -25.21 39.45
C ASP A 74 -16.92 -24.88 39.69
N GLU A 75 -17.48 -24.08 38.79
CA GLU A 75 -18.83 -23.58 38.95
C GLU A 75 -19.71 -24.03 37.79
N THR A 76 -20.99 -24.27 38.10
CA THR A 76 -21.97 -24.67 37.11
C THR A 76 -23.27 -23.96 37.42
N ARG A 77 -23.85 -23.30 36.42
CA ARG A 77 -25.14 -22.63 36.56
C ARG A 77 -26.04 -23.01 35.39
N ASN A 78 -27.25 -23.46 35.70
CA ASN A 78 -28.26 -23.79 34.71
C ASN A 78 -29.29 -22.68 34.72
N VAL A 79 -29.24 -21.81 33.70
CA VAL A 79 -30.09 -20.63 33.63
C VAL A 79 -30.31 -20.29 32.17
N GLY A 80 -31.50 -19.76 31.86
CA GLY A 80 -31.81 -19.36 30.51
C GLY A 80 -31.75 -20.50 29.50
N SER A 81 -32.11 -21.71 29.92
CA SER A 81 -32.02 -22.91 29.09
C SER A 81 -30.59 -23.13 28.59
N GLN A 82 -29.61 -22.77 29.42
CA GLN A 82 -28.20 -22.96 29.12
C GLN A 82 -27.49 -23.43 30.38
N THR A 83 -26.28 -23.94 30.20
CA THR A 83 -25.42 -24.36 31.31
C THR A 83 -24.11 -23.60 31.24
N LEU A 84 -23.87 -22.77 32.25
CA LEU A 84 -22.61 -22.03 32.36
C LEU A 84 -21.62 -22.85 33.15
N GLN A 85 -20.36 -22.85 32.70
CA GLN A 85 -19.33 -23.67 33.31
C GLN A 85 -18.03 -22.89 33.40
N THR A 86 -17.42 -22.88 34.58
CA THR A 86 -16.06 -22.40 34.77
C THR A 86 -15.16 -23.57 35.13
N PHE A 87 -13.93 -23.55 34.61
CA PHE A 87 -12.96 -24.62 34.82
C PHE A 87 -11.67 -23.99 35.32
N LYS A 88 -11.32 -24.28 36.57
CA LYS A 88 -10.17 -23.67 37.22
C LYS A 88 -8.93 -24.56 37.21
N ALA A 89 -9.01 -25.75 36.63
CA ALA A 89 -7.84 -26.61 36.52
C ALA A 89 -6.80 -25.97 35.62
N ARG A 90 -5.57 -25.83 36.14
CA ARG A 90 -4.46 -25.22 35.41
CA ARG A 90 -4.46 -25.23 35.41
C ARG A 90 -4.80 -23.81 34.93
N GLN A 91 -5.66 -23.11 35.68
CA GLN A 91 -6.04 -21.76 35.32
C GLN A 91 -4.91 -20.76 35.52
N GLY A 92 -3.93 -21.07 36.35
CA GLY A 92 -2.80 -20.19 36.56
C GLY A 92 -3.09 -18.99 37.44
N LEU A 93 -3.94 -19.15 38.46
CA LEU A 93 -4.22 -18.07 39.39
C LEU A 93 -2.93 -17.56 40.01
N GLY A 94 -2.68 -16.26 39.86
CA GLY A 94 -1.43 -15.68 40.29
C GLY A 94 -0.40 -15.52 39.20
N ALA A 95 -0.74 -15.81 37.93
CA ALA A 95 0.15 -15.50 36.83
C ALA A 95 0.40 -14.01 36.71
N SER A 96 -0.49 -13.17 37.23
CA SER A 96 -0.26 -11.75 37.40
C SER A 96 -0.95 -11.32 38.69
N VAL A 97 -0.29 -10.43 39.44
CA VAL A 97 -0.89 -9.81 40.61
C VAL A 97 -0.55 -8.33 40.59
N VAL A 98 -1.48 -7.52 41.08
CA VAL A 98 -1.29 -6.07 41.15
C VAL A 98 -2.09 -5.56 42.33
N SER A 99 -1.55 -4.54 43.00
CA SER A 99 -2.17 -3.96 44.18
C SER A 99 -2.48 -2.49 43.93
N TRP A 100 -3.68 -2.08 44.31
CA TRP A 100 -4.09 -0.69 44.27
C TRP A 100 -4.90 -0.40 45.52
N SER A 101 -4.57 0.70 46.20
CA SER A 101 -5.18 1.09 47.47
C SER A 101 -5.08 -0.10 48.42
N ASP A 102 -6.16 -0.51 49.10
CA ASP A 102 -6.15 -1.69 49.95
C ASP A 102 -6.76 -2.90 49.26
N VAL A 103 -6.62 -2.99 47.94
CA VAL A 103 -7.24 -4.05 47.15
C VAL A 103 -6.15 -4.77 46.37
N ILE A 104 -6.27 -6.10 46.29
CA ILE A 104 -5.37 -6.95 45.53
C ILE A 104 -6.14 -7.55 44.36
N VAL A 105 -5.51 -7.56 43.19
CA VAL A 105 -6.08 -8.15 41.98
C VAL A 105 -5.15 -9.25 41.51
N ALA A 106 -5.61 -10.49 41.58
CA ALA A 106 -4.86 -11.66 41.14
C ALA A 106 -5.66 -12.37 40.06
N CYS A 107 -5.01 -12.67 38.94
CA CYS A 107 -5.71 -13.15 37.77
C CYS A 107 -5.27 -14.56 37.40
N ALA A 108 -6.21 -15.31 36.82
CA ALA A 108 -5.97 -16.65 36.27
C ALA A 108 -6.20 -16.56 34.77
N PRO A 109 -5.16 -16.24 33.99
CA PRO A 109 -5.37 -16.00 32.55
C PRO A 109 -5.82 -17.23 31.79
N TRP A 110 -5.62 -18.43 32.33
CA TRP A 110 -5.98 -19.66 31.62
C TRP A 110 -7.17 -20.36 32.25
N GLN A 111 -7.98 -19.65 33.03
CA GLN A 111 -9.24 -20.21 33.47
C GLN A 111 -10.14 -20.44 32.26
N HIS A 112 -10.69 -21.63 32.17
CA HIS A 112 -11.48 -22.01 31.01
C HIS A 112 -12.97 -21.84 31.30
N TRP A 113 -13.74 -21.73 30.22
CA TRP A 113 -15.14 -21.36 30.27
C TRP A 113 -15.86 -22.07 29.14
N ASN A 114 -17.13 -22.40 29.37
CA ASN A 114 -17.93 -23.02 28.34
C ASN A 114 -19.39 -22.82 28.67
N VAL A 115 -20.23 -22.88 27.63
CA VAL A 115 -21.67 -22.77 27.74
C VAL A 115 -22.30 -23.89 26.92
N LEU A 116 -23.17 -24.67 27.55
CA LEU A 116 -23.85 -25.77 26.89
C LEU A 116 -25.31 -25.42 26.67
N GLU A 117 -25.81 -25.69 25.46
CA GLU A 117 -27.21 -25.50 25.12
C GLU A 117 -27.63 -26.70 24.28
N LYS A 118 -28.36 -27.63 24.90
CA LYS A 118 -28.75 -28.89 24.27
C LYS A 118 -27.52 -29.61 23.73
N THR A 119 -27.42 -29.74 22.41
CA THR A 119 -26.30 -30.42 21.79
C THR A 119 -25.16 -29.48 21.40
N GLU A 120 -25.39 -28.18 21.41
CA GLU A 120 -24.40 -27.20 21.01
C GLU A 120 -23.61 -26.68 22.21
N GLU A 121 -22.56 -25.92 21.91
CA GLU A 121 -21.70 -25.38 22.95
C GLU A 121 -21.03 -24.12 22.44
N ALA A 122 -20.55 -23.31 23.38
CA ALA A 122 -19.75 -22.14 23.05
C ALA A 122 -18.31 -22.49 22.75
N GLU A 123 -17.87 -23.69 23.19
CA GLU A 123 -16.50 -24.23 23.16
C GLU A 123 -15.76 -23.88 24.45
N LYS A 124 -15.02 -24.87 24.98
CA LYS A 124 -14.29 -24.73 26.24
C LYS A 124 -12.98 -23.99 25.95
N THR A 125 -12.88 -22.75 26.38
CA THR A 125 -11.82 -21.85 25.96
C THR A 125 -11.29 -21.06 27.15
N PRO A 126 -10.04 -20.59 27.09
CA PRO A 126 -9.46 -19.77 28.17
C PRO A 126 -9.82 -18.28 28.08
N VAL A 127 -11.01 -17.94 28.56
CA VAL A 127 -11.40 -16.53 28.62
C VAL A 127 -10.58 -15.77 29.65
N GLY A 128 -9.99 -16.47 30.61
CA GLY A 128 -9.30 -15.83 31.71
C GLY A 128 -10.28 -15.25 32.71
N SER A 129 -9.75 -14.97 33.90
CA SER A 129 -10.56 -14.40 34.97
C SER A 129 -9.63 -13.78 36.00
N CYS A 130 -10.15 -12.77 36.71
CA CYS A 130 -9.40 -12.09 37.75
C CYS A 130 -10.18 -12.14 39.05
N PHE A 131 -9.45 -12.23 40.15
CA PHE A 131 -9.99 -12.31 41.49
C PHE A 131 -9.53 -11.08 42.27
N LEU A 132 -10.48 -10.41 42.92
CA LEU A 132 -10.19 -9.20 43.68
C LEU A 132 -10.49 -9.46 45.15
N ALA A 133 -9.63 -8.92 46.02
CA ALA A 133 -9.76 -9.12 47.45
C ALA A 133 -9.44 -7.85 48.19
N GLN A 134 -10.22 -7.58 49.24
CA GLN A 134 -9.91 -6.54 50.22
C GLN A 134 -9.50 -7.27 51.50
N PRO A 135 -8.22 -7.58 51.67
CA PRO A 135 -7.82 -8.51 52.74
C PRO A 135 -8.27 -8.12 54.14
N GLU A 136 -8.24 -6.83 54.47
CA GLU A 136 -8.61 -6.40 55.81
C GLU A 136 -10.08 -6.65 56.10
N SER A 137 -10.95 -6.53 55.08
CA SER A 137 -12.38 -6.72 55.28
C SER A 137 -12.86 -8.12 54.93
N GLY A 138 -12.12 -8.87 54.11
CA GLY A 138 -12.57 -10.16 53.63
C GLY A 138 -13.40 -10.10 52.36
N ARG A 139 -13.68 -8.91 51.85
CA ARG A 139 -14.47 -8.78 50.63
C ARG A 139 -13.78 -9.47 49.45
N ARG A 140 -14.58 -10.16 48.65
CA ARG A 140 -14.10 -10.84 47.46
C ARG A 140 -14.97 -10.47 46.27
N ALA A 141 -14.34 -10.40 45.11
CA ALA A 141 -15.07 -10.15 43.86
C ALA A 141 -14.30 -10.79 42.72
N GLU A 142 -14.99 -10.96 41.60
CA GLU A 142 -14.40 -11.51 40.40
C GLU A 142 -14.70 -10.59 39.22
N TYR A 143 -13.90 -10.74 38.17
CA TYR A 143 -14.08 -9.96 36.95
C TYR A 143 -13.58 -10.79 35.78
N SER A 144 -14.49 -11.14 34.87
CA SER A 144 -14.16 -11.98 33.71
C SER A 144 -14.89 -11.42 32.50
N PRO A 145 -14.36 -10.33 31.93
CA PRO A 145 -15.13 -9.59 30.92
C PRO A 145 -15.29 -10.30 29.60
N CYS A 146 -14.56 -11.38 29.35
CA CYS A 146 -14.64 -12.06 28.05
C CYS A 146 -15.56 -13.27 28.07
N ARG A 147 -16.13 -13.62 29.21
CA ARG A 147 -17.15 -14.66 29.25
C ARG A 147 -18.35 -14.24 28.41
N GLY A 148 -18.81 -15.17 27.56
CA GLY A 148 -20.00 -14.94 26.78
C GLY A 148 -20.86 -16.19 26.78
N ASN A 149 -22.06 -16.06 26.21
CA ASN A 149 -23.00 -17.17 26.11
C ASN A 149 -23.42 -17.41 24.66
N THR A 150 -22.57 -17.02 23.71
CA THR A 150 -22.84 -17.24 22.29
C THR A 150 -22.37 -18.62 21.90
N LEU A 151 -23.22 -19.35 21.18
CA LEU A 151 -22.88 -20.71 20.75
C LEU A 151 -21.87 -20.68 19.62
N SER A 152 -21.10 -21.76 19.49
CA SER A 152 -20.01 -21.83 18.53
C SER A 152 -20.49 -21.55 17.11
N ARG A 153 -21.65 -22.12 16.74
CA ARG A 153 -22.17 -21.97 15.38
C ARG A 153 -22.35 -20.51 14.99
N ILE A 154 -22.68 -19.65 15.95
CA ILE A 154 -22.91 -18.25 15.64
C ILE A 154 -21.62 -17.56 15.23
N TYR A 155 -20.53 -17.83 15.97
CA TYR A 155 -19.23 -17.27 15.60
C TYR A 155 -18.84 -17.66 14.19
N VAL A 156 -19.13 -18.90 13.80
CA VAL A 156 -18.85 -19.35 12.44
C VAL A 156 -19.69 -18.58 11.43
N GLU A 157 -20.99 -18.45 11.71
CA GLU A 157 -21.88 -17.74 10.79
C GLU A 157 -21.56 -16.26 10.69
N ASN A 158 -20.84 -15.69 11.66
CA ASN A 158 -20.46 -14.29 11.66
C ASN A 158 -18.97 -14.09 11.41
N ASP A 159 -18.28 -15.13 10.94
CA ASP A 159 -16.88 -15.03 10.51
C ASP A 159 -15.95 -14.65 11.66
N PHE A 160 -16.31 -15.08 12.87
CA PHE A 160 -15.44 -14.98 14.05
C PHE A 160 -15.13 -13.54 14.43
N SER A 161 -16.10 -12.65 14.24
CA SER A 161 -15.96 -11.28 14.71
C SER A 161 -16.33 -11.20 16.18
N TRP A 162 -15.65 -10.30 16.90
CA TRP A 162 -15.88 -10.07 18.32
C TRP A 162 -15.85 -11.39 19.10
N ASP A 163 -14.85 -12.21 18.79
CA ASP A 163 -14.68 -13.52 19.41
C ASP A 163 -13.72 -13.37 20.58
N LYS A 164 -14.27 -13.28 21.79
CA LYS A 164 -13.48 -13.08 22.99
C LYS A 164 -13.26 -14.37 23.76
N ARG A 165 -13.43 -15.52 23.11
CA ARG A 165 -13.42 -16.79 23.83
C ARG A 165 -12.04 -17.16 24.35
N TYR A 166 -10.98 -16.66 23.71
CA TYR A 166 -9.62 -17.02 24.09
C TYR A 166 -8.85 -15.82 24.65
N CYS A 167 -9.57 -14.89 25.29
CA CYS A 167 -8.98 -13.64 25.77
C CYS A 167 -7.74 -13.88 26.61
N GLU A 168 -7.83 -14.79 27.56
CA GLU A 168 -6.84 -14.92 28.64
C GLU A 168 -6.72 -13.60 29.40
N ALA A 169 -7.88 -13.08 29.82
CA ALA A 169 -7.93 -11.82 30.54
C ALA A 169 -7.12 -11.91 31.82
N GLY A 170 -6.40 -10.84 32.14
CA GLY A 170 -5.50 -10.83 33.28
C GLY A 170 -4.12 -11.36 32.99
N PHE A 171 -3.84 -11.76 31.75
CA PHE A 171 -2.48 -12.06 31.32
C PHE A 171 -1.51 -11.01 31.81
N SER A 172 -1.81 -9.74 31.53
CA SER A 172 -1.14 -8.59 32.12
C SER A 172 -2.19 -7.73 32.81
N SER A 173 -1.73 -6.85 33.69
CA SER A 173 -2.66 -6.06 34.49
C SER A 173 -1.99 -4.79 34.96
N VAL A 174 -2.82 -3.80 35.29
CA VAL A 174 -2.40 -2.50 35.81
C VAL A 174 -3.66 -1.79 36.30
N VAL A 175 -3.50 -0.91 37.30
CA VAL A 175 -4.61 -0.14 37.83
C VAL A 175 -4.23 1.34 37.80
N THR A 176 -5.10 2.16 37.22
CA THR A 176 -4.88 3.60 37.23
C THR A 176 -5.00 4.14 38.65
N GLN A 177 -4.42 5.33 38.86
CA GLN A 177 -4.50 5.96 40.18
C GLN A 177 -5.94 6.22 40.59
N ALA A 178 -6.83 6.44 39.62
CA ALA A 178 -8.25 6.63 39.92
C ALA A 178 -8.94 5.35 40.34
N GLY A 179 -8.25 4.21 40.29
CA GLY A 179 -8.87 2.95 40.66
C GLY A 179 -9.55 2.20 39.54
N GLU A 180 -9.03 2.29 38.31
CA GLU A 180 -9.59 1.60 37.18
C GLU A 180 -8.67 0.44 36.81
N LEU A 181 -9.20 -0.78 36.89
CA LEU A 181 -8.44 -1.97 36.52
C LEU A 181 -8.40 -2.07 35.00
N VAL A 182 -7.20 -2.32 34.45
CA VAL A 182 -7.01 -2.47 33.01
C VAL A 182 -6.36 -3.82 32.78
N LEU A 183 -7.07 -4.72 32.11
CA LEU A 183 -6.59 -6.08 31.88
C LEU A 183 -6.04 -6.24 30.48
N GLY A 184 -4.91 -6.94 30.38
CA GLY A 184 -4.40 -7.36 29.09
C GLY A 184 -4.96 -8.72 28.74
N ALA A 185 -5.45 -8.84 27.50
CA ALA A 185 -6.04 -10.08 27.00
C ALA A 185 -5.45 -10.36 25.62
N PRO A 186 -4.29 -11.01 25.57
CA PRO A 186 -3.57 -11.15 24.29
C PRO A 186 -4.28 -12.04 23.30
N GLY A 187 -5.18 -12.90 23.74
CA GLY A 187 -5.91 -13.76 22.84
C GLY A 187 -7.26 -13.24 22.42
N GLY A 188 -7.65 -12.05 22.86
CA GLY A 188 -8.95 -11.52 22.52
C GLY A 188 -9.08 -11.25 21.03
N TYR A 189 -10.32 -11.36 20.55
CA TYR A 189 -10.65 -11.16 19.14
C TYR A 189 -9.79 -12.05 18.23
N TYR A 190 -9.92 -13.35 18.46
CA TYR A 190 -9.19 -14.38 17.73
C TYR A 190 -7.70 -14.05 17.65
N PHE A 191 -7.11 -13.81 18.83
CA PHE A 191 -5.68 -13.67 19.03
C PHE A 191 -5.12 -12.36 18.50
N LEU A 192 -5.97 -11.37 18.22
CA LEU A 192 -5.48 -10.03 17.97
C LEU A 192 -5.03 -9.37 19.26
N GLY A 193 -5.77 -9.60 20.34
CA GLY A 193 -5.48 -8.99 21.62
C GLY A 193 -6.41 -7.82 21.90
N LEU A 194 -6.94 -7.74 23.12
CA LEU A 194 -7.83 -6.67 23.50
C LEU A 194 -7.49 -6.21 24.92
N LEU A 195 -8.11 -5.09 25.30
CA LEU A 195 -7.99 -4.53 26.64
C LEU A 195 -9.37 -4.45 27.26
N ALA A 196 -9.45 -4.73 28.57
CA ALA A 196 -10.69 -4.63 29.31
C ALA A 196 -10.45 -3.77 30.54
N GLN A 197 -11.22 -2.69 30.66
CA GLN A 197 -11.10 -1.75 31.77
C GLN A 197 -12.44 -1.63 32.47
N ALA A 198 -12.40 -1.52 33.80
CA ALA A 198 -13.60 -1.30 34.61
C ALA A 198 -13.19 -0.77 35.96
N PRO A 199 -13.93 0.18 36.53
CA PRO A 199 -13.57 0.68 37.86
C PRO A 199 -13.65 -0.45 38.90
N VAL A 200 -12.63 -0.51 39.77
CA VAL A 200 -12.59 -1.52 40.81
C VAL A 200 -13.85 -1.47 41.67
N ALA A 201 -14.29 -0.26 42.02
CA ALA A 201 -15.49 -0.11 42.84
C ALA A 201 -16.70 -0.76 42.17
N ASP A 202 -16.82 -0.61 40.85
CA ASP A 202 -17.96 -1.17 40.15
C ASP A 202 -17.84 -2.68 39.97
N ILE A 203 -16.61 -3.20 39.85
CA ILE A 203 -16.41 -4.65 39.86
C ILE A 203 -16.96 -5.24 41.16
N PHE A 204 -16.62 -4.63 42.29
CA PHE A 204 -17.09 -5.14 43.58
C PHE A 204 -18.60 -5.00 43.71
N SER A 205 -19.13 -3.83 43.37
CA SER A 205 -20.54 -3.53 43.62
C SER A 205 -21.49 -4.26 42.67
N SER A 206 -21.00 -4.77 41.55
CA SER A 206 -21.84 -5.49 40.59
C SER A 206 -21.60 -7.00 40.62
N TYR A 207 -20.68 -7.49 41.45
CA TYR A 207 -20.40 -8.91 41.53
C TYR A 207 -21.24 -9.57 42.61
N ARG A 208 -21.73 -10.77 42.30
CA ARG A 208 -22.40 -11.65 43.25
C ARG A 208 -21.96 -13.07 42.90
N PRO A 209 -21.71 -13.91 43.90
CA PRO A 209 -21.30 -15.28 43.61
C PRO A 209 -22.42 -16.09 42.97
N GLY A 210 -22.03 -16.99 42.05
CA GLY A 210 -22.97 -17.86 41.40
C GLY A 210 -23.63 -17.31 40.15
N ILE A 211 -23.41 -16.04 39.82
CA ILE A 211 -24.02 -15.45 38.63
C ILE A 211 -23.27 -15.89 37.38
N LEU A 212 -21.94 -15.84 37.43
CA LEU A 212 -21.03 -16.28 36.37
C LEU A 212 -21.07 -15.38 35.14
N LEU A 213 -22.26 -14.90 34.77
CA LEU A 213 -22.42 -13.99 33.64
C LEU A 213 -23.18 -12.75 34.13
N TRP A 214 -22.46 -11.67 34.38
CA TRP A 214 -23.08 -10.44 34.86
C TRP A 214 -22.48 -9.25 34.13
N HIS A 215 -23.19 -8.12 34.20
CA HIS A 215 -22.81 -6.91 33.50
C HIS A 215 -22.07 -5.96 34.44
N VAL A 216 -21.02 -5.34 33.91
CA VAL A 216 -20.32 -4.25 34.57
C VAL A 216 -20.41 -3.07 33.62
N SER A 217 -21.51 -2.31 33.72
CA SER A 217 -21.87 -1.37 32.67
C SER A 217 -20.80 -0.30 32.47
N SER A 218 -20.06 0.05 33.52
CA SER A 218 -19.02 1.06 33.41
C SER A 218 -17.75 0.54 32.76
N GLN A 219 -17.73 -0.70 32.30
CA GLN A 219 -16.52 -1.25 31.71
C GLN A 219 -16.36 -0.80 30.26
N SER A 220 -15.14 -0.93 29.76
CA SER A 220 -14.77 -0.45 28.43
C SER A 220 -13.77 -1.42 27.82
N LEU A 221 -14.12 -1.98 26.66
CA LEU A 221 -13.28 -2.92 25.96
C LEU A 221 -12.79 -2.32 24.64
N SER A 222 -11.58 -2.70 24.25
CA SER A 222 -11.01 -2.26 22.99
C SER A 222 -11.74 -2.95 21.84
N PHE A 223 -11.23 -2.79 20.63
CA PHE A 223 -12.01 -3.11 19.43
C PHE A 223 -11.32 -4.15 18.57
N ASP A 224 -12.16 -4.93 17.89
CA ASP A 224 -11.71 -5.90 16.89
C ASP A 224 -11.17 -5.16 15.67
N SER A 225 -10.54 -5.92 14.78
CA SER A 225 -9.92 -5.31 13.60
C SER A 225 -9.90 -6.31 12.46
N SER A 226 -9.94 -5.78 11.23
CA SER A 226 -9.75 -6.56 10.02
C SER A 226 -8.38 -6.34 9.41
N ASN A 227 -7.56 -5.47 10.01
CA ASN A 227 -6.22 -5.19 9.49
C ASN A 227 -5.30 -6.35 9.83
N PRO A 228 -4.74 -7.04 8.83
CA PRO A 228 -3.86 -8.18 9.14
C PRO A 228 -2.62 -7.81 9.93
N GLU A 229 -2.27 -6.52 9.98
CA GLU A 229 -1.14 -6.08 10.81
C GLU A 229 -1.32 -6.48 12.27
N TYR A 230 -2.57 -6.62 12.72
CA TYR A 230 -2.85 -6.94 14.10
C TYR A 230 -3.09 -8.43 14.34
N PHE A 231 -3.24 -9.22 13.28
CA PHE A 231 -3.51 -10.65 13.44
C PHE A 231 -2.38 -11.31 14.20
N ASP A 232 -2.72 -12.06 15.25
CA ASP A 232 -1.76 -12.80 16.06
C ASP A 232 -0.74 -11.88 16.73
N GLY A 233 -1.09 -10.60 16.90
CA GLY A 233 -0.18 -9.63 17.48
C GLY A 233 -0.08 -9.66 18.98
N TYR A 234 -1.01 -10.35 19.65
CA TYR A 234 -1.01 -10.47 21.12
C TYR A 234 -1.00 -9.10 21.78
N TRP A 235 -1.83 -8.21 21.25
CA TRP A 235 -2.07 -6.89 21.82
C TRP A 235 -2.55 -7.03 23.27
N GLY A 236 -1.77 -6.54 24.21
CA GLY A 236 -2.06 -6.72 25.62
C GLY A 236 -1.21 -7.76 26.31
N TYR A 237 -0.15 -8.26 25.65
CA TYR A 237 0.83 -9.10 26.32
C TYR A 237 1.40 -8.40 27.55
N SER A 238 1.62 -7.09 27.45
CA SER A 238 2.03 -6.26 28.58
C SER A 238 1.21 -4.97 28.53
N VAL A 239 1.01 -4.36 29.70
CA VAL A 239 0.23 -3.15 29.80
CA VAL A 239 0.22 -3.15 29.81
C VAL A 239 0.84 -2.24 30.87
N ALA A 240 0.61 -0.95 30.73
CA ALA A 240 1.06 0.07 31.67
C ALA A 240 0.24 1.33 31.44
N VAL A 241 0.29 2.24 32.41
CA VAL A 241 -0.45 3.49 32.35
C VAL A 241 0.52 4.65 32.56
N GLY A 242 0.08 5.84 32.18
CA GLY A 242 0.90 7.02 32.31
C GLY A 242 0.21 8.23 31.70
N GLU A 243 0.94 9.34 31.67
CA GLU A 243 0.46 10.61 31.16
C GLU A 243 1.28 11.00 29.94
N PHE A 244 0.66 10.94 28.75
CA PHE A 244 1.37 11.19 27.52
C PHE A 244 0.70 12.18 26.58
N ASP A 245 -0.41 12.82 27.00
CA ASP A 245 -1.13 13.74 26.12
C ASP A 245 -1.23 15.15 26.70
N GLY A 246 -0.55 15.44 27.80
CA GLY A 246 -0.58 16.76 28.41
C GLY A 246 -1.81 17.08 29.21
N ASP A 247 -2.89 16.32 29.06
CA ASP A 247 -4.12 16.55 29.80
C ASP A 247 -4.09 15.68 31.06
N LEU A 248 -3.94 16.31 32.22
CA LEU A 248 -3.84 15.58 33.48
C LEU A 248 -5.15 14.92 33.89
N ASN A 249 -6.28 15.33 33.30
CA ASN A 249 -7.56 14.72 33.64
C ASN A 249 -7.82 13.41 32.91
N THR A 250 -6.97 13.05 31.95
CA THR A 250 -7.10 11.81 31.21
C THR A 250 -5.91 10.90 31.53
N THR A 251 -6.17 9.59 31.57
CA THR A 251 -5.13 8.59 31.75
C THR A 251 -4.90 7.88 30.42
N GLU A 252 -3.65 7.76 30.02
CA GLU A 252 -3.29 7.11 28.77
C GLU A 252 -2.79 5.70 29.05
N TYR A 253 -3.13 4.77 28.15
CA TYR A 253 -2.73 3.39 28.28
C TYR A 253 -1.54 3.09 27.40
N VAL A 254 -0.71 2.15 27.84
CA VAL A 254 0.46 1.69 27.08
C VAL A 254 0.32 0.18 26.93
N VAL A 255 0.21 -0.27 25.69
CA VAL A 255 -0.09 -1.67 25.38
C VAL A 255 1.07 -2.25 24.57
N GLY A 256 1.58 -3.40 25.02
CA GLY A 256 2.61 -4.12 24.28
C GLY A 256 1.98 -5.17 23.39
N ALA A 257 2.42 -5.20 22.14
CA ALA A 257 1.96 -6.17 21.14
C ALA A 257 3.20 -6.79 20.50
N PRO A 258 3.80 -7.78 21.15
CA PRO A 258 5.16 -8.23 20.76
C PRO A 258 5.22 -9.02 19.47
N THR A 259 4.09 -9.42 18.88
CA THR A 259 4.09 -10.08 17.59
C THR A 259 3.31 -9.29 16.55
N TRP A 260 3.12 -7.99 16.78
CA TRP A 260 2.38 -7.14 15.86
C TRP A 260 3.07 -7.07 14.50
N SER A 261 2.26 -7.16 13.45
CA SER A 261 2.72 -7.05 12.06
C SER A 261 3.77 -8.11 11.74
N TRP A 262 3.30 -9.36 11.75
CA TRP A 262 4.11 -10.51 11.36
C TRP A 262 5.36 -10.63 12.24
N THR A 263 5.15 -10.50 13.54
CA THR A 263 6.18 -10.61 14.58
C THR A 263 7.23 -9.51 14.53
N LEU A 264 6.93 -8.38 13.89
CA LEU A 264 7.79 -7.22 14.05
C LEU A 264 7.70 -6.67 15.46
N GLY A 265 6.52 -6.73 16.07
CA GLY A 265 6.30 -6.19 17.39
C GLY A 265 6.01 -4.70 17.37
N ALA A 266 5.30 -4.24 18.39
CA ALA A 266 4.94 -2.84 18.49
C ALA A 266 4.48 -2.53 19.91
N VAL A 267 4.49 -1.24 20.24
CA VAL A 267 3.93 -0.71 21.47
C VAL A 267 3.10 0.52 21.11
N GLU A 268 1.88 0.58 21.64
CA GLU A 268 0.96 1.66 21.31
C GLU A 268 0.56 2.42 22.57
N ILE A 269 0.48 3.74 22.46
CA ILE A 269 -0.03 4.62 23.51
C ILE A 269 -1.40 5.11 23.06
N LEU A 270 -2.39 4.95 23.92
CA LEU A 270 -3.76 5.28 23.55
C LEU A 270 -4.44 6.02 24.70
N ASP A 271 -5.55 6.67 24.39
CA ASP A 271 -6.38 7.30 25.40
C ASP A 271 -7.38 6.28 25.96
N SER A 272 -8.12 6.71 26.98
CA SER A 272 -9.04 5.81 27.67
C SER A 272 -10.16 5.30 26.78
N TYR A 273 -10.32 5.86 25.58
CA TYR A 273 -11.26 5.34 24.59
C TYR A 273 -10.56 4.46 23.55
N TYR A 274 -9.34 4.01 23.85
CA TYR A 274 -8.55 3.13 22.99
C TYR A 274 -8.26 3.74 21.63
N GLN A 275 -8.27 5.07 21.54
CA GLN A 275 -7.86 5.74 20.32
C GLN A 275 -6.35 5.90 20.31
N ARG A 276 -5.72 5.51 19.21
CA ARG A 276 -4.28 5.40 19.15
C ARG A 276 -3.63 6.77 19.06
N LEU A 277 -2.72 7.06 19.99
CA LEU A 277 -1.97 8.31 20.02
C LEU A 277 -0.57 8.17 19.45
N HIS A 278 0.15 7.10 19.82
CA HIS A 278 1.45 6.84 19.22
CA HIS A 278 1.50 6.82 19.34
C HIS A 278 1.62 5.34 19.04
N ARG A 279 2.55 5.00 18.14
CA ARG A 279 2.92 3.60 17.92
C ARG A 279 4.42 3.52 17.74
N LEU A 280 5.06 2.68 18.55
CA LEU A 280 6.48 2.39 18.43
C LEU A 280 6.62 1.01 17.80
N ARG A 281 7.30 0.95 16.66
CA ARG A 281 7.46 -0.31 15.95
C ARG A 281 8.72 -1.02 16.40
N GLY A 282 8.66 -2.35 16.45
CA GLY A 282 9.84 -3.12 16.78
C GLY A 282 10.95 -2.90 15.77
N GLU A 283 12.18 -3.13 16.23
CA GLU A 283 13.36 -2.94 15.39
C GLU A 283 13.73 -4.20 14.61
N GLN A 284 13.35 -5.37 15.11
CA GLN A 284 13.82 -6.63 14.55
C GLN A 284 12.74 -7.68 14.76
N MET A 285 12.43 -8.43 13.71
CA MET A 285 11.39 -9.45 13.81
C MET A 285 11.79 -10.55 14.78
N ALA A 286 10.80 -11.04 15.53
CA ALA A 286 10.91 -12.09 16.54
C ALA A 286 11.69 -11.66 17.77
N SER A 287 12.15 -10.40 17.85
CA SER A 287 12.81 -9.91 19.06
C SER A 287 11.84 -9.76 20.22
N TYR A 288 10.54 -9.94 19.99
CA TYR A 288 9.50 -9.75 20.99
C TYR A 288 9.53 -8.34 21.58
N PHE A 289 9.72 -7.36 20.71
CA PHE A 289 9.59 -5.96 21.08
C PHE A 289 8.19 -5.69 21.63
N GLY A 290 8.13 -5.21 22.87
CA GLY A 290 6.88 -5.04 23.56
C GLY A 290 6.57 -6.13 24.57
N HIS A 291 7.47 -7.09 24.75
CA HIS A 291 7.30 -8.11 25.77
C HIS A 291 7.05 -7.48 27.14
N SER A 292 7.73 -6.37 27.43
CA SER A 292 7.54 -5.63 28.66
C SER A 292 7.58 -4.13 28.36
N VAL A 293 6.78 -3.37 29.10
CA VAL A 293 6.73 -1.92 28.97
C VAL A 293 6.76 -1.30 30.37
N ALA A 294 7.44 -0.17 30.49
CA ALA A 294 7.54 0.55 31.75
C ALA A 294 7.36 2.04 31.49
N VAL A 295 6.70 2.71 32.43
CA VAL A 295 6.41 4.13 32.33
C VAL A 295 6.94 4.81 33.59
N THR A 296 7.87 5.75 33.40
CA THR A 296 8.39 6.57 34.49
C THR A 296 9.22 7.70 33.91
N ASP A 297 9.23 8.83 34.59
CA ASP A 297 10.02 9.98 34.17
C ASP A 297 11.44 9.80 34.68
N VAL A 298 12.38 9.57 33.76
CA VAL A 298 13.76 9.28 34.14
C VAL A 298 14.67 10.50 34.11
N ASN A 299 14.33 11.54 33.34
CA ASN A 299 15.20 12.71 33.22
C ASN A 299 14.67 13.91 34.00
N GLY A 300 13.73 13.70 34.90
CA GLY A 300 13.32 14.73 35.84
C GLY A 300 12.75 15.98 35.22
N ASP A 301 12.05 15.86 34.09
CA ASP A 301 11.34 16.99 33.50
C ASP A 301 9.84 16.91 33.76
N GLY A 302 9.40 15.99 34.62
CA GLY A 302 8.00 15.81 34.92
C GLY A 302 7.19 15.08 33.87
N ARG A 303 7.80 14.74 32.74
CA ARG A 303 7.09 14.08 31.65
C ARG A 303 7.44 12.60 31.67
N HIS A 304 6.41 11.75 31.75
CA HIS A 304 6.60 10.31 31.77
C HIS A 304 7.35 9.85 30.53
N ASP A 305 8.31 8.96 30.73
CA ASP A 305 9.08 8.37 29.65
C ASP A 305 8.71 6.91 29.50
N LEU A 306 9.00 6.35 28.33
CA LEU A 306 8.60 5.01 27.97
C LEU A 306 9.82 4.11 27.83
N LEU A 307 9.72 2.91 28.37
CA LEU A 307 10.74 1.88 28.21
C LEU A 307 10.10 0.62 27.65
N VAL A 308 10.74 0.04 26.65
CA VAL A 308 10.23 -1.16 25.98
C VAL A 308 11.33 -2.21 25.98
N GLY A 309 10.98 -3.42 26.39
CA GLY A 309 11.89 -4.54 26.36
C GLY A 309 11.65 -5.41 25.13
N ALA A 310 12.74 -5.79 24.48
CA ALA A 310 12.75 -6.78 23.39
C ALA A 310 13.75 -7.86 23.80
N PRO A 311 13.36 -8.79 24.66
CA PRO A 311 14.33 -9.69 25.28
C PRO A 311 15.01 -10.64 24.30
N LEU A 312 14.49 -10.80 23.08
CA LEU A 312 15.09 -11.70 22.11
C LEU A 312 15.80 -10.96 20.98
N TYR A 313 16.17 -9.70 21.20
CA TYR A 313 16.87 -8.95 20.16
C TYR A 313 18.23 -9.56 19.90
N MET A 314 18.55 -9.75 18.62
CA MET A 314 19.80 -10.36 18.20
C MET A 314 20.76 -9.25 17.77
N GLU A 315 21.79 -9.03 18.58
CA GLU A 315 22.77 -8.00 18.30
C GLU A 315 23.72 -8.45 17.20
N SER A 316 24.08 -7.52 16.32
CA SER A 316 25.02 -7.82 15.25
CA SER A 316 25.02 -7.81 15.24
C SER A 316 26.45 -7.86 15.78
N ARG A 317 27.24 -8.79 15.24
CA ARG A 317 28.62 -8.98 15.68
C ARG A 317 29.50 -9.27 14.48
N ALA A 318 30.79 -9.46 14.75
CA ALA A 318 31.78 -9.63 13.69
C ALA A 318 31.45 -10.82 12.80
N ASP A 319 31.89 -10.72 11.54
CA ASP A 319 31.73 -11.81 10.57
C ASP A 319 30.26 -12.10 10.28
N ARG A 320 29.45 -11.05 10.22
CA ARG A 320 28.05 -11.14 9.82
C ARG A 320 27.26 -12.12 10.68
N LYS A 321 27.50 -12.10 11.98
CA LYS A 321 26.87 -13.04 12.89
C LYS A 321 26.02 -12.30 13.92
N LEU A 322 24.90 -12.92 14.29
CA LEU A 322 23.95 -12.37 15.24
C LEU A 322 24.01 -13.13 16.56
N ALA A 323 23.69 -12.44 17.65
CA ALA A 323 23.73 -13.02 18.98
C ALA A 323 22.54 -12.49 19.78
N GLU A 324 21.62 -13.38 20.13
CA GLU A 324 20.45 -13.01 20.90
C GLU A 324 20.87 -12.64 22.32
N VAL A 325 20.60 -11.40 22.72
CA VAL A 325 21.01 -10.90 24.04
C VAL A 325 19.89 -10.05 24.64
N GLY A 326 18.98 -9.58 23.81
CA GLY A 326 17.92 -8.70 24.28
C GLY A 326 18.34 -7.23 24.26
N ARG A 327 17.33 -6.37 24.21
CA ARG A 327 17.56 -4.93 24.10
C ARG A 327 16.42 -4.19 24.79
N VAL A 328 16.76 -3.04 25.37
CA VAL A 328 15.80 -2.13 25.99
C VAL A 328 15.87 -0.78 25.27
N TYR A 329 14.70 -0.20 25.00
CA TYR A 329 14.59 1.06 24.29
C TYR A 329 14.01 2.10 25.23
N LEU A 330 14.61 3.30 25.24
CA LEU A 330 14.14 4.41 26.05
C LEU A 330 13.61 5.51 25.14
N PHE A 331 12.36 5.91 25.36
CA PHE A 331 11.72 7.00 24.64
C PHE A 331 11.39 8.11 25.62
N LEU A 332 12.04 9.25 25.48
CA LEU A 332 11.77 10.42 26.29
C LEU A 332 10.60 11.20 25.70
N GLN A 333 9.65 11.57 26.55
CA GLN A 333 8.48 12.30 26.07
C GLN A 333 8.86 13.73 25.73
N PRO A 334 8.61 14.18 24.51
CA PRO A 334 8.99 15.56 24.14
C PRO A 334 8.09 16.58 24.81
N ARG A 335 8.55 17.82 24.80
CA ARG A 335 7.81 18.91 25.42
C ARG A 335 6.62 19.29 24.56
N GLY A 336 5.45 19.39 25.19
CA GLY A 336 4.24 19.79 24.51
C GLY A 336 3.67 18.74 23.58
N PRO A 337 2.62 19.09 22.83
CA PRO A 337 1.96 18.10 21.97
C PRO A 337 2.81 17.71 20.77
N HIS A 338 3.59 16.63 20.92
CA HIS A 338 4.44 16.15 19.84
C HIS A 338 4.57 14.64 19.94
N ALA A 339 5.02 14.03 18.84
CA ALA A 339 5.15 12.59 18.78
C ALA A 339 6.47 12.14 19.41
N LEU A 340 6.44 10.97 20.04
CA LEU A 340 7.67 10.33 20.50
C LEU A 340 8.56 10.05 19.31
N GLY A 341 9.82 10.44 19.40
CA GLY A 341 10.76 10.32 18.30
C GLY A 341 11.46 8.98 18.28
N ALA A 342 12.65 8.96 17.67
CA ALA A 342 13.49 7.79 17.74
C ALA A 342 13.89 7.53 19.19
N PRO A 343 14.32 6.30 19.50
CA PRO A 343 14.78 6.02 20.87
C PRO A 343 15.88 6.98 21.28
N SER A 344 15.81 7.44 22.54
CA SER A 344 16.86 8.30 23.08
C SER A 344 18.08 7.50 23.50
N LEU A 345 17.91 6.21 23.80
CA LEU A 345 19.00 5.37 24.28
C LEU A 345 18.65 3.92 23.99
N LEU A 346 19.66 3.14 23.63
CA LEU A 346 19.53 1.70 23.43
C LEU A 346 20.43 1.00 24.42
N LEU A 347 19.85 0.13 25.24
CA LEU A 347 20.58 -0.73 26.16
C LEU A 347 20.51 -2.16 25.62
N THR A 348 21.67 -2.77 25.40
CA THR A 348 21.75 -4.09 24.79
C THR A 348 22.46 -5.05 25.73
N GLY A 349 21.86 -6.22 25.93
CA GLY A 349 22.46 -7.24 26.77
C GLY A 349 23.75 -7.76 26.19
N THR A 350 24.47 -8.52 27.02
CA THR A 350 25.73 -9.10 26.61
CA THR A 350 25.76 -9.09 26.66
C THR A 350 25.76 -10.61 26.69
N GLN A 351 25.08 -11.22 27.65
CA GLN A 351 25.08 -12.67 27.78
C GLN A 351 24.17 -13.30 26.74
N LEU A 352 24.70 -14.26 26.00
CA LEU A 352 23.92 -14.99 25.01
C LEU A 352 22.75 -15.69 25.67
N TYR A 353 21.56 -15.51 25.11
CA TYR A 353 20.30 -16.05 25.60
C TYR A 353 19.92 -15.51 26.97
N GLY A 354 20.53 -14.40 27.40
CA GLY A 354 20.25 -13.86 28.72
C GLY A 354 18.87 -13.25 28.83
N ARG A 355 18.30 -12.84 27.70
CA ARG A 355 16.97 -12.23 27.64
C ARG A 355 16.90 -10.92 28.42
N PHE A 356 17.95 -10.11 28.27
CA PHE A 356 17.97 -8.76 28.82
C PHE A 356 16.77 -7.96 28.28
N GLY A 357 16.01 -7.37 29.20
CA GLY A 357 14.78 -6.67 28.84
C GLY A 357 13.51 -7.46 29.07
N SER A 358 13.60 -8.69 29.60
CA SER A 358 12.40 -9.47 29.89
C SER A 358 11.49 -8.76 30.88
N ALA A 359 12.06 -7.96 31.78
CA ALA A 359 11.28 -7.21 32.76
C ALA A 359 11.97 -5.88 33.01
N ILE A 360 11.18 -4.82 33.15
CA ILE A 360 11.69 -3.48 33.40
C ILE A 360 10.88 -2.88 34.54
N ALA A 361 11.55 -2.57 35.65
CA ALA A 361 10.89 -2.07 36.84
C ALA A 361 11.35 -0.64 37.14
N PRO A 362 10.45 0.34 37.11
CA PRO A 362 10.80 1.65 37.67
C PRO A 362 11.13 1.51 39.15
N LEU A 363 12.21 2.16 39.56
CA LEU A 363 12.70 2.09 40.93
C LEU A 363 12.37 3.32 41.75
N GLY A 364 11.69 4.30 41.17
CA GLY A 364 11.70 5.60 41.82
C GLY A 364 13.11 6.17 41.76
N ASP A 365 13.42 7.03 42.73
CA ASP A 365 14.76 7.61 42.84
C ASP A 365 15.54 6.80 43.86
N LEU A 366 16.37 5.88 43.38
CA LEU A 366 17.07 4.95 44.26
C LEU A 366 18.14 5.66 45.07
N ASP A 367 19.05 6.36 44.41
CA ASP A 367 20.15 7.04 45.08
C ASP A 367 19.79 8.46 45.54
N ARG A 368 18.54 8.87 45.37
CA ARG A 368 18.01 10.12 45.92
C ARG A 368 18.70 11.36 45.34
N ASP A 369 19.02 11.31 44.05
CA ASP A 369 19.68 12.42 43.38
C ASP A 369 18.72 13.33 42.64
N GLY A 370 17.43 13.03 42.64
CA GLY A 370 16.44 13.81 41.92
C GLY A 370 15.98 13.22 40.61
N TYR A 371 16.53 12.09 40.19
CA TYR A 371 16.17 11.45 38.93
C TYR A 371 15.72 10.02 39.21
N ASN A 372 14.57 9.65 38.66
CA ASN A 372 14.09 8.29 38.82
C ASN A 372 14.97 7.32 38.04
N ASP A 373 15.00 6.07 38.50
CA ASP A 373 15.89 5.05 37.99
C ASP A 373 15.08 3.80 37.67
N ILE A 374 15.74 2.82 37.04
CA ILE A 374 15.07 1.59 36.62
C ILE A 374 15.95 0.40 36.91
N ALA A 375 15.32 -0.78 36.91
CA ALA A 375 16.00 -2.06 36.95
C ALA A 375 15.56 -2.88 35.75
N VAL A 376 16.53 -3.48 35.06
CA VAL A 376 16.26 -4.34 33.91
C VAL A 376 16.72 -5.74 34.25
N ALA A 377 15.89 -6.73 33.91
CA ALA A 377 16.17 -8.12 34.22
C ALA A 377 16.70 -8.86 33.00
N ALA A 378 17.68 -9.73 33.23
CA ALA A 378 18.14 -10.70 32.24
C ALA A 378 18.05 -12.06 32.92
N PRO A 379 16.85 -12.67 32.94
CA PRO A 379 16.62 -13.84 33.80
C PRO A 379 17.53 -15.02 33.53
N TYR A 380 18.25 -15.03 32.40
CA TYR A 380 19.24 -16.06 32.13
C TYR A 380 20.59 -15.44 31.76
N GLY A 381 20.82 -14.19 32.17
CA GLY A 381 22.07 -13.51 31.93
C GLY A 381 23.09 -13.79 33.01
N GLY A 382 24.11 -12.95 33.06
CA GLY A 382 25.23 -13.15 33.95
C GLY A 382 26.20 -14.16 33.37
N PRO A 383 27.45 -14.14 33.85
CA PRO A 383 28.46 -15.06 33.31
C PRO A 383 28.10 -16.53 33.50
N SER A 384 27.26 -16.85 34.47
CA SER A 384 26.82 -18.23 34.70
C SER A 384 25.46 -18.54 34.09
N GLY A 385 24.81 -17.57 33.48
CA GLY A 385 23.47 -17.78 32.98
C GLY A 385 22.42 -17.97 34.05
N ARG A 386 22.75 -17.75 35.32
CA ARG A 386 21.78 -17.89 36.40
C ARG A 386 20.81 -16.72 36.49
N GLY A 387 21.10 -15.62 35.81
CA GLY A 387 20.21 -14.48 35.84
C GLY A 387 20.87 -13.26 36.48
N GLN A 388 20.48 -12.08 36.00
CA GLN A 388 21.02 -10.82 36.49
C GLN A 388 19.95 -9.75 36.44
N VAL A 389 20.03 -8.82 37.40
CA VAL A 389 19.22 -7.60 37.40
C VAL A 389 20.18 -6.42 37.40
N LEU A 390 20.01 -5.52 36.44
CA LEU A 390 20.90 -4.40 36.23
C LEU A 390 20.16 -3.10 36.51
N VAL A 391 20.80 -2.22 37.29
CA VAL A 391 20.23 -0.94 37.68
C VAL A 391 20.81 0.15 36.80
N PHE A 392 19.94 0.96 36.20
CA PHE A 392 20.36 2.12 35.42
C PHE A 392 19.79 3.37 36.07
N LEU A 393 20.63 4.38 36.23
CA LEU A 393 20.24 5.60 36.93
C LEU A 393 19.80 6.67 35.93
N GLY A 394 18.77 7.42 36.31
CA GLY A 394 18.32 8.52 35.48
C GLY A 394 19.26 9.71 35.56
N GLN A 395 19.15 10.57 34.55
CA GLN A 395 19.97 11.77 34.46
C GLN A 395 19.24 12.75 33.55
N SER A 396 19.76 14.00 33.52
CA SER A 396 19.06 15.07 32.82
C SER A 396 18.84 14.75 31.35
N GLU A 397 19.69 13.92 30.76
CA GLU A 397 19.56 13.54 29.35
C GLU A 397 18.93 12.17 29.16
N GLY A 398 18.33 11.61 30.20
CA GLY A 398 17.69 10.31 30.10
C GLY A 398 18.20 9.30 31.10
N LEU A 399 18.96 8.32 30.63
CA LEU A 399 19.50 7.27 31.47
C LEU A 399 20.99 7.13 31.24
N ARG A 400 21.70 6.62 32.25
CA ARG A 400 23.08 6.24 32.08
C ARG A 400 23.18 5.02 31.16
N SER A 401 24.18 5.03 30.29
CA SER A 401 24.37 3.91 29.37
C SER A 401 24.98 2.69 30.05
N ARG A 402 25.60 2.87 31.21
CA ARG A 402 26.22 1.77 31.93
C ARG A 402 25.54 1.57 33.28
N PRO A 403 25.35 0.33 33.71
CA PRO A 403 24.65 0.09 34.97
C PRO A 403 25.45 0.58 36.17
N SER A 404 24.72 1.07 37.17
CA SER A 404 25.33 1.49 38.42
C SER A 404 25.55 0.34 39.39
N GLN A 405 24.88 -0.78 39.18
CA GLN A 405 24.91 -1.93 40.09
C GLN A 405 24.30 -3.12 39.36
N VAL A 406 24.84 -4.31 39.62
CA VAL A 406 24.34 -5.54 39.04
C VAL A 406 24.07 -6.54 40.16
N LEU A 407 22.89 -7.12 40.15
CA LEU A 407 22.48 -8.10 41.16
C LEU A 407 22.53 -9.48 40.52
N ASP A 408 23.49 -10.30 40.95
CA ASP A 408 23.57 -11.68 40.48
C ASP A 408 22.61 -12.56 41.25
N SER A 409 21.99 -13.49 40.55
CA SER A 409 20.97 -14.34 41.14
C SER A 409 21.55 -15.13 42.32
N PRO A 410 20.92 -15.09 43.49
CA PRO A 410 21.35 -15.96 44.60
C PRO A 410 20.83 -17.38 44.49
N PHE A 411 20.04 -17.70 43.48
CA PHE A 411 19.35 -18.97 43.35
C PHE A 411 20.09 -19.88 42.38
N PRO A 412 19.75 -21.17 42.32
CA PRO A 412 20.43 -22.07 41.39
C PRO A 412 20.03 -21.81 39.94
N THR A 413 20.66 -22.55 39.02
CA THR A 413 20.33 -22.47 37.61
C THR A 413 18.85 -22.76 37.38
N GLY A 414 18.22 -21.97 36.51
CA GLY A 414 16.85 -22.19 36.12
C GLY A 414 15.82 -21.48 36.97
N SER A 415 16.24 -20.65 37.92
CA SER A 415 15.28 -19.96 38.78
C SER A 415 14.53 -18.85 38.06
N ALA A 416 14.99 -18.44 36.87
CA ALA A 416 14.42 -17.32 36.13
C ALA A 416 14.40 -16.05 36.98
N PHE A 417 15.41 -15.91 37.83
CA PHE A 417 15.60 -14.74 38.67
C PHE A 417 15.49 -13.46 37.85
N GLY A 418 14.53 -12.61 38.20
CA GLY A 418 14.28 -11.38 37.48
C GLY A 418 13.09 -11.43 36.55
N PHE A 419 12.53 -12.60 36.29
CA PHE A 419 11.37 -12.70 35.41
C PHE A 419 10.26 -11.75 35.83
N SER A 420 10.16 -11.45 37.12
CA SER A 420 9.22 -10.45 37.64
C SER A 420 9.97 -9.51 38.57
N LEU A 421 9.68 -8.22 38.43
CA LEU A 421 10.34 -7.18 39.20
C LEU A 421 9.30 -6.20 39.73
N ARG A 422 9.66 -5.52 40.82
CA ARG A 422 8.85 -4.44 41.34
C ARG A 422 9.71 -3.55 42.23
N GLY A 423 9.68 -2.25 41.98
CA GLY A 423 10.42 -1.31 42.80
C GLY A 423 9.58 -0.12 43.20
N ALA A 424 10.24 1.00 43.51
CA ALA A 424 9.61 2.28 43.80
C ALA A 424 8.80 2.29 45.08
N VAL A 425 9.03 1.34 45.99
CA VAL A 425 8.30 1.29 47.26
C VAL A 425 9.30 1.02 48.38
N ASP A 426 9.22 1.82 49.44
CA ASP A 426 10.05 1.67 50.63
C ASP A 426 9.37 0.73 51.60
N ILE A 427 9.87 -0.51 51.71
CA ILE A 427 9.19 -1.53 52.48
C ILE A 427 9.61 -1.55 53.95
N ASP A 428 10.86 -1.15 54.26
CA ASP A 428 11.34 -1.11 55.62
C ASP A 428 11.30 0.29 56.23
N ASP A 429 10.77 1.27 55.49
CA ASP A 429 10.52 2.62 56.01
C ASP A 429 11.82 3.33 56.39
N ASN A 430 12.87 3.10 55.61
CA ASN A 430 14.15 3.76 55.82
C ASN A 430 14.33 4.99 54.95
N GLY A 431 13.30 5.38 54.19
CA GLY A 431 13.38 6.52 53.31
C GLY A 431 13.95 6.24 51.94
N TYR A 432 14.24 4.98 51.62
CA TYR A 432 14.83 4.61 50.34
C TYR A 432 13.96 3.56 49.66
N PRO A 433 13.65 3.71 48.37
CA PRO A 433 12.80 2.73 47.69
C PRO A 433 13.55 1.44 47.42
N ASP A 434 12.84 0.32 47.54
CA ASP A 434 13.45 -1.00 47.53
C ASP A 434 12.95 -1.81 46.33
N LEU A 435 13.61 -2.96 46.13
CA LEU A 435 13.36 -3.81 44.96
C LEU A 435 13.07 -5.22 45.39
N ILE A 436 11.97 -5.78 44.89
CA ILE A 436 11.63 -7.19 45.09
C ILE A 436 11.77 -7.90 43.75
N VAL A 437 12.43 -9.05 43.76
CA VAL A 437 12.74 -9.81 42.55
C VAL A 437 12.18 -11.22 42.70
N GLY A 438 11.32 -11.61 41.75
CA GLY A 438 10.75 -12.94 41.76
C GLY A 438 11.63 -13.91 40.99
N ALA A 439 11.65 -15.17 41.47
CA ALA A 439 12.40 -16.25 40.83
C ALA A 439 11.51 -17.50 40.90
N TYR A 440 10.51 -17.54 40.02
CA TYR A 440 9.50 -18.60 40.08
C TYR A 440 10.13 -19.98 39.90
N GLY A 441 11.25 -20.06 39.18
CA GLY A 441 11.91 -21.35 39.00
C GLY A 441 12.36 -21.96 40.30
N ALA A 442 12.72 -21.12 41.29
CA ALA A 442 13.08 -21.57 42.62
C ALA A 442 11.96 -21.35 43.63
N ASN A 443 10.79 -20.90 43.17
CA ASN A 443 9.62 -20.68 44.03
C ASN A 443 9.93 -19.71 45.17
N GLN A 444 10.66 -18.64 44.84
CA GLN A 444 11.12 -17.72 45.87
C GLN A 444 11.12 -16.29 45.36
N VAL A 445 11.13 -15.36 46.32
CA VAL A 445 11.27 -13.93 46.07
C VAL A 445 12.42 -13.42 46.91
N ALA A 446 13.27 -12.58 46.32
CA ALA A 446 14.34 -11.90 47.03
C ALA A 446 14.01 -10.42 47.15
N VAL A 447 14.28 -9.86 48.33
CA VAL A 447 14.04 -8.45 48.61
C VAL A 447 15.40 -7.77 48.77
N TYR A 448 15.62 -6.72 47.98
CA TYR A 448 16.83 -5.92 48.06
C TYR A 448 16.47 -4.56 48.67
N ARG A 449 17.03 -4.28 49.84
CA ARG A 449 16.78 -3.03 50.53
C ARG A 449 17.80 -1.99 50.10
N ALA A 450 17.32 -0.80 49.74
CA ALA A 450 18.22 0.30 49.42
C ALA A 450 18.75 0.90 50.71
N GLN A 451 20.01 1.30 50.68
CA GLN A 451 20.71 1.85 51.83
C GLN A 451 21.29 3.21 51.45
N PRO A 452 21.65 4.02 52.43
CA PRO A 452 22.32 5.30 52.13
C PRO A 452 23.51 5.09 51.20
N VAL A 453 23.69 6.02 50.28
CA VAL A 453 24.70 5.90 49.23
C VAL A 453 26.11 5.79 49.80
N GLY B 1 75.97 1.02 5.82
CA GLY B 1 75.63 2.08 6.74
C GLY B 1 74.77 1.61 7.90
N PRO B 2 74.63 2.45 8.93
CA PRO B 2 73.83 2.06 10.10
C PRO B 2 72.35 2.04 9.76
N ASN B 3 71.68 0.99 10.21
CA ASN B 3 70.26 0.78 9.97
C ASN B 3 69.53 0.65 11.31
N ILE B 4 68.24 0.33 11.25
CA ILE B 4 67.44 0.17 12.45
C ILE B 4 67.93 -0.97 13.32
N CYS B 5 68.69 -1.91 12.75
CA CYS B 5 69.17 -3.04 13.55
C CYS B 5 70.30 -2.61 14.48
N THR B 6 71.18 -1.72 14.02
CA THR B 6 72.29 -1.25 14.85
C THR B 6 71.92 -0.02 15.68
N THR B 7 71.25 0.96 15.06
CA THR B 7 70.92 2.19 15.76
C THR B 7 70.04 1.94 16.97
N ARG B 8 69.26 0.85 16.94
CA ARG B 8 68.43 0.51 18.10
C ARG B 8 69.26 0.17 19.32
N GLY B 9 70.50 -0.29 19.12
CA GLY B 9 71.37 -0.66 20.21
C GLY B 9 70.78 -1.77 21.06
N VAL B 10 70.73 -2.98 20.50
CA VAL B 10 70.10 -4.12 21.18
C VAL B 10 71.06 -4.68 22.21
N SER B 11 70.54 -5.50 23.12
CA SER B 11 71.34 -6.11 24.18
C SER B 11 71.57 -7.60 23.99
N SER B 12 70.65 -8.30 23.33
CA SER B 12 70.74 -9.75 23.19
C SER B 12 70.34 -10.15 21.78
N CYS B 13 70.53 -11.43 21.47
CA CYS B 13 70.12 -11.97 20.18
C CYS B 13 68.60 -11.93 20.03
N GLN B 14 67.87 -12.18 21.11
CA GLN B 14 66.41 -12.16 21.05
C GLN B 14 65.91 -10.76 20.72
N GLN B 15 66.41 -9.74 21.42
CA GLN B 15 66.01 -8.37 21.13
C GLN B 15 66.36 -7.96 19.71
N CYS B 16 67.44 -8.51 19.17
CA CYS B 16 67.85 -8.17 17.80
C CYS B 16 66.80 -8.62 16.79
N LEU B 17 66.36 -9.87 16.89
CA LEU B 17 65.36 -10.38 15.95
C LEU B 17 64.02 -9.66 16.09
N ALA B 18 63.72 -9.15 17.29
CA ALA B 18 62.47 -8.44 17.53
C ALA B 18 62.46 -7.04 16.93
N VAL B 19 63.61 -6.52 16.49
CA VAL B 19 63.65 -5.19 15.89
C VAL B 19 62.93 -5.19 14.55
N SER B 20 63.33 -6.09 13.65
CA SER B 20 62.76 -6.14 12.32
C SER B 20 63.01 -7.52 11.74
N PRO B 21 62.12 -8.02 10.88
CA PRO B 21 62.37 -9.33 10.24
C PRO B 21 63.62 -9.37 9.38
N MET B 22 64.20 -8.22 9.03
CA MET B 22 65.41 -8.15 8.24
C MET B 22 66.68 -8.22 9.08
N CYS B 23 66.58 -8.09 10.39
CA CYS B 23 67.76 -8.07 11.25
C CYS B 23 68.27 -9.49 11.49
N ALA B 24 69.58 -9.60 11.70
CA ALA B 24 70.24 -10.86 12.00
C ALA B 24 71.24 -10.63 13.13
N TRP B 25 71.72 -11.73 13.70
CA TRP B 25 72.62 -11.68 14.84
C TRP B 25 73.83 -12.58 14.60
N CYS B 26 74.99 -12.12 15.06
CA CYS B 26 76.24 -12.87 14.95
C CYS B 26 76.68 -13.30 16.34
N SER B 27 76.81 -14.61 16.55
CA SER B 27 77.23 -15.19 17.82
C SER B 27 78.71 -15.55 17.84
N ASP B 28 79.48 -15.02 16.89
CA ASP B 28 80.89 -15.36 16.81
C ASP B 28 81.68 -14.71 17.94
N GLU B 29 82.69 -15.43 18.44
CA GLU B 29 83.55 -14.86 19.47
C GLU B 29 84.48 -13.80 18.90
N ALA B 30 85.19 -14.12 17.81
CA ALA B 30 86.15 -13.21 17.21
C ALA B 30 85.40 -12.16 16.40
N LEU B 31 84.91 -11.14 17.10
CA LEU B 31 84.20 -10.04 16.48
C LEU B 31 84.70 -8.74 17.11
N PRO B 32 85.03 -7.74 16.31
CA PRO B 32 85.58 -6.49 16.85
C PRO B 32 84.66 -5.86 17.89
N LEU B 33 85.27 -5.14 18.84
CA LEU B 33 84.50 -4.51 19.91
C LEU B 33 83.54 -3.46 19.36
N GLY B 34 84.03 -2.60 18.47
CA GLY B 34 83.19 -1.55 17.92
C GLY B 34 82.15 -2.04 16.94
N SER B 35 82.37 -3.21 16.33
CA SER B 35 81.45 -3.71 15.32
C SER B 35 80.18 -4.22 15.98
N PRO B 36 79.01 -3.82 15.51
CA PRO B 36 77.76 -4.35 16.08
C PRO B 36 77.47 -5.76 15.59
N ARG B 37 76.92 -6.59 16.47
CA ARG B 37 76.57 -7.96 16.15
C ARG B 37 75.08 -8.12 15.83
N CYS B 38 74.40 -7.03 15.50
CA CYS B 38 72.99 -7.05 15.10
C CYS B 38 72.85 -6.16 13.87
N ASP B 39 72.92 -6.77 12.69
CA ASP B 39 72.87 -6.04 11.43
C ASP B 39 72.29 -6.97 10.36
N LEU B 40 72.25 -6.49 9.13
CA LEU B 40 71.81 -7.31 8.02
C LEU B 40 72.73 -8.51 7.85
N LYS B 41 72.16 -9.63 7.40
CA LYS B 41 72.95 -10.84 7.20
C LYS B 41 74.08 -10.61 6.20
N GLU B 42 73.89 -9.66 5.28
CA GLU B 42 74.94 -9.36 4.29
C GLU B 42 76.10 -8.63 4.93
N ASN B 43 75.82 -7.75 5.89
CA ASN B 43 76.87 -7.00 6.55
C ASN B 43 77.68 -7.84 7.52
N LEU B 44 77.05 -8.82 8.17
CA LEU B 44 77.77 -9.69 9.10
C LEU B 44 78.80 -10.54 8.36
N LEU B 45 78.38 -11.21 7.28
CA LEU B 45 79.33 -11.93 6.44
C LEU B 45 80.40 -11.00 5.89
N LYS B 46 80.04 -9.74 5.64
CA LYS B 46 81.02 -8.77 5.18
C LYS B 46 82.06 -8.45 6.26
N ASP B 47 81.69 -8.62 7.54
CA ASP B 47 82.59 -8.39 8.66
C ASP B 47 83.21 -9.68 9.18
N ASN B 48 83.35 -10.69 8.31
CA ASN B 48 84.03 -11.95 8.63
C ASN B 48 83.38 -12.67 9.81
N CYS B 49 82.04 -12.66 9.86
CA CYS B 49 81.31 -13.41 10.87
C CYS B 49 81.11 -14.84 10.39
N ALA B 50 81.42 -15.79 11.26
CA ALA B 50 81.32 -17.21 10.92
C ALA B 50 79.90 -17.54 10.49
N PRO B 51 79.69 -18.09 9.29
CA PRO B 51 78.32 -18.34 8.81
C PRO B 51 77.51 -19.23 9.74
N GLU B 52 78.16 -20.13 10.48
CA GLU B 52 77.45 -21.00 11.40
C GLU B 52 76.96 -20.26 12.64
N SER B 53 77.57 -19.13 12.98
CA SER B 53 77.18 -18.35 14.15
C SER B 53 76.19 -17.24 13.82
N ILE B 54 75.51 -17.33 12.68
CA ILE B 54 74.57 -16.30 12.24
C ILE B 54 73.16 -16.79 12.53
N GLU B 55 72.44 -16.04 13.36
CA GLU B 55 71.04 -16.32 13.68
C GLU B 55 70.17 -15.42 12.81
N PHE B 56 69.48 -16.00 11.83
CA PHE B 56 68.63 -15.25 10.93
C PHE B 56 67.49 -16.13 10.47
N PRO B 57 66.42 -16.23 11.25
CA PRO B 57 65.26 -17.01 10.83
C PRO B 57 64.56 -16.37 9.63
N VAL B 58 63.97 -17.22 8.79
CA VAL B 58 63.25 -16.78 7.61
C VAL B 58 61.84 -17.35 7.69
N SER B 59 60.84 -16.47 7.65
CA SER B 59 59.46 -16.89 7.71
C SER B 59 59.11 -17.71 6.47
N GLU B 60 58.59 -18.92 6.68
CA GLU B 60 58.29 -19.84 5.59
C GLU B 60 56.91 -20.44 5.79
N ALA B 61 56.49 -21.24 4.81
CA ALA B 61 55.17 -21.88 4.84
C ALA B 61 55.25 -23.10 3.91
N ARG B 62 55.37 -24.29 4.51
CA ARG B 62 55.47 -25.54 3.76
C ARG B 62 54.25 -26.40 4.02
N VAL B 63 53.78 -27.06 2.96
CA VAL B 63 52.60 -27.91 3.06
C VAL B 63 52.99 -29.25 3.68
N LEU B 64 52.11 -29.77 4.53
CA LEU B 64 52.28 -31.09 5.11
C LEU B 64 51.38 -32.13 4.46
N GLU B 65 50.09 -31.83 4.36
CA GLU B 65 49.13 -32.66 3.64
C GLU B 65 48.63 -31.87 2.43
N ASP B 66 48.68 -32.50 1.26
CA ASP B 66 48.33 -31.82 0.01
C ASP B 66 47.63 -32.80 -0.93
N ARG B 67 46.55 -33.42 -0.43
CA ARG B 67 45.79 -34.35 -1.26
C ARG B 67 45.16 -33.62 -2.44
N PRO B 68 45.08 -34.25 -3.60
CA PRO B 68 44.43 -33.59 -4.75
C PRO B 68 42.94 -33.49 -4.55
N LEU B 69 42.35 -32.46 -5.16
CA LEU B 69 40.91 -32.28 -5.12
C LEU B 69 40.22 -33.39 -5.91
N SER B 70 39.18 -33.98 -5.32
CA SER B 70 38.47 -35.06 -5.98
C SER B 70 37.67 -34.54 -7.16
N ASP B 71 37.58 -35.35 -8.20
CA ASP B 71 36.71 -35.06 -9.33
C ASP B 71 35.29 -35.55 -9.10
N LYS B 72 35.08 -36.46 -8.16
CA LYS B 72 33.77 -37.03 -7.86
C LYS B 72 33.63 -37.24 -6.36
N GLY B 73 32.50 -36.79 -5.81
CA GLY B 73 32.19 -37.10 -4.43
C GLY B 73 31.54 -38.45 -4.24
N SER B 74 31.14 -39.09 -5.33
CA SER B 74 30.59 -40.43 -5.29
C SER B 74 31.67 -41.43 -4.87
N GLY B 75 31.22 -42.65 -4.57
CA GLY B 75 32.13 -43.70 -4.16
C GLY B 75 32.87 -43.39 -2.88
N ASP B 76 33.71 -44.31 -2.43
CA ASP B 76 34.51 -44.18 -1.22
C ASP B 76 33.65 -44.05 0.03
N SER B 77 34.23 -44.38 1.19
CA SER B 77 33.55 -44.13 2.46
C SER B 77 33.87 -42.72 2.95
N SER B 78 33.74 -41.76 2.04
CA SER B 78 34.03 -40.34 2.26
C SER B 78 35.53 -40.08 2.43
N GLN B 79 36.31 -40.61 1.48
CA GLN B 79 37.69 -40.20 1.29
C GLN B 79 37.80 -39.02 0.33
N VAL B 80 36.76 -38.20 0.25
CA VAL B 80 36.69 -37.10 -0.70
C VAL B 80 37.48 -35.92 -0.17
N THR B 81 38.25 -35.29 -1.06
CA THR B 81 39.01 -34.09 -0.74
C THR B 81 38.43 -32.93 -1.52
N GLN B 82 37.85 -31.97 -0.81
CA GLN B 82 37.32 -30.75 -1.41
C GLN B 82 38.04 -29.50 -0.97
N VAL B 83 39.08 -29.62 -0.14
CA VAL B 83 39.91 -28.50 0.29
C VAL B 83 41.36 -28.94 0.19
N SER B 84 42.17 -28.16 -0.52
CA SER B 84 43.58 -28.48 -0.71
C SER B 84 44.40 -27.19 -0.67
N PRO B 85 45.51 -27.17 0.09
CA PRO B 85 45.97 -28.29 0.91
C PRO B 85 45.15 -28.44 2.18
N GLN B 86 45.30 -29.57 2.86
CA GLN B 86 44.56 -29.83 4.08
C GLN B 86 45.31 -29.42 5.34
N ARG B 87 46.63 -29.25 5.24
CA ARG B 87 47.45 -28.94 6.41
C ARG B 87 48.76 -28.33 5.92
N ILE B 88 49.18 -27.26 6.59
CA ILE B 88 50.44 -26.59 6.30
C ILE B 88 51.13 -26.22 7.60
N ALA B 89 52.44 -26.04 7.51
CA ALA B 89 53.25 -25.54 8.63
C ALA B 89 53.64 -24.10 8.35
N LEU B 90 53.38 -23.21 9.30
CA LEU B 90 53.66 -21.78 9.16
C LEU B 90 54.66 -21.37 10.22
N ARG B 91 55.73 -20.71 9.78
CA ARG B 91 56.79 -20.23 10.67
C ARG B 91 56.92 -18.73 10.49
N LEU B 92 56.78 -18.00 11.59
CA LEU B 92 56.82 -16.53 11.57
C LEU B 92 57.73 -16.02 12.66
N ARG B 93 58.47 -14.97 12.35
CA ARG B 93 59.30 -14.24 13.30
C ARG B 93 58.63 -12.92 13.66
N PRO B 94 59.06 -12.26 14.74
CA PRO B 94 58.33 -11.08 15.23
C PRO B 94 58.02 -10.05 14.16
N ASP B 95 56.76 -9.61 14.13
CA ASP B 95 56.29 -8.54 13.25
C ASP B 95 56.51 -8.85 11.77
N ASP B 96 56.47 -10.13 11.41
CA ASP B 96 56.66 -10.57 10.04
C ASP B 96 55.39 -11.23 9.53
N SER B 97 55.32 -11.39 8.21
CA SER B 97 54.15 -11.97 7.56
C SER B 97 54.58 -12.93 6.46
N LYS B 98 53.71 -13.89 6.18
CA LYS B 98 53.93 -14.88 5.14
C LYS B 98 52.59 -15.22 4.50
N ASN B 99 52.63 -15.59 3.22
CA ASN B 99 51.42 -15.86 2.46
C ASN B 99 51.32 -17.33 2.10
N PHE B 100 50.10 -17.76 1.81
CA PHE B 100 49.81 -19.12 1.38
C PHE B 100 48.43 -19.15 0.74
N SER B 101 48.16 -20.23 0.00
CA SER B 101 46.94 -20.35 -0.79
C SER B 101 46.11 -21.53 -0.30
N ILE B 102 44.85 -21.53 -0.74
CA ILE B 102 43.91 -22.62 -0.44
C ILE B 102 42.97 -22.75 -1.63
N GLN B 103 42.62 -23.99 -1.97
CA GLN B 103 41.70 -24.28 -3.06
C GLN B 103 40.46 -24.95 -2.51
N VAL B 104 39.29 -24.50 -2.97
CA VAL B 104 38.01 -25.06 -2.57
C VAL B 104 37.24 -25.45 -3.82
N ARG B 105 36.72 -26.68 -3.83
CA ARG B 105 35.95 -27.19 -4.97
C ARG B 105 34.59 -27.67 -4.50
N GLN B 106 33.56 -27.30 -5.25
CA GLN B 106 32.21 -27.82 -5.07
C GLN B 106 32.15 -29.16 -5.81
N VAL B 107 32.52 -30.23 -5.10
CA VAL B 107 32.75 -31.52 -5.75
C VAL B 107 31.46 -32.03 -6.38
N GLU B 108 31.61 -32.63 -7.57
CA GLU B 108 30.49 -33.17 -8.32
C GLU B 108 30.08 -34.54 -7.76
N ASP B 109 28.78 -34.83 -7.86
CA ASP B 109 28.20 -36.10 -7.41
C ASP B 109 28.50 -36.34 -5.93
N TYR B 110 28.09 -35.37 -5.11
CA TYR B 110 28.24 -35.46 -3.66
C TYR B 110 26.94 -35.93 -3.02
N PRO B 111 27.02 -36.81 -2.03
CA PRO B 111 25.79 -37.34 -1.41
C PRO B 111 24.95 -36.23 -0.80
N VAL B 112 23.63 -36.45 -0.81
CA VAL B 112 22.65 -35.45 -0.40
C VAL B 112 21.61 -36.10 0.49
N ASP B 113 21.34 -35.48 1.64
CA ASP B 113 20.22 -35.84 2.50
C ASP B 113 19.12 -34.79 2.36
N ILE B 114 17.88 -35.25 2.14
CA ILE B 114 16.72 -34.38 2.02
C ILE B 114 15.67 -34.89 2.99
N TYR B 115 15.42 -34.14 4.06
CA TYR B 115 14.37 -34.46 5.03
C TYR B 115 13.20 -33.53 4.80
N TYR B 116 12.06 -34.10 4.42
CA TYR B 116 10.86 -33.32 4.09
C TYR B 116 10.05 -33.09 5.36
N LEU B 117 10.10 -31.86 5.88
CA LEU B 117 9.38 -31.48 7.08
C LEU B 117 8.13 -30.70 6.66
N MET B 118 6.96 -31.27 6.87
CA MET B 118 5.73 -30.81 6.24
C MET B 118 4.72 -30.34 7.27
N ASP B 119 4.17 -29.15 7.05
CA ASP B 119 2.97 -28.70 7.73
C ASP B 119 1.81 -29.62 7.36
N LEU B 120 1.23 -30.28 8.36
CA LEU B 120 0.06 -31.12 8.15
C LEU B 120 -1.15 -30.60 8.92
N SER B 121 -1.23 -29.30 9.12
CA SER B 121 -2.45 -28.70 9.63
C SER B 121 -3.54 -28.73 8.56
N TYR B 122 -4.77 -28.42 8.96
CA TYR B 122 -5.90 -28.58 8.05
C TYR B 122 -5.76 -27.73 6.79
N SER B 123 -5.09 -26.56 6.90
CA SER B 123 -4.90 -25.72 5.73
C SER B 123 -4.04 -26.38 4.66
N MET B 124 -3.35 -27.47 4.99
CA MET B 124 -2.50 -28.19 4.04
C MET B 124 -3.13 -29.48 3.55
N LYS B 125 -4.45 -29.63 3.68
CA LYS B 125 -5.11 -30.89 3.35
C LYS B 125 -4.87 -31.29 1.90
N ASP B 126 -4.95 -30.34 0.98
N ASP B 126 -4.96 -30.33 0.99
CA ASP B 126 -4.78 -30.66 -0.44
CA ASP B 126 -4.79 -30.61 -0.44
C ASP B 126 -3.33 -30.68 -0.89
C ASP B 126 -3.33 -30.75 -0.85
N ASP B 127 -2.39 -30.22 -0.06
CA ASP B 127 -0.98 -30.35 -0.38
C ASP B 127 -0.55 -31.81 -0.35
N LEU B 128 -1.06 -32.56 0.62
CA LEU B 128 -0.71 -33.98 0.75
C LEU B 128 -0.92 -34.74 -0.55
N TRP B 129 -2.00 -34.44 -1.27
CA TRP B 129 -2.32 -35.17 -2.49
C TRP B 129 -1.25 -34.97 -3.56
N SER B 130 -0.65 -33.77 -3.61
CA SER B 130 0.27 -33.46 -4.71
C SER B 130 1.58 -34.23 -4.61
N ILE B 131 2.01 -34.57 -3.39
CA ILE B 131 3.36 -35.10 -3.17
C ILE B 131 3.34 -36.62 -2.97
N GLN B 132 2.30 -37.30 -3.47
N GLN B 132 2.31 -37.30 -3.49
CA GLN B 132 2.24 -38.75 -3.29
CA GLN B 132 2.22 -38.75 -3.32
C GLN B 132 3.21 -39.50 -4.19
C GLN B 132 3.21 -39.50 -4.19
N ASN B 133 3.76 -38.86 -5.21
CA ASN B 133 4.80 -39.45 -6.04
CA ASN B 133 4.80 -39.44 -6.05
C ASN B 133 6.08 -38.62 -6.00
N LEU B 134 6.21 -37.73 -5.02
CA LEU B 134 7.37 -36.83 -4.95
C LEU B 134 8.67 -37.61 -4.79
N GLY B 135 8.71 -38.55 -3.84
CA GLY B 135 9.92 -39.32 -3.62
C GLY B 135 10.44 -39.97 -4.89
N THR B 136 9.53 -40.54 -5.69
CA THR B 136 9.91 -41.10 -6.98
C THR B 136 10.46 -40.02 -7.90
N LYS B 137 9.65 -38.98 -8.15
CA LYS B 137 10.04 -37.94 -9.11
C LYS B 137 11.23 -37.15 -8.62
N LEU B 138 11.39 -36.99 -7.30
CA LEU B 138 12.57 -36.30 -6.78
C LEU B 138 13.82 -37.14 -6.95
N ALA B 139 13.70 -38.46 -6.79
CA ALA B 139 14.82 -39.35 -7.06
C ALA B 139 15.24 -39.27 -8.52
N THR B 140 14.27 -39.16 -9.42
CA THR B 140 14.58 -39.06 -10.84
C THR B 140 15.38 -37.79 -11.14
N GLN B 141 15.02 -36.68 -10.53
CA GLN B 141 15.68 -35.41 -10.84
C GLN B 141 17.01 -35.27 -10.11
N MET B 142 17.08 -35.70 -8.85
CA MET B 142 18.34 -35.63 -8.12
C MET B 142 19.36 -36.65 -8.60
N ARG B 143 18.90 -37.71 -9.28
CA ARG B 143 19.80 -38.70 -9.86
C ARG B 143 20.78 -38.09 -10.84
N LYS B 144 20.42 -36.97 -11.48
CA LYS B 144 21.33 -36.27 -12.38
C LYS B 144 22.43 -35.53 -11.65
N LEU B 145 22.25 -35.22 -10.37
CA LEU B 145 23.23 -34.45 -9.60
C LEU B 145 23.99 -35.27 -8.58
N THR B 146 23.41 -36.37 -8.08
CA THR B 146 24.06 -37.18 -7.08
C THR B 146 23.64 -38.64 -7.24
N SER B 147 24.56 -39.54 -6.93
CA SER B 147 24.28 -40.97 -6.93
C SER B 147 24.11 -41.52 -5.51
N ASN B 148 24.00 -40.63 -4.51
CA ASN B 148 23.83 -41.03 -3.11
C ASN B 148 22.76 -40.13 -2.48
N LEU B 149 21.51 -40.36 -2.85
CA LEU B 149 20.38 -39.59 -2.34
C LEU B 149 19.67 -40.38 -1.25
N ARG B 150 19.45 -39.75 -0.10
CA ARG B 150 18.62 -40.29 0.96
C ARG B 150 17.55 -39.26 1.31
N ILE B 151 16.31 -39.74 1.47
CA ILE B 151 15.19 -38.87 1.79
C ILE B 151 14.44 -39.41 2.99
N GLY B 152 13.77 -38.49 3.69
CA GLY B 152 12.96 -38.82 4.85
C GLY B 152 11.83 -37.83 4.98
N PHE B 153 10.94 -38.10 5.93
CA PHE B 153 9.72 -37.32 6.07
C PHE B 153 9.39 -37.11 7.53
N GLY B 154 9.01 -35.87 7.86
CA GLY B 154 8.46 -35.54 9.16
C GLY B 154 7.28 -34.61 8.99
N ALA B 155 6.47 -34.52 10.04
CA ALA B 155 5.25 -33.74 9.98
C ALA B 155 5.05 -32.98 11.28
N PHE B 156 4.34 -31.85 11.19
CA PHE B 156 4.06 -31.03 12.36
C PHE B 156 2.70 -30.37 12.18
N VAL B 157 2.11 -29.98 13.32
CA VAL B 157 0.96 -29.09 13.32
C VAL B 157 1.24 -27.95 14.28
N ASP B 158 1.01 -28.19 15.57
CA ASP B 158 1.24 -27.17 16.60
C ASP B 158 1.17 -27.87 17.95
N LYS B 159 1.44 -27.11 19.01
CA LYS B 159 1.44 -27.65 20.36
C LYS B 159 0.06 -28.16 20.73
N PRO B 160 -0.11 -29.47 20.97
CA PRO B 160 -1.45 -30.00 21.27
C PRO B 160 -1.94 -29.59 22.65
N VAL B 161 -2.26 -28.31 22.81
CA VAL B 161 -2.74 -27.77 24.07
C VAL B 161 -3.62 -26.57 23.78
N SER B 162 -4.64 -26.37 24.60
CA SER B 162 -5.45 -25.17 24.51
C SER B 162 -4.56 -23.94 24.70
N PRO B 163 -4.82 -22.84 23.98
CA PRO B 163 -5.93 -22.65 23.04
C PRO B 163 -5.65 -23.10 21.60
N TYR B 164 -4.43 -23.55 21.31
CA TYR B 164 -4.13 -24.02 19.97
C TYR B 164 -5.00 -25.21 19.61
N MET B 165 -5.24 -26.10 20.56
CA MET B 165 -5.99 -27.33 20.35
C MET B 165 -7.45 -27.15 20.74
N TYR B 166 -8.34 -27.67 19.91
CA TYR B 166 -9.75 -27.75 20.29
C TYR B 166 -9.91 -28.83 21.36
N ILE B 167 -10.53 -28.47 22.49
CA ILE B 167 -10.60 -29.37 23.62
C ILE B 167 -12.05 -29.69 24.03
N SER B 168 -13.01 -29.42 23.14
CA SER B 168 -14.40 -29.75 23.43
C SER B 168 -15.16 -29.81 22.11
N PRO B 169 -16.16 -30.71 21.98
CA PRO B 169 -16.59 -31.75 22.94
C PRO B 169 -15.53 -32.85 23.09
N PRO B 170 -15.74 -33.82 23.99
CA PRO B 170 -14.76 -34.92 24.10
C PRO B 170 -14.39 -35.54 22.77
N GLU B 171 -15.35 -35.65 21.85
CA GLU B 171 -15.06 -36.22 20.53
C GLU B 171 -14.01 -35.42 19.78
N ALA B 172 -13.95 -34.10 20.01
CA ALA B 172 -13.01 -33.26 19.28
C ALA B 172 -11.56 -33.64 19.56
N LEU B 173 -11.27 -34.21 20.73
CA LEU B 173 -9.91 -34.63 21.01
C LEU B 173 -9.49 -35.80 20.12
N GLU B 174 -10.37 -36.79 19.95
CA GLU B 174 -10.07 -37.91 19.06
C GLU B 174 -10.17 -37.50 17.60
N ASN B 175 -11.06 -36.57 17.27
CA ASN B 175 -11.28 -36.12 15.91
C ASN B 175 -11.52 -34.62 15.92
N PRO B 176 -10.47 -33.82 15.71
CA PRO B 176 -10.66 -32.36 15.70
C PRO B 176 -11.64 -31.87 14.66
N CYS B 177 -11.81 -32.62 13.57
CA CYS B 177 -12.78 -32.29 12.52
C CYS B 177 -14.19 -32.77 12.87
N TYR B 178 -14.48 -32.94 14.16
CA TYR B 178 -15.76 -33.51 14.58
C TYR B 178 -16.94 -32.61 14.22
N ASP B 179 -16.82 -31.32 14.50
CA ASP B 179 -17.91 -30.39 14.21
C ASP B 179 -18.10 -30.16 12.71
N MET B 180 -17.17 -30.63 11.88
CA MET B 180 -17.36 -30.65 10.44
C MET B 180 -17.94 -31.99 10.04
N LYS B 181 -17.96 -32.28 8.73
CA LYS B 181 -18.46 -33.55 8.23
C LYS B 181 -17.34 -34.51 7.82
N THR B 182 -16.20 -34.44 8.48
CA THR B 182 -15.04 -35.26 8.11
C THR B 182 -14.33 -35.75 9.36
N THR B 183 -13.29 -36.53 9.14
CA THR B 183 -12.41 -37.03 10.19
C THR B 183 -10.98 -36.60 9.89
N CYS B 184 -10.26 -36.18 10.92
CA CYS B 184 -8.83 -35.90 10.80
C CYS B 184 -8.13 -36.44 12.03
N LEU B 185 -6.80 -36.49 11.95
CA LEU B 185 -6.01 -37.05 13.04
C LEU B 185 -6.12 -36.18 14.29
N PRO B 186 -5.96 -36.78 15.47
CA PRO B 186 -5.79 -35.95 16.67
C PRO B 186 -4.61 -35.02 16.50
N MET B 187 -4.63 -33.91 17.22
N MET B 187 -4.64 -33.92 17.24
CA MET B 187 -3.58 -32.92 17.09
CA MET B 187 -3.57 -32.93 17.17
C MET B 187 -2.25 -33.48 17.58
C MET B 187 -2.24 -33.56 17.55
N PHE B 188 -1.17 -33.12 16.88
CA PHE B 188 0.17 -33.56 17.21
C PHE B 188 1.14 -32.43 16.93
N GLY B 189 2.13 -32.27 17.80
CA GLY B 189 3.13 -31.24 17.64
C GLY B 189 4.09 -31.52 16.49
N TYR B 190 4.98 -32.49 16.68
CA TYR B 190 5.88 -32.94 15.63
C TYR B 190 6.05 -34.44 15.74
N LYS B 191 5.97 -35.14 14.62
CA LYS B 191 6.20 -36.57 14.58
C LYS B 191 7.16 -36.91 13.45
N HIS B 192 8.21 -37.66 13.79
CA HIS B 192 9.10 -38.22 12.79
C HIS B 192 8.42 -39.42 12.14
N VAL B 193 8.45 -39.47 10.81
CA VAL B 193 7.78 -40.53 10.05
C VAL B 193 8.78 -41.46 9.40
N LEU B 194 9.71 -40.92 8.61
CA LEU B 194 10.61 -41.73 7.80
C LEU B 194 12.04 -41.26 7.99
N THR B 195 12.88 -42.14 8.52
CA THR B 195 14.31 -41.89 8.59
C THR B 195 14.90 -41.85 7.19
N LEU B 196 15.93 -41.01 7.02
CA LEU B 196 16.59 -40.86 5.73
C LEU B 196 17.00 -42.21 5.16
N THR B 197 16.55 -42.48 3.94
CA THR B 197 16.80 -43.75 3.27
C THR B 197 16.93 -43.52 1.78
N ASP B 198 17.70 -44.39 1.13
CA ASP B 198 17.77 -44.37 -0.34
C ASP B 198 16.60 -45.09 -0.98
N GLN B 199 15.77 -45.78 -0.19
CA GLN B 199 14.58 -46.47 -0.69
C GLN B 199 13.46 -45.44 -0.82
N VAL B 200 13.42 -44.78 -1.99
CA VAL B 200 12.54 -43.62 -2.15
C VAL B 200 11.08 -44.02 -2.17
N THR B 201 10.76 -45.26 -2.57
CA THR B 201 9.37 -45.69 -2.54
C THR B 201 8.82 -45.77 -1.12
N ARG B 202 9.70 -45.91 -0.12
CA ARG B 202 9.26 -45.78 1.27
C ARG B 202 8.67 -44.40 1.52
N PHE B 203 9.26 -43.36 0.92
CA PHE B 203 8.72 -42.02 1.04
C PHE B 203 7.30 -41.95 0.49
N ASN B 204 7.10 -42.45 -0.73
CA ASN B 204 5.78 -42.43 -1.34
C ASN B 204 4.74 -43.12 -0.46
N GLU B 205 5.08 -44.33 0.01
CA GLU B 205 4.09 -45.12 0.73
C GLU B 205 3.83 -44.56 2.13
N GLU B 206 4.86 -44.03 2.78
CA GLU B 206 4.65 -43.34 4.05
C GLU B 206 3.76 -42.12 3.86
N VAL B 207 3.99 -41.35 2.79
CA VAL B 207 3.20 -40.16 2.53
C VAL B 207 1.75 -40.52 2.21
N LYS B 208 1.52 -41.65 1.53
CA LYS B 208 0.16 -42.04 1.17
C LYS B 208 -0.68 -42.35 2.40
N LYS B 209 -0.06 -42.77 3.50
CA LYS B 209 -0.78 -43.04 4.73
C LYS B 209 -0.88 -41.82 5.64
N GLN B 210 -0.23 -40.72 5.30
CA GLN B 210 -0.31 -39.50 6.11
C GLN B 210 -1.62 -38.77 5.85
N SER B 211 -2.13 -38.12 6.90
CA SER B 211 -3.31 -37.28 6.81
C SER B 211 -3.11 -36.07 7.69
N VAL B 212 -4.02 -35.10 7.57
CA VAL B 212 -3.86 -33.82 8.27
C VAL B 212 -4.59 -33.84 9.61
N SER B 213 -4.28 -32.87 10.45
CA SER B 213 -5.08 -32.61 11.65
C SER B 213 -5.70 -31.23 11.52
N ARG B 214 -5.95 -30.56 12.65
CA ARG B 214 -6.66 -29.29 12.63
C ARG B 214 -6.50 -28.61 13.98
N ASN B 215 -6.25 -27.30 13.96
CA ASN B 215 -6.10 -26.53 15.18
C ASN B 215 -6.71 -25.15 14.98
N ARG B 216 -6.70 -24.34 16.04
CA ARG B 216 -7.55 -23.16 16.12
C ARG B 216 -6.89 -21.89 15.57
N ASP B 217 -5.58 -21.72 15.70
CA ASP B 217 -4.94 -20.49 15.26
C ASP B 217 -4.02 -20.75 14.08
N ALA B 218 -3.96 -19.76 13.18
CA ALA B 218 -3.25 -19.92 11.92
C ALA B 218 -1.75 -20.16 12.07
N PRO B 219 -1.01 -19.42 12.90
CA PRO B 219 0.43 -19.71 13.05
C PRO B 219 0.63 -21.11 13.61
N GLU B 220 1.58 -21.84 13.03
CA GLU B 220 1.79 -23.24 13.39
C GLU B 220 3.13 -23.42 14.09
N GLY B 221 3.28 -24.59 14.71
CA GLY B 221 4.45 -24.86 15.52
C GLY B 221 5.59 -25.54 14.76
N GLY B 222 5.88 -25.04 13.56
CA GLY B 222 6.91 -25.67 12.75
C GLY B 222 8.31 -25.50 13.30
N PHE B 223 8.56 -24.41 14.02
CA PHE B 223 9.90 -24.17 14.55
C PHE B 223 10.27 -25.21 15.60
N ASP B 224 9.30 -25.70 16.36
CA ASP B 224 9.53 -26.88 17.19
C ASP B 224 10.04 -28.04 16.36
N ALA B 225 9.41 -28.29 15.21
CA ALA B 225 9.81 -29.40 14.36
C ALA B 225 11.19 -29.19 13.76
N ILE B 226 11.51 -27.96 13.35
CA ILE B 226 12.83 -27.67 12.79
C ILE B 226 13.91 -27.98 13.83
N MET B 227 13.68 -27.61 15.09
CA MET B 227 14.64 -27.88 16.15
C MET B 227 14.86 -29.38 16.33
N GLN B 228 13.77 -30.14 16.43
CA GLN B 228 13.89 -31.58 16.67
C GLN B 228 14.48 -32.29 15.46
N ALA B 229 14.06 -31.90 14.25
CA ALA B 229 14.64 -32.50 13.04
C ALA B 229 16.14 -32.20 12.92
N THR B 230 16.64 -31.20 13.64
CA THR B 230 18.03 -30.81 13.59
C THR B 230 18.87 -31.53 14.65
N VAL B 231 18.41 -31.54 15.90
CA VAL B 231 19.21 -32.05 17.01
C VAL B 231 19.00 -33.53 17.28
N CYS B 232 18.04 -34.18 16.62
CA CYS B 232 17.85 -35.62 16.76
C CYS B 232 18.54 -36.33 15.59
N ASP B 233 19.87 -36.27 15.61
CA ASP B 233 20.69 -36.81 14.54
C ASP B 233 20.33 -38.26 14.24
N GLU B 234 20.47 -39.11 15.25
CA GLU B 234 20.32 -40.55 15.03
C GLU B 234 18.94 -40.90 14.51
N LYS B 235 17.90 -40.23 14.99
CA LYS B 235 16.54 -40.57 14.60
C LYS B 235 16.25 -40.14 13.17
N ILE B 236 16.58 -38.89 12.83
CA ILE B 236 16.34 -38.41 11.47
C ILE B 236 17.26 -39.14 10.48
N GLY B 237 18.50 -39.40 10.90
CA GLY B 237 19.42 -40.18 10.10
C GLY B 237 20.39 -39.41 9.25
N TRP B 238 20.67 -38.15 9.59
CA TRP B 238 21.64 -37.35 8.85
C TRP B 238 22.97 -38.09 8.73
N ARG B 239 23.60 -37.97 7.57
CA ARG B 239 24.89 -38.60 7.33
C ARG B 239 26.02 -37.61 7.57
N ASN B 240 27.16 -38.14 8.01
CA ASN B 240 28.32 -37.31 8.33
C ASN B 240 28.81 -36.56 7.10
N ASP B 241 28.99 -37.26 5.99
CA ASP B 241 29.59 -36.70 4.78
C ASP B 241 28.50 -36.60 3.71
N ALA B 242 27.65 -35.60 3.85
CA ALA B 242 26.57 -35.38 2.91
C ALA B 242 26.02 -33.98 3.11
N SER B 243 25.47 -33.41 2.03
CA SER B 243 24.76 -32.15 2.13
C SER B 243 23.40 -32.39 2.80
N HIS B 244 23.11 -31.61 3.83
CA HIS B 244 21.90 -31.77 4.62
C HIS B 244 20.88 -30.72 4.21
N LEU B 245 19.80 -31.15 3.56
CA LEU B 245 18.73 -30.27 3.15
C LEU B 245 17.49 -30.55 4.01
N LEU B 246 17.07 -29.55 4.77
CA LEU B 246 15.86 -29.64 5.59
C LEU B 246 14.79 -28.80 4.91
N VAL B 247 13.84 -29.47 4.25
CA VAL B 247 12.82 -28.80 3.48
C VAL B 247 11.60 -28.57 4.36
N PHE B 248 11.28 -27.30 4.60
CA PHE B 248 10.22 -26.85 5.48
C PHE B 248 9.12 -26.22 4.63
N THR B 249 7.96 -26.89 4.57
CA THR B 249 6.84 -26.42 3.77
C THR B 249 5.69 -26.01 4.67
N THR B 250 5.15 -24.81 4.43
CA THR B 250 3.99 -24.33 5.16
C THR B 250 3.31 -23.22 4.36
N ASP B 251 2.05 -22.96 4.71
CA ASP B 251 1.25 -21.93 4.06
C ASP B 251 0.85 -20.82 5.03
N ALA B 252 1.48 -20.76 6.20
CA ALA B 252 1.00 -19.91 7.27
C ALA B 252 2.18 -19.28 7.99
N LYS B 253 1.86 -18.33 8.87
CA LYS B 253 2.84 -17.79 9.80
C LYS B 253 3.29 -18.89 10.75
N THR B 254 4.28 -18.57 11.58
CA THR B 254 4.83 -19.55 12.50
C THR B 254 4.90 -18.96 13.90
N HIS B 255 4.69 -19.82 14.89
CA HIS B 255 4.91 -19.42 16.27
C HIS B 255 6.40 -19.29 16.53
N ILE B 256 6.74 -18.38 17.44
CA ILE B 256 8.12 -18.08 17.77
C ILE B 256 8.28 -18.16 19.28
N ALA B 257 9.53 -18.10 19.73
CA ALA B 257 9.81 -18.14 21.15
C ALA B 257 9.07 -17.03 21.88
N LEU B 258 8.54 -17.37 23.06
CA LEU B 258 7.73 -16.56 23.97
C LEU B 258 6.25 -16.54 23.55
N ASP B 259 5.88 -17.18 22.46
CA ASP B 259 4.47 -17.38 22.15
C ASP B 259 3.83 -18.40 23.09
N GLY B 260 4.61 -19.39 23.55
CA GLY B 260 4.08 -20.48 24.34
C GLY B 260 3.38 -20.05 25.61
N ARG B 261 3.66 -18.84 26.09
CA ARG B 261 3.00 -18.34 27.30
C ARG B 261 1.50 -18.23 27.13
N LEU B 262 1.00 -18.15 25.91
CA LEU B 262 -0.44 -18.21 25.70
C LEU B 262 -1.02 -19.58 26.00
N ALA B 263 -0.18 -20.61 26.09
CA ALA B 263 -0.60 -21.94 26.54
C ALA B 263 -0.11 -22.25 27.94
N GLY B 264 0.35 -21.23 28.67
CA GLY B 264 0.89 -21.46 30.00
C GLY B 264 2.28 -22.04 30.01
N ILE B 265 2.97 -22.03 28.87
CA ILE B 265 4.30 -22.61 28.74
C ILE B 265 5.32 -21.48 28.82
N VAL B 266 6.18 -21.53 29.83
CA VAL B 266 7.21 -20.51 30.01
C VAL B 266 8.63 -21.08 29.92
N GLN B 267 8.82 -22.38 30.01
CA GLN B 267 10.16 -22.96 30.03
C GLN B 267 10.85 -22.71 28.70
N PRO B 268 12.04 -22.11 28.68
CA PRO B 268 12.76 -21.92 27.42
C PRO B 268 13.09 -23.25 26.75
N ASN B 269 13.13 -23.22 25.42
CA ASN B 269 13.59 -24.37 24.65
C ASN B 269 15.03 -24.70 25.03
N ASP B 270 15.30 -25.98 25.25
CA ASP B 270 16.63 -26.40 25.68
C ASP B 270 17.51 -26.87 24.53
N GLY B 271 16.98 -26.89 23.30
CA GLY B 271 17.77 -27.29 22.16
C GLY B 271 18.22 -28.73 22.16
N GLN B 272 17.58 -29.58 22.97
CA GLN B 272 17.93 -30.98 23.07
C GLN B 272 16.85 -31.83 22.39
N CYS B 273 17.23 -33.07 22.07
CA CYS B 273 16.29 -33.96 21.42
C CYS B 273 15.29 -34.51 22.43
N HIS B 274 14.01 -34.53 22.04
CA HIS B 274 12.94 -35.06 22.89
C HIS B 274 11.97 -35.89 22.05
N VAL B 275 12.51 -36.64 21.08
CA VAL B 275 11.69 -37.51 20.25
C VAL B 275 12.12 -38.94 20.55
N GLY B 276 11.28 -39.66 21.30
CA GLY B 276 11.57 -41.00 21.74
C GLY B 276 11.19 -42.08 20.74
N SER B 277 10.99 -43.28 21.25
CA SER B 277 10.66 -44.43 20.40
C SER B 277 9.32 -44.25 19.71
N ASP B 278 8.39 -43.52 20.32
CA ASP B 278 7.08 -43.28 19.71
C ASP B 278 7.12 -42.27 18.57
N ASN B 279 8.27 -41.63 18.34
CA ASN B 279 8.52 -40.72 17.23
C ASN B 279 7.72 -39.42 17.31
N HIS B 280 7.22 -39.06 18.49
CA HIS B 280 6.56 -37.77 18.69
C HIS B 280 7.41 -36.90 19.60
N TYR B 281 7.30 -35.58 19.39
CA TYR B 281 8.00 -34.61 20.21
C TYR B 281 7.31 -34.50 21.57
N SER B 282 7.95 -35.06 22.60
CA SER B 282 7.30 -35.20 23.91
C SER B 282 7.34 -33.93 24.75
N ALA B 283 8.19 -32.96 24.41
CA ALA B 283 8.24 -31.70 25.11
C ALA B 283 7.38 -30.62 24.46
N SER B 284 6.49 -31.02 23.53
CA SER B 284 5.70 -30.04 22.79
C SER B 284 4.82 -29.22 23.72
N THR B 285 4.25 -29.84 24.74
CA THR B 285 3.32 -29.18 25.63
C THR B 285 3.95 -28.69 26.93
N THR B 286 5.27 -28.82 27.07
CA THR B 286 5.96 -28.40 28.29
C THR B 286 7.10 -27.44 28.05
N MET B 287 7.45 -27.15 26.80
CA MET B 287 8.64 -26.37 26.46
C MET B 287 8.31 -25.38 25.36
N ASP B 288 8.80 -24.16 25.49
CA ASP B 288 8.45 -23.08 24.59
C ASP B 288 9.03 -23.32 23.20
N TYR B 289 8.46 -22.62 22.22
CA TYR B 289 9.02 -22.63 20.87
C TYR B 289 10.45 -22.10 20.91
N PRO B 290 11.31 -22.57 20.01
CA PRO B 290 12.70 -22.10 20.00
C PRO B 290 12.84 -20.72 19.39
N SER B 291 13.90 -20.04 19.79
CA SER B 291 14.22 -18.73 19.26
C SER B 291 15.07 -18.84 18.01
N LEU B 292 15.05 -17.78 17.20
CA LEU B 292 15.83 -17.77 15.96
C LEU B 292 17.31 -18.01 16.23
N GLY B 293 17.84 -17.38 17.28
CA GLY B 293 19.25 -17.59 17.62
C GLY B 293 19.55 -19.03 17.99
N LEU B 294 18.66 -19.66 18.76
CA LEU B 294 18.88 -21.05 19.14
C LEU B 294 18.78 -21.98 17.92
N MET B 295 17.79 -21.76 17.06
CA MET B 295 17.72 -22.54 15.82
C MET B 295 18.98 -22.37 14.99
N THR B 296 19.48 -21.14 14.87
CA THR B 296 20.70 -20.89 14.12
C THR B 296 21.87 -21.69 14.69
N GLU B 297 22.01 -21.69 16.02
CA GLU B 297 23.11 -22.41 16.66
C GLU B 297 23.09 -23.89 16.30
N LYS B 298 21.91 -24.51 16.33
CA LYS B 298 21.81 -25.95 16.07
C LYS B 298 21.96 -26.27 14.58
N LEU B 299 21.28 -25.51 13.73
CA LEU B 299 21.46 -25.68 12.29
C LEU B 299 22.92 -25.60 11.89
N SER B 300 23.66 -24.63 12.45
CA SER B 300 25.08 -24.51 12.17
C SER B 300 25.87 -25.66 12.77
N GLN B 301 25.46 -26.12 13.96
CA GLN B 301 26.17 -27.20 14.63
C GLN B 301 26.05 -28.52 13.87
N LYS B 302 24.87 -28.78 13.29
CA LYS B 302 24.62 -30.02 12.57
C LYS B 302 24.77 -29.86 11.05
N ASN B 303 25.29 -28.72 10.59
CA ASN B 303 25.49 -28.46 9.17
CA ASN B 303 25.49 -28.46 9.17
C ASN B 303 24.21 -28.72 8.38
N ILE B 304 23.12 -28.11 8.83
CA ILE B 304 21.81 -28.28 8.20
C ILE B 304 21.48 -27.04 7.39
N ASN B 305 21.17 -27.23 6.12
CA ASN B 305 20.72 -26.16 5.24
C ASN B 305 19.19 -26.13 5.28
N LEU B 306 18.63 -25.12 5.94
CA LEU B 306 17.18 -24.99 6.07
C LEU B 306 16.60 -24.31 4.84
N ILE B 307 15.54 -24.89 4.28
CA ILE B 307 14.88 -24.38 3.10
C ILE B 307 13.45 -24.00 3.47
N PHE B 308 13.12 -22.72 3.36
CA PHE B 308 11.76 -22.23 3.59
C PHE B 308 11.00 -22.33 2.27
N ALA B 309 10.22 -23.40 2.11
CA ALA B 309 9.36 -23.57 0.93
C ALA B 309 7.95 -23.19 1.34
N VAL B 310 7.62 -21.91 1.18
CA VAL B 310 6.38 -21.36 1.70
C VAL B 310 5.60 -20.69 0.57
N THR B 311 4.31 -20.48 0.82
CA THR B 311 3.41 -19.93 -0.18
C THR B 311 3.55 -18.42 -0.27
N GLU B 312 3.06 -17.87 -1.38
CA GLU B 312 3.28 -16.46 -1.69
C GLU B 312 2.81 -15.54 -0.58
N ASN B 313 1.74 -15.92 0.11
CA ASN B 313 1.16 -15.05 1.13
C ASN B 313 2.09 -14.85 2.33
N VAL B 314 3.14 -15.68 2.46
CA VAL B 314 4.04 -15.55 3.60
C VAL B 314 5.50 -15.58 3.15
N VAL B 315 5.75 -15.36 1.86
N VAL B 315 5.75 -15.39 1.85
CA VAL B 315 7.13 -15.44 1.37
CA VAL B 315 7.13 -15.42 1.36
C VAL B 315 7.97 -14.28 1.92
C VAL B 315 7.94 -14.30 1.99
N ASN B 316 7.38 -13.09 2.03
CA ASN B 316 8.10 -11.95 2.59
C ASN B 316 8.45 -12.21 4.05
N LEU B 317 7.50 -12.70 4.82
CA LEU B 317 7.75 -13.08 6.21
C LEU B 317 8.96 -13.99 6.34
N TYR B 318 8.98 -15.08 5.57
CA TYR B 318 10.06 -16.05 5.70
C TYR B 318 11.35 -15.58 5.03
N GLN B 319 11.26 -14.72 4.01
CA GLN B 319 12.47 -14.09 3.48
CA GLN B 319 12.47 -14.09 3.49
C GLN B 319 13.14 -13.23 4.55
N ASN B 320 12.34 -12.55 5.36
CA ASN B 320 12.88 -11.72 6.43
C ASN B 320 13.47 -12.57 7.55
N TYR B 321 12.82 -13.68 7.89
CA TYR B 321 13.42 -14.64 8.81
C TYR B 321 14.72 -15.20 8.24
N SER B 322 14.72 -15.52 6.95
CA SER B 322 15.90 -16.09 6.31
C SER B 322 17.12 -15.19 6.47
N GLU B 323 16.91 -13.87 6.47
CA GLU B 323 18.02 -12.94 6.66
C GLU B 323 18.53 -12.94 8.10
N LEU B 324 17.71 -13.37 9.06
CA LEU B 324 18.13 -13.51 10.45
C LEU B 324 18.70 -14.89 10.76
N ILE B 325 18.64 -15.82 9.80
CA ILE B 325 19.25 -17.15 9.96
C ILE B 325 20.14 -17.39 8.74
N PRO B 326 21.39 -16.92 8.75
CA PRO B 326 22.24 -17.04 7.55
C PRO B 326 22.38 -18.48 7.08
N GLY B 327 22.53 -18.63 5.76
CA GLY B 327 22.57 -19.93 5.14
C GLY B 327 21.21 -20.51 4.78
N THR B 328 20.13 -19.82 5.10
CA THR B 328 18.77 -20.30 4.82
C THR B 328 18.34 -19.87 3.43
N THR B 329 17.61 -20.76 2.76
CA THR B 329 17.12 -20.54 1.40
C THR B 329 15.59 -20.50 1.41
N VAL B 330 15.02 -19.63 0.59
CA VAL B 330 13.58 -19.47 0.47
C VAL B 330 13.15 -19.81 -0.94
N GLY B 331 12.05 -20.55 -1.06
CA GLY B 331 11.44 -20.82 -2.34
C GLY B 331 9.94 -20.62 -2.25
N VAL B 332 9.35 -20.24 -3.39
CA VAL B 332 7.93 -19.94 -3.45
C VAL B 332 7.18 -21.24 -3.71
N LEU B 333 6.44 -21.71 -2.70
CA LEU B 333 5.65 -22.93 -2.81
C LEU B 333 4.25 -22.60 -3.31
N SER B 334 3.76 -23.36 -4.27
CA SER B 334 2.41 -23.14 -4.76
C SER B 334 1.39 -23.59 -3.71
N MET B 335 0.14 -23.19 -3.93
CA MET B 335 -0.92 -23.40 -2.94
C MET B 335 -1.25 -24.86 -2.70
N ASP B 336 -0.65 -25.79 -3.46
CA ASP B 336 -0.87 -27.21 -3.25
C ASP B 336 0.43 -27.99 -3.23
N SER B 337 1.58 -27.31 -3.17
CA SER B 337 2.91 -27.92 -3.18
C SER B 337 3.21 -28.67 -4.47
N SER B 338 2.47 -28.37 -5.55
CA SER B 338 2.69 -29.05 -6.81
C SER B 338 4.04 -28.72 -7.44
N ASN B 339 4.66 -27.61 -7.03
CA ASN B 339 5.95 -27.19 -7.58
C ASN B 339 7.11 -27.48 -6.63
N VAL B 340 6.88 -28.24 -5.56
CA VAL B 340 7.92 -28.41 -4.54
C VAL B 340 9.13 -29.14 -5.11
N LEU B 341 8.94 -30.00 -6.11
CA LEU B 341 10.05 -30.75 -6.69
C LEU B 341 11.09 -29.80 -7.26
N GLN B 342 10.70 -28.99 -8.25
CA GLN B 342 11.62 -28.03 -8.84
C GLN B 342 12.12 -27.02 -7.82
N LEU B 343 11.30 -26.70 -6.82
CA LEU B 343 11.73 -25.79 -5.77
C LEU B 343 12.93 -26.34 -5.02
N ILE B 344 12.93 -27.66 -4.76
CA ILE B 344 14.03 -28.27 -4.02
C ILE B 344 15.29 -28.32 -4.88
N VAL B 345 15.13 -28.65 -6.18
CA VAL B 345 16.29 -28.74 -7.07
C VAL B 345 16.97 -27.38 -7.20
N ASP B 346 16.19 -26.31 -7.32
CA ASP B 346 16.77 -24.98 -7.42
C ASP B 346 17.44 -24.57 -6.11
N ALA B 347 16.82 -24.92 -4.97
CA ALA B 347 17.44 -24.62 -3.69
C ALA B 347 18.79 -25.32 -3.54
N TYR B 348 18.86 -26.59 -3.95
CA TYR B 348 20.13 -27.32 -3.86
C TYR B 348 21.21 -26.65 -4.69
N GLY B 349 20.87 -26.20 -5.90
CA GLY B 349 21.86 -25.51 -6.72
C GLY B 349 22.28 -24.18 -6.12
N LYS B 350 21.34 -23.43 -5.55
CA LYS B 350 21.67 -22.18 -4.89
C LYS B 350 22.51 -22.41 -3.64
N ILE B 351 22.29 -23.53 -2.96
CA ILE B 351 23.05 -23.82 -1.73
C ILE B 351 24.50 -24.12 -2.06
N ARG B 352 24.76 -24.82 -3.16
CA ARG B 352 26.10 -25.16 -3.58
C ARG B 352 26.67 -24.18 -4.59
N SER B 353 26.12 -22.97 -4.66
CA SER B 353 26.61 -21.92 -5.55
C SER B 353 27.48 -20.90 -4.82
N LYS B 354 27.93 -21.22 -3.60
CA LYS B 354 28.70 -20.29 -2.80
C LYS B 354 29.80 -21.04 -2.05
N VAL B 355 30.92 -20.35 -1.87
CA VAL B 355 32.04 -20.83 -1.07
C VAL B 355 32.49 -19.66 -0.20
N GLU B 356 32.29 -19.78 1.11
CA GLU B 356 32.62 -18.72 2.05
C GLU B 356 33.60 -19.25 3.09
N LEU B 357 34.79 -18.69 3.12
CA LEU B 357 35.81 -19.12 4.08
C LEU B 357 35.45 -18.64 5.49
N GLU B 358 35.85 -19.44 6.47
CA GLU B 358 35.60 -19.15 7.88
C GLU B 358 36.84 -19.55 8.67
N VAL B 359 37.18 -18.72 9.66
CA VAL B 359 38.40 -18.90 10.44
C VAL B 359 38.02 -19.26 11.87
N ARG B 360 38.59 -20.36 12.37
CA ARG B 360 38.33 -20.84 13.72
C ARG B 360 39.63 -20.87 14.51
N ASP B 361 39.57 -20.38 15.74
CA ASP B 361 40.69 -20.47 16.70
C ASP B 361 41.88 -19.63 16.26
N LEU B 362 41.61 -18.48 15.65
CA LEU B 362 42.70 -17.60 15.23
C LEU B 362 43.30 -16.90 16.45
N PRO B 363 44.61 -16.97 16.66
CA PRO B 363 45.20 -16.29 17.81
C PRO B 363 45.00 -14.79 17.73
N GLU B 364 44.96 -14.15 18.91
CA GLU B 364 44.74 -12.71 18.97
C GLU B 364 45.81 -11.94 18.20
N GLU B 365 47.07 -12.36 18.31
CA GLU B 365 48.17 -11.67 17.68
C GLU B 365 48.29 -11.93 16.18
N LEU B 366 47.46 -12.81 15.62
CA LEU B 366 47.48 -13.11 14.19
C LEU B 366 46.32 -12.41 13.49
N SER B 367 46.63 -11.75 12.37
CA SER B 367 45.64 -11.14 11.52
C SER B 367 45.78 -11.67 10.10
N LEU B 368 44.66 -11.82 9.41
CA LEU B 368 44.63 -12.45 8.10
C LEU B 368 44.02 -11.50 7.06
N SER B 369 44.42 -11.72 5.80
CA SER B 369 43.88 -11.00 4.66
C SER B 369 43.65 -11.99 3.53
N PHE B 370 42.67 -11.71 2.68
CA PHE B 370 42.22 -12.67 1.67
C PHE B 370 42.07 -12.00 0.31
N ASN B 371 42.59 -12.65 -0.72
CA ASN B 371 42.34 -12.29 -2.12
C ASN B 371 41.65 -13.47 -2.77
N ALA B 372 40.39 -13.27 -3.18
CA ALA B 372 39.59 -14.35 -3.74
C ALA B 372 39.75 -14.39 -5.26
N THR B 373 39.64 -15.61 -5.81
CA THR B 373 39.72 -15.85 -7.25
C THR B 373 38.50 -16.67 -7.64
N CYS B 374 37.48 -16.01 -8.18
CA CYS B 374 36.25 -16.66 -8.60
C CYS B 374 36.11 -16.56 -10.12
N LEU B 375 35.03 -17.16 -10.62
CA LEU B 375 34.67 -17.11 -12.04
C LEU B 375 35.79 -17.58 -12.95
N ASN B 376 36.65 -16.65 -13.41
CA ASN B 376 37.71 -16.98 -14.37
C ASN B 376 38.98 -16.22 -13.97
N ASN B 377 39.74 -16.78 -13.03
CA ASN B 377 41.05 -16.27 -12.63
C ASN B 377 41.02 -14.77 -12.34
N GLU B 378 39.88 -14.29 -11.83
CA GLU B 378 39.68 -12.88 -11.54
C GLU B 378 39.92 -12.66 -10.05
N VAL B 379 41.01 -11.98 -9.72
CA VAL B 379 41.38 -11.74 -8.32
C VAL B 379 40.51 -10.62 -7.76
N ILE B 380 39.89 -10.88 -6.63
CA ILE B 380 39.06 -9.91 -5.93
C ILE B 380 39.66 -9.67 -4.54
N PRO B 381 40.42 -8.59 -4.36
CA PRO B 381 41.10 -8.38 -3.09
C PRO B 381 40.13 -8.10 -1.95
N GLY B 382 40.60 -8.36 -0.73
CA GLY B 382 39.79 -8.13 0.46
C GLY B 382 38.52 -8.94 0.53
N LEU B 383 38.45 -10.06 -0.20
CA LEU B 383 37.25 -10.88 -0.27
C LEU B 383 37.60 -12.33 0.05
N LYS B 384 36.73 -12.99 0.81
CA LYS B 384 36.94 -14.37 1.23
C LYS B 384 35.72 -15.23 0.96
N SER B 385 34.93 -14.88 -0.06
CA SER B 385 33.74 -15.64 -0.40
C SER B 385 33.42 -15.46 -1.88
N CYS B 386 33.15 -16.58 -2.56
CA CYS B 386 32.76 -16.58 -3.97
C CYS B 386 31.29 -16.94 -4.10
N MET B 387 30.66 -16.43 -5.15
CA MET B 387 29.24 -16.68 -5.41
C MET B 387 29.04 -16.88 -6.90
N GLY B 388 27.82 -17.30 -7.26
CA GLY B 388 27.52 -17.62 -8.65
C GLY B 388 28.19 -18.88 -9.16
N LEU B 389 28.52 -19.80 -8.26
CA LEU B 389 29.26 -21.00 -8.62
C LEU B 389 28.31 -22.10 -9.08
N LYS B 390 28.88 -23.09 -9.78
CA LYS B 390 28.16 -24.27 -10.22
C LYS B 390 28.85 -25.51 -9.68
N ILE B 391 28.12 -26.62 -9.65
CA ILE B 391 28.69 -27.89 -9.21
C ILE B 391 29.88 -28.24 -10.10
N GLY B 392 31.00 -28.57 -9.47
CA GLY B 392 32.22 -28.88 -10.17
C GLY B 392 33.21 -27.73 -10.26
N ASP B 393 32.76 -26.50 -10.01
CA ASP B 393 33.65 -25.36 -10.08
C ASP B 393 34.67 -25.39 -8.94
N THR B 394 35.81 -24.75 -9.17
CA THR B 394 36.88 -24.63 -8.19
C THR B 394 37.31 -23.18 -8.09
N VAL B 395 37.52 -22.72 -6.86
CA VAL B 395 38.02 -21.38 -6.57
C VAL B 395 39.25 -21.49 -5.68
N SER B 396 39.94 -20.37 -5.52
CA SER B 396 41.14 -20.33 -4.70
C SER B 396 41.26 -18.98 -4.03
N PHE B 397 41.90 -18.96 -2.88
CA PHE B 397 42.10 -17.74 -2.08
C PHE B 397 43.56 -17.62 -1.70
N SER B 398 44.12 -16.43 -1.88
CA SER B 398 45.46 -16.13 -1.39
C SER B 398 45.33 -15.51 0.00
N ILE B 399 46.11 -16.04 0.95
CA ILE B 399 46.00 -15.67 2.36
C ILE B 399 47.35 -15.19 2.86
N GLU B 400 47.35 -14.16 3.69
CA GLU B 400 48.56 -13.63 4.31
C GLU B 400 48.32 -13.46 5.80
N ALA B 401 49.20 -14.05 6.61
CA ALA B 401 49.12 -13.97 8.07
C ALA B 401 50.18 -13.00 8.57
N LYS B 402 49.76 -12.05 9.40
CA LYS B 402 50.65 -11.04 9.97
C LYS B 402 50.60 -11.16 11.49
N VAL B 403 51.76 -11.41 12.11
CA VAL B 403 51.86 -11.56 13.56
C VAL B 403 52.37 -10.25 14.15
N ARG B 404 51.76 -9.84 15.26
CA ARG B 404 52.15 -8.62 15.97
C ARG B 404 53.05 -8.98 17.13
N GLY B 405 54.31 -8.54 17.06
CA GLY B 405 55.26 -8.85 18.11
C GLY B 405 55.53 -10.34 18.19
N CYS B 406 55.74 -10.83 19.40
CA CYS B 406 55.96 -12.25 19.65
C CYS B 406 55.10 -12.71 20.81
N PRO B 407 54.27 -13.73 20.63
CA PRO B 407 53.43 -14.20 21.74
C PRO B 407 54.19 -15.10 22.69
N GLN B 408 53.63 -15.24 23.89
CA GLN B 408 54.25 -16.09 24.91
C GLN B 408 54.32 -17.54 24.44
N GLU B 409 53.19 -18.07 23.95
CA GLU B 409 53.16 -19.43 23.42
C GLU B 409 53.74 -19.43 22.01
N LYS B 410 54.69 -20.32 21.77
CA LYS B 410 55.41 -20.34 20.50
C LYS B 410 54.78 -21.26 19.46
N GLU B 411 53.74 -22.01 19.82
CA GLU B 411 53.10 -22.92 18.87
C GLU B 411 51.59 -22.89 19.08
N LYS B 412 50.87 -22.46 18.05
CA LYS B 412 49.41 -22.44 18.03
C LYS B 412 48.93 -22.88 16.66
N SER B 413 47.71 -23.39 16.60
CA SER B 413 47.14 -23.88 15.35
C SER B 413 45.70 -23.43 15.23
N PHE B 414 45.30 -23.05 14.02
CA PHE B 414 43.94 -22.61 13.72
C PHE B 414 43.48 -23.28 12.44
N THR B 415 42.21 -23.03 12.08
CA THR B 415 41.55 -23.74 10.99
C THR B 415 40.92 -22.75 10.03
N ILE B 416 41.12 -23.00 8.73
CA ILE B 416 40.39 -22.32 7.66
C ILE B 416 39.42 -23.34 7.06
N LYS B 417 38.12 -23.08 7.20
CA LYS B 417 37.11 -24.02 6.72
C LYS B 417 36.02 -23.26 5.97
N PRO B 418 35.62 -23.73 4.79
CA PRO B 418 34.47 -23.15 4.12
C PRO B 418 33.19 -23.48 4.87
N VAL B 419 32.21 -22.57 4.77
CA VAL B 419 30.96 -22.74 5.51
C VAL B 419 30.23 -23.97 4.99
N GLY B 420 29.87 -24.87 5.90
CA GLY B 420 29.13 -26.07 5.57
C GLY B 420 29.96 -27.21 5.02
N PHE B 421 31.26 -27.01 4.81
CA PHE B 421 32.12 -28.04 4.26
C PHE B 421 32.65 -28.96 5.35
N LYS B 422 32.98 -30.20 4.95
CA LYS B 422 33.56 -31.15 5.88
C LYS B 422 35.05 -30.93 6.03
N ASP B 423 35.78 -30.87 4.92
CA ASP B 423 37.22 -30.70 4.96
C ASP B 423 37.60 -29.27 5.33
N SER B 424 38.88 -29.08 5.65
CA SER B 424 39.38 -27.79 6.10
C SER B 424 40.89 -27.81 6.05
N LEU B 425 41.47 -26.60 6.03
CA LEU B 425 42.92 -26.41 6.07
C LEU B 425 43.35 -26.10 7.49
N ILE B 426 44.29 -26.90 8.01
CA ILE B 426 44.83 -26.71 9.35
C ILE B 426 46.19 -26.06 9.23
N VAL B 427 46.33 -24.87 9.82
CA VAL B 427 47.58 -24.12 9.81
C VAL B 427 48.25 -24.28 11.16
N GLN B 428 49.40 -24.94 11.19
CA GLN B 428 50.18 -25.13 12.41
C GLN B 428 51.25 -24.03 12.45
N VAL B 429 51.02 -23.03 13.28
CA VAL B 429 51.89 -21.86 13.36
C VAL B 429 52.96 -22.10 14.42
N THR B 430 54.19 -21.73 14.09
CA THR B 430 55.31 -21.78 15.02
C THR B 430 55.98 -20.41 15.01
N PHE B 431 56.11 -19.80 16.19
CA PHE B 431 56.66 -18.46 16.31
C PHE B 431 58.15 -18.56 16.60
N ASP B 432 58.97 -18.29 15.60
CA ASP B 432 60.42 -18.38 15.72
C ASP B 432 60.96 -17.02 16.16
N CYS B 433 60.93 -16.80 17.49
CA CYS B 433 61.43 -15.56 18.06
C CYS B 433 62.76 -15.72 18.78
N ASP B 434 63.08 -16.91 19.25
CA ASP B 434 64.31 -17.14 20.01
C ASP B 434 65.46 -17.46 19.07
N CYS B 435 66.67 -17.49 19.64
CA CYS B 435 67.87 -17.85 18.93
C CYS B 435 68.36 -19.21 19.37
N ALA B 436 68.98 -19.95 18.44
CA ALA B 436 69.48 -21.28 18.77
C ALA B 436 70.64 -21.21 19.77
N CYS B 437 71.40 -20.11 19.78
CA CYS B 437 72.51 -19.96 20.70
C CYS B 437 72.06 -19.82 22.16
N GLN B 438 70.79 -19.46 22.39
CA GLN B 438 70.30 -19.32 23.76
C GLN B 438 70.17 -20.68 24.45
N ALA B 439 69.81 -21.73 23.70
CA ALA B 439 69.73 -23.07 24.27
C ALA B 439 71.07 -23.57 24.81
N GLN B 440 72.18 -22.90 24.46
CA GLN B 440 73.50 -23.27 24.95
C GLN B 440 74.14 -22.09 25.67
N ALA B 441 73.41 -21.47 26.59
CA ALA B 441 73.92 -20.34 27.35
C ALA B 441 74.83 -20.83 28.48
N GLU B 442 75.39 -19.89 29.23
CA GLU B 442 76.30 -20.19 30.32
C GLU B 442 75.89 -19.38 31.54
N PRO B 443 75.05 -19.95 32.42
CA PRO B 443 74.67 -19.25 33.64
C PRO B 443 75.85 -19.10 34.59
N ASN B 444 75.89 -17.95 35.27
CA ASN B 444 76.96 -17.63 36.20
C ASN B 444 78.33 -17.76 35.53
N SER B 445 78.44 -17.16 34.35
CA SER B 445 79.65 -17.30 33.56
C SER B 445 80.83 -16.59 34.22
N HIS B 446 82.01 -17.20 34.10
CA HIS B 446 83.24 -16.56 34.56
C HIS B 446 83.55 -15.30 33.76
N ARG B 447 83.00 -15.17 32.56
CA ARG B 447 83.27 -14.03 31.70
C ARG B 447 82.43 -12.80 32.04
N CYS B 448 81.39 -12.94 32.85
CA CYS B 448 80.40 -11.87 33.05
C CYS B 448 80.38 -11.44 34.52
N ASN B 449 81.30 -10.55 34.88
CA ASN B 449 81.28 -9.84 36.15
C ASN B 449 81.38 -10.81 37.34
N ASN B 450 82.33 -11.73 37.26
CA ASN B 450 82.65 -12.66 38.35
C ASN B 450 81.43 -13.51 38.72
N GLY B 451 80.81 -14.10 37.70
CA GLY B 451 79.67 -14.99 37.92
C GLY B 451 78.36 -14.30 38.20
N ASN B 452 78.31 -12.97 38.20
CA ASN B 452 77.06 -12.25 38.42
C ASN B 452 76.18 -12.21 37.18
N GLY B 453 76.68 -12.67 36.03
CA GLY B 453 75.92 -12.62 34.79
C GLY B 453 75.97 -13.95 34.05
N THR B 454 75.19 -14.00 32.97
CA THR B 454 75.07 -15.18 32.12
C THR B 454 75.58 -14.85 30.72
N PHE B 455 76.34 -15.77 30.14
CA PHE B 455 76.93 -15.59 28.82
C PHE B 455 76.14 -16.40 27.80
N GLU B 456 75.46 -15.70 26.89
CA GLU B 456 74.70 -16.34 25.82
C GLU B 456 74.94 -15.58 24.52
N CYS B 457 75.07 -16.33 23.43
CA CYS B 457 75.14 -15.78 22.08
C CYS B 457 76.27 -14.78 21.91
N GLY B 458 77.33 -14.92 22.72
CA GLY B 458 78.50 -14.09 22.60
C GLY B 458 78.50 -12.83 23.44
N VAL B 459 77.49 -12.62 24.28
CA VAL B 459 77.38 -11.43 25.11
C VAL B 459 77.03 -11.83 26.53
N CYS B 460 77.09 -10.84 27.42
CA CYS B 460 76.83 -11.03 28.86
C CYS B 460 75.50 -10.40 29.21
N ARG B 461 74.61 -11.21 29.80
CA ARG B 461 73.30 -10.76 30.24
C ARG B 461 73.21 -10.85 31.76
N CYS B 462 72.53 -9.88 32.36
CA CYS B 462 72.32 -9.90 33.80
C CYS B 462 71.44 -11.09 34.19
N GLY B 463 71.92 -11.88 35.15
CA GLY B 463 71.26 -13.10 35.51
C GLY B 463 69.93 -12.88 36.21
N PRO B 464 69.28 -13.96 36.59
CA PRO B 464 67.98 -13.84 37.27
C PRO B 464 68.14 -13.24 38.66
N GLY B 465 67.30 -12.26 38.98
CA GLY B 465 67.36 -11.57 40.25
C GLY B 465 67.99 -10.20 40.19
N TRP B 466 68.58 -9.82 39.07
CA TRP B 466 69.20 -8.51 38.93
C TRP B 466 68.31 -7.58 38.11
N LEU C 1 -16.51 34.78 -41.04
CA LEU C 1 -17.40 35.78 -41.59
C LEU C 1 -17.54 35.63 -43.10
N ASN C 2 -16.40 35.57 -43.80
CA ASN C 2 -16.38 35.56 -45.26
C ASN C 2 -15.81 34.26 -45.83
N LEU C 3 -15.88 33.17 -45.08
CA LEU C 3 -15.55 31.86 -45.63
C LEU C 3 -16.74 31.34 -46.42
N ASP C 4 -16.50 30.98 -47.68
CA ASP C 4 -17.56 30.52 -48.56
C ASP C 4 -18.00 29.11 -48.17
N PRO C 5 -19.21 28.95 -47.64
CA PRO C 5 -19.68 27.61 -47.26
C PRO C 5 -20.46 26.89 -48.36
N VAL C 6 -20.53 27.45 -49.55
CA VAL C 6 -21.36 26.92 -50.63
C VAL C 6 -20.54 26.14 -51.64
N GLN C 7 -19.42 26.70 -52.08
N GLN C 7 -19.42 26.70 -52.08
CA GLN C 7 -18.54 26.09 -53.08
CA GLN C 7 -18.55 26.07 -53.09
C GLN C 7 -17.24 25.68 -52.40
C GLN C 7 -17.24 25.68 -52.40
N LEU C 8 -17.21 24.46 -51.85
CA LEU C 8 -16.03 23.95 -51.19
C LEU C 8 -15.16 23.18 -52.16
N THR C 9 -13.98 22.79 -51.69
CA THR C 9 -13.08 21.91 -52.40
C THR C 9 -12.79 20.70 -51.52
N PHE C 10 -12.89 19.51 -52.10
CA PHE C 10 -12.75 18.26 -51.37
C PHE C 10 -11.59 17.44 -51.93
N TYR C 11 -10.69 17.03 -51.04
CA TYR C 11 -9.66 16.05 -51.34
C TYR C 11 -9.96 14.78 -50.57
N ALA C 12 -9.62 13.63 -51.16
CA ALA C 12 -9.95 12.35 -50.56
C ALA C 12 -8.76 11.40 -50.64
N GLY C 13 -8.58 10.62 -49.58
CA GLY C 13 -7.57 9.58 -49.55
C GLY C 13 -8.21 8.21 -49.52
N PRO C 14 -7.39 7.17 -49.41
CA PRO C 14 -7.93 5.81 -49.43
C PRO C 14 -8.83 5.54 -48.23
N ASN C 15 -9.68 4.52 -48.38
CA ASN C 15 -10.58 4.12 -47.31
C ASN C 15 -9.79 3.66 -46.09
N GLY C 16 -10.27 4.04 -44.91
CA GLY C 16 -9.65 3.60 -43.67
C GLY C 16 -8.23 4.10 -43.46
N SER C 17 -7.79 5.04 -44.30
CA SER C 17 -6.46 5.60 -44.19
C SER C 17 -6.37 6.75 -43.19
N GLN C 18 -7.51 7.26 -42.72
CA GLN C 18 -7.57 8.45 -41.87
C GLN C 18 -6.88 9.64 -42.53
N PHE C 19 -7.00 9.71 -43.86
CA PHE C 19 -6.61 10.88 -44.63
C PHE C 19 -7.27 12.12 -44.05
N GLY C 20 -6.44 13.07 -43.62
CA GLY C 20 -6.92 14.27 -42.97
C GLY C 20 -6.74 14.30 -41.48
N PHE C 21 -6.14 13.27 -40.89
CA PHE C 21 -5.84 13.30 -39.46
C PHE C 21 -4.96 14.49 -39.11
N SER C 22 -4.01 14.81 -39.99
CA SER C 22 -3.21 16.02 -39.88
C SER C 22 -3.08 16.63 -41.27
N LEU C 23 -2.76 17.92 -41.30
CA LEU C 23 -2.60 18.64 -42.56
C LEU C 23 -1.86 19.94 -42.30
N ASP C 24 -1.42 20.56 -43.38
CA ASP C 24 -0.73 21.86 -43.32
C ASP C 24 -0.59 22.40 -44.74
N PHE C 25 -0.44 23.72 -44.83
CA PHE C 25 -0.09 24.35 -46.08
C PHE C 25 1.40 24.16 -46.37
N HIS C 26 1.75 24.13 -47.66
CA HIS C 26 3.12 23.92 -48.07
C HIS C 26 3.43 24.80 -49.28
N LYS C 27 4.46 25.63 -49.15
CA LYS C 27 4.97 26.43 -50.26
C LYS C 27 6.22 25.77 -50.82
N ASP C 28 6.25 25.58 -52.13
CA ASP C 28 7.44 25.08 -52.79
C ASP C 28 8.44 26.24 -52.93
N SER C 29 9.56 25.99 -53.62
CA SER C 29 10.55 27.04 -53.81
C SER C 29 10.01 28.22 -54.62
N HIS C 30 8.93 28.02 -55.36
CA HIS C 30 8.36 29.05 -56.22
C HIS C 30 7.16 29.75 -55.59
N GLY C 31 6.95 29.58 -54.29
CA GLY C 31 5.86 30.22 -53.59
C GLY C 31 4.49 29.61 -53.85
N ARG C 32 4.40 28.54 -54.63
CA ARG C 32 3.12 27.92 -54.94
C ARG C 32 2.65 27.10 -53.75
N VAL C 33 1.40 27.32 -53.35
CA VAL C 33 0.85 26.72 -52.14
C VAL C 33 0.18 25.40 -52.49
N ALA C 34 0.54 24.34 -51.75
CA ALA C 34 -0.11 23.04 -51.83
C ALA C 34 -0.52 22.62 -50.42
N ILE C 35 -1.16 21.46 -50.32
CA ILE C 35 -1.62 20.93 -49.04
C ILE C 35 -0.98 19.58 -48.81
N VAL C 36 -0.24 19.46 -47.71
CA VAL C 36 0.26 18.17 -47.25
C VAL C 36 -0.75 17.59 -46.28
N VAL C 37 -1.10 16.32 -46.48
CA VAL C 37 -2.13 15.64 -45.69
C VAL C 37 -1.54 14.36 -45.13
N GLY C 38 -1.67 14.18 -43.81
CA GLY C 38 -1.25 12.95 -43.17
C GLY C 38 -2.39 11.94 -43.14
N ALA C 39 -2.04 10.68 -43.39
CA ALA C 39 -2.99 9.56 -43.41
C ALA C 39 -2.40 8.43 -42.59
N PRO C 40 -2.54 8.47 -41.26
CA PRO C 40 -1.74 7.60 -40.39
C PRO C 40 -2.14 6.14 -40.37
N ARG C 41 -3.12 5.71 -41.17
CA ARG C 41 -3.46 4.29 -41.25
C ARG C 41 -3.42 3.79 -42.69
N THR C 42 -2.71 4.50 -43.56
CA THR C 42 -2.50 4.04 -44.93
C THR C 42 -1.76 2.72 -44.93
N LEU C 43 -2.17 1.82 -45.82
CA LEU C 43 -1.52 0.52 -45.93
C LEU C 43 -0.10 0.68 -46.47
N GLY C 44 0.83 -0.09 -45.90
CA GLY C 44 2.18 -0.14 -46.38
C GLY C 44 2.35 -1.16 -47.49
N PRO C 45 3.59 -1.54 -47.78
CA PRO C 45 3.83 -2.48 -48.88
C PRO C 45 3.60 -3.93 -48.48
N SER C 46 3.79 -4.26 -47.21
CA SER C 46 3.40 -5.57 -46.70
C SER C 46 1.91 -5.67 -46.42
N GLN C 47 1.12 -4.71 -46.94
CA GLN C 47 -0.33 -4.68 -46.76
C GLN C 47 -0.72 -4.63 -45.29
N GLU C 48 0.06 -3.88 -44.51
CA GLU C 48 -0.20 -3.67 -43.09
C GLU C 48 -0.07 -2.18 -42.80
N GLU C 49 -0.92 -1.70 -41.89
CA GLU C 49 -1.01 -0.26 -41.63
C GLU C 49 0.34 0.31 -41.20
N THR C 50 0.82 1.29 -41.96
CA THR C 50 2.04 2.02 -41.62
C THR C 50 1.85 3.53 -41.60
N GLY C 51 0.75 4.05 -42.12
CA GLY C 51 0.59 5.47 -42.29
C GLY C 51 1.20 5.96 -43.59
N GLY C 52 0.85 7.18 -43.96
CA GLY C 52 1.33 7.74 -45.21
C GLY C 52 1.11 9.23 -45.26
N VAL C 53 1.72 9.84 -46.28
CA VAL C 53 1.67 11.29 -46.47
C VAL C 53 1.24 11.56 -47.91
N PHE C 54 0.52 12.67 -48.09
CA PHE C 54 0.02 13.07 -49.40
C PHE C 54 0.28 14.55 -49.60
N LEU C 55 0.69 14.91 -50.82
CA LEU C 55 1.01 16.29 -51.18
C LEU C 55 0.00 16.74 -52.25
N CYS C 56 -1.11 17.33 -51.80
CA CYS C 56 -2.20 17.75 -52.66
C CYS C 56 -1.90 19.09 -53.32
N PRO C 57 -1.74 19.12 -54.64
CA PRO C 57 -1.64 20.42 -55.33
C PRO C 57 -2.99 21.12 -55.31
N TRP C 58 -2.95 22.45 -55.29
CA TRP C 58 -4.17 23.22 -55.21
C TRP C 58 -4.96 23.11 -56.51
N ARG C 59 -6.17 22.56 -56.42
CA ARG C 59 -7.10 22.51 -57.53
C ARG C 59 -8.47 22.86 -56.98
N ALA C 60 -9.16 23.81 -57.64
CA ALA C 60 -10.48 24.22 -57.18
C ALA C 60 -11.44 23.04 -57.09
N GLU C 61 -11.28 22.05 -57.97
CA GLU C 61 -12.14 20.88 -57.97
C GLU C 61 -11.63 19.75 -57.06
N GLY C 62 -10.46 19.91 -56.46
CA GLY C 62 -9.97 18.91 -55.53
C GLY C 62 -9.64 17.60 -56.23
N GLY C 63 -9.90 16.49 -55.53
CA GLY C 63 -9.73 15.17 -56.09
C GLY C 63 -8.71 14.35 -55.30
N GLN C 64 -8.07 13.43 -56.01
CA GLN C 64 -7.03 12.59 -55.42
C GLN C 64 -5.70 13.34 -55.39
N CYS C 65 -4.78 12.82 -54.57
CA CYS C 65 -3.49 13.47 -54.38
C CYS C 65 -2.36 12.46 -54.54
N PRO C 66 -1.21 12.91 -55.02
CA PRO C 66 -0.05 12.01 -55.11
C PRO C 66 0.54 11.73 -53.75
N SER C 67 1.16 10.56 -53.62
CA SER C 67 1.81 10.18 -52.38
C SER C 67 3.16 10.88 -52.25
N LEU C 68 3.53 11.18 -51.01
CA LEU C 68 4.88 11.62 -50.66
C LEU C 68 5.59 10.41 -50.06
N LEU C 69 6.47 9.80 -50.83
CA LEU C 69 7.00 8.48 -50.49
C LEU C 69 8.11 8.56 -49.45
N PHE C 70 8.07 7.64 -48.50
CA PHE C 70 9.10 7.46 -47.49
C PHE C 70 9.47 5.99 -47.41
N ASP C 71 10.54 5.70 -46.68
CA ASP C 71 11.00 4.33 -46.49
C ASP C 71 10.18 3.67 -45.40
N LEU C 72 9.51 2.57 -45.74
CA LEU C 72 8.65 1.85 -44.81
C LEU C 72 9.19 0.47 -44.47
N ARG C 73 10.50 0.25 -44.67
CA ARG C 73 11.12 -1.03 -44.36
C ARG C 73 11.55 -1.08 -42.90
N ASP C 74 11.32 -2.21 -42.26
CA ASP C 74 11.86 -2.46 -40.93
C ASP C 74 13.37 -2.65 -41.03
N GLU C 75 14.12 -1.85 -40.27
CA GLU C 75 15.56 -1.80 -40.39
C GLU C 75 16.21 -2.57 -39.24
N THR C 76 17.19 -3.42 -39.57
CA THR C 76 17.98 -4.15 -38.59
C THR C 76 19.45 -3.83 -38.81
N ARG C 77 20.17 -3.56 -37.72
CA ARG C 77 21.59 -3.29 -37.79
C ARG C 77 22.30 -4.01 -36.64
N ASN C 78 23.30 -4.82 -36.99
CA ASN C 78 24.14 -5.50 -36.02
C ASN C 78 25.43 -4.70 -35.87
N VAL C 79 25.58 -4.04 -34.72
CA VAL C 79 26.73 -3.16 -34.49
C VAL C 79 26.99 -3.10 -32.99
N GLY C 80 28.27 -2.98 -32.64
CA GLY C 80 28.66 -2.86 -31.24
C GLY C 80 28.20 -4.01 -30.38
N SER C 81 28.21 -5.23 -30.93
CA SER C 81 27.72 -6.42 -30.24
C SER C 81 26.26 -6.28 -29.83
N GLN C 82 25.50 -5.47 -30.59
CA GLN C 82 24.09 -5.25 -30.36
C GLN C 82 23.34 -5.39 -31.68
N THR C 83 22.02 -5.42 -31.58
CA THR C 83 21.14 -5.52 -32.74
C THR C 83 20.08 -4.43 -32.64
N LEU C 84 20.22 -3.39 -33.47
CA LEU C 84 19.23 -2.31 -33.51
C LEU C 84 18.07 -2.73 -34.40
N GLN C 85 16.86 -2.33 -34.01
CA GLN C 85 15.65 -2.74 -34.71
C GLN C 85 14.64 -1.60 -34.73
N THR C 86 14.16 -1.27 -35.92
CA THR C 86 13.03 -0.36 -36.09
C THR C 86 11.82 -1.15 -36.57
N PHE C 87 10.64 -0.73 -36.11
CA PHE C 87 9.38 -1.39 -36.46
C PHE C 87 8.39 -0.32 -36.89
N LYS C 88 8.01 -0.34 -38.16
CA LYS C 88 7.13 0.66 -38.73
C LYS C 88 5.69 0.17 -38.88
N ALA C 89 5.41 -1.07 -38.50
CA ALA C 89 4.03 -1.55 -38.48
C ALA C 89 3.22 -0.73 -37.49
N ARG C 90 2.16 -0.09 -37.99
CA ARG C 90 1.23 0.71 -37.17
C ARG C 90 1.93 1.92 -36.55
N GLN C 91 2.99 2.40 -37.20
CA GLN C 91 3.73 3.55 -36.66
C GLN C 91 2.92 4.84 -36.73
N GLY C 92 1.88 4.88 -37.55
CA GLY C 92 1.09 6.10 -37.68
C GLY C 92 1.79 7.21 -38.41
N LEU C 93 2.53 6.88 -39.49
CA LEU C 93 3.17 7.91 -40.29
C LEU C 93 2.12 8.87 -40.84
N GLY C 94 2.28 10.15 -40.53
CA GLY C 94 1.28 11.13 -40.86
C GLY C 94 0.30 11.45 -39.76
N ALA C 95 0.52 10.95 -38.54
CA ALA C 95 -0.28 11.38 -37.41
C ALA C 95 -0.06 12.86 -37.09
N SER C 96 1.04 13.44 -37.56
CA SER C 96 1.26 14.88 -37.54
C SER C 96 2.12 15.24 -38.74
N VAL C 97 1.83 16.37 -39.36
CA VAL C 97 2.61 16.89 -40.46
C VAL C 97 2.78 18.39 -40.28
N VAL C 98 3.95 18.90 -40.63
CA VAL C 98 4.24 20.33 -40.53
C VAL C 98 5.17 20.70 -41.67
N SER C 99 4.97 21.89 -42.22
CA SER C 99 5.77 22.40 -43.32
C SER C 99 6.51 23.65 -42.88
N TRP C 100 7.76 23.76 -43.30
CA TRP C 100 8.57 24.96 -43.09
C TRP C 100 9.49 25.12 -44.29
N SER C 101 9.44 26.29 -44.92
CA SER C 101 10.19 26.58 -46.15
C SER C 101 9.77 25.53 -47.18
N ASP C 102 10.71 24.82 -47.82
CA ASP C 102 10.39 23.76 -48.76
C ASP C 102 10.55 22.37 -48.16
N VAL C 103 10.37 22.25 -46.84
CA VAL C 103 10.60 21.01 -46.11
C VAL C 103 9.28 20.55 -45.50
N ILE C 104 9.05 19.25 -45.54
CA ILE C 104 7.89 18.61 -44.91
C ILE C 104 8.40 17.67 -43.83
N VAL C 105 7.74 17.68 -42.67
CA VAL C 105 8.08 16.82 -41.56
C VAL C 105 6.83 16.02 -41.19
N ALA C 106 6.81 14.74 -41.54
CA ALA C 106 5.75 13.83 -41.19
C ALA C 106 6.25 12.86 -40.14
N CYS C 107 5.53 12.73 -39.05
CA CYS C 107 5.99 11.96 -37.90
C CYS C 107 5.14 10.72 -37.70
N ALA C 108 5.80 9.67 -37.19
CA ALA C 108 5.16 8.41 -36.83
C ALA C 108 5.35 8.21 -35.33
N PRO C 109 4.46 8.77 -34.50
CA PRO C 109 4.67 8.71 -33.05
C PRO C 109 4.67 7.30 -32.48
N TRP C 110 4.08 6.33 -33.19
CA TRP C 110 3.99 4.96 -32.67
C TRP C 110 4.91 4.00 -33.40
N GLN C 111 5.98 4.51 -34.00
CA GLN C 111 7.03 3.65 -34.51
C GLN C 111 7.81 3.07 -33.34
N HIS C 112 8.02 1.77 -33.37
CA HIS C 112 8.66 1.07 -32.26
C HIS C 112 10.14 0.84 -32.52
N TRP C 113 10.86 0.54 -31.44
CA TRP C 113 12.31 0.46 -31.45
C TRP C 113 12.74 -0.56 -30.42
N ASN C 114 13.86 -1.24 -30.68
CA ASN C 114 14.36 -2.24 -29.76
C ASN C 114 15.83 -2.49 -30.04
N VAL C 115 16.57 -2.82 -28.99
CA VAL C 115 17.99 -3.10 -29.08
C VAL C 115 18.25 -4.41 -28.35
N LEU C 116 18.74 -5.41 -29.07
CA LEU C 116 19.02 -6.72 -28.51
C LEU C 116 20.50 -6.85 -28.16
N GLU C 117 20.79 -7.68 -27.16
CA GLU C 117 22.16 -7.98 -26.78
C GLU C 117 22.14 -9.31 -26.03
N LYS C 118 22.51 -10.38 -26.73
CA LYS C 118 22.47 -11.74 -26.18
C LYS C 118 21.06 -12.09 -25.74
N THR C 119 20.85 -12.24 -24.43
CA THR C 119 19.53 -12.54 -23.88
C THR C 119 18.84 -11.32 -23.29
N GLU C 120 19.50 -10.16 -23.28
CA GLU C 120 18.90 -8.93 -22.77
C GLU C 120 18.38 -8.08 -23.92
N GLU C 121 17.66 -7.02 -23.55
CA GLU C 121 17.10 -6.12 -24.54
C GLU C 121 16.77 -4.79 -23.88
N ALA C 122 16.61 -3.76 -24.71
CA ALA C 122 16.16 -2.45 -24.26
C ALA C 122 14.65 -2.38 -24.09
N GLU C 123 13.92 -3.39 -24.56
CA GLU C 123 12.45 -3.48 -24.63
C GLU C 123 11.92 -2.79 -25.88
N LYS C 124 10.98 -3.45 -26.56
CA LYS C 124 10.40 -2.95 -27.81
C LYS C 124 9.34 -1.92 -27.46
N THR C 125 9.68 -0.64 -27.67
CA THR C 125 8.85 0.46 -27.18
C THR C 125 8.62 1.49 -28.27
N PRO C 126 7.53 2.26 -28.18
CA PRO C 126 7.26 3.34 -29.17
C PRO C 126 8.01 4.63 -28.89
N VAL C 127 9.26 4.68 -29.36
CA VAL C 127 10.04 5.91 -29.24
C VAL C 127 9.55 6.98 -30.19
N GLY C 128 8.88 6.59 -31.28
CA GLY C 128 8.47 7.53 -32.30
C GLY C 128 9.61 7.92 -33.22
N SER C 129 9.24 8.48 -34.37
CA SER C 129 10.20 8.95 -35.35
C SER C 129 9.51 9.93 -36.27
N CYS C 130 10.30 10.84 -36.84
CA CYS C 130 9.79 11.83 -37.80
C CYS C 130 10.57 11.72 -39.10
N PHE C 131 9.85 11.77 -40.21
CA PHE C 131 10.43 11.75 -41.54
C PHE C 131 10.43 13.16 -42.11
N LEU C 132 11.54 13.54 -42.73
CA LEU C 132 11.69 14.85 -43.35
C LEU C 132 11.96 14.68 -44.82
N ALA C 133 11.36 15.55 -45.64
CA ALA C 133 11.45 15.45 -47.08
C ALA C 133 11.53 16.83 -47.70
N GLN C 134 12.36 16.96 -48.73
CA GLN C 134 12.39 18.14 -49.61
C GLN C 134 11.82 17.69 -50.95
N PRO C 135 10.51 17.85 -51.17
CA PRO C 135 9.88 17.20 -52.33
C PRO C 135 10.50 17.52 -53.68
N GLU C 136 10.99 18.75 -53.87
CA GLU C 136 11.55 19.13 -55.16
C GLU C 136 12.89 18.44 -55.40
N SER C 137 13.76 18.40 -54.39
CA SER C 137 15.05 17.74 -54.52
C SER C 137 14.96 16.23 -54.33
N GLY C 138 13.86 15.71 -53.80
CA GLY C 138 13.77 14.30 -53.49
C GLY C 138 14.58 13.87 -52.29
N ARG C 139 15.17 14.81 -51.55
CA ARG C 139 15.99 14.45 -50.40
C ARG C 139 15.13 14.00 -49.23
N ARG C 140 15.72 13.13 -48.40
CA ARG C 140 15.04 12.56 -47.25
C ARG C 140 15.96 12.60 -46.04
N ALA C 141 15.35 12.60 -44.86
CA ALA C 141 16.09 12.53 -43.60
C ALA C 141 15.11 12.15 -42.50
N GLU C 142 15.59 11.35 -41.55
CA GLU C 142 14.81 10.94 -40.40
C GLU C 142 15.36 11.59 -39.14
N TYR C 143 14.53 11.58 -38.09
CA TYR C 143 14.92 12.15 -36.81
C TYR C 143 14.15 11.42 -35.72
N SER C 144 14.89 10.71 -34.86
CA SER C 144 14.29 9.91 -33.78
C SER C 144 15.11 10.11 -32.52
N PRO C 145 14.94 11.25 -31.85
CA PRO C 145 15.86 11.62 -30.75
C PRO C 145 15.69 10.80 -29.49
N CYS C 146 14.72 9.87 -29.42
CA CYS C 146 14.49 9.11 -28.22
C CYS C 146 14.95 7.67 -28.30
N ARG C 147 15.55 7.26 -29.42
CA ARG C 147 16.17 5.95 -29.49
C ARG C 147 17.35 5.88 -28.53
N GLY C 148 17.68 4.65 -28.12
CA GLY C 148 18.78 4.45 -27.20
C GLY C 148 19.30 3.03 -27.32
N ASN C 149 20.43 2.80 -26.67
CA ASN C 149 21.06 1.47 -26.65
C ASN C 149 21.19 0.92 -25.24
N THR C 150 20.52 1.52 -24.26
CA THR C 150 20.58 1.07 -22.88
C THR C 150 19.67 -0.11 -22.66
N LEU C 151 20.15 -1.11 -21.92
CA LEU C 151 19.40 -2.33 -21.70
C LEU C 151 18.36 -2.14 -20.58
N SER C 152 17.34 -3.00 -20.60
CA SER C 152 16.24 -2.91 -19.65
C SER C 152 16.73 -2.92 -18.21
N ARG C 153 17.68 -3.81 -17.90
CA ARG C 153 18.21 -3.94 -16.55
C ARG C 153 18.71 -2.61 -16.00
N ILE C 154 19.32 -1.80 -16.87
CA ILE C 154 19.94 -0.54 -16.41
C ILE C 154 18.88 0.45 -15.94
N TYR C 155 17.77 0.58 -16.69
CA TYR C 155 16.72 1.51 -16.29
C TYR C 155 16.17 1.15 -14.91
N VAL C 156 16.08 -0.15 -14.60
CA VAL C 156 15.62 -0.57 -13.29
C VAL C 156 16.61 -0.14 -12.21
N GLU C 157 17.90 -0.35 -12.46
CA GLU C 157 18.91 -0.03 -11.44
C GLU C 157 18.93 1.45 -11.10
N ASN C 158 18.46 2.30 -12.01
CA ASN C 158 18.48 3.75 -11.81
C ASN C 158 17.10 4.34 -11.61
N ASP C 159 16.14 3.52 -11.16
CA ASP C 159 14.78 3.97 -10.83
C ASP C 159 14.11 4.66 -12.02
N PHE C 160 14.36 4.14 -13.22
CA PHE C 160 13.69 4.60 -14.43
C PHE C 160 13.87 6.10 -14.65
N SER C 161 15.09 6.58 -14.42
CA SER C 161 15.42 7.97 -14.69
C SER C 161 15.86 8.12 -16.14
N TRP C 162 15.47 9.24 -16.76
CA TRP C 162 15.83 9.55 -18.14
C TRP C 162 15.40 8.42 -19.08
N ASP C 163 14.19 7.92 -18.88
CA ASP C 163 13.65 6.81 -19.66
C ASP C 163 12.88 7.38 -20.84
N LYS C 164 13.54 7.50 -21.99
CA LYS C 164 12.93 8.04 -23.20
C LYS C 164 12.38 6.96 -24.11
N ARG C 165 12.21 5.74 -23.61
CA ARG C 165 11.83 4.63 -24.49
C ARG C 165 10.41 4.75 -25.01
N TYR C 166 9.54 5.50 -24.33
CA TYR C 166 8.14 5.59 -24.71
C TYR C 166 7.77 7.01 -25.16
N CYS C 167 8.74 7.75 -25.70
CA CYS C 167 8.55 9.15 -26.05
C CYS C 167 7.32 9.36 -26.92
N GLU C 168 7.20 8.57 -27.98
CA GLU C 168 6.28 8.86 -29.08
C GLU C 168 6.57 10.25 -29.66
N ALA C 169 7.84 10.49 -29.95
CA ALA C 169 8.26 11.77 -30.51
C ALA C 169 7.56 12.03 -31.83
N GLY C 170 7.15 13.27 -32.04
CA GLY C 170 6.36 13.65 -33.19
C GLY C 170 4.86 13.58 -32.97
N PHE C 171 4.42 13.10 -31.81
CA PHE C 171 3.02 13.18 -31.42
C PHE C 171 2.44 14.56 -31.71
N SER C 172 3.19 15.61 -31.36
CA SER C 172 2.92 16.96 -31.81
C SER C 172 4.21 17.55 -32.35
N SER C 173 4.08 18.61 -33.16
CA SER C 173 5.25 19.18 -33.80
C SER C 173 4.97 20.63 -34.17
N VAL C 174 6.05 21.36 -34.44
CA VAL C 174 6.03 22.78 -34.81
C VAL C 174 7.46 23.17 -35.19
N VAL C 175 7.59 24.15 -36.09
CA VAL C 175 8.90 24.64 -36.53
C VAL C 175 8.96 26.14 -36.28
N THR C 176 10.04 26.59 -35.64
CA THR C 176 10.26 28.00 -35.44
C THR C 176 10.53 28.69 -36.78
N GLN C 177 10.43 30.02 -36.79
N GLN C 177 10.45 30.03 -36.79
CA GLN C 177 10.75 30.79 -37.98
CA GLN C 177 10.75 30.78 -37.99
C GLN C 177 12.19 30.56 -38.42
C GLN C 177 12.20 30.60 -38.42
N ALA C 178 13.11 30.35 -37.47
CA ALA C 178 14.50 30.11 -37.80
C ALA C 178 14.75 28.73 -38.38
N GLY C 179 13.75 27.85 -38.39
CA GLY C 179 13.92 26.50 -38.90
C GLY C 179 14.34 25.48 -37.88
N GLU C 180 13.89 25.61 -36.64
CA GLU C 180 14.20 24.64 -35.60
C GLU C 180 12.99 23.74 -35.38
N LEU C 181 13.18 22.45 -35.57
CA LEU C 181 12.11 21.48 -35.39
C LEU C 181 11.95 21.16 -33.91
N VAL C 182 10.74 21.33 -33.39
CA VAL C 182 10.40 21.01 -32.01
C VAL C 182 9.35 19.91 -32.02
N LEU C 183 9.61 18.83 -31.30
CA LEU C 183 8.72 17.68 -31.25
C LEU C 183 8.16 17.52 -29.84
N GLY C 184 6.87 17.16 -29.77
CA GLY C 184 6.25 16.81 -28.51
C GLY C 184 6.30 15.30 -28.31
N ALA C 185 6.83 14.89 -27.16
CA ALA C 185 6.96 13.47 -26.80
C ALA C 185 6.21 13.24 -25.51
N PRO C 186 4.87 13.09 -25.58
CA PRO C 186 4.07 13.00 -24.34
C PRO C 186 4.39 11.79 -23.49
N GLY C 187 4.91 10.72 -24.07
CA GLY C 187 5.30 9.57 -23.29
C GLY C 187 6.73 9.61 -22.80
N GLY C 188 7.44 10.72 -22.98
CA GLY C 188 8.83 10.79 -22.58
C GLY C 188 8.99 10.80 -21.08
N TYR C 189 10.15 10.32 -20.63
CA TYR C 189 10.50 10.21 -19.21
C TYR C 189 9.39 9.50 -18.43
N TYR C 190 9.09 8.28 -18.88
CA TYR C 190 8.05 7.45 -18.28
C TYR C 190 6.73 8.22 -18.16
N PHE C 191 6.26 8.69 -19.32
CA PHE C 191 4.96 9.34 -19.48
C PHE C 191 4.87 10.68 -18.76
N LEU C 192 5.99 11.27 -18.36
CA LEU C 192 5.97 12.67 -17.96
C LEU C 192 5.81 13.57 -19.17
N GLY C 193 6.37 13.17 -20.30
CA GLY C 193 6.41 14.01 -21.49
C GLY C 193 7.70 14.79 -21.58
N LEU C 194 8.10 15.08 -22.81
CA LEU C 194 9.33 15.85 -23.03
C LEU C 194 9.26 16.50 -24.42
N LEU C 195 10.20 17.39 -24.66
CA LEU C 195 10.35 18.07 -25.94
C LEU C 195 11.72 17.79 -26.52
N ALA C 196 11.80 17.75 -27.85
CA ALA C 196 13.04 17.53 -28.57
C ALA C 196 13.16 18.59 -29.65
N GLN C 197 14.24 19.37 -29.60
CA GLN C 197 14.50 20.43 -30.55
C GLN C 197 15.78 20.12 -31.32
N ALA C 198 15.77 20.41 -32.62
CA ALA C 198 16.95 20.23 -33.46
C ALA C 198 16.78 21.03 -34.74
N PRO C 199 17.80 21.74 -35.19
CA PRO C 199 17.69 22.47 -36.46
C PRO C 199 17.44 21.51 -37.62
N VAL C 200 16.48 21.88 -38.48
CA VAL C 200 16.14 21.05 -39.63
C VAL C 200 17.38 20.78 -40.47
N ALA C 201 18.15 21.84 -40.74
CA ALA C 201 19.36 21.70 -41.55
C ALA C 201 20.33 20.71 -40.91
N ASP C 202 20.45 20.75 -39.58
CA ASP C 202 21.38 19.83 -38.91
C ASP C 202 20.87 18.39 -38.93
N ILE C 203 19.54 18.20 -38.93
CA ILE C 203 19.00 16.86 -39.06
C ILE C 203 19.36 16.27 -40.42
N PHE C 204 19.24 17.07 -41.49
CA PHE C 204 19.59 16.61 -42.82
C PHE C 204 21.08 16.32 -42.94
N SER C 205 21.93 17.22 -42.45
CA SER C 205 23.37 17.10 -42.63
C SER C 205 23.99 16.00 -41.78
N SER C 206 23.31 15.55 -40.72
CA SER C 206 23.84 14.53 -39.84
C SER C 206 23.17 13.17 -40.03
N TYR C 207 22.24 13.04 -40.97
CA TYR C 207 21.54 11.80 -41.21
C TYR C 207 22.15 11.04 -42.37
N ARG C 208 22.33 9.73 -42.18
CA ARG C 208 22.73 8.81 -43.23
C ARG C 208 21.86 7.57 -43.10
N PRO C 209 21.42 6.98 -44.21
CA PRO C 209 20.55 5.80 -44.13
C PRO C 209 21.31 4.60 -43.62
N GLY C 210 20.72 3.89 -42.66
CA GLY C 210 21.29 2.69 -42.11
C GLY C 210 21.95 2.85 -40.75
N ILE C 211 22.18 4.08 -40.29
CA ILE C 211 22.88 4.28 -39.03
C ILE C 211 21.96 3.98 -37.85
N LEU C 212 20.69 4.41 -37.94
CA LEU C 212 19.67 4.18 -36.92
C LEU C 212 19.93 4.95 -35.63
N LEU C 213 21.15 4.88 -35.12
CA LEU C 213 21.55 5.61 -33.90
C LEU C 213 22.67 6.57 -34.27
N TRP C 214 22.35 7.86 -34.33
CA TRP C 214 23.34 8.88 -34.66
C TRP C 214 23.13 10.11 -33.78
N HIS C 215 24.17 10.93 -33.70
CA HIS C 215 24.20 12.10 -32.83
C HIS C 215 23.85 13.35 -33.62
N VAL C 216 22.97 14.17 -33.05
CA VAL C 216 22.68 15.51 -33.55
C VAL C 216 23.10 16.47 -32.44
N SER C 217 24.37 16.90 -32.48
CA SER C 217 24.94 17.62 -31.34
C SER C 217 24.21 18.93 -31.06
N SER C 218 23.63 19.56 -32.08
CA SER C 218 22.91 20.80 -31.89
C SER C 218 21.51 20.60 -31.31
N GLN C 219 21.10 19.36 -31.06
CA GLN C 219 19.76 19.14 -30.54
C GLN C 219 19.69 19.46 -29.05
N SER C 220 18.47 19.64 -28.56
CA SER C 220 18.24 20.01 -27.17
C SER C 220 16.94 19.36 -26.70
N LEU C 221 17.02 18.69 -25.55
CA LEU C 221 15.88 17.98 -24.98
C LEU C 221 15.52 18.57 -23.63
N SER C 222 14.23 18.52 -23.31
CA SER C 222 13.76 18.93 -21.99
C SER C 222 14.24 17.92 -20.94
N PHE C 223 13.80 18.11 -19.71
CA PHE C 223 14.40 17.42 -18.58
C PHE C 223 13.37 16.57 -17.85
N ASP C 224 13.88 15.55 -17.16
CA ASP C 224 13.08 14.69 -16.31
C ASP C 224 12.74 15.43 -15.03
N SER C 225 11.99 14.77 -14.15
CA SER C 225 11.56 15.39 -12.90
C SER C 225 11.13 14.32 -11.92
N SER C 226 11.33 14.60 -10.63
CA SER C 226 10.83 13.75 -9.56
C SER C 226 9.54 14.28 -8.95
N ASN C 227 9.11 15.47 -9.33
CA ASN C 227 7.89 16.08 -8.82
C ASN C 227 6.68 15.26 -9.25
N PRO C 228 5.93 14.66 -8.33
CA PRO C 228 4.76 13.85 -8.72
C PRO C 228 3.71 14.63 -9.50
N GLU C 229 3.71 15.97 -9.39
CA GLU C 229 2.80 16.79 -10.19
C GLU C 229 2.91 16.45 -11.67
N TYR C 230 4.12 16.24 -12.15
CA TYR C 230 4.35 15.99 -13.58
C TYR C 230 4.13 14.53 -13.98
N PHE C 231 3.87 13.64 -13.04
CA PHE C 231 3.74 12.22 -13.37
C PHE C 231 2.50 11.99 -14.23
N ASP C 232 2.70 11.30 -15.36
CA ASP C 232 1.61 10.96 -16.28
C ASP C 232 0.91 12.22 -16.79
N GLY C 233 1.69 13.27 -17.02
CA GLY C 233 1.16 14.54 -17.48
C GLY C 233 1.05 14.72 -18.98
N TYR C 234 1.72 13.87 -19.77
CA TYR C 234 1.70 13.96 -21.23
C TYR C 234 2.14 15.34 -21.70
N TRP C 235 3.17 15.86 -21.05
CA TRP C 235 3.84 17.09 -21.43
C TRP C 235 4.32 17.00 -22.87
N GLY C 236 3.74 17.81 -23.76
CA GLY C 236 4.02 17.70 -25.18
C GLY C 236 2.92 17.06 -25.99
N TYR C 237 1.76 16.81 -25.39
CA TYR C 237 0.59 16.39 -26.16
C TYR C 237 0.30 17.36 -27.30
N SER C 238 0.48 18.65 -27.04
CA SER C 238 0.40 19.70 -28.04
C SER C 238 1.58 20.64 -27.86
N VAL C 239 1.91 21.39 -28.90
CA VAL C 239 3.08 22.28 -28.87
C VAL C 239 2.88 23.40 -29.87
N ALA C 240 3.45 24.56 -29.56
CA ALA C 240 3.42 25.74 -30.42
C ALA C 240 4.59 26.63 -30.03
N VAL C 241 4.75 27.73 -30.78
CA VAL C 241 5.83 28.68 -30.57
C VAL C 241 5.27 30.09 -30.64
N GLY C 242 6.01 31.02 -30.07
CA GLY C 242 5.60 32.42 -30.09
C GLY C 242 6.60 33.28 -29.34
N GLU C 243 6.28 34.57 -29.27
CA GLU C 243 7.09 35.55 -28.57
C GLU C 243 6.36 36.00 -27.32
N PHE C 244 6.93 35.71 -26.15
CA PHE C 244 6.28 36.03 -24.89
C PHE C 244 7.21 36.67 -23.86
N ASP C 245 8.51 36.77 -24.13
CA ASP C 245 9.46 37.30 -23.16
C ASP C 245 10.03 38.66 -23.58
N GLY C 246 9.50 39.27 -24.62
CA GLY C 246 9.99 40.55 -25.12
C GLY C 246 11.21 40.48 -26.02
N ASP C 247 12.19 39.65 -25.66
CA ASP C 247 13.39 39.49 -26.47
C ASP C 247 13.03 38.83 -27.79
N LEU C 248 13.15 39.58 -28.88
CA LEU C 248 12.80 39.07 -30.19
C LEU C 248 13.83 38.08 -30.74
N ASN C 249 15.07 38.13 -30.24
CA ASN C 249 16.06 37.15 -30.67
C ASN C 249 15.72 35.75 -30.19
N THR C 250 15.12 35.63 -29.02
CA THR C 250 14.76 34.34 -28.44
C THR C 250 13.39 33.90 -28.94
N THR C 251 13.16 32.59 -28.91
CA THR C 251 11.88 32.01 -29.28
C THR C 251 11.36 31.18 -28.11
N GLU C 252 10.10 31.41 -27.75
CA GLU C 252 9.48 30.74 -26.61
C GLU C 252 8.59 29.61 -27.09
N TYR C 253 8.49 28.57 -26.26
CA TYR C 253 7.73 27.37 -26.58
C TYR C 253 6.47 27.31 -25.74
N VAL C 254 5.39 26.82 -26.34
CA VAL C 254 4.12 26.61 -25.65
C VAL C 254 3.84 25.11 -25.68
N VAL C 255 3.75 24.49 -24.50
CA VAL C 255 3.61 23.05 -24.37
C VAL C 255 2.34 22.75 -23.58
N GLY C 256 1.59 21.76 -24.06
CA GLY C 256 0.36 21.35 -23.39
C GLY C 256 0.57 20.03 -22.66
N ALA C 257 0.24 20.03 -21.36
CA ALA C 257 0.26 18.84 -20.52
C ALA C 257 -1.17 18.61 -20.02
N PRO C 258 -2.00 17.95 -20.83
CA PRO C 258 -3.44 17.91 -20.53
C PRO C 258 -3.83 17.04 -19.37
N THR C 259 -2.92 16.22 -18.82
CA THR C 259 -3.19 15.46 -17.62
C THR C 259 -2.25 15.82 -16.48
N TRP C 260 -1.59 16.97 -16.57
CA TRP C 260 -0.65 17.41 -15.56
C TRP C 260 -1.34 17.53 -14.19
N SER C 261 -0.59 17.20 -13.15
CA SER C 261 -1.05 17.28 -11.76
C SER C 261 -2.39 16.57 -11.57
N TRP C 262 -2.36 15.25 -11.78
CA TRP C 262 -3.51 14.38 -11.58
C TRP C 262 -4.69 14.82 -12.43
N THR C 263 -4.44 14.88 -13.74
CA THR C 263 -5.43 15.21 -14.76
C THR C 263 -6.05 16.59 -14.57
N LEU C 264 -5.44 17.45 -13.77
CA LEU C 264 -5.88 18.84 -13.74
C LEU C 264 -5.59 19.54 -15.07
N GLY C 265 -4.47 19.21 -15.69
CA GLY C 265 -4.09 19.81 -16.97
C GLY C 265 -3.35 21.11 -16.76
N ALA C 266 -2.50 21.43 -17.73
CA ALA C 266 -1.72 22.66 -17.68
C ALA C 266 -1.14 22.97 -19.05
N VAL C 267 -0.80 24.25 -19.23
CA VAL C 267 -0.04 24.72 -20.38
C VAL C 267 1.08 25.59 -19.84
N GLU C 268 2.29 25.40 -20.37
CA GLU C 268 3.47 26.12 -19.92
C GLU C 268 4.12 26.86 -21.09
N ILE C 269 4.68 28.02 -20.78
CA ILE C 269 5.48 28.80 -21.72
C ILE C 269 6.92 28.75 -21.27
N LEU C 270 7.81 28.37 -22.18
CA LEU C 270 9.20 28.13 -21.85
C LEU C 270 10.11 28.92 -22.77
N ASP C 271 11.33 29.18 -22.31
CA ASP C 271 12.36 29.70 -23.20
C ASP C 271 13.03 28.54 -23.93
N SER C 272 13.88 28.88 -24.90
CA SER C 272 14.53 27.86 -25.72
C SER C 272 15.37 26.89 -24.92
N TYR C 273 15.65 27.18 -23.65
CA TYR C 273 16.37 26.27 -22.76
C TYR C 273 15.44 25.56 -21.81
N TYR C 274 14.14 25.49 -22.13
CA TYR C 274 13.14 24.74 -21.37
C TYR C 274 12.96 25.24 -19.94
N GLN C 275 13.28 26.51 -19.69
CA GLN C 275 13.01 27.12 -18.39
C GLN C 275 11.60 27.70 -18.40
N ARG C 276 10.86 27.44 -17.32
CA ARG C 276 9.44 27.78 -17.28
C ARG C 276 9.26 29.27 -17.02
N LEU C 277 8.63 29.97 -17.97
CA LEU C 277 8.32 31.39 -17.81
C LEU C 277 6.94 31.61 -17.22
N HIS C 278 5.94 30.84 -17.67
CA HIS C 278 4.60 30.95 -17.12
CA HIS C 278 4.59 30.96 -17.17
C HIS C 278 3.94 29.58 -17.18
N ARG C 279 2.94 29.39 -16.31
CA ARG C 279 2.17 28.17 -16.28
C ARG C 279 0.70 28.51 -16.12
N LEU C 280 -0.13 27.92 -16.96
CA LEU C 280 -1.58 28.08 -16.89
C LEU C 280 -2.19 26.75 -16.49
N ARG C 281 -2.85 26.72 -15.33
CA ARG C 281 -3.42 25.49 -14.82
C ARG C 281 -4.83 25.28 -15.37
N GLY C 282 -5.21 24.01 -15.48
CA GLY C 282 -6.56 23.69 -15.90
C GLY C 282 -7.58 24.14 -14.88
N GLU C 283 -8.82 24.27 -15.36
CA GLU C 283 -9.92 24.69 -14.52
C GLU C 283 -10.68 23.51 -13.90
N GLN C 284 -10.71 22.38 -14.59
CA GLN C 284 -11.53 21.25 -14.18
C GLN C 284 -10.81 19.96 -14.53
N MET C 285 -10.75 19.03 -13.57
CA MET C 285 -10.05 17.78 -13.80
C MET C 285 -10.73 16.99 -14.92
N ALA C 286 -9.90 16.35 -15.74
CA ALA C 286 -10.25 15.51 -16.89
C ALA C 286 -10.82 16.30 -18.05
N SER C 287 -10.86 17.63 -17.99
CA SER C 287 -11.28 18.43 -19.13
C SER C 287 -10.25 18.44 -20.25
N TYR C 288 -9.08 17.84 -20.03
CA TYR C 288 -7.99 17.81 -21.01
C TYR C 288 -7.57 19.22 -21.40
N PHE C 289 -7.54 20.13 -20.42
CA PHE C 289 -7.01 21.46 -20.61
C PHE C 289 -5.56 21.38 -21.09
N GLY C 290 -5.31 21.92 -22.28
CA GLY C 290 -4.02 21.78 -22.94
C GLY C 290 -4.01 20.78 -24.07
N HIS C 291 -5.17 20.20 -24.42
CA HIS C 291 -5.25 19.29 -25.55
C HIS C 291 -4.77 19.95 -26.83
N SER C 292 -5.05 21.24 -26.99
CA SER C 292 -4.58 22.01 -28.13
C SER C 292 -4.18 23.41 -27.66
N VAL C 293 -3.16 23.96 -28.30
CA VAL C 293 -2.66 25.29 -27.99
C VAL C 293 -2.53 26.07 -29.29
N ALA C 294 -2.79 27.38 -29.22
CA ALA C 294 -2.71 28.25 -30.38
C ALA C 294 -2.10 29.57 -29.98
N VAL C 295 -1.26 30.12 -30.84
CA VAL C 295 -0.55 31.36 -30.59
C VAL C 295 -0.84 32.30 -31.75
N THR C 296 -1.45 33.45 -31.45
CA THR C 296 -1.70 34.48 -32.44
C THR C 296 -2.11 35.77 -31.73
N ASP C 297 -1.70 36.90 -32.30
CA ASP C 297 -2.10 38.21 -31.79
C ASP C 297 -3.50 38.51 -32.30
N VAL C 298 -4.48 38.54 -31.38
CA VAL C 298 -5.88 38.67 -31.78
C VAL C 298 -6.38 40.11 -31.64
N ASN C 299 -5.76 40.89 -30.75
CA ASN C 299 -6.21 42.27 -30.51
C ASN C 299 -5.32 43.30 -31.18
N GLY C 300 -4.45 42.88 -32.09
CA GLY C 300 -3.69 43.82 -32.91
C GLY C 300 -2.78 44.75 -32.15
N ASP C 301 -2.35 44.35 -30.96
CA ASP C 301 -1.39 45.15 -30.19
C ASP C 301 0.05 44.69 -30.42
N GLY C 302 0.26 43.76 -31.36
CA GLY C 302 1.59 43.27 -31.67
C GLY C 302 2.11 42.17 -30.78
N ARG C 303 1.40 41.80 -29.72
CA ARG C 303 1.84 40.80 -28.78
C ARG C 303 1.05 39.52 -28.97
N HIS C 304 1.77 38.40 -29.13
CA HIS C 304 1.13 37.11 -29.29
C HIS C 304 0.26 36.78 -28.08
N ASP C 305 -0.97 36.35 -28.36
CA ASP C 305 -1.89 35.89 -27.33
C ASP C 305 -1.97 34.37 -27.37
N LEU C 306 -2.48 33.80 -26.28
CA LEU C 306 -2.50 32.35 -26.11
C LEU C 306 -3.94 31.85 -26.03
N LEU C 307 -4.21 30.76 -26.75
CA LEU C 307 -5.51 30.10 -26.73
C LEU C 307 -5.30 28.63 -26.34
N VAL C 308 -6.07 28.18 -25.37
CA VAL C 308 -5.98 26.82 -24.85
C VAL C 308 -7.34 26.15 -24.97
N GLY C 309 -7.33 24.90 -25.43
CA GLY C 309 -8.55 24.12 -25.59
C GLY C 309 -8.65 23.05 -24.52
N ALA C 310 -9.83 22.96 -23.90
CA ALA C 310 -10.16 21.91 -22.93
C ALA C 310 -11.41 21.22 -23.46
N PRO C 311 -11.26 20.30 -24.42
CA PRO C 311 -12.43 19.78 -25.15
C PRO C 311 -13.37 18.93 -24.32
N LEU C 312 -12.99 18.50 -23.12
CA LEU C 312 -13.85 17.69 -22.28
C LEU C 312 -14.42 18.47 -21.10
N TYR C 313 -14.33 19.80 -21.13
CA TYR C 313 -14.84 20.61 -20.04
C TYR C 313 -16.35 20.43 -19.91
N MET C 314 -16.80 20.14 -18.69
CA MET C 314 -18.21 20.00 -18.39
C MET C 314 -18.73 21.32 -17.83
N GLU C 315 -19.86 21.78 -18.37
CA GLU C 315 -20.44 23.06 -18.01
C GLU C 315 -21.51 22.88 -16.95
N SER C 316 -21.67 23.91 -16.12
CA SER C 316 -22.67 23.89 -15.05
C SER C 316 -24.06 24.11 -15.65
N ARG C 317 -24.94 23.13 -15.47
CA ARG C 317 -26.33 23.23 -15.89
C ARG C 317 -27.22 23.30 -14.66
N ALA C 318 -28.50 23.57 -14.90
CA ALA C 318 -29.46 23.68 -13.82
C ALA C 318 -29.57 22.36 -13.06
N ASP C 319 -30.01 22.45 -11.80
CA ASP C 319 -30.14 21.29 -10.91
C ASP C 319 -28.79 20.63 -10.63
N ARG C 320 -27.75 21.46 -10.51
CA ARG C 320 -26.40 20.99 -10.19
C ARG C 320 -25.93 19.93 -11.18
N LYS C 321 -26.33 20.07 -12.44
CA LYS C 321 -25.96 19.13 -13.48
C LYS C 321 -24.68 19.61 -14.18
N LEU C 322 -24.04 18.67 -14.87
CA LEU C 322 -22.85 18.94 -15.66
C LEU C 322 -23.06 18.42 -17.07
N ALA C 323 -22.47 19.10 -18.04
CA ALA C 323 -22.64 18.78 -19.45
C ALA C 323 -21.32 18.96 -20.17
N GLU C 324 -20.73 17.86 -20.63
CA GLU C 324 -19.47 17.91 -21.37
C GLU C 324 -19.70 18.58 -22.72
N VAL C 325 -19.06 19.72 -22.93
CA VAL C 325 -19.22 20.48 -24.17
C VAL C 325 -17.87 20.97 -24.67
N GLY C 326 -16.92 21.15 -23.76
CA GLY C 326 -15.63 21.70 -24.14
C GLY C 326 -15.57 23.21 -23.98
N ARG C 327 -14.35 23.72 -23.79
CA ARG C 327 -14.15 25.14 -23.54
C ARG C 327 -12.79 25.56 -24.09
N VAL C 328 -12.74 26.80 -24.57
CA VAL C 328 -11.50 27.43 -25.04
C VAL C 328 -11.23 28.65 -24.18
N TYR C 329 -9.95 28.87 -23.86
CA TYR C 329 -9.51 29.96 -23.01
C TYR C 329 -8.64 30.92 -23.80
N LEU C 330 -8.87 32.22 -23.64
CA LEU C 330 -8.09 33.25 -24.30
C LEU C 330 -7.24 33.98 -23.26
N PHE C 331 -5.93 33.99 -23.47
CA PHE C 331 -4.98 34.66 -22.59
C PHE C 331 -4.27 35.75 -23.38
N LEU C 332 -4.60 37.01 -23.07
CA LEU C 332 -3.94 38.13 -23.71
C LEU C 332 -2.62 38.44 -23.02
N GLN C 333 -1.58 38.70 -23.79
CA GLN C 333 -0.28 39.02 -23.23
C GLN C 333 -0.29 40.46 -22.72
N PRO C 334 0.00 40.70 -21.45
CA PRO C 334 -0.03 42.07 -20.91
C PRO C 334 1.17 42.88 -21.36
N ARG C 335 1.08 44.18 -21.12
CA ARG C 335 2.20 45.06 -21.39
C ARG C 335 3.40 44.69 -20.52
N GLY C 336 4.58 44.67 -21.12
CA GLY C 336 5.80 44.41 -20.40
C GLY C 336 6.03 42.94 -20.09
N PRO C 337 6.90 42.67 -19.13
CA PRO C 337 7.24 41.29 -18.77
C PRO C 337 6.25 40.62 -17.82
N HIS C 338 5.08 41.23 -17.58
CA HIS C 338 4.14 40.71 -16.61
C HIS C 338 3.70 39.29 -16.96
N ALA C 339 3.21 38.59 -15.94
CA ALA C 339 2.75 37.21 -16.12
C ALA C 339 1.32 37.19 -16.63
N LEU C 340 1.06 36.28 -17.57
CA LEU C 340 -0.26 36.12 -18.16
C LEU C 340 -1.30 35.87 -17.08
N GLY C 341 -2.17 36.85 -16.85
CA GLY C 341 -3.12 36.78 -15.75
C GLY C 341 -4.26 35.81 -15.99
N ALA C 342 -5.45 36.17 -15.51
CA ALA C 342 -6.62 35.34 -15.68
C ALA C 342 -7.03 35.28 -17.15
N PRO C 343 -7.87 34.31 -17.52
CA PRO C 343 -8.39 34.29 -18.88
C PRO C 343 -9.14 35.56 -19.20
N SER C 344 -8.88 36.14 -20.38
CA SER C 344 -9.58 37.33 -20.80
C SER C 344 -10.96 37.01 -21.36
N LEU C 345 -11.15 35.79 -21.87
CA LEU C 345 -12.40 35.37 -22.47
C LEU C 345 -12.52 33.86 -22.40
N LEU C 346 -13.71 33.38 -22.08
CA LEU C 346 -14.01 31.95 -22.05
C LEU C 346 -15.03 31.65 -23.14
N LEU C 347 -14.64 30.78 -24.08
CA LEU C 347 -15.55 30.28 -25.10
C LEU C 347 -15.95 28.86 -24.72
N THR C 348 -17.26 28.63 -24.60
CA THR C 348 -17.80 27.35 -24.15
C THR C 348 -18.69 26.76 -25.23
N GLY C 349 -18.48 25.49 -25.54
CA GLY C 349 -19.33 24.81 -26.49
C GLY C 349 -20.74 24.64 -25.98
N THR C 350 -21.63 24.27 -26.89
CA THR C 350 -23.04 24.07 -26.55
C THR C 350 -23.55 22.67 -26.85
N GLN C 351 -22.93 21.94 -27.78
CA GLN C 351 -23.39 20.60 -28.14
C GLN C 351 -22.77 19.58 -27.19
N LEU C 352 -23.62 18.76 -26.58
CA LEU C 352 -23.15 17.71 -25.69
C LEU C 352 -22.21 16.77 -26.44
N TYR C 353 -21.10 16.43 -25.79
CA TYR C 353 -20.04 15.59 -26.36
C TYR C 353 -19.43 16.17 -27.63
N GLY C 354 -19.70 17.45 -27.93
CA GLY C 354 -19.20 18.06 -29.14
C GLY C 354 -17.70 18.26 -29.15
N ARG C 355 -17.07 18.29 -27.99
CA ARG C 355 -15.62 18.47 -27.87
C ARG C 355 -15.17 19.79 -28.49
N PHE C 356 -15.91 20.85 -28.22
CA PHE C 356 -15.50 22.20 -28.59
C PHE C 356 -14.13 22.50 -28.00
N GLY C 357 -13.18 22.86 -28.84
CA GLY C 357 -11.82 23.14 -28.42
C GLY C 357 -10.82 22.06 -28.75
N SER C 358 -11.23 21.00 -29.44
CA SER C 358 -10.29 19.94 -29.81
CA SER C 358 -10.29 19.94 -29.81
C SER C 358 -9.17 20.48 -30.70
N ALA C 359 -9.45 21.52 -31.48
CA ALA C 359 -8.46 22.13 -32.35
C ALA C 359 -8.75 23.62 -32.43
N ILE C 360 -7.69 24.43 -32.41
CA ILE C 360 -7.79 25.88 -32.51
C ILE C 360 -6.79 26.33 -33.56
N ALA C 361 -7.28 26.97 -34.62
CA ALA C 361 -6.45 27.36 -35.75
C ALA C 361 -6.41 28.88 -35.88
N PRO C 362 -5.25 29.51 -35.79
CA PRO C 362 -5.14 30.92 -36.20
C PRO C 362 -5.45 31.05 -37.69
N LEU C 363 -6.27 32.05 -38.02
CA LEU C 363 -6.69 32.28 -39.40
C LEU C 363 -5.99 33.48 -40.04
N GLY C 364 -5.16 34.20 -39.29
CA GLY C 364 -4.76 35.48 -39.82
C GLY C 364 -5.94 36.44 -39.79
N ASP C 365 -5.79 37.56 -40.49
CA ASP C 365 -6.87 38.54 -40.58
C ASP C 365 -7.83 38.09 -41.68
N LEU C 366 -8.92 37.45 -41.28
CA LEU C 366 -9.84 36.86 -42.25
C LEU C 366 -10.59 37.93 -43.04
N ASP C 367 -11.09 38.97 -42.36
CA ASP C 367 -11.85 40.03 -43.02
C ASP C 367 -11.02 41.28 -43.26
N ARG C 368 -9.71 41.22 -42.99
CA ARG C 368 -8.79 42.33 -43.27
C ARG C 368 -9.25 43.62 -42.60
N ASP C 369 -9.76 43.50 -41.38
CA ASP C 369 -10.18 44.67 -40.61
C ASP C 369 -9.09 45.18 -39.66
N GLY C 370 -8.00 44.45 -39.50
CA GLY C 370 -6.90 44.85 -38.63
C GLY C 370 -6.63 43.93 -37.47
N TYR C 371 -7.46 42.92 -37.24
CA TYR C 371 -7.32 42.02 -36.10
C TYR C 371 -7.35 40.58 -36.59
N ASN C 372 -6.37 39.79 -36.15
CA ASN C 372 -6.33 38.38 -36.54
C ASN C 372 -7.48 37.62 -35.90
N ASP C 373 -7.85 36.52 -36.54
CA ASP C 373 -9.05 35.76 -36.19
C ASP C 373 -8.67 34.30 -36.01
N ILE C 374 -9.59 33.53 -35.40
CA ILE C 374 -9.34 32.13 -35.08
C ILE C 374 -10.51 31.28 -35.53
N ALA C 375 -10.25 29.97 -35.62
CA ALA C 375 -11.28 28.97 -35.86
C ALA C 375 -11.15 27.90 -34.79
N VAL C 376 -12.27 27.55 -34.17
CA VAL C 376 -12.32 26.53 -33.13
C VAL C 376 -13.20 25.39 -33.63
N ALA C 377 -12.71 24.16 -33.48
CA ALA C 377 -13.40 22.99 -33.99
C ALA C 377 -14.08 22.23 -32.87
N ALA C 378 -15.31 21.79 -33.14
CA ALA C 378 -16.04 20.85 -32.28
C ALA C 378 -16.28 19.61 -33.15
N PRO C 379 -15.34 18.66 -33.16
CA PRO C 379 -15.40 17.57 -34.14
C PRO C 379 -16.65 16.71 -34.05
N TYR C 380 -17.43 16.83 -32.98
CA TYR C 380 -18.70 16.13 -32.85
C TYR C 380 -19.82 17.07 -32.43
N GLY C 381 -19.62 18.37 -32.65
CA GLY C 381 -20.62 19.37 -32.33
C GLY C 381 -21.56 19.64 -33.49
N GLY C 382 -22.20 20.80 -33.43
CA GLY C 382 -23.29 21.11 -34.32
C GLY C 382 -24.58 20.48 -33.85
N PRO C 383 -25.71 21.05 -34.24
CA PRO C 383 -27.00 20.49 -33.78
C PRO C 383 -27.20 19.03 -34.15
N SER C 384 -26.50 18.54 -35.17
CA SER C 384 -26.59 17.15 -35.59
C SER C 384 -25.47 16.28 -35.01
N GLY C 385 -24.48 16.87 -34.36
CA GLY C 385 -23.35 16.11 -33.88
C GLY C 385 -22.39 15.64 -34.95
N ARG C 386 -22.58 16.07 -36.21
CA ARG C 386 -21.70 15.66 -37.29
C ARG C 386 -20.37 16.41 -37.29
N GLY C 387 -20.23 17.44 -36.48
CA GLY C 387 -18.98 18.20 -36.45
C GLY C 387 -19.22 19.61 -36.96
N GLN C 388 -18.52 20.57 -36.34
CA GLN C 388 -18.77 21.97 -36.61
C GLN C 388 -17.51 22.78 -36.31
N VAL C 389 -17.25 23.76 -37.17
CA VAL C 389 -16.13 24.68 -36.99
C VAL C 389 -16.69 26.09 -36.84
N LEU C 390 -16.24 26.80 -35.81
CA LEU C 390 -16.75 28.12 -35.45
C LEU C 390 -15.66 29.15 -35.60
N VAL C 391 -15.95 30.24 -36.32
CA VAL C 391 -15.00 31.30 -36.57
C VAL C 391 -15.23 32.41 -35.55
N PHE C 392 -14.15 32.90 -34.94
CA PHE C 392 -14.21 34.00 -33.98
C PHE C 392 -13.28 35.10 -34.46
N LEU C 393 -13.83 36.30 -34.65
CA LEU C 393 -13.08 37.43 -35.17
C LEU C 393 -12.39 38.18 -34.05
N GLY C 394 -11.18 38.66 -34.32
CA GLY C 394 -10.45 39.44 -33.35
C GLY C 394 -11.00 40.85 -33.20
N GLN C 395 -10.74 41.42 -32.04
CA GLN C 395 -11.18 42.78 -31.73
C GLN C 395 -10.17 43.39 -30.76
N SER C 396 -10.30 44.70 -30.55
CA SER C 396 -9.37 45.39 -29.66
C SER C 396 -9.39 44.79 -28.25
N GLU C 397 -10.54 44.32 -27.80
CA GLU C 397 -10.67 43.73 -26.47
C GLU C 397 -10.40 42.22 -26.47
N GLY C 398 -10.01 41.65 -27.61
CA GLY C 398 -9.68 40.23 -27.66
C GLY C 398 -10.38 39.49 -28.78
N LEU C 399 -11.46 38.79 -28.46
CA LEU C 399 -12.23 38.05 -29.45
C LEU C 399 -13.71 38.29 -29.20
N ARG C 400 -14.50 38.18 -30.27
CA ARG C 400 -15.94 38.23 -30.14
C ARG C 400 -16.43 37.05 -29.31
N SER C 401 -17.38 37.32 -28.42
CA SER C 401 -17.94 36.25 -27.60
C SER C 401 -18.72 35.26 -28.45
N ARG C 402 -19.27 35.70 -29.57
CA ARG C 402 -20.10 34.87 -30.42
C ARG C 402 -19.46 34.67 -31.79
N PRO C 403 -19.62 33.50 -32.40
CA PRO C 403 -18.95 33.24 -33.68
C PRO C 403 -19.56 34.05 -34.80
N SER C 404 -18.71 34.66 -35.61
CA SER C 404 -19.17 35.37 -36.80
C SER C 404 -19.66 34.42 -37.88
N GLN C 405 -19.29 33.14 -37.80
CA GLN C 405 -19.63 32.18 -38.84
C GLN C 405 -19.50 30.78 -38.25
N VAL C 406 -20.25 29.84 -38.83
CA VAL C 406 -20.25 28.45 -38.41
C VAL C 406 -20.16 27.58 -39.67
N LEU C 407 -19.24 26.62 -39.66
CA LEU C 407 -19.04 25.70 -40.77
C LEU C 407 -19.51 24.31 -40.31
N ASP C 408 -20.71 23.92 -40.75
CA ASP C 408 -21.22 22.60 -40.43
C ASP C 408 -20.59 21.55 -41.35
N SER C 409 -20.34 20.37 -40.80
CA SER C 409 -19.63 19.33 -41.53
C SER C 409 -20.43 18.93 -42.77
N PRO C 410 -19.82 18.92 -43.95
CA PRO C 410 -20.49 18.38 -45.14
C PRO C 410 -20.45 16.87 -45.22
N PHE C 411 -19.83 16.22 -44.25
CA PHE C 411 -19.56 14.78 -44.26
C PHE C 411 -20.58 14.05 -43.42
N PRO C 412 -20.65 12.73 -43.55
CA PRO C 412 -21.57 11.95 -42.70
C PRO C 412 -21.09 11.91 -41.26
N THR C 413 -21.94 11.32 -40.42
CA THR C 413 -21.62 11.16 -39.01
C THR C 413 -20.33 10.35 -38.84
N GLY C 414 -19.52 10.74 -37.85
CA GLY C 414 -18.30 10.03 -37.54
C GLY C 414 -17.07 10.51 -38.27
N SER C 415 -17.20 11.51 -39.15
CA SER C 415 -16.05 11.99 -39.91
C SER C 415 -15.00 12.65 -39.03
N ALA C 416 -15.36 13.06 -37.82
CA ALA C 416 -14.48 13.85 -36.94
C ALA C 416 -14.04 15.14 -37.63
N PHE C 417 -14.94 15.70 -38.42
CA PHE C 417 -14.73 16.99 -39.08
C PHE C 417 -14.27 18.05 -38.09
N GLY C 418 -13.09 18.61 -38.35
CA GLY C 418 -12.52 19.61 -37.49
C GLY C 418 -11.41 19.11 -36.58
N PHE C 419 -11.23 17.79 -36.48
CA PHE C 419 -10.16 17.25 -35.65
C PHE C 419 -8.80 17.88 -35.98
N SER C 420 -8.60 18.27 -37.23
CA SER C 420 -7.40 19.00 -37.63
C SER C 420 -7.81 20.25 -38.40
N LEU C 421 -7.11 21.35 -38.12
CA LEU C 421 -7.40 22.63 -38.75
C LEU C 421 -6.09 23.30 -39.15
N ARG C 422 -6.19 24.28 -40.05
CA ARG C 422 -5.06 25.08 -40.49
C ARG C 422 -5.53 26.24 -41.35
N GLY C 423 -5.09 27.45 -41.03
CA GLY C 423 -5.49 28.61 -41.79
C GLY C 423 -4.35 29.57 -42.04
N ALA C 424 -4.66 30.86 -42.17
CA ALA C 424 -3.73 31.98 -42.34
C ALA C 424 -2.93 31.93 -43.63
N VAL C 425 -3.36 31.14 -44.62
CA VAL C 425 -2.63 31.00 -45.87
C VAL C 425 -3.61 31.18 -47.02
N ASP C 426 -3.33 32.15 -47.89
CA ASP C 426 -4.11 32.40 -49.09
C ASP C 426 -3.70 31.39 -50.16
N ILE C 427 -4.51 30.35 -50.34
CA ILE C 427 -4.14 29.28 -51.25
C ILE C 427 -4.52 29.56 -52.70
N ASP C 428 -5.57 30.36 -52.94
CA ASP C 428 -5.98 30.70 -54.29
C ASP C 428 -5.51 32.08 -54.72
N ASP C 429 -4.61 32.70 -53.96
CA ASP C 429 -3.98 33.96 -54.32
C ASP C 429 -5.02 35.06 -54.58
N ASN C 430 -6.07 35.07 -53.78
CA ASN C 430 -7.11 36.10 -53.88
C ASN C 430 -6.92 37.21 -52.84
N GLY C 431 -5.82 37.17 -52.09
CA GLY C 431 -5.55 38.18 -51.08
C GLY C 431 -6.21 37.93 -49.74
N TYR C 432 -6.83 36.77 -49.53
CA TYR C 432 -7.57 36.50 -48.31
C TYR C 432 -7.16 35.14 -47.75
N PRO C 433 -6.89 35.04 -46.45
CA PRO C 433 -6.43 33.77 -45.89
C PRO C 433 -7.55 32.73 -45.85
N ASP C 434 -7.21 31.51 -46.24
CA ASP C 434 -8.17 30.43 -46.38
C ASP C 434 -8.00 29.40 -45.27
N LEU C 435 -8.93 28.46 -45.21
CA LEU C 435 -9.01 27.48 -44.13
C LEU C 435 -9.16 26.08 -44.71
N ILE C 436 -8.38 25.15 -44.19
CA ILE C 436 -8.49 23.73 -44.55
C ILE C 436 -8.90 22.95 -43.31
N VAL C 437 -9.84 22.02 -43.48
CA VAL C 437 -10.39 21.23 -42.39
C VAL C 437 -10.22 19.76 -42.74
N GLY C 438 -9.66 18.98 -41.82
CA GLY C 438 -9.54 17.56 -41.99
C GLY C 438 -10.71 16.81 -41.37
N ALA C 439 -11.02 15.64 -41.96
CA ALA C 439 -12.08 14.77 -41.47
C ALA C 439 -11.59 13.33 -41.66
N TYR C 440 -10.65 12.92 -40.80
CA TYR C 440 -10.02 11.61 -40.96
C TYR C 440 -11.04 10.48 -40.93
N GLY C 441 -12.15 10.66 -40.22
CA GLY C 441 -13.18 9.63 -40.20
C GLY C 441 -13.79 9.38 -41.56
N ALA C 442 -13.81 10.39 -42.42
CA ALA C 442 -14.27 10.24 -43.79
C ALA C 442 -13.12 10.19 -44.80
N ASN C 443 -11.88 10.22 -44.33
CA ASN C 443 -10.69 10.16 -45.19
C ASN C 443 -10.69 11.28 -46.23
N GLN C 444 -11.08 12.47 -45.80
CA GLN C 444 -11.21 13.61 -46.70
C GLN C 444 -10.76 14.89 -46.02
N VAL C 445 -10.49 15.90 -46.85
CA VAL C 445 -10.12 17.24 -46.41
C VAL C 445 -10.99 18.24 -47.17
N ALA C 446 -11.59 19.18 -46.44
CA ALA C 446 -12.40 20.24 -47.02
C ALA C 446 -11.62 21.54 -47.00
N VAL C 447 -11.77 22.34 -48.06
CA VAL C 447 -11.06 23.61 -48.19
C VAL C 447 -12.10 24.73 -48.30
N TYR C 448 -11.96 25.74 -47.46
CA TYR C 448 -12.85 26.90 -47.43
C TYR C 448 -12.08 28.12 -47.88
N ARG C 449 -12.53 28.76 -48.97
CA ARG C 449 -11.89 29.93 -49.51
C ARG C 449 -12.54 31.19 -48.95
N ALA C 450 -11.71 32.12 -48.46
CA ALA C 450 -12.20 33.39 -47.97
C ALA C 450 -12.56 34.29 -49.14
N GLN C 451 -13.74 34.88 -49.09
CA GLN C 451 -14.22 35.72 -50.17
C GLN C 451 -14.00 37.20 -49.84
N PRO C 452 -13.89 38.04 -50.86
CA PRO C 452 -13.64 39.47 -50.61
C PRO C 452 -14.75 40.11 -49.78
N VAL C 453 -14.35 41.11 -49.00
CA VAL C 453 -15.30 41.85 -48.17
C VAL C 453 -15.56 43.22 -48.78
N GLY D 1 -66.52 46.99 -3.09
CA GLY D 1 -67.12 47.49 -4.32
C GLY D 1 -66.19 47.41 -5.52
N PRO D 2 -65.32 48.41 -5.66
CA PRO D 2 -64.38 48.42 -6.79
C PRO D 2 -63.17 47.54 -6.52
N ASN D 3 -62.65 46.95 -7.59
CA ASN D 3 -61.48 46.09 -7.51
C ASN D 3 -60.95 45.87 -8.92
N ILE D 4 -59.85 45.11 -9.01
CA ILE D 4 -59.24 44.82 -10.29
C ILE D 4 -60.18 44.03 -11.21
N CYS D 5 -61.13 43.28 -10.64
CA CYS D 5 -62.04 42.51 -11.48
C CYS D 5 -62.99 43.41 -12.26
N THR D 6 -63.51 44.46 -11.62
CA THR D 6 -64.45 45.35 -12.28
C THR D 6 -63.73 46.39 -13.14
N THR D 7 -62.68 47.01 -12.59
CA THR D 7 -62.01 48.11 -13.29
C THR D 7 -61.33 47.66 -14.57
N ARG D 8 -60.98 46.37 -14.69
CA ARG D 8 -60.31 45.90 -15.90
C ARG D 8 -61.17 46.09 -17.14
N GLY D 9 -62.49 46.00 -17.00
CA GLY D 9 -63.37 46.11 -18.15
C GLY D 9 -63.17 44.97 -19.12
N VAL D 10 -63.48 43.75 -18.67
CA VAL D 10 -63.23 42.56 -19.47
C VAL D 10 -64.33 42.39 -20.50
N SER D 11 -63.99 41.77 -21.63
CA SER D 11 -64.94 41.54 -22.71
C SER D 11 -65.62 40.18 -22.61
N SER D 12 -64.95 39.19 -22.02
CA SER D 12 -65.46 37.83 -22.00
C SER D 12 -65.27 37.22 -20.61
N CYS D 13 -66.00 36.13 -20.37
CA CYS D 13 -65.83 35.38 -19.12
C CYS D 13 -64.42 34.83 -19.01
N GLN D 14 -63.89 34.29 -20.12
CA GLN D 14 -62.53 33.76 -20.12
C GLN D 14 -61.52 34.84 -19.74
N GLN D 15 -61.66 36.03 -20.31
CA GLN D 15 -60.79 37.15 -19.95
C GLN D 15 -60.94 37.54 -18.48
N CYS D 16 -62.15 37.39 -17.93
CA CYS D 16 -62.38 37.76 -16.54
C CYS D 16 -61.58 36.87 -15.58
N LEU D 17 -61.62 35.55 -15.81
CA LEU D 17 -60.85 34.64 -14.95
C LEU D 17 -59.36 34.92 -15.05
N ALA D 18 -58.87 35.28 -16.24
CA ALA D 18 -57.46 35.56 -16.43
C ALA D 18 -57.00 36.81 -15.70
N VAL D 19 -57.93 37.64 -15.20
CA VAL D 19 -57.53 38.81 -14.43
C VAL D 19 -56.88 38.41 -13.12
N SER D 20 -57.51 37.48 -12.39
CA SER D 20 -57.02 37.06 -11.09
C SER D 20 -57.75 35.79 -10.65
N PRO D 21 -57.10 34.93 -9.85
CA PRO D 21 -57.83 33.80 -9.25
C PRO D 21 -58.94 34.24 -8.31
N MET D 22 -58.95 35.51 -7.91
CA MET D 22 -59.96 36.07 -7.04
C MET D 22 -61.24 36.47 -7.78
N CYS D 23 -61.16 36.72 -9.08
CA CYS D 23 -62.29 37.22 -9.83
C CYS D 23 -63.27 36.10 -10.18
N ALA D 24 -64.53 36.48 -10.38
CA ALA D 24 -65.59 35.58 -10.78
C ALA D 24 -66.42 36.25 -11.88
N TRP D 25 -67.22 35.45 -12.56
CA TRP D 25 -68.03 35.94 -13.67
C TRP D 25 -69.49 35.52 -13.49
N CYS D 26 -70.41 36.39 -13.88
CA CYS D 26 -71.83 36.13 -13.86
C CYS D 26 -72.35 36.15 -15.29
N SER D 27 -72.83 35.00 -15.76
CA SER D 27 -73.37 34.87 -17.11
C SER D 27 -74.88 35.04 -17.16
N ASP D 28 -75.48 35.52 -16.08
CA ASP D 28 -76.94 35.63 -16.00
C ASP D 28 -77.44 36.66 -17.02
N GLU D 29 -78.40 36.23 -17.85
CA GLU D 29 -78.93 37.12 -18.88
C GLU D 29 -79.75 38.25 -18.26
N ALA D 30 -80.47 37.98 -17.17
CA ALA D 30 -81.30 38.98 -16.49
C ALA D 30 -80.53 39.78 -15.46
N LEU D 31 -79.27 40.12 -15.75
CA LEU D 31 -78.46 40.92 -14.85
C LEU D 31 -78.68 42.40 -15.14
N PRO D 32 -78.84 43.23 -14.10
CA PRO D 32 -79.01 44.67 -14.32
C PRO D 32 -77.91 45.25 -15.19
N LEU D 33 -78.30 46.14 -16.10
CA LEU D 33 -77.33 46.73 -17.02
C LEU D 33 -76.23 47.46 -16.26
N GLY D 34 -76.59 48.23 -15.24
CA GLY D 34 -75.60 48.88 -14.40
C GLY D 34 -75.02 47.94 -13.37
N SER D 35 -74.35 46.89 -13.84
CA SER D 35 -73.78 45.88 -12.94
C SER D 35 -72.61 45.16 -13.62
N PRO D 36 -71.46 45.07 -12.97
CA PRO D 36 -70.33 44.40 -13.60
C PRO D 36 -70.49 42.89 -13.58
N ARG D 37 -70.12 42.27 -14.69
CA ARG D 37 -70.15 40.81 -14.79
C ARG D 37 -68.88 40.16 -14.27
N CYS D 38 -67.86 40.94 -13.94
CA CYS D 38 -66.58 40.42 -13.45
C CYS D 38 -66.31 41.06 -12.09
N ASP D 39 -66.49 40.28 -11.02
CA ASP D 39 -66.35 40.80 -9.67
C ASP D 39 -66.06 39.62 -8.75
N LEU D 40 -65.96 39.91 -7.45
CA LEU D 40 -65.83 38.86 -6.46
C LEU D 40 -67.14 38.07 -6.39
N LYS D 41 -67.02 36.79 -6.03
CA LYS D 41 -68.19 35.91 -6.01
C LYS D 41 -69.28 36.47 -5.09
N GLU D 42 -68.89 37.09 -3.99
CA GLU D 42 -69.86 37.66 -3.07
C GLU D 42 -70.60 38.83 -3.71
N ASN D 43 -69.86 39.79 -4.27
CA ASN D 43 -70.49 40.94 -4.90
C ASN D 43 -71.45 40.53 -6.01
N LEU D 44 -71.15 39.45 -6.72
CA LEU D 44 -72.08 38.95 -7.74
C LEU D 44 -73.35 38.42 -7.10
N LEU D 45 -73.22 37.67 -6.01
CA LEU D 45 -74.40 37.17 -5.30
C LEU D 45 -75.24 38.29 -4.70
N LYS D 46 -74.64 39.46 -4.42
CA LYS D 46 -75.40 40.57 -3.88
C LYS D 46 -76.39 41.12 -4.90
N ASP D 47 -76.06 41.05 -6.20
CA ASP D 47 -76.90 41.55 -7.26
C ASP D 47 -77.87 40.50 -7.79
N ASN D 48 -78.29 39.56 -6.94
CA ASN D 48 -79.25 38.52 -7.29
C ASN D 48 -78.82 37.66 -8.47
N CYS D 49 -77.52 37.65 -8.78
CA CYS D 49 -77.02 36.80 -9.86
C CYS D 49 -77.28 35.34 -9.50
N ALA D 50 -77.95 34.63 -10.41
CA ALA D 50 -78.31 33.25 -10.21
C ALA D 50 -77.09 32.43 -9.79
N PRO D 51 -77.10 31.79 -8.62
CA PRO D 51 -75.91 31.05 -8.17
C PRO D 51 -75.41 30.03 -9.17
N GLU D 52 -76.32 29.35 -9.87
CA GLU D 52 -75.91 28.39 -10.89
C GLU D 52 -75.28 29.06 -12.10
N SER D 53 -75.56 30.35 -12.33
CA SER D 53 -75.00 31.08 -13.45
C SER D 53 -73.70 31.81 -13.08
N ILE D 54 -73.02 31.36 -12.03
CA ILE D 54 -71.77 31.98 -11.58
C ILE D 54 -70.61 31.07 -11.95
N GLU D 55 -69.62 31.63 -12.64
CA GLU D 55 -68.42 30.91 -13.01
C GLU D 55 -67.29 31.33 -12.08
N PHE D 56 -66.82 30.41 -11.26
CA PHE D 56 -65.73 30.69 -10.34
C PHE D 56 -64.95 29.41 -10.04
N PRO D 57 -64.07 28.97 -10.93
CA PRO D 57 -63.31 27.74 -10.66
C PRO D 57 -62.31 27.93 -9.54
N VAL D 58 -62.11 26.86 -8.77
CA VAL D 58 -61.21 26.87 -7.61
C VAL D 58 -60.06 25.92 -7.90
N SER D 59 -58.83 26.40 -7.71
CA SER D 59 -57.66 25.54 -7.83
C SER D 59 -57.68 24.49 -6.72
N GLU D 60 -57.52 23.23 -7.10
CA GLU D 60 -57.62 22.14 -6.15
C GLU D 60 -56.58 21.07 -6.46
N ALA D 61 -56.29 20.25 -5.46
CA ALA D 61 -55.45 19.08 -5.60
C ALA D 61 -56.22 17.86 -5.11
N ARG D 62 -56.17 16.78 -5.88
CA ARG D 62 -56.96 15.60 -5.57
C ARG D 62 -56.10 14.36 -5.74
N VAL D 63 -56.12 13.48 -4.73
CA VAL D 63 -55.32 12.27 -4.76
C VAL D 63 -56.07 11.18 -5.54
N LEU D 64 -55.38 10.54 -6.48
CA LEU D 64 -55.95 9.46 -7.27
C LEU D 64 -55.49 8.09 -6.76
N GLU D 65 -54.18 7.85 -6.79
CA GLU D 65 -53.58 6.63 -6.26
C GLU D 65 -52.85 6.95 -4.96
N ASP D 66 -53.18 6.23 -3.90
CA ASP D 66 -52.69 6.54 -2.57
C ASP D 66 -52.34 5.26 -1.82
N ARG D 67 -51.51 4.42 -2.43
CA ARG D 67 -51.12 3.17 -1.80
C ARG D 67 -50.27 3.45 -0.56
N PRO D 68 -50.49 2.72 0.53
CA PRO D 68 -49.68 2.95 1.73
C PRO D 68 -48.21 2.59 1.49
N LEU D 69 -47.33 3.35 2.14
CA LEU D 69 -45.90 3.06 2.06
C LEU D 69 -45.61 1.68 2.64
N SER D 70 -44.87 0.88 1.89
CA SER D 70 -44.54 -0.47 2.33
C SER D 70 -43.55 -0.44 3.48
N ASP D 71 -43.71 -1.39 4.40
CA ASP D 71 -42.80 -1.52 5.54
C ASP D 71 -41.54 -2.29 5.15
N LYS D 72 -41.71 -3.46 4.54
CA LYS D 72 -40.60 -4.28 4.08
C LYS D 72 -40.51 -4.20 2.56
N GLY D 73 -39.31 -4.45 2.03
CA GLY D 73 -39.08 -4.48 0.60
C GLY D 73 -38.96 -5.86 0.01
N SER D 74 -39.22 -6.92 0.77
CA SER D 74 -39.10 -8.29 0.30
C SER D 74 -40.36 -8.69 -0.47
N GLY D 75 -40.50 -9.98 -0.75
CA GLY D 75 -41.70 -10.46 -1.41
C GLY D 75 -41.68 -10.13 -2.88
N ASP D 76 -42.78 -9.55 -3.36
CA ASP D 76 -42.90 -9.18 -4.77
C ASP D 76 -42.46 -7.74 -4.96
N SER D 77 -41.66 -7.52 -6.00
CA SER D 77 -41.17 -6.18 -6.29
C SER D 77 -42.26 -5.27 -6.82
N SER D 78 -43.30 -5.83 -7.43
CA SER D 78 -44.43 -5.04 -7.90
C SER D 78 -45.27 -4.48 -6.75
N GLN D 79 -45.14 -5.05 -5.55
CA GLN D 79 -45.90 -4.61 -4.39
C GLN D 79 -45.18 -3.55 -3.57
N VAL D 80 -43.91 -3.29 -3.86
CA VAL D 80 -43.13 -2.33 -3.07
C VAL D 80 -43.57 -0.91 -3.40
N THR D 81 -43.82 -0.13 -2.37
CA THR D 81 -44.25 1.26 -2.50
C THR D 81 -43.32 2.15 -1.70
N GLN D 82 -42.54 2.98 -2.39
CA GLN D 82 -41.60 3.88 -1.74
C GLN D 82 -42.07 5.33 -1.71
N VAL D 83 -43.11 5.68 -2.46
CA VAL D 83 -43.58 7.05 -2.59
C VAL D 83 -45.08 7.08 -2.33
N SER D 84 -45.53 8.13 -1.63
CA SER D 84 -46.94 8.31 -1.35
C SER D 84 -47.25 9.79 -1.39
N PRO D 85 -48.27 10.21 -2.17
CA PRO D 85 -49.05 9.34 -3.04
C PRO D 85 -48.36 9.05 -4.37
N GLN D 86 -48.97 8.23 -5.20
CA GLN D 86 -48.39 7.85 -6.49
C GLN D 86 -48.93 8.68 -7.66
N ARG D 87 -50.18 9.14 -7.58
CA ARG D 87 -50.79 9.89 -8.66
C ARG D 87 -51.82 10.84 -8.09
N ILE D 88 -51.72 12.12 -8.45
CA ILE D 88 -52.69 13.13 -8.04
C ILE D 88 -53.11 13.93 -9.26
N ALA D 89 -54.27 14.56 -9.15
CA ALA D 89 -54.80 15.46 -10.17
C ALA D 89 -54.75 16.88 -9.63
N LEU D 90 -54.13 17.78 -10.39
CA LEU D 90 -53.98 19.17 -10.01
C LEU D 90 -54.75 20.06 -10.97
N ARG D 91 -55.59 20.93 -10.42
CA ARG D 91 -56.38 21.87 -11.21
C ARG D 91 -55.92 23.29 -10.85
N LEU D 92 -55.50 24.04 -11.86
CA LEU D 92 -55.01 25.39 -11.67
C LEU D 92 -55.71 26.33 -12.64
N ARG D 93 -56.14 27.48 -12.14
CA ARG D 93 -56.62 28.55 -12.99
C ARG D 93 -55.52 29.56 -13.22
N PRO D 94 -55.64 30.44 -14.23
CA PRO D 94 -54.52 31.32 -14.60
C PRO D 94 -53.93 32.07 -13.42
N ASP D 95 -52.58 32.10 -13.37
CA ASP D 95 -51.82 32.88 -12.39
C ASP D 95 -52.13 32.46 -10.95
N ASP D 96 -52.55 31.21 -10.76
CA ASP D 96 -52.87 30.69 -9.43
C ASP D 96 -51.89 29.59 -9.05
N SER D 97 -51.96 29.18 -7.78
CA SER D 97 -51.04 28.18 -7.26
C SER D 97 -51.75 27.33 -6.21
N LYS D 98 -51.45 26.03 -6.20
CA LYS D 98 -52.00 25.08 -5.25
C LYS D 98 -50.87 24.22 -4.72
N ASN D 99 -51.04 23.70 -3.50
CA ASN D 99 -50.01 22.90 -2.86
C ASN D 99 -50.45 21.46 -2.66
N PHE D 100 -49.47 20.57 -2.61
CA PHE D 100 -49.68 19.15 -2.35
C PHE D 100 -48.44 18.62 -1.66
N SER D 101 -48.53 17.37 -1.17
CA SER D 101 -47.47 16.78 -0.38
C SER D 101 -47.10 15.40 -0.92
N ILE D 102 -45.87 14.99 -0.63
CA ILE D 102 -45.34 13.70 -1.06
C ILE D 102 -44.51 13.13 0.09
N GLN D 103 -44.62 11.82 0.28
CA GLN D 103 -43.83 11.09 1.26
C GLN D 103 -42.90 10.12 0.55
N VAL D 104 -41.66 10.06 1.02
CA VAL D 104 -40.64 9.15 0.49
C VAL D 104 -40.04 8.39 1.66
N ARG D 105 -39.98 7.06 1.53
CA ARG D 105 -39.41 6.20 2.56
C ARG D 105 -38.28 5.38 1.96
N GLN D 106 -37.18 5.27 2.71
CA GLN D 106 -36.13 4.32 2.38
C GLN D 106 -36.60 2.95 2.88
N VAL D 107 -37.32 2.24 2.01
CA VAL D 107 -37.96 0.98 2.38
C VAL D 107 -36.94 0.01 2.93
N GLU D 108 -37.34 -0.75 3.95
CA GLU D 108 -36.47 -1.68 4.65
C GLU D 108 -36.48 -3.04 3.97
N ASP D 109 -35.33 -3.71 3.98
CA ASP D 109 -35.17 -5.04 3.39
C ASP D 109 -35.39 -5.00 1.88
N TYR D 110 -34.74 -4.04 1.22
CA TYR D 110 -34.83 -3.88 -0.23
C TYR D 110 -33.72 -4.69 -0.90
N PRO D 111 -34.02 -5.34 -2.04
CA PRO D 111 -32.99 -6.15 -2.71
C PRO D 111 -31.77 -5.32 -3.10
N VAL D 112 -30.61 -5.98 -3.12
CA VAL D 112 -29.33 -5.31 -3.32
C VAL D 112 -28.50 -6.13 -4.30
N ASP D 113 -28.00 -5.47 -5.34
CA ASP D 113 -27.02 -6.04 -6.27
C ASP D 113 -25.67 -5.37 -6.03
N ILE D 114 -24.64 -6.18 -5.79
CA ILE D 114 -23.29 -5.69 -5.56
C ILE D 114 -22.38 -6.37 -6.59
N TYR D 115 -21.90 -5.61 -7.57
CA TYR D 115 -20.95 -6.10 -8.54
C TYR D 115 -19.56 -5.62 -8.17
N TYR D 116 -18.66 -6.55 -7.90
CA TYR D 116 -17.31 -6.26 -7.42
C TYR D 116 -16.39 -6.12 -8.64
N LEU D 117 -16.02 -4.89 -8.97
CA LEU D 117 -15.11 -4.61 -10.07
C LEU D 117 -13.73 -4.31 -9.50
N MET D 118 -12.76 -5.17 -9.81
CA MET D 118 -11.47 -5.18 -9.12
C MET D 118 -10.33 -4.89 -10.07
N ASP D 119 -9.47 -3.96 -9.67
CA ASP D 119 -8.17 -3.78 -10.30
C ASP D 119 -7.33 -5.02 -10.05
N LEU D 120 -6.89 -5.66 -11.13
CA LEU D 120 -6.01 -6.83 -11.02
C LEU D 120 -4.69 -6.60 -11.74
N SER D 121 -4.20 -5.35 -11.75
CA SER D 121 -2.83 -5.11 -12.16
C SER D 121 -1.89 -5.66 -11.08
N TYR D 122 -0.59 -5.65 -11.39
CA TYR D 122 0.37 -6.33 -10.52
C TYR D 122 0.38 -5.76 -9.11
N SER D 123 0.08 -4.47 -8.97
CA SER D 123 0.12 -3.81 -7.67
C SER D 123 -1.00 -4.30 -6.75
N MET D 124 -1.83 -5.23 -7.23
CA MET D 124 -2.99 -5.70 -6.49
C MET D 124 -2.89 -7.19 -6.18
N LYS D 125 -1.69 -7.72 -6.03
CA LYS D 125 -1.53 -9.16 -5.85
C LYS D 125 -1.96 -9.61 -4.46
N ASP D 126 -1.65 -8.84 -3.42
CA ASP D 126 -2.02 -9.21 -2.07
C ASP D 126 -3.45 -8.83 -1.70
N ASP D 127 -4.11 -7.98 -2.50
CA ASP D 127 -5.53 -7.73 -2.30
C ASP D 127 -6.35 -9.00 -2.52
N LEU D 128 -5.92 -9.86 -3.45
CA LEU D 128 -6.64 -11.10 -3.71
C LEU D 128 -6.67 -11.99 -2.48
N TRP D 129 -5.55 -12.08 -1.77
CA TRP D 129 -5.49 -12.94 -0.58
C TRP D 129 -6.52 -12.52 0.47
N SER D 130 -6.79 -11.23 0.58
CA SER D 130 -7.71 -10.74 1.61
C SER D 130 -9.16 -11.05 1.28
N ILE D 131 -9.51 -11.20 0.00
CA ILE D 131 -10.89 -11.36 -0.42
C ILE D 131 -11.19 -12.79 -0.85
N GLN D 132 -10.38 -13.76 -0.42
CA GLN D 132 -10.57 -15.14 -0.86
C GLN D 132 -11.96 -15.65 -0.51
N ASN D 133 -12.47 -15.29 0.66
CA ASN D 133 -13.81 -15.68 1.10
C ASN D 133 -14.69 -14.45 1.29
N LEU D 134 -14.50 -13.44 0.43
CA LEU D 134 -15.27 -12.21 0.57
C LEU D 134 -16.75 -12.43 0.30
N GLY D 135 -17.09 -13.34 -0.61
CA GLY D 135 -18.50 -13.60 -0.91
C GLY D 135 -19.29 -14.03 0.31
N THR D 136 -18.78 -15.05 1.01
CA THR D 136 -19.45 -15.53 2.22
C THR D 136 -19.52 -14.44 3.29
N LYS D 137 -18.40 -13.75 3.53
CA LYS D 137 -18.35 -12.76 4.59
C LYS D 137 -19.21 -11.54 4.25
N LEU D 138 -19.15 -11.08 3.00
CA LEU D 138 -19.99 -9.95 2.60
C LEU D 138 -21.47 -10.33 2.71
N ALA D 139 -21.82 -11.56 2.35
CA ALA D 139 -23.20 -12.01 2.48
C ALA D 139 -23.65 -12.00 3.94
N THR D 140 -22.73 -12.37 4.85
CA THR D 140 -23.06 -12.41 6.27
C THR D 140 -23.55 -11.05 6.76
N GLN D 141 -22.83 -9.99 6.42
CA GLN D 141 -23.17 -8.67 6.93
C GLN D 141 -24.31 -8.02 6.15
N MET D 142 -24.50 -8.40 4.89
CA MET D 142 -25.61 -7.85 4.11
C MET D 142 -26.92 -8.53 4.46
N ARG D 143 -26.88 -9.78 4.93
CA ARG D 143 -28.09 -10.46 5.37
C ARG D 143 -28.80 -9.68 6.49
N LYS D 144 -28.03 -8.96 7.30
CA LYS D 144 -28.63 -8.10 8.32
C LYS D 144 -29.48 -7.00 7.70
N LEU D 145 -29.14 -6.57 6.49
CA LEU D 145 -29.82 -5.47 5.84
C LEU D 145 -30.85 -5.91 4.80
N THR D 146 -30.54 -6.94 4.01
CA THR D 146 -31.41 -7.33 2.91
C THR D 146 -31.58 -8.84 2.88
N SER D 147 -32.71 -9.29 2.34
CA SER D 147 -33.00 -10.70 2.17
CA SER D 147 -33.00 -10.70 2.17
C SER D 147 -32.77 -11.18 0.74
N ASN D 148 -32.72 -10.27 -0.23
CA ASN D 148 -32.51 -10.58 -1.65
C ASN D 148 -31.18 -9.97 -2.08
N LEU D 149 -30.09 -10.67 -1.76
CA LEU D 149 -28.76 -10.21 -2.12
C LEU D 149 -28.23 -11.00 -3.31
N ARG D 150 -27.65 -10.28 -4.27
CA ARG D 150 -26.95 -10.88 -5.40
C ARG D 150 -25.60 -10.21 -5.57
N ILE D 151 -24.57 -11.01 -5.83
CA ILE D 151 -23.22 -10.50 -5.99
C ILE D 151 -22.58 -11.13 -7.22
N GLY D 152 -21.66 -10.38 -7.83
CA GLY D 152 -20.91 -10.82 -8.99
C GLY D 152 -19.51 -10.23 -8.96
N PHE D 153 -18.71 -10.58 -9.96
CA PHE D 153 -17.31 -10.19 -9.97
C PHE D 153 -16.83 -9.90 -11.37
N GLY D 154 -15.96 -8.90 -11.48
CA GLY D 154 -15.25 -8.61 -12.71
C GLY D 154 -13.90 -8.01 -12.37
N ALA D 155 -12.99 -8.05 -13.35
CA ALA D 155 -11.63 -7.60 -13.15
C ALA D 155 -11.16 -6.81 -14.37
N PHE D 156 -10.19 -5.92 -14.13
CA PHE D 156 -9.63 -5.10 -15.18
C PHE D 156 -8.16 -4.86 -14.91
N VAL D 157 -7.43 -4.49 -15.96
CA VAL D 157 -6.06 -4.01 -15.84
C VAL D 157 -5.92 -2.73 -16.63
N ASP D 158 -5.75 -2.85 -17.94
CA ASP D 158 -5.63 -1.69 -18.83
C ASP D 158 -5.73 -2.22 -20.26
N LYS D 159 -5.70 -1.32 -21.22
CA LYS D 159 -5.84 -1.70 -22.62
C LYS D 159 -4.68 -2.58 -23.06
N PRO D 160 -4.91 -3.83 -23.47
CA PRO D 160 -3.81 -4.72 -23.81
C PRO D 160 -3.12 -4.35 -25.12
N VAL D 161 -2.39 -3.23 -25.11
CA VAL D 161 -1.76 -2.70 -26.31
C VAL D 161 -0.58 -1.84 -25.89
N SER D 162 0.47 -1.85 -26.68
CA SER D 162 1.61 -0.98 -26.44
C SER D 162 1.16 0.48 -26.51
N PRO D 163 1.70 1.37 -25.65
CA PRO D 163 2.77 1.11 -24.68
C PRO D 163 2.30 0.62 -23.31
N TYR D 164 0.99 0.51 -23.11
CA TYR D 164 0.50 0.02 -21.82
C TYR D 164 0.97 -1.42 -21.58
N MET D 165 1.01 -2.22 -22.64
CA MET D 165 1.32 -3.64 -22.54
C MET D 165 2.78 -3.89 -22.94
N TYR D 166 3.45 -4.74 -22.16
CA TYR D 166 4.77 -5.22 -22.54
C TYR D 166 4.63 -6.15 -23.73
N ILE D 167 5.33 -5.82 -24.83
CA ILE D 167 5.20 -6.56 -26.08
C ILE D 167 6.48 -7.28 -26.47
N SER D 168 7.45 -7.37 -25.56
CA SER D 168 8.70 -8.06 -25.84
C SER D 168 9.34 -8.47 -24.53
N PRO D 169 10.03 -9.62 -24.47
CA PRO D 169 10.19 -10.63 -25.53
C PRO D 169 8.88 -11.36 -25.84
N PRO D 170 8.86 -12.22 -26.86
CA PRO D 170 7.63 -12.98 -27.15
C PRO D 170 7.04 -13.66 -25.93
N GLU D 171 7.87 -14.11 -24.99
CA GLU D 171 7.37 -14.73 -23.78
C GLU D 171 6.55 -13.75 -22.94
N ALA D 172 6.90 -12.46 -22.97
CA ALA D 172 6.22 -11.47 -22.14
C ALA D 172 4.74 -11.32 -22.50
N LEU D 173 4.35 -11.67 -23.73
CA LEU D 173 2.94 -11.61 -24.10
C LEU D 173 2.14 -12.70 -23.40
N GLU D 174 2.72 -13.88 -23.20
CA GLU D 174 2.06 -14.95 -22.47
C GLU D 174 2.24 -14.83 -20.97
N ASN D 175 3.40 -14.32 -20.53
CA ASN D 175 3.68 -14.14 -19.11
C ASN D 175 4.33 -12.78 -18.93
N PRO D 176 3.53 -11.73 -18.69
CA PRO D 176 4.11 -10.40 -18.46
C PRO D 176 5.11 -10.36 -17.32
N CYS D 177 5.09 -11.34 -16.43
CA CYS D 177 6.06 -11.50 -15.36
C CYS D 177 7.21 -12.38 -15.77
N TYR D 178 7.61 -12.32 -17.04
CA TYR D 178 8.67 -13.19 -17.55
C TYR D 178 10.03 -12.80 -16.99
N ASP D 179 10.42 -11.53 -17.17
CA ASP D 179 11.71 -11.06 -16.68
C ASP D 179 11.80 -11.07 -15.17
N MET D 180 10.70 -11.34 -14.46
CA MET D 180 10.69 -11.55 -13.02
C MET D 180 10.62 -13.05 -12.73
N LYS D 181 11.03 -13.42 -11.52
CA LYS D 181 11.08 -14.82 -11.12
C LYS D 181 9.72 -15.32 -10.66
N THR D 182 8.71 -15.15 -11.52
CA THR D 182 7.35 -15.57 -11.22
C THR D 182 6.54 -15.56 -12.52
N THR D 183 5.22 -15.67 -12.39
CA THR D 183 4.31 -15.78 -13.51
C THR D 183 3.02 -15.04 -13.19
N CYS D 184 2.48 -14.34 -14.20
CA CYS D 184 1.18 -13.70 -14.08
C CYS D 184 0.40 -13.89 -15.38
N LEU D 185 -0.87 -13.48 -15.36
CA LEU D 185 -1.75 -13.70 -16.48
C LEU D 185 -1.38 -12.81 -17.66
N PRO D 186 -1.69 -13.24 -18.89
CA PRO D 186 -1.60 -12.33 -20.03
C PRO D 186 -2.46 -11.10 -19.79
N MET D 187 -1.99 -9.96 -20.29
N MET D 187 -1.98 -9.96 -20.30
CA MET D 187 -2.68 -8.70 -20.02
CA MET D 187 -2.67 -8.69 -20.14
C MET D 187 -4.07 -8.72 -20.65
C MET D 187 -4.10 -8.77 -20.65
N PHE D 188 -5.03 -8.12 -19.94
CA PHE D 188 -6.41 -8.07 -20.38
C PHE D 188 -7.03 -6.75 -19.96
N GLY D 189 -7.88 -6.20 -20.83
CA GLY D 189 -8.55 -4.94 -20.55
C GLY D 189 -9.61 -5.05 -19.47
N TYR D 190 -10.67 -5.82 -19.76
CA TYR D 190 -11.73 -6.05 -18.78
C TYR D 190 -12.42 -7.37 -19.12
N LYS D 191 -12.69 -8.16 -18.09
CA LYS D 191 -13.38 -9.43 -18.28
C LYS D 191 -14.47 -9.60 -17.22
N HIS D 192 -15.67 -9.92 -17.67
CA HIS D 192 -16.73 -10.33 -16.76
C HIS D 192 -16.45 -11.75 -16.27
N VAL D 193 -16.53 -11.94 -14.95
CA VAL D 193 -16.20 -13.22 -14.33
C VAL D 193 -17.45 -13.94 -13.83
N LEU D 194 -18.24 -13.29 -12.98
CA LEU D 194 -19.40 -13.91 -12.36
C LEU D 194 -20.60 -12.98 -12.49
N THR D 195 -21.67 -13.49 -13.11
CA THR D 195 -22.92 -12.76 -13.14
C THR D 195 -23.51 -12.68 -11.74
N LEU D 196 -24.14 -11.55 -11.44
CA LEU D 196 -24.83 -11.36 -10.16
C LEU D 196 -25.71 -12.56 -9.85
N THR D 197 -25.47 -13.18 -8.69
CA THR D 197 -26.20 -14.39 -8.31
C THR D 197 -26.40 -14.39 -6.82
N ASP D 198 -27.42 -15.14 -6.38
CA ASP D 198 -27.68 -15.33 -4.95
C ASP D 198 -26.85 -16.46 -4.35
N GLN D 199 -26.06 -17.16 -5.16
CA GLN D 199 -25.20 -18.25 -4.69
C GLN D 199 -23.82 -17.66 -4.41
N VAL D 200 -23.63 -17.16 -3.19
CA VAL D 200 -22.39 -16.47 -2.85
C VAL D 200 -21.19 -17.40 -2.86
N THR D 201 -21.39 -18.72 -2.72
CA THR D 201 -20.26 -19.63 -2.81
C THR D 201 -19.64 -19.59 -4.20
N ARG D 202 -20.41 -19.29 -5.23
CA ARG D 202 -19.86 -19.09 -6.57
C ARG D 202 -18.83 -17.97 -6.57
N PHE D 203 -19.08 -16.92 -5.78
CA PHE D 203 -18.14 -15.81 -5.70
C PHE D 203 -16.79 -16.27 -5.19
N ASN D 204 -16.77 -16.98 -4.05
CA ASN D 204 -15.52 -17.48 -3.50
C ASN D 204 -14.80 -18.38 -4.48
N GLU D 205 -15.54 -19.25 -5.19
CA GLU D 205 -14.92 -20.15 -6.15
C GLU D 205 -14.20 -19.39 -7.25
N GLU D 206 -14.88 -18.43 -7.87
CA GLU D 206 -14.28 -17.69 -8.97
C GLU D 206 -13.15 -16.79 -8.50
N VAL D 207 -13.27 -16.23 -7.30
CA VAL D 207 -12.23 -15.33 -6.80
C VAL D 207 -10.93 -16.10 -6.57
N LYS D 208 -11.02 -17.32 -6.04
CA LYS D 208 -9.82 -18.11 -5.82
C LYS D 208 -9.11 -18.43 -7.12
N LYS D 209 -9.83 -18.49 -8.24
CA LYS D 209 -9.22 -18.76 -9.54
C LYS D 209 -8.61 -17.52 -10.18
N GLN D 210 -8.78 -16.35 -9.60
CA GLN D 210 -8.28 -15.12 -10.18
C GLN D 210 -6.82 -14.89 -9.83
N SER D 211 -6.09 -14.28 -10.76
CA SER D 211 -4.70 -13.90 -10.56
C SER D 211 -4.45 -12.59 -11.30
N VAL D 212 -3.42 -11.87 -10.87
CA VAL D 212 -3.15 -10.53 -11.38
C VAL D 212 -2.38 -10.60 -12.69
N SER D 213 -2.32 -9.48 -13.41
CA SER D 213 -1.44 -9.33 -14.55
C SER D 213 -0.43 -8.23 -14.25
N ARG D 214 0.05 -7.55 -15.28
CA ARG D 214 1.10 -6.54 -15.10
C ARG D 214 1.18 -5.69 -16.35
N ASN D 215 1.39 -4.39 -16.16
CA ASN D 215 1.52 -3.47 -17.29
C ASN D 215 2.50 -2.37 -16.93
N ARG D 216 2.82 -1.53 -17.92
CA ARG D 216 3.94 -0.62 -17.84
C ARG D 216 3.63 0.71 -17.13
N ASP D 217 2.43 1.26 -17.29
CA ASP D 217 2.14 2.57 -16.75
C ASP D 217 1.19 2.48 -15.56
N ALA D 218 1.38 3.40 -14.61
CA ALA D 218 0.62 3.36 -13.36
C ALA D 218 -0.87 3.61 -13.54
N PRO D 219 -1.32 4.62 -14.29
CA PRO D 219 -2.77 4.79 -14.46
C PRO D 219 -3.37 3.60 -15.19
N GLU D 220 -4.49 3.11 -14.69
CA GLU D 220 -5.09 1.88 -15.18
C GLU D 220 -6.35 2.18 -15.98
N GLY D 221 -6.87 1.14 -16.64
CA GLY D 221 -8.02 1.27 -17.50
C GLY D 221 -9.31 0.83 -16.85
N GLY D 222 -9.54 1.25 -15.60
CA GLY D 222 -10.73 0.83 -14.89
C GLY D 222 -12.00 1.50 -15.39
N PHE D 223 -11.88 2.71 -15.94
CA PHE D 223 -13.07 3.41 -16.42
C PHE D 223 -13.70 2.69 -17.61
N ASP D 224 -12.90 2.05 -18.45
CA ASP D 224 -13.45 1.16 -19.47
C ASP D 224 -14.31 0.08 -18.84
N ALA D 225 -13.84 -0.53 -17.76
CA ALA D 225 -14.60 -1.59 -17.10
C ALA D 225 -15.87 -1.06 -16.47
N ILE D 226 -15.81 0.11 -15.84
CA ILE D 226 -17.01 0.73 -15.27
C ILE D 226 -18.07 0.90 -16.34
N MET D 227 -17.67 1.40 -17.52
CA MET D 227 -18.62 1.58 -18.61
C MET D 227 -19.26 0.27 -19.02
N GLN D 228 -18.44 -0.77 -19.19
CA GLN D 228 -18.97 -2.07 -19.63
C GLN D 228 -19.85 -2.69 -18.56
N ALA D 229 -19.39 -2.69 -17.30
CA ALA D 229 -20.20 -3.22 -16.21
C ALA D 229 -21.53 -2.49 -16.07
N THR D 230 -21.61 -1.26 -16.57
CA THR D 230 -22.86 -0.49 -16.48
C THR D 230 -23.80 -0.82 -17.63
N VAL D 231 -23.28 -0.84 -18.87
CA VAL D 231 -24.13 -0.95 -20.05
C VAL D 231 -24.38 -2.38 -20.50
N CYS D 232 -23.71 -3.37 -19.90
CA CYS D 232 -23.93 -4.77 -20.26
C CYS D 232 -24.93 -5.36 -19.26
N ASP D 233 -26.20 -5.03 -19.49
CA ASP D 233 -27.25 -5.36 -18.52
C ASP D 233 -27.37 -6.86 -18.32
N GLU D 234 -27.47 -7.61 -19.41
CA GLU D 234 -27.75 -9.04 -19.30
C GLU D 234 -26.58 -9.80 -18.69
N LYS D 235 -25.36 -9.50 -19.12
CA LYS D 235 -24.21 -10.24 -18.62
C LYS D 235 -23.94 -9.95 -17.15
N ILE D 236 -23.90 -8.66 -16.79
CA ILE D 236 -23.72 -8.31 -15.38
C ILE D 236 -24.92 -8.80 -14.56
N GLY D 237 -26.13 -8.71 -15.13
CA GLY D 237 -27.30 -9.23 -14.47
C GLY D 237 -27.97 -8.31 -13.48
N TRP D 238 -27.84 -6.99 -13.66
CA TRP D 238 -28.53 -6.04 -12.80
C TRP D 238 -30.02 -6.32 -12.80
N ARG D 239 -30.63 -6.24 -11.62
CA ARG D 239 -32.06 -6.48 -11.47
C ARG D 239 -32.83 -5.17 -11.54
N ASN D 240 -34.08 -5.28 -11.98
CA ASN D 240 -34.92 -4.09 -12.13
C ASN D 240 -35.18 -3.42 -10.79
N ASP D 241 -35.70 -4.17 -9.82
CA ASP D 241 -36.12 -3.62 -8.54
C ASP D 241 -35.10 -3.99 -7.46
N ALA D 242 -33.96 -3.32 -7.53
CA ALA D 242 -32.89 -3.56 -6.57
C ALA D 242 -31.90 -2.41 -6.63
N SER D 243 -31.32 -2.09 -5.47
CA SER D 243 -30.22 -1.15 -5.41
C SER D 243 -29.00 -1.76 -6.11
N HIS D 244 -28.33 -0.95 -6.92
CA HIS D 244 -27.23 -1.41 -7.76
C HIS D 244 -25.94 -0.76 -7.26
N LEU D 245 -25.09 -1.55 -6.61
CA LEU D 245 -23.79 -1.09 -6.13
C LEU D 245 -22.71 -1.62 -7.05
N LEU D 246 -21.90 -0.71 -7.61
CA LEU D 246 -20.74 -1.05 -8.41
C LEU D 246 -19.50 -0.67 -7.60
N VAL D 247 -18.85 -1.67 -7.01
CA VAL D 247 -17.71 -1.45 -6.14
C VAL D 247 -16.45 -1.42 -7.00
N PHE D 248 -15.83 -0.26 -7.09
CA PHE D 248 -14.63 -0.04 -7.91
C PHE D 248 -13.44 0.06 -6.97
N THR D 249 -12.55 -0.92 -7.04
CA THR D 249 -11.38 -0.98 -6.17
C THR D 249 -10.11 -0.80 -6.98
N THR D 250 -9.25 0.12 -6.55
CA THR D 250 -7.99 0.38 -7.22
C THR D 250 -7.06 1.11 -6.27
N ASP D 251 -5.78 1.14 -6.63
CA ASP D 251 -4.76 1.83 -5.85
C ASP D 251 -3.92 2.79 -6.68
N ALA D 252 -4.44 3.21 -7.84
CA ALA D 252 -3.66 4.01 -8.77
C ALA D 252 -4.56 5.05 -9.44
N LYS D 253 -3.91 5.95 -10.17
CA LYS D 253 -4.63 6.84 -11.07
C LYS D 253 -5.45 6.04 -12.08
N THR D 254 -6.29 6.75 -12.83
CA THR D 254 -7.10 6.12 -13.85
C THR D 254 -6.92 6.85 -15.17
N HIS D 255 -6.84 6.08 -16.26
CA HIS D 255 -6.87 6.68 -17.58
C HIS D 255 -8.24 7.29 -17.84
N ILE D 256 -8.23 8.40 -18.58
CA ILE D 256 -9.45 9.15 -18.87
C ILE D 256 -9.57 9.28 -20.38
N ALA D 257 -10.73 9.78 -20.81
CA ALA D 257 -10.95 10.00 -22.24
C ALA D 257 -9.88 10.91 -22.80
N LEU D 258 -9.43 10.58 -24.01
CA LEU D 258 -8.36 11.20 -24.79
C LEU D 258 -6.97 10.70 -24.38
N ASP D 259 -6.85 9.93 -23.30
CA ASP D 259 -5.58 9.27 -23.01
C ASP D 259 -5.25 8.20 -24.04
N GLY D 260 -6.26 7.62 -24.67
CA GLY D 260 -6.04 6.50 -25.57
C GLY D 260 -5.21 6.83 -26.79
N ARG D 261 -5.03 8.12 -27.09
CA ARG D 261 -4.26 8.51 -28.27
C ARG D 261 -2.81 8.04 -28.16
N LEU D 262 -2.29 7.87 -26.95
CA LEU D 262 -0.94 7.35 -26.80
C LEU D 262 -0.81 5.91 -27.28
N ALA D 263 -1.92 5.17 -27.38
CA ALA D 263 -1.93 3.85 -27.98
C ALA D 263 -2.51 3.87 -29.40
N GLY D 264 -2.56 5.04 -30.03
CA GLY D 264 -3.14 5.16 -31.35
C GLY D 264 -4.65 5.07 -31.39
N ILE D 265 -5.32 5.11 -30.25
CA ILE D 265 -6.77 4.99 -30.18
CA ILE D 265 -6.77 4.99 -30.18
C ILE D 265 -7.38 6.39 -30.18
N VAL D 266 -8.13 6.70 -31.23
CA VAL D 266 -8.78 8.01 -31.33
C VAL D 266 -10.29 7.92 -31.36
N GLN D 267 -10.87 6.75 -31.58
CA GLN D 267 -12.33 6.64 -31.66
C GLN D 267 -12.94 6.86 -30.28
N PRO D 268 -13.91 7.76 -30.14
CA PRO D 268 -14.51 7.99 -28.83
C PRO D 268 -15.32 6.79 -28.36
N ASN D 269 -15.46 6.68 -27.04
CA ASN D 269 -16.27 5.63 -26.45
C ASN D 269 -17.72 5.79 -26.88
N ASP D 270 -18.32 4.71 -27.37
CA ASP D 270 -19.68 4.75 -27.86
C ASP D 270 -20.72 4.47 -26.78
N GLY D 271 -20.29 4.15 -25.56
CA GLY D 271 -21.22 3.88 -24.49
C GLY D 271 -22.09 2.66 -24.69
N GLN D 272 -21.67 1.74 -25.55
CA GLN D 272 -22.40 0.50 -25.83
C GLN D 272 -21.67 -0.67 -25.20
N CYS D 273 -22.37 -1.80 -25.14
CA CYS D 273 -21.77 -3.02 -24.59
C CYS D 273 -20.99 -3.74 -25.68
N HIS D 274 -19.75 -4.11 -25.36
CA HIS D 274 -18.87 -4.84 -26.27
C HIS D 274 -18.23 -6.03 -25.56
N VAL D 275 -19.01 -6.74 -24.76
CA VAL D 275 -18.57 -7.94 -24.08
C VAL D 275 -19.34 -9.11 -24.65
N GLY D 276 -18.66 -9.95 -25.43
CA GLY D 276 -19.27 -11.08 -26.09
C GLY D 276 -19.14 -12.36 -25.29
N SER D 277 -19.39 -13.48 -25.97
CA SER D 277 -19.45 -14.77 -25.31
C SER D 277 -18.18 -15.07 -24.50
N ASP D 278 -17.03 -14.63 -25.00
CA ASP D 278 -15.76 -14.86 -24.30
C ASP D 278 -15.62 -14.03 -23.03
N ASN D 279 -16.57 -13.13 -22.76
CA ASN D 279 -16.62 -12.34 -21.52
C ASN D 279 -15.49 -11.34 -21.39
N HIS D 280 -14.84 -10.97 -22.48
CA HIS D 280 -13.83 -9.91 -22.46
C HIS D 280 -14.33 -8.69 -23.22
N TYR D 281 -13.75 -7.53 -22.88
CA TYR D 281 -14.10 -6.27 -23.53
C TYR D 281 -13.38 -6.22 -24.86
N SER D 282 -14.12 -6.46 -25.95
CA SER D 282 -13.52 -6.61 -27.26
C SER D 282 -13.09 -5.28 -27.87
N ALA D 283 -13.74 -4.18 -27.49
CA ALA D 283 -13.38 -2.86 -28.00
C ALA D 283 -12.26 -2.21 -27.22
N SER D 284 -11.58 -2.97 -26.35
CA SER D 284 -10.56 -2.39 -25.47
C SER D 284 -9.44 -1.74 -26.26
N THR D 285 -9.05 -2.34 -27.37
CA THR D 285 -7.91 -1.87 -28.16
C THR D 285 -8.32 -1.06 -29.38
N THR D 286 -9.61 -0.74 -29.54
CA THR D 286 -10.08 0.01 -30.68
C THR D 286 -10.98 1.18 -30.31
N MET D 287 -11.16 1.46 -29.02
CA MET D 287 -12.09 2.47 -28.55
C MET D 287 -11.53 3.15 -27.31
N ASP D 288 -11.61 4.48 -27.29
CA ASP D 288 -10.95 5.26 -26.25
C ASP D 288 -11.66 5.08 -24.91
N TYR D 289 -10.95 5.46 -23.85
CA TYR D 289 -11.54 5.47 -22.51
C TYR D 289 -12.75 6.39 -22.49
N PRO D 290 -13.76 6.08 -21.69
CA PRO D 290 -14.94 6.95 -21.64
C PRO D 290 -14.64 8.24 -20.90
N SER D 291 -15.52 9.21 -21.09
CA SER D 291 -15.41 10.50 -20.43
C SER D 291 -16.29 10.50 -19.18
N LEU D 292 -16.00 11.45 -18.28
CA LEU D 292 -16.78 11.57 -17.05
C LEU D 292 -18.26 11.78 -17.35
N GLY D 293 -18.56 12.64 -18.34
CA GLY D 293 -19.96 12.87 -18.69
C GLY D 293 -20.64 11.63 -19.23
N LEU D 294 -19.93 10.87 -20.08
CA LEU D 294 -20.51 9.65 -20.63
C LEU D 294 -20.75 8.62 -19.53
N MET D 295 -19.78 8.46 -18.62
CA MET D 295 -19.99 7.56 -17.48
C MET D 295 -21.17 8.02 -16.64
N THR D 296 -21.28 9.33 -16.39
CA THR D 296 -22.40 9.86 -15.63
C THR D 296 -23.73 9.50 -16.29
N GLU D 297 -23.82 9.65 -17.61
CA GLU D 297 -25.06 9.37 -18.31
C GLU D 297 -25.45 7.90 -18.17
N LYS D 298 -24.50 6.98 -18.39
CA LYS D 298 -24.83 5.57 -18.36
C LYS D 298 -25.09 5.08 -16.95
N LEU D 299 -24.32 5.55 -15.97
CA LEU D 299 -24.62 5.22 -14.58
C LEU D 299 -26.01 5.70 -14.18
N SER D 300 -26.39 6.91 -14.63
CA SER D 300 -27.71 7.43 -14.30
C SER D 300 -28.81 6.68 -15.04
N GLN D 301 -28.59 6.36 -16.32
CA GLN D 301 -29.59 5.65 -17.10
C GLN D 301 -29.82 4.25 -16.54
N LYS D 302 -28.75 3.46 -16.40
CA LYS D 302 -28.86 2.11 -15.85
C LYS D 302 -29.03 2.11 -14.34
N ASN D 303 -28.94 3.27 -13.69
CA ASN D 303 -29.22 3.44 -12.26
C ASN D 303 -28.20 2.69 -11.40
N ILE D 304 -26.94 3.08 -11.49
CA ILE D 304 -25.85 2.42 -10.79
C ILE D 304 -25.25 3.37 -9.77
N ASN D 305 -24.97 2.85 -8.58
CA ASN D 305 -24.28 3.61 -7.52
C ASN D 305 -22.80 3.22 -7.56
N LEU D 306 -22.01 4.00 -8.29
CA LEU D 306 -20.58 3.74 -8.41
C LEU D 306 -19.88 4.10 -7.10
N ILE D 307 -19.15 3.13 -6.53
CA ILE D 307 -18.43 3.32 -5.29
C ILE D 307 -16.94 3.28 -5.60
N PHE D 308 -16.26 4.39 -5.32
CA PHE D 308 -14.81 4.48 -5.50
C PHE D 308 -14.15 3.98 -4.22
N ALA D 309 -13.69 2.73 -4.23
CA ALA D 309 -12.97 2.14 -3.10
C ALA D 309 -11.49 2.23 -3.44
N VAL D 310 -10.86 3.34 -3.06
CA VAL D 310 -9.50 3.64 -3.47
C VAL D 310 -8.62 3.82 -2.24
N THR D 311 -7.31 3.68 -2.46
CA THR D 311 -6.34 3.73 -1.38
C THR D 311 -6.00 5.16 -1.01
N GLU D 312 -5.35 5.31 0.16
CA GLU D 312 -5.05 6.61 0.75
C GLU D 312 -4.38 7.55 -0.24
N ASN D 313 -3.50 7.02 -1.10
CA ASN D 313 -2.70 7.86 -1.98
C ASN D 313 -3.50 8.46 -3.12
N VAL D 314 -4.74 8.04 -3.36
CA VAL D 314 -5.53 8.57 -4.46
C VAL D 314 -6.93 8.93 -4.00
N VAL D 315 -7.13 9.05 -2.68
CA VAL D 315 -8.45 9.40 -2.15
C VAL D 315 -8.88 10.75 -2.68
N ASN D 316 -8.00 11.76 -2.56
CA ASN D 316 -8.34 13.10 -3.02
C ASN D 316 -8.61 13.13 -4.52
N LEU D 317 -7.85 12.34 -5.28
CA LEU D 317 -8.07 12.27 -6.73
C LEU D 317 -9.48 11.78 -7.05
N TYR D 318 -9.88 10.65 -6.47
CA TYR D 318 -11.20 10.11 -6.73
C TYR D 318 -12.31 10.84 -5.98
N GLN D 319 -11.98 11.51 -4.87
CA GLN D 319 -12.95 12.40 -4.25
C GLN D 319 -13.28 13.57 -5.16
N ASN D 320 -12.28 14.07 -5.90
CA ASN D 320 -12.51 15.17 -6.83
C ASN D 320 -13.24 14.69 -8.08
N TYR D 321 -13.00 13.44 -8.52
CA TYR D 321 -13.82 12.87 -9.57
C TYR D 321 -15.25 12.67 -9.11
N SER D 322 -15.43 12.24 -7.86
CA SER D 322 -16.77 11.99 -7.34
C SER D 322 -17.64 13.24 -7.41
N GLU D 323 -17.06 14.41 -7.19
CA GLU D 323 -17.81 15.65 -7.26
C GLU D 323 -18.19 16.00 -8.70
N LEU D 324 -17.50 15.44 -9.69
CA LEU D 324 -17.87 15.61 -11.09
C LEU D 324 -18.84 14.54 -11.58
N ILE D 325 -19.00 13.44 -10.85
CA ILE D 325 -20.01 12.43 -11.16
C ILE D 325 -20.94 12.32 -9.96
N PRO D 326 -22.01 13.14 -9.90
CA PRO D 326 -22.89 13.10 -8.73
C PRO D 326 -23.47 11.72 -8.49
N GLY D 327 -23.71 11.41 -7.21
CA GLY D 327 -24.22 10.13 -6.81
C GLY D 327 -23.16 9.11 -6.45
N THR D 328 -21.92 9.30 -6.90
CA THR D 328 -20.86 8.36 -6.57
C THR D 328 -20.41 8.53 -5.13
N THR D 329 -19.81 7.47 -4.59
CA THR D 329 -19.35 7.43 -3.21
C THR D 329 -17.88 7.04 -3.18
N VAL D 330 -17.12 7.62 -2.26
CA VAL D 330 -15.70 7.35 -2.11
C VAL D 330 -15.47 6.74 -0.73
N GLY D 331 -14.80 5.61 -0.69
CA GLY D 331 -14.37 5.01 0.56
C GLY D 331 -12.89 4.71 0.52
N VAL D 332 -12.23 4.90 1.67
CA VAL D 332 -10.79 4.71 1.76
C VAL D 332 -10.50 3.21 1.87
N LEU D 333 -9.86 2.66 0.84
CA LEU D 333 -9.52 1.25 0.80
C LEU D 333 -8.12 1.04 1.35
N SER D 334 -7.95 -0.02 2.13
CA SER D 334 -6.63 -0.37 2.63
C SER D 334 -5.72 -0.80 1.50
N MET D 335 -4.40 -0.78 1.76
CA MET D 335 -3.44 -1.22 0.75
C MET D 335 -3.51 -2.71 0.47
N ASP D 336 -4.39 -3.44 1.15
CA ASP D 336 -4.59 -4.87 0.91
C ASP D 336 -6.05 -5.24 0.75
N SER D 337 -6.96 -4.27 0.74
CA SER D 337 -8.40 -4.49 0.64
C SER D 337 -8.96 -5.28 1.81
N SER D 338 -8.25 -5.32 2.94
CA SER D 338 -8.75 -6.04 4.11
C SER D 338 -9.97 -5.38 4.72
N ASN D 339 -10.17 -4.08 4.49
CA ASN D 339 -11.30 -3.34 5.05
C ASN D 339 -12.43 -3.17 4.04
N VAL D 340 -12.40 -3.87 2.92
CA VAL D 340 -13.33 -3.59 1.83
C VAL D 340 -14.77 -3.92 2.24
N LEU D 341 -14.95 -4.98 3.04
CA LEU D 341 -16.29 -5.37 3.45
C LEU D 341 -16.96 -4.24 4.21
N GLN D 342 -16.31 -3.75 5.27
CA GLN D 342 -16.87 -2.63 6.03
C GLN D 342 -16.98 -1.38 5.16
N LEU D 343 -16.11 -1.24 4.15
CA LEU D 343 -16.21 -0.12 3.23
C LEU D 343 -17.49 -0.19 2.40
N ILE D 344 -17.84 -1.39 1.94
CA ILE D 344 -19.05 -1.57 1.15
C ILE D 344 -20.28 -1.31 2.02
N VAL D 345 -20.29 -1.87 3.23
CA VAL D 345 -21.44 -1.71 4.12
C VAL D 345 -21.67 -0.24 4.45
N ASP D 346 -20.59 0.51 4.70
CA ASP D 346 -20.73 1.92 5.01
C ASP D 346 -21.23 2.71 3.81
N ALA D 347 -20.74 2.39 2.61
CA ALA D 347 -21.18 3.09 1.41
C ALA D 347 -22.65 2.82 1.12
N TYR D 348 -23.09 1.57 1.29
CA TYR D 348 -24.50 1.24 1.07
C TYR D 348 -25.40 2.05 1.99
N GLY D 349 -25.03 2.16 3.26
CA GLY D 349 -25.81 2.99 4.17
C GLY D 349 -25.76 4.46 3.81
N LYS D 350 -24.58 4.94 3.42
CA LYS D 350 -24.47 6.33 2.97
C LYS D 350 -25.28 6.57 1.70
N ILE D 351 -25.38 5.56 0.84
CA ILE D 351 -26.15 5.71 -0.40
C ILE D 351 -27.64 5.82 -0.08
N ARG D 352 -28.12 5.05 0.89
CA ARG D 352 -29.52 5.07 1.27
C ARG D 352 -29.81 6.06 2.39
N SER D 353 -28.88 6.97 2.67
CA SER D 353 -29.06 8.02 3.67
C SER D 353 -29.60 9.30 3.07
N LYS D 354 -29.75 9.37 1.75
CA LYS D 354 -30.16 10.59 1.06
C LYS D 354 -31.41 10.33 0.25
N VAL D 355 -32.30 11.33 0.23
CA VAL D 355 -33.49 11.33 -0.60
C VAL D 355 -33.53 12.67 -1.30
N GLU D 356 -33.29 12.67 -2.61
CA GLU D 356 -33.25 13.89 -3.41
C GLU D 356 -34.29 13.79 -4.51
N LEU D 357 -35.16 14.78 -4.60
CA LEU D 357 -36.24 14.79 -5.58
C LEU D 357 -35.78 15.42 -6.88
N GLU D 358 -36.17 14.80 -7.99
CA GLU D 358 -35.99 15.38 -9.32
C GLU D 358 -37.34 15.43 -10.02
N VAL D 359 -37.53 16.47 -10.83
CA VAL D 359 -38.77 16.69 -11.56
C VAL D 359 -38.51 16.41 -13.03
N ARG D 360 -39.45 15.74 -13.69
CA ARG D 360 -39.33 15.38 -15.09
C ARG D 360 -40.57 15.84 -15.84
N ASP D 361 -40.35 16.41 -17.02
CA ASP D 361 -41.41 16.85 -17.94
C ASP D 361 -42.22 18.02 -17.37
N LEU D 362 -41.58 18.87 -16.58
CA LEU D 362 -42.27 20.03 -16.03
C LEU D 362 -42.56 21.04 -17.14
N PRO D 363 -43.83 21.40 -17.37
CA PRO D 363 -44.13 22.34 -18.47
C PRO D 363 -43.51 23.71 -18.22
N GLU D 364 -43.28 24.42 -19.32
CA GLU D 364 -42.56 25.69 -19.28
C GLU D 364 -43.26 26.69 -18.34
N GLU D 365 -44.58 26.67 -18.30
CA GLU D 365 -45.35 27.65 -17.54
C GLU D 365 -45.46 27.32 -16.06
N LEU D 366 -45.09 26.12 -15.64
CA LEU D 366 -45.18 25.73 -14.24
C LEU D 366 -43.84 25.94 -13.54
N SER D 367 -43.92 26.35 -12.27
CA SER D 367 -42.74 26.48 -11.41
C SER D 367 -43.06 25.87 -10.06
N LEU D 368 -42.08 25.23 -9.45
CA LEU D 368 -42.27 24.49 -8.21
C LEU D 368 -41.37 25.03 -7.11
N SER D 369 -41.86 24.93 -5.88
CA SER D 369 -41.11 25.26 -4.68
C SER D 369 -41.35 24.17 -3.65
N PHE D 370 -40.33 23.93 -2.80
CA PHE D 370 -40.32 22.76 -1.93
C PHE D 370 -39.99 23.15 -0.50
N ASN D 371 -40.69 22.56 0.46
CA ASN D 371 -40.35 22.63 1.87
C ASN D 371 -40.17 21.22 2.39
N ALA D 372 -38.94 20.88 2.77
CA ALA D 372 -38.60 19.53 3.20
C ALA D 372 -38.80 19.38 4.70
N THR D 373 -39.23 18.19 5.11
CA THR D 373 -39.33 17.80 6.51
C THR D 373 -38.48 16.54 6.67
N CYS D 374 -37.22 16.73 7.08
CA CYS D 374 -36.28 15.62 7.15
C CYS D 374 -36.24 15.03 8.55
N LEU D 375 -35.04 14.95 9.13
CA LEU D 375 -34.85 14.41 10.47
C LEU D 375 -35.80 15.02 11.47
N ASN D 376 -36.57 14.15 12.13
CA ASN D 376 -37.61 14.55 13.07
C ASN D 376 -38.68 15.30 12.26
N ASN D 377 -39.09 16.50 12.68
CA ASN D 377 -40.05 17.37 12.00
C ASN D 377 -39.45 18.76 11.78
N GLU D 378 -38.19 18.80 11.38
CA GLU D 378 -37.49 20.06 11.15
C GLU D 378 -37.77 20.48 9.71
N VAL D 379 -38.65 21.44 9.54
CA VAL D 379 -39.04 21.93 8.21
C VAL D 379 -37.92 22.81 7.68
N ILE D 380 -37.45 22.50 6.48
CA ILE D 380 -36.37 23.26 5.84
C ILE D 380 -36.91 23.88 4.55
N PRO D 381 -37.13 25.19 4.50
CA PRO D 381 -37.73 25.79 3.31
C PRO D 381 -36.75 25.87 2.15
N GLY D 382 -37.31 25.88 0.94
CA GLY D 382 -36.52 25.98 -0.26
C GLY D 382 -35.58 24.82 -0.51
N LEU D 383 -35.89 23.64 0.05
CA LEU D 383 -35.02 22.48 -0.07
C LEU D 383 -35.85 21.29 -0.51
N LYS D 384 -35.33 20.53 -1.48
CA LYS D 384 -36.01 19.37 -2.03
C LYS D 384 -35.20 18.09 -1.80
N SER D 385 -34.41 18.05 -0.74
CA SER D 385 -33.55 16.91 -0.48
C SER D 385 -33.29 16.78 1.01
N CYS D 386 -33.11 15.54 1.46
CA CYS D 386 -32.79 15.24 2.85
C CYS D 386 -31.52 14.42 2.92
N MET D 387 -30.79 14.58 4.03
CA MET D 387 -29.54 13.87 4.26
C MET D 387 -29.53 13.32 5.68
N GLY D 388 -28.53 12.49 5.96
CA GLY D 388 -28.39 11.91 7.29
C GLY D 388 -29.53 11.00 7.69
N LEU D 389 -30.05 10.22 6.75
CA LEU D 389 -31.17 9.34 7.01
C LEU D 389 -30.68 7.90 7.20
N LYS D 390 -31.52 7.11 7.86
CA LYS D 390 -31.25 5.69 8.06
C LYS D 390 -32.32 4.88 7.32
N ILE D 391 -31.98 3.61 7.04
CA ILE D 391 -32.92 2.74 6.37
C ILE D 391 -34.16 2.56 7.24
N GLY D 392 -35.33 2.84 6.67
CA GLY D 392 -36.58 2.79 7.38
C GLY D 392 -37.17 4.16 7.70
N ASP D 393 -36.38 5.22 7.56
CA ASP D 393 -36.85 6.56 7.82
C ASP D 393 -37.73 7.05 6.68
N THR D 394 -38.67 7.93 7.01
CA THR D 394 -39.57 8.54 6.05
C THR D 394 -39.42 10.05 6.11
N VAL D 395 -39.41 10.69 4.94
CA VAL D 395 -39.38 12.15 4.83
C VAL D 395 -40.56 12.58 3.97
N SER D 396 -40.90 13.87 4.08
CA SER D 396 -42.01 14.43 3.33
C SER D 396 -41.60 15.78 2.77
N PHE D 397 -42.34 16.21 1.74
CA PHE D 397 -42.08 17.47 1.07
C PHE D 397 -43.41 18.15 0.76
N SER D 398 -43.54 19.40 1.17
CA SER D 398 -44.63 20.25 0.71
C SER D 398 -44.22 20.92 -0.59
N ILE D 399 -45.10 20.87 -1.58
CA ILE D 399 -44.80 21.35 -2.93
C ILE D 399 -45.90 22.30 -3.36
N GLU D 400 -45.51 23.43 -3.94
CA GLU D 400 -46.43 24.44 -4.44
C GLU D 400 -46.19 24.64 -5.93
N ALA D 401 -47.24 24.46 -6.73
CA ALA D 401 -47.16 24.62 -8.17
C ALA D 401 -47.81 25.94 -8.57
N LYS D 402 -47.04 26.81 -9.20
CA LYS D 402 -47.51 28.12 -9.64
C LYS D 402 -47.46 28.19 -11.16
N VAL D 403 -48.60 28.42 -11.79
CA VAL D 403 -48.70 28.53 -13.24
C VAL D 403 -48.75 30.01 -13.61
N ARG D 404 -48.01 30.38 -14.66
CA ARG D 404 -47.98 31.74 -15.16
C ARG D 404 -48.82 31.83 -16.43
N GLY D 405 -49.90 32.60 -16.38
CA GLY D 405 -50.76 32.73 -17.54
C GLY D 405 -51.62 31.49 -17.76
N CYS D 406 -52.04 31.30 -19.00
CA CYS D 406 -52.81 30.12 -19.39
C CYS D 406 -52.10 29.45 -20.55
N PRO D 407 -51.64 28.21 -20.38
CA PRO D 407 -50.97 27.53 -21.50
C PRO D 407 -51.95 27.09 -22.58
N GLN D 408 -51.38 26.81 -23.75
CA GLN D 408 -52.20 26.36 -24.88
C GLN D 408 -52.84 25.02 -24.60
N GLU D 409 -52.03 24.03 -24.22
CA GLU D 409 -52.55 22.71 -23.86
C GLU D 409 -53.16 22.77 -22.47
N LYS D 410 -54.41 22.32 -22.36
CA LYS D 410 -55.14 22.39 -21.10
C LYS D 410 -54.87 21.21 -20.17
N GLU D 411 -54.21 20.15 -20.65
CA GLU D 411 -53.94 18.97 -19.84
C GLU D 411 -52.53 18.48 -20.10
N LYS D 412 -51.70 18.48 -19.04
CA LYS D 412 -50.35 17.94 -19.10
C LYS D 412 -50.12 17.11 -17.84
N SER D 413 -48.96 16.47 -17.77
CA SER D 413 -48.62 15.68 -16.59
C SER D 413 -47.11 15.55 -16.51
N PHE D 414 -46.58 15.68 -15.29
CA PHE D 414 -45.16 15.56 -15.03
C PHE D 414 -44.93 14.61 -13.87
N THR D 415 -43.66 14.29 -13.62
CA THR D 415 -43.27 13.27 -12.65
C THR D 415 -42.34 13.87 -11.61
N ILE D 416 -42.57 13.52 -10.35
CA ILE D 416 -41.67 13.82 -9.25
C ILE D 416 -41.14 12.50 -8.73
N LYS D 417 -39.86 12.22 -8.99
CA LYS D 417 -39.26 10.95 -8.63
C LYS D 417 -38.02 11.17 -7.78
N PRO D 418 -37.87 10.46 -6.67
CA PRO D 418 -36.61 10.52 -5.92
C PRO D 418 -35.48 9.90 -6.72
N VAL D 419 -34.29 10.50 -6.61
CA VAL D 419 -33.14 10.04 -7.39
C VAL D 419 -32.80 8.60 -7.01
N GLY D 420 -32.70 7.74 -8.02
CA GLY D 420 -32.38 6.35 -7.81
C GLY D 420 -33.55 5.46 -7.44
N PHE D 421 -34.72 6.03 -7.21
CA PHE D 421 -35.90 5.26 -6.83
C PHE D 421 -36.63 4.76 -8.07
N LYS D 422 -37.42 3.69 -7.88
CA LYS D 422 -38.28 3.17 -8.93
C LYS D 422 -39.64 3.88 -8.94
N ASP D 423 -40.29 3.95 -7.79
CA ASP D 423 -41.59 4.58 -7.68
C ASP D 423 -41.47 6.09 -7.79
N SER D 424 -42.57 6.73 -8.20
CA SER D 424 -42.59 8.17 -8.41
C SER D 424 -44.01 8.69 -8.21
N LEU D 425 -44.15 10.01 -8.25
CA LEU D 425 -45.44 10.68 -8.15
C LEU D 425 -45.75 11.33 -9.50
N ILE D 426 -46.78 10.84 -10.17
CA ILE D 426 -47.25 11.42 -11.41
C ILE D 426 -48.31 12.47 -11.07
N VAL D 427 -48.08 13.70 -11.52
CA VAL D 427 -48.99 14.82 -11.28
C VAL D 427 -49.66 15.15 -12.60
N GLN D 428 -50.95 14.86 -12.71
CA GLN D 428 -51.73 15.18 -13.90
C GLN D 428 -52.36 16.55 -13.72
N VAL D 429 -51.87 17.53 -14.47
CA VAL D 429 -52.28 18.91 -14.34
C VAL D 429 -53.38 19.22 -15.34
N THR D 430 -54.42 19.92 -14.88
CA THR D 430 -55.48 20.43 -15.74
C THR D 430 -55.61 21.92 -15.51
N PHE D 431 -55.52 22.69 -16.60
CA PHE D 431 -55.55 24.15 -16.52
C PHE D 431 -56.98 24.63 -16.73
N ASP D 432 -57.54 25.27 -15.70
CA ASP D 432 -58.92 25.74 -15.73
C ASP D 432 -58.93 27.20 -16.19
N CYS D 433 -58.84 27.38 -17.50
CA CYS D 433 -58.82 28.72 -18.09
C CYS D 433 -60.17 29.16 -18.62
N ASP D 434 -60.97 28.23 -19.12
CA ASP D 434 -62.23 28.58 -19.76
C ASP D 434 -63.38 28.50 -18.77
N CYS D 435 -64.53 29.02 -19.19
CA CYS D 435 -65.75 28.98 -18.40
C CYS D 435 -66.67 27.87 -18.90
N ALA D 436 -67.46 27.31 -17.98
CA ALA D 436 -68.38 26.24 -18.35
C ALA D 436 -69.45 26.73 -19.32
N CYS D 437 -69.89 27.98 -19.18
CA CYS D 437 -70.91 28.55 -20.06
C CYS D 437 -70.47 28.64 -21.52
N GLN D 438 -69.17 28.51 -21.80
CA GLN D 438 -68.72 28.57 -23.18
C GLN D 438 -69.22 27.38 -24.00
N ALA D 439 -69.53 26.26 -23.34
CA ALA D 439 -70.07 25.11 -24.07
C ALA D 439 -71.45 25.41 -24.61
N GLN D 440 -72.21 26.28 -23.95
CA GLN D 440 -73.52 26.71 -24.43
C GLN D 440 -73.45 27.96 -25.29
N ALA D 441 -72.27 28.31 -25.80
CA ALA D 441 -72.14 29.46 -26.67
C ALA D 441 -72.98 29.28 -27.92
N GLU D 442 -73.55 30.38 -28.40
CA GLU D 442 -74.41 30.36 -29.58
C GLU D 442 -73.73 31.11 -30.72
N PRO D 443 -73.09 30.40 -31.65
CA PRO D 443 -72.49 31.10 -32.79
C PRO D 443 -73.55 31.67 -33.71
N ASN D 444 -73.21 32.80 -34.33
CA ASN D 444 -74.10 33.48 -35.27
C ASN D 444 -75.45 33.77 -34.61
N SER D 445 -75.41 34.23 -33.37
CA SER D 445 -76.63 34.44 -32.60
C SER D 445 -77.36 35.68 -33.08
N HIS D 446 -78.69 35.56 -33.20
CA HIS D 446 -79.52 36.71 -33.54
C HIS D 446 -79.37 37.84 -32.54
N ARG D 447 -79.00 37.51 -31.30
CA ARG D 447 -78.89 38.52 -30.25
CA ARG D 447 -78.89 38.52 -30.26
C ARG D 447 -77.67 39.42 -30.44
N CYS D 448 -76.71 39.03 -31.28
CA CYS D 448 -75.47 39.78 -31.47
C CYS D 448 -75.38 40.26 -32.92
N ASN D 449 -75.72 41.53 -33.13
CA ASN D 449 -75.55 42.20 -34.43
C ASN D 449 -76.31 41.48 -35.54
N ASN D 450 -77.51 40.98 -35.21
CA ASN D 450 -78.40 40.29 -36.15
C ASN D 450 -77.81 38.98 -36.65
N GLY D 451 -76.76 38.46 -36.00
CA GLY D 451 -76.20 37.19 -36.41
C GLY D 451 -74.73 37.24 -36.75
N ASN D 452 -74.08 38.38 -36.50
CA ASN D 452 -72.68 38.54 -36.85
C ASN D 452 -71.72 38.15 -35.72
N GLY D 453 -72.20 38.06 -34.48
CA GLY D 453 -71.37 37.73 -33.35
C GLY D 453 -71.82 36.46 -32.65
N THR D 454 -71.04 36.08 -31.64
CA THR D 454 -71.29 34.89 -30.84
C THR D 454 -71.77 35.30 -29.45
N PHE D 455 -72.80 34.61 -28.97
CA PHE D 455 -73.39 34.89 -27.65
C PHE D 455 -72.94 33.80 -26.69
N GLU D 456 -71.94 34.12 -25.86
CA GLU D 456 -71.46 33.20 -24.84
C GLU D 456 -71.45 33.91 -23.49
N CYS D 457 -71.92 33.20 -22.47
CA CYS D 457 -71.86 33.65 -21.08
C CYS D 457 -72.49 35.02 -20.89
N GLY D 458 -73.56 35.30 -21.63
CA GLY D 458 -74.36 36.49 -21.43
C GLY D 458 -73.88 37.74 -22.13
N VAL D 459 -72.86 37.65 -23.00
CA VAL D 459 -72.34 38.80 -23.72
C VAL D 459 -72.08 38.43 -25.17
N CYS D 460 -71.88 39.45 -26.00
CA CYS D 460 -71.70 39.28 -27.44
C CYS D 460 -70.23 39.42 -27.78
N ARG D 461 -69.63 38.34 -28.27
CA ARG D 461 -68.25 38.34 -28.73
C ARG D 461 -68.24 38.44 -30.25
N CYS D 462 -67.27 39.19 -30.78
CA CYS D 462 -67.07 39.23 -32.22
C CYS D 462 -66.62 37.85 -32.71
N GLY D 463 -67.31 37.31 -33.71
CA GLY D 463 -67.06 35.96 -34.15
C GLY D 463 -65.73 35.83 -34.87
N PRO D 464 -65.42 34.62 -35.31
CA PRO D 464 -64.16 34.39 -36.01
C PRO D 464 -64.12 35.06 -37.37
N GLY D 465 -62.97 35.62 -37.71
CA GLY D 465 -62.78 36.34 -38.96
C GLY D 465 -62.96 37.83 -38.87
N TRP D 466 -63.45 38.34 -37.75
CA TRP D 466 -63.63 39.77 -37.55
C TRP D 466 -62.44 40.36 -36.80
N LEU D 467 -62.12 41.61 -37.13
CA LEU D 467 -61.04 42.34 -36.47
C LEU D 467 -61.61 43.43 -35.59
N GLY D 468 -61.02 43.61 -34.42
CA GLY D 468 -61.47 44.61 -33.47
C GLY D 468 -62.30 44.00 -32.35
N SER D 469 -62.34 44.73 -31.22
CA SER D 469 -63.15 44.29 -30.10
C SER D 469 -64.62 44.62 -30.27
N GLN D 470 -64.93 45.68 -31.02
CA GLN D 470 -66.31 46.06 -31.30
C GLN D 470 -66.63 45.96 -32.79
N CYS D 471 -65.70 45.41 -33.59
CA CYS D 471 -65.94 45.11 -35.00
C CYS D 471 -66.28 46.38 -35.79
N GLU E 1 33.68 24.02 -32.45
CA GLU E 1 34.48 23.00 -33.12
C GLU E 1 34.91 21.92 -32.14
N VAL E 2 34.77 20.66 -32.55
CA VAL E 2 35.11 19.53 -31.70
C VAL E 2 36.63 19.35 -31.67
N GLN E 3 37.17 19.14 -30.47
CA GLN E 3 38.60 18.91 -30.32
C GLN E 3 38.85 18.22 -28.99
N LEU E 4 39.65 17.14 -29.03
CA LEU E 4 39.98 16.36 -27.84
C LEU E 4 41.39 16.73 -27.39
N GLN E 5 41.51 17.36 -26.23
CA GLN E 5 42.79 17.81 -25.69
C GLN E 5 43.18 16.88 -24.55
N GLN E 6 44.20 16.06 -24.78
CA GLN E 6 44.68 15.13 -23.78
C GLN E 6 45.79 15.77 -22.94
N SER E 7 46.33 15.00 -22.02
CA SER E 7 47.39 15.47 -21.14
C SER E 7 48.74 15.37 -21.85
N GLY E 8 49.80 15.77 -21.15
CA GLY E 8 51.13 15.74 -21.71
C GLY E 8 51.82 14.40 -21.54
N ALA E 9 52.97 14.26 -22.19
CA ALA E 9 53.72 13.01 -22.14
C ALA E 9 54.07 12.64 -20.71
N GLU E 10 53.95 11.35 -20.40
CA GLU E 10 54.21 10.84 -19.06
C GLU E 10 55.42 9.92 -19.07
N LEU E 11 56.23 10.01 -18.02
CA LEU E 11 57.38 9.14 -17.82
C LEU E 11 57.36 8.64 -16.40
N VAL E 12 57.21 7.32 -16.24
CA VAL E 12 57.04 6.70 -14.93
C VAL E 12 57.88 5.43 -14.87
N LYS E 13 57.99 4.88 -13.66
CA LYS E 13 58.80 3.70 -13.41
C LYS E 13 57.93 2.45 -13.33
N PRO E 14 58.51 1.28 -13.62
CA PRO E 14 57.71 0.05 -13.60
C PRO E 14 57.08 -0.20 -12.23
N GLY E 15 55.86 -0.74 -12.26
CA GLY E 15 55.10 -0.99 -11.06
C GLY E 15 54.25 0.18 -10.58
N ALA E 16 54.51 1.38 -11.08
CA ALA E 16 53.76 2.56 -10.67
C ALA E 16 52.42 2.60 -11.40
N SER E 17 51.70 3.72 -11.28
CA SER E 17 50.40 3.87 -11.91
C SER E 17 50.24 5.32 -12.36
N VAL E 18 49.81 5.51 -13.59
CA VAL E 18 49.61 6.83 -14.17
C VAL E 18 48.17 6.95 -14.65
N LYS E 19 47.63 8.16 -14.56
CA LYS E 19 46.23 8.44 -14.91
C LYS E 19 46.21 9.50 -16.00
N LEU E 20 45.94 9.08 -17.24
CA LEU E 20 45.87 9.99 -18.36
C LEU E 20 44.54 10.73 -18.38
N SER E 21 44.51 11.84 -19.12
CA SER E 21 43.36 12.74 -19.14
C SER E 21 43.00 13.06 -20.59
N CYS E 22 41.71 13.27 -20.83
CA CYS E 22 41.19 13.64 -22.15
C CYS E 22 40.05 14.64 -21.94
N THR E 23 40.31 15.90 -22.22
CA THR E 23 39.36 16.98 -21.99
C THR E 23 38.68 17.37 -23.29
N ALA E 24 37.36 17.55 -23.23
CA ALA E 24 36.58 17.95 -24.39
C ALA E 24 36.64 19.46 -24.57
N SER E 25 36.70 19.89 -25.82
CA SER E 25 36.80 21.31 -26.16
C SER E 25 35.86 21.61 -27.31
N GLY E 26 34.82 22.39 -27.05
CA GLY E 26 33.83 22.72 -28.04
C GLY E 26 32.54 21.91 -27.96
N PHE E 27 32.38 21.10 -26.93
CA PHE E 27 31.20 20.25 -26.76
C PHE E 27 31.26 19.65 -25.36
N ASN E 28 30.14 19.10 -24.92
CA ASN E 28 30.06 18.45 -23.63
C ASN E 28 30.42 16.97 -23.78
N ILE E 29 31.35 16.50 -22.96
CA ILE E 29 31.82 15.12 -23.05
C ILE E 29 30.70 14.14 -22.77
N LYS E 30 29.61 14.59 -22.14
CA LYS E 30 28.45 13.74 -21.90
C LYS E 30 27.79 13.27 -23.19
N ASP E 31 28.10 13.90 -24.32
CA ASP E 31 27.38 13.66 -25.56
C ASP E 31 27.51 12.21 -26.02
N THR E 32 28.73 11.76 -26.27
CA THR E 32 28.97 10.50 -26.97
C THR E 32 29.82 9.55 -26.13
N TYR E 33 29.99 8.34 -26.64
CA TYR E 33 30.97 7.41 -26.11
C TYR E 33 32.37 8.01 -26.21
N VAL E 34 33.25 7.58 -25.31
CA VAL E 34 34.66 7.97 -25.31
C VAL E 34 35.49 6.71 -25.22
N HIS E 35 36.32 6.46 -26.24
CA HIS E 35 37.15 5.26 -26.32
C HIS E 35 38.61 5.61 -26.07
N TRP E 36 39.39 4.59 -25.71
CA TRP E 36 40.83 4.71 -25.53
C TRP E 36 41.53 3.70 -26.42
N VAL E 37 42.54 4.16 -27.15
CA VAL E 37 43.25 3.33 -28.13
C VAL E 37 44.74 3.40 -27.86
N LYS E 38 45.40 2.25 -27.85
CA LYS E 38 46.83 2.12 -27.64
C LYS E 38 47.52 1.88 -28.98
N GLN E 39 48.71 2.45 -29.14
CA GLN E 39 49.45 2.33 -30.40
C GLN E 39 50.92 2.06 -30.11
N ARG E 40 51.40 0.92 -30.56
CA ARG E 40 52.81 0.55 -30.54
C ARG E 40 53.35 0.41 -31.96
N PRO E 41 54.61 0.75 -32.19
CA PRO E 41 55.15 0.66 -33.57
C PRO E 41 55.06 -0.74 -34.16
N GLU E 42 55.38 -1.77 -33.38
CA GLU E 42 55.39 -3.13 -33.90
C GLU E 42 54.00 -3.76 -33.87
N GLN E 43 53.38 -3.79 -32.69
CA GLN E 43 52.08 -4.44 -32.55
C GLN E 43 51.00 -3.70 -33.34
N GLY E 44 50.97 -2.38 -33.22
CA GLY E 44 49.98 -1.59 -33.92
C GLY E 44 48.91 -1.00 -33.01
N LEU E 45 47.72 -0.78 -33.55
CA LEU E 45 46.64 -0.18 -32.78
C LEU E 45 45.88 -1.26 -32.01
N GLU E 46 45.50 -0.94 -30.78
CA GLU E 46 44.75 -1.85 -29.94
C GLU E 46 43.68 -1.08 -29.18
N TRP E 47 42.43 -1.52 -29.32
CA TRP E 47 41.31 -0.90 -28.62
C TRP E 47 41.29 -1.35 -27.17
N ILE E 48 41.28 -0.40 -26.24
CA ILE E 48 41.31 -0.69 -24.82
C ILE E 48 39.89 -0.83 -24.30
N GLY E 49 39.09 0.22 -24.45
CA GLY E 49 37.73 0.19 -23.94
C GLY E 49 37.05 1.52 -24.19
N ARG E 50 35.85 1.65 -23.63
CA ARG E 50 35.05 2.85 -23.79
C ARG E 50 34.34 3.18 -22.50
N ILE E 51 33.67 4.34 -22.49
CA ILE E 51 32.87 4.78 -21.35
C ILE E 51 31.76 5.68 -21.89
N ASP E 52 30.63 5.66 -21.19
CA ASP E 52 29.52 6.58 -21.44
C ASP E 52 29.52 7.60 -20.32
N PRO E 53 30.14 8.77 -20.50
CA PRO E 53 30.18 9.76 -19.41
C PRO E 53 28.80 10.19 -18.91
N ALA E 54 27.74 9.97 -19.69
CA ALA E 54 26.40 10.33 -19.25
C ALA E 54 25.99 9.52 -18.01
N ASN E 55 26.48 8.30 -17.88
CA ASN E 55 26.14 7.46 -16.74
C ASN E 55 27.36 6.88 -16.04
N GLY E 56 28.41 6.55 -16.78
CA GLY E 56 29.62 5.98 -16.20
C GLY E 56 29.85 4.52 -16.51
N TYR E 57 28.94 3.87 -17.23
CA TYR E 57 29.12 2.47 -17.58
C TYR E 57 30.22 2.30 -18.61
N THR E 58 31.03 1.24 -18.45
CA THR E 58 32.23 1.04 -19.24
C THR E 58 32.21 -0.32 -19.93
N LYS E 59 33.13 -0.48 -20.88
CA LYS E 59 33.39 -1.72 -21.56
C LYS E 59 34.89 -1.83 -21.79
N TYR E 60 35.41 -3.06 -21.76
CA TYR E 60 36.84 -3.27 -21.88
C TYR E 60 37.13 -4.46 -22.77
N ASP E 61 38.25 -4.36 -23.50
CA ASP E 61 38.86 -5.53 -24.11
C ASP E 61 39.42 -6.41 -22.99
N PRO E 62 39.05 -7.69 -22.90
CA PRO E 62 39.49 -8.52 -21.77
C PRO E 62 41.01 -8.57 -21.59
N LYS E 63 41.76 -8.20 -22.64
CA LYS E 63 43.21 -8.19 -22.53
C LYS E 63 43.67 -7.15 -21.51
N PHE E 64 43.00 -6.01 -21.45
CA PHE E 64 43.38 -4.91 -20.56
C PHE E 64 42.60 -4.93 -19.25
N GLN E 65 42.09 -6.09 -18.84
CA GLN E 65 41.35 -6.17 -17.60
C GLN E 65 42.29 -6.09 -16.41
N GLY E 66 41.91 -5.30 -15.43
CA GLY E 66 42.76 -5.04 -14.26
C GLY E 66 43.72 -3.90 -14.47
N LYS E 67 44.44 -3.90 -15.59
CA LYS E 67 45.41 -2.84 -15.86
C LYS E 67 44.72 -1.52 -16.14
N ALA E 68 43.92 -1.46 -17.20
CA ALA E 68 43.26 -0.22 -17.60
C ALA E 68 41.97 -0.02 -16.82
N THR E 69 41.73 1.23 -16.41
CA THR E 69 40.52 1.60 -15.68
C THR E 69 40.07 2.97 -16.20
N ILE E 70 38.93 3.01 -16.88
CA ILE E 70 38.41 4.22 -17.49
C ILE E 70 37.36 4.83 -16.57
N THR E 71 37.49 6.13 -16.32
CA THR E 71 36.52 6.90 -15.54
C THR E 71 36.22 8.19 -16.29
N ALA E 72 35.33 9.00 -15.72
CA ALA E 72 34.96 10.27 -16.34
C ALA E 72 34.25 11.14 -15.33
N ASP E 73 34.55 12.44 -15.36
CA ASP E 73 33.93 13.44 -14.49
C ASP E 73 33.28 14.50 -15.38
N THR E 74 31.94 14.59 -15.31
CA THR E 74 31.24 15.55 -16.14
C THR E 74 31.54 16.98 -15.73
N SER E 75 31.77 17.22 -14.44
CA SER E 75 32.08 18.58 -13.97
C SER E 75 33.34 19.11 -14.64
N SER E 76 34.39 18.29 -14.67
CA SER E 76 35.63 18.66 -15.36
C SER E 76 35.54 18.50 -16.87
N ASN E 77 34.47 17.87 -17.38
CA ASN E 77 34.29 17.63 -18.81
C ASN E 77 35.48 16.85 -19.37
N THR E 78 35.87 15.79 -18.67
CA THR E 78 37.10 15.08 -18.96
C THR E 78 36.94 13.60 -18.64
N ALA E 79 37.42 12.75 -19.55
CA ALA E 79 37.48 11.31 -19.36
C ALA E 79 38.94 10.91 -19.09
N TYR E 80 39.13 9.94 -18.22
CA TYR E 80 40.46 9.53 -17.77
C TYR E 80 40.71 8.07 -18.11
N LEU E 81 41.99 7.70 -18.09
CA LEU E 81 42.43 6.32 -18.30
C LEU E 81 43.53 6.03 -17.28
N GLN E 82 43.17 5.30 -16.22
CA GLN E 82 44.12 4.95 -15.18
C GLN E 82 44.76 3.60 -15.50
N LEU E 83 46.08 3.60 -15.63
CA LEU E 83 46.85 2.39 -15.88
C LEU E 83 47.65 2.05 -14.63
N SER E 84 47.58 0.80 -14.21
CA SER E 84 48.25 0.34 -12.99
C SER E 84 49.16 -0.84 -13.29
N SER E 85 50.14 -1.04 -12.41
CA SER E 85 51.12 -2.12 -12.52
C SER E 85 51.80 -2.09 -13.88
N LEU E 86 52.48 -0.98 -14.15
CA LEU E 86 53.02 -0.73 -15.48
C LEU E 86 54.22 -1.61 -15.77
N THR E 87 54.36 -1.98 -17.04
CA THR E 87 55.49 -2.76 -17.53
C THR E 87 56.07 -2.06 -18.76
N SER E 88 57.17 -2.62 -19.28
CA SER E 88 57.75 -2.08 -20.50
C SER E 88 56.82 -2.27 -21.70
N GLU E 89 55.96 -3.29 -21.65
CA GLU E 89 55.00 -3.51 -22.74
C GLU E 89 53.90 -2.47 -22.77
N ASP E 90 53.69 -1.76 -21.67
CA ASP E 90 52.71 -0.68 -21.63
C ASP E 90 53.22 0.61 -22.24
N THR E 91 54.49 0.66 -22.65
CA THR E 91 55.07 1.84 -23.28
C THR E 91 54.47 2.03 -24.68
N ALA E 92 53.62 3.04 -24.83
CA ALA E 92 52.93 3.27 -26.10
C ALA E 92 52.26 4.64 -26.05
N VAL E 93 51.72 5.05 -27.20
CA VAL E 93 50.92 6.26 -27.31
C VAL E 93 49.46 5.88 -27.14
N TYR E 94 48.72 6.71 -26.39
CA TYR E 94 47.34 6.43 -26.05
C TYR E 94 46.46 7.59 -26.53
N TYR E 95 45.38 7.26 -27.22
CA TYR E 95 44.46 8.24 -27.80
C TYR E 95 43.07 8.05 -27.23
N CYS E 96 42.37 9.16 -27.00
CA CYS E 96 40.94 9.12 -26.73
C CYS E 96 40.18 9.41 -28.02
N VAL E 97 39.08 8.70 -28.21
CA VAL E 97 38.33 8.72 -29.47
C VAL E 97 36.85 8.91 -29.17
N ARG E 98 36.18 9.63 -30.07
CA ARG E 98 34.73 9.79 -30.01
C ARG E 98 34.19 9.84 -31.43
N PRO E 99 32.94 9.46 -31.64
CA PRO E 99 32.36 9.47 -32.98
C PRO E 99 31.85 10.85 -33.38
N LEU E 100 31.60 10.99 -34.68
CA LEU E 100 31.00 12.22 -35.22
C LEU E 100 29.48 12.12 -35.17
N TYR E 101 28.91 11.26 -36.01
CA TYR E 101 27.47 11.03 -36.05
C TYR E 101 27.12 9.61 -35.58
N ASP E 102 27.60 8.60 -36.29
CA ASP E 102 27.34 7.21 -35.95
C ASP E 102 27.75 6.92 -34.52
N TYR E 103 26.77 6.48 -33.72
CA TYR E 103 26.99 6.24 -32.29
C TYR E 103 28.24 5.40 -32.03
N TYR E 104 28.54 4.45 -32.92
CA TYR E 104 29.59 3.47 -32.70
C TYR E 104 30.87 3.78 -33.44
N ALA E 105 30.94 4.90 -34.17
CA ALA E 105 32.08 5.19 -35.02
C ALA E 105 33.29 5.66 -34.21
N MET E 106 34.42 5.82 -34.90
CA MET E 106 35.71 6.22 -34.31
C MET E 106 36.32 7.27 -35.24
N ASP E 107 35.82 8.50 -35.15
CA ASP E 107 36.13 9.54 -36.13
C ASP E 107 37.00 10.67 -35.57
N TYR E 108 36.80 11.08 -34.33
CA TYR E 108 37.56 12.17 -33.73
C TYR E 108 38.58 11.62 -32.76
N TRP E 109 39.83 12.09 -32.87
CA TRP E 109 40.94 11.59 -32.07
C TRP E 109 41.69 12.74 -31.45
N GLY E 110 42.08 12.58 -30.19
CA GLY E 110 42.96 13.53 -29.54
C GLY E 110 44.36 13.45 -30.12
N GLN E 111 45.18 14.44 -29.72
CA GLN E 111 46.55 14.48 -30.24
C GLN E 111 47.40 13.32 -29.75
N GLY E 112 46.97 12.63 -28.69
CA GLY E 112 47.69 11.47 -28.21
C GLY E 112 48.68 11.82 -27.12
N THR E 113 48.88 10.87 -26.20
CA THR E 113 49.78 11.04 -25.07
C THR E 113 50.74 9.86 -25.04
N SER E 114 52.04 10.17 -25.07
CA SER E 114 53.07 9.13 -25.01
C SER E 114 53.37 8.80 -23.55
N VAL E 115 53.44 7.51 -23.25
CA VAL E 115 53.69 7.03 -21.89
C VAL E 115 54.91 6.11 -21.96
N THR E 116 56.01 6.54 -21.35
CA THR E 116 57.25 5.78 -21.33
C THR E 116 57.48 5.21 -19.94
N VAL E 117 57.72 3.90 -19.87
CA VAL E 117 57.95 3.19 -18.62
C VAL E 117 59.40 2.74 -18.60
N SER E 118 60.17 3.23 -17.63
CA SER E 118 61.58 2.88 -17.52
C SER E 118 62.04 3.14 -16.09
N SER E 119 63.15 2.49 -15.74
CA SER E 119 63.73 2.63 -14.41
C SER E 119 64.87 3.63 -14.33
N ALA E 120 65.55 3.88 -15.45
CA ALA E 120 66.74 4.72 -15.43
C ALA E 120 66.42 6.15 -14.99
N LYS E 121 67.39 6.79 -14.35
CA LYS E 121 67.26 8.16 -13.92
C LYS E 121 67.78 9.09 -15.01
N THR E 122 67.77 10.39 -14.73
CA THR E 122 68.27 11.38 -15.68
C THR E 122 69.75 11.13 -15.96
N THR E 123 70.09 11.01 -17.23
CA THR E 123 71.46 10.69 -17.65
C THR E 123 71.85 11.55 -18.83
N ALA E 124 73.05 12.12 -18.78
CA ALA E 124 73.57 12.95 -19.85
C ALA E 124 74.23 12.09 -20.93
N PRO E 125 74.09 12.46 -22.20
CA PRO E 125 74.64 11.65 -23.28
C PRO E 125 76.14 11.83 -23.45
N SER E 126 76.73 10.89 -24.18
CA SER E 126 78.12 10.97 -24.62
C SER E 126 78.17 11.34 -26.10
N VAL E 127 79.34 11.77 -26.55
CA VAL E 127 79.55 12.17 -27.94
C VAL E 127 80.84 11.54 -28.43
N TYR E 128 80.74 10.75 -29.50
CA TYR E 128 81.88 10.05 -30.08
C TYR E 128 82.02 10.41 -31.56
N PRO E 129 83.13 11.00 -31.99
CA PRO E 129 83.29 11.32 -33.41
C PRO E 129 83.58 10.09 -34.24
N LEU E 130 83.27 10.19 -35.53
CA LEU E 130 83.43 9.07 -36.46
C LEU E 130 84.05 9.60 -37.75
N ALA E 131 85.30 9.21 -38.00
CA ALA E 131 86.04 9.60 -39.18
C ALA E 131 86.34 8.38 -40.06
N PRO E 132 86.47 8.57 -41.38
CA PRO E 132 86.70 7.42 -42.26
C PRO E 132 87.98 6.66 -41.94
N VAL E 133 88.08 5.45 -42.47
CA VAL E 133 89.20 4.57 -42.21
C VAL E 133 90.42 5.01 -43.02
N CYS E 134 91.60 4.82 -42.45
CA CYS E 134 92.87 5.10 -43.11
C CYS E 134 92.96 4.42 -44.48
N SER E 137 85.85 11.98 -54.24
CA SER E 137 85.02 13.09 -54.67
C SER E 137 84.05 13.53 -53.59
N SER E 138 83.83 12.65 -52.61
CA SER E 138 82.92 12.94 -51.50
C SER E 138 83.34 12.12 -50.30
N VAL E 139 82.92 12.57 -49.12
CA VAL E 139 83.29 11.94 -47.86
C VAL E 139 82.14 12.10 -46.88
N THR E 140 81.94 11.08 -46.05
CA THR E 140 80.89 11.07 -45.04
C THR E 140 81.51 11.00 -43.65
N LEU E 141 80.90 11.71 -42.70
CA LEU E 141 81.33 11.73 -41.31
C LEU E 141 80.25 11.12 -40.43
N GLY E 142 80.49 11.13 -39.12
CA GLY E 142 79.54 10.56 -38.18
C GLY E 142 79.72 11.14 -36.80
N CYS E 143 78.64 11.07 -36.01
CA CYS E 143 78.61 11.67 -34.68
C CYS E 143 77.67 10.83 -33.81
N LEU E 144 78.25 9.84 -33.12
CA LEU E 144 77.48 8.91 -32.31
C LEU E 144 77.19 9.50 -30.93
N VAL E 145 75.95 9.33 -30.48
CA VAL E 145 75.49 9.81 -29.19
C VAL E 145 74.80 8.66 -28.48
N LYS E 146 75.26 8.32 -27.28
CA LYS E 146 74.75 7.15 -26.59
C LYS E 146 74.74 7.39 -25.08
N GLY E 147 73.80 6.75 -24.40
CA GLY E 147 73.74 6.76 -22.96
C GLY E 147 73.12 8.01 -22.38
N TYR E 148 71.80 8.14 -22.51
CA TYR E 148 71.12 9.32 -21.98
C TYR E 148 69.66 8.97 -21.73
N PHE E 149 69.04 9.79 -20.89
CA PHE E 149 67.63 9.64 -20.52
C PHE E 149 67.16 10.89 -19.80
N PRO E 150 65.94 11.38 -20.10
CA PRO E 150 65.07 10.83 -21.13
C PRO E 150 65.19 11.53 -22.47
N GLU E 151 64.23 11.27 -23.36
CA GLU E 151 64.16 11.94 -24.64
C GLU E 151 63.68 13.39 -24.45
N PRO E 152 63.97 14.28 -25.42
CA PRO E 152 64.75 14.08 -26.64
C PRO E 152 66.12 14.76 -26.58
N VAL E 153 66.78 14.87 -27.74
CA VAL E 153 68.08 15.52 -27.85
C VAL E 153 68.12 16.30 -29.17
N THR E 154 68.98 17.30 -29.21
CA THR E 154 69.14 18.16 -30.38
C THR E 154 70.55 18.00 -30.91
N LEU E 155 70.67 17.50 -32.14
CA LEU E 155 71.97 17.27 -32.78
C LEU E 155 72.07 18.17 -34.00
N THR E 156 73.06 19.07 -33.99
CA THR E 156 73.33 19.96 -35.10
C THR E 156 74.81 19.88 -35.45
N TRP E 157 75.14 20.29 -36.67
CA TRP E 157 76.51 20.28 -37.17
C TRP E 157 76.99 21.73 -37.27
N ASN E 158 78.08 22.03 -36.56
CA ASN E 158 78.64 23.39 -36.49
C ASN E 158 77.59 24.38 -35.99
N SER E 159 76.88 23.97 -34.93
CA SER E 159 75.89 24.83 -34.26
C SER E 159 74.74 25.19 -35.19
N GLY E 160 74.25 24.20 -35.94
CA GLY E 160 73.14 24.42 -36.85
C GLY E 160 73.51 25.03 -38.17
N SER E 161 74.80 25.08 -38.51
CA SER E 161 75.25 25.67 -39.76
C SER E 161 74.74 24.90 -40.96
N LEU E 162 75.28 23.71 -41.18
CA LEU E 162 74.91 22.88 -42.33
C LEU E 162 73.77 21.95 -41.93
N SER E 163 72.64 22.08 -42.61
CA SER E 163 71.51 21.18 -42.46
C SER E 163 71.21 20.37 -43.72
N SER E 164 71.45 20.93 -44.90
CA SER E 164 71.21 20.24 -46.17
C SER E 164 72.11 19.02 -46.30
N GLY E 165 71.57 17.84 -46.03
CA GLY E 165 72.35 16.62 -46.12
C GLY E 165 72.72 16.05 -44.76
N VAL E 166 71.81 16.16 -43.79
CA VAL E 166 72.04 15.69 -42.44
C VAL E 166 70.95 14.67 -42.12
N HIS E 167 71.32 13.40 -42.10
CA HIS E 167 70.38 12.30 -41.83
C HIS E 167 70.50 11.93 -40.35
N THR E 168 69.73 12.61 -39.51
CA THR E 168 69.71 12.32 -38.08
C THR E 168 68.74 11.17 -37.83
N PHE E 169 69.27 10.03 -37.41
CA PHE E 169 68.45 8.83 -37.24
C PHE E 169 67.72 8.87 -35.90
N PRO E 170 66.50 8.32 -35.86
CA PRO E 170 65.74 8.30 -34.60
C PRO E 170 66.46 7.48 -33.53
N ALA E 171 66.32 7.93 -32.29
CA ALA E 171 66.96 7.24 -31.17
C ALA E 171 66.34 5.86 -30.97
N VAL E 172 67.15 4.94 -30.46
CA VAL E 172 66.74 3.56 -30.22
C VAL E 172 66.95 3.25 -28.75
N LEU E 173 66.01 2.52 -28.16
CA LEU E 173 66.10 2.15 -26.75
C LEU E 173 67.12 1.05 -26.57
N GLN E 174 67.97 1.19 -25.55
CA GLN E 174 69.03 0.23 -25.25
C GLN E 174 69.15 0.10 -23.74
N SER E 175 68.46 -0.90 -23.18
CA SER E 175 68.49 -1.20 -21.75
C SER E 175 68.31 0.06 -20.91
N ASP E 176 67.12 0.67 -21.06
CA ASP E 176 66.69 1.86 -20.33
C ASP E 176 67.51 3.09 -20.68
N LEU E 177 68.23 3.07 -21.80
CA LEU E 177 69.01 4.23 -22.25
C LEU E 177 68.98 4.28 -23.77
N TYR E 178 68.99 5.49 -24.32
CA TYR E 178 68.82 5.71 -25.74
C TYR E 178 70.17 5.84 -26.44
N THR E 179 70.14 5.68 -27.76
CA THR E 179 71.34 5.75 -28.61
C THR E 179 70.94 6.38 -29.94
N LEU E 180 71.28 7.66 -30.11
CA LEU E 180 70.96 8.41 -31.31
C LEU E 180 72.23 8.67 -32.12
N SER E 181 72.12 8.58 -33.44
CA SER E 181 73.25 8.78 -34.33
C SER E 181 72.81 9.62 -35.54
N SER E 182 73.75 10.36 -36.10
CA SER E 182 73.50 11.19 -37.27
C SER E 182 74.73 11.21 -38.16
N SER E 183 74.53 11.66 -39.40
CA SER E 183 75.59 11.66 -40.40
C SER E 183 75.47 12.91 -41.26
N VAL E 184 76.51 13.15 -42.06
CA VAL E 184 76.57 14.30 -42.96
C VAL E 184 77.61 14.00 -44.03
N THR E 185 77.34 14.47 -45.24
CA THR E 185 78.20 14.22 -46.39
C THR E 185 78.57 15.54 -47.06
N VAL E 186 79.85 15.65 -47.44
CA VAL E 186 80.39 16.82 -48.13
C VAL E 186 81.38 16.33 -49.19
N THR E 187 81.95 17.29 -49.93
CA THR E 187 82.93 16.98 -50.96
C THR E 187 84.33 16.87 -50.36
N SER E 188 85.26 16.34 -51.17
CA SER E 188 86.64 16.20 -50.72
C SER E 188 87.33 17.54 -50.54
N SER E 189 86.78 18.62 -51.11
CA SER E 189 87.30 19.97 -50.93
C SER E 189 86.63 20.69 -49.76
N THR E 190 86.04 19.94 -48.84
CA THR E 190 85.41 20.50 -47.65
C THR E 190 86.05 20.01 -46.36
N TRP E 191 86.41 18.72 -46.30
CA TRP E 191 87.00 18.13 -45.11
C TRP E 191 88.12 17.19 -45.56
N PRO E 192 89.29 17.22 -44.91
CA PRO E 192 89.60 18.09 -43.77
C PRO E 192 90.25 19.42 -44.19
N SER E 193 89.67 20.11 -45.15
CA SER E 193 90.13 21.45 -45.52
C SER E 193 89.47 22.54 -44.67
N GLN E 194 88.40 22.21 -43.95
CA GLN E 194 87.70 23.16 -43.09
C GLN E 194 87.31 22.45 -41.80
N SER E 195 87.50 23.13 -40.67
CA SER E 195 87.18 22.55 -39.38
C SER E 195 85.69 22.23 -39.27
N ILE E 196 85.38 21.08 -38.68
CA ILE E 196 84.00 20.61 -38.54
C ILE E 196 83.84 19.99 -37.15
N THR E 197 82.78 20.36 -36.46
CA THR E 197 82.47 19.86 -35.12
C THR E 197 80.99 19.55 -35.03
N CYS E 198 80.66 18.41 -34.41
CA CYS E 198 79.28 17.99 -34.23
C CYS E 198 78.77 18.46 -32.88
N ASN E 199 77.70 19.26 -32.90
CA ASN E 199 77.12 19.80 -31.68
C ASN E 199 75.96 18.93 -31.20
N VAL E 200 75.87 18.76 -29.88
CA VAL E 200 74.85 17.92 -29.25
C VAL E 200 74.33 18.67 -28.03
N ALA E 201 73.02 18.54 -27.77
CA ALA E 201 72.39 19.17 -26.63
C ALA E 201 71.36 18.23 -26.03
N HIS E 202 71.24 18.26 -24.70
CA HIS E 202 70.28 17.44 -23.97
C HIS E 202 69.57 18.29 -22.94
N PRO E 203 68.36 18.78 -23.24
CA PRO E 203 67.68 19.69 -22.29
C PRO E 203 67.39 19.07 -20.93
N ALA E 204 67.20 17.75 -20.86
CA ALA E 204 66.84 17.12 -19.60
C ALA E 204 67.92 17.32 -18.54
N SER E 205 69.18 17.11 -18.92
CA SER E 205 70.30 17.34 -18.02
C SER E 205 70.99 18.68 -18.27
N SER E 206 70.46 19.50 -19.18
CA SER E 206 70.96 20.85 -19.44
C SER E 206 72.44 20.83 -19.80
N THR E 207 72.82 19.93 -20.70
CA THR E 207 74.19 19.81 -21.16
C THR E 207 74.28 20.11 -22.65
N LYS E 208 75.42 20.65 -23.07
CA LYS E 208 75.62 21.11 -24.45
C LYS E 208 77.07 20.81 -24.88
N VAL E 209 77.46 19.55 -24.85
CA VAL E 209 78.82 19.14 -25.18
C VAL E 209 78.89 18.80 -26.67
N ASP E 210 80.06 19.03 -27.26
CA ASP E 210 80.30 18.74 -28.67
C ASP E 210 81.71 18.20 -28.85
N LYS E 211 81.91 17.47 -29.94
CA LYS E 211 83.19 16.85 -30.25
C LYS E 211 83.61 17.17 -31.67
N LYS E 212 84.88 17.54 -31.85
CA LYS E 212 85.39 17.89 -33.17
C LYS E 212 85.86 16.64 -33.91
N ILE E 213 85.46 16.52 -35.18
CA ILE E 213 85.84 15.37 -35.99
C ILE E 213 87.30 15.50 -36.40
N GLU E 214 88.07 14.43 -36.19
CA GLU E 214 89.49 14.45 -36.51
C GLU E 214 89.83 13.33 -37.49
N PRO E 215 90.64 13.62 -38.52
CA PRO E 215 91.01 12.58 -39.49
C PRO E 215 91.83 11.47 -38.84
N ARG E 216 91.79 10.31 -39.47
CA ARG E 216 92.54 9.15 -39.00
C ARG E 216 93.79 8.92 -39.85
N ASP F 1 37.70 -12.49 -31.10
CA ASP F 1 37.77 -11.15 -31.69
C ASP F 1 37.87 -11.22 -33.21
N ILE F 2 37.26 -10.25 -33.88
CA ILE F 2 37.29 -10.22 -35.35
C ILE F 2 38.66 -9.77 -35.81
N LEU F 3 39.27 -10.54 -36.70
CA LEU F 3 40.57 -10.21 -37.27
C LEU F 3 40.40 -9.35 -38.51
N MET F 4 41.18 -8.27 -38.60
CA MET F 4 41.13 -7.34 -39.71
C MET F 4 42.47 -7.42 -40.45
N THR F 5 42.47 -8.07 -41.61
CA THR F 5 43.66 -8.18 -42.45
C THR F 5 43.64 -7.04 -43.47
N GLN F 6 44.65 -6.19 -43.41
CA GLN F 6 44.75 -4.99 -44.25
C GLN F 6 45.93 -5.15 -45.19
N SER F 7 45.66 -5.06 -46.50
CA SER F 7 46.67 -5.22 -47.53
C SER F 7 46.55 -4.12 -48.56
N PRO F 8 47.67 -3.68 -49.15
CA PRO F 8 49.03 -4.14 -48.84
C PRO F 8 49.60 -3.49 -47.58
N SER F 9 50.70 -4.02 -47.07
CA SER F 9 51.36 -3.38 -45.93
C SER F 9 51.97 -2.04 -46.31
N SER F 10 52.33 -1.88 -47.59
CA SER F 10 52.93 -0.65 -48.09
C SER F 10 52.93 -0.69 -49.61
N MET F 11 52.71 0.47 -50.23
CA MET F 11 52.74 0.57 -51.69
C MET F 11 53.48 1.83 -52.09
N SER F 12 54.29 1.72 -53.13
CA SER F 12 55.06 2.84 -53.67
C SER F 12 54.32 3.38 -54.88
N VAL F 13 53.84 4.62 -54.77
CA VAL F 13 53.02 5.26 -55.81
C VAL F 13 53.43 6.71 -55.93
N SER F 14 52.85 7.40 -56.91
CA SER F 14 53.20 8.77 -57.24
C SER F 14 51.97 9.67 -57.13
N LEU F 15 52.18 10.95 -57.41
CA LEU F 15 51.10 11.93 -57.35
C LEU F 15 50.14 11.75 -58.51
N GLY F 16 48.88 12.09 -58.28
CA GLY F 16 47.83 11.94 -59.26
C GLY F 16 47.43 10.51 -59.56
N ASP F 17 47.95 9.54 -58.83
CA ASP F 17 47.59 8.14 -59.03
C ASP F 17 46.28 7.82 -58.30
N THR F 18 45.65 6.72 -58.71
CA THR F 18 44.39 6.27 -58.13
C THR F 18 44.64 4.89 -57.52
N VAL F 19 44.72 4.83 -56.19
CA VAL F 19 45.07 3.62 -55.48
C VAL F 19 43.89 3.18 -54.62
N SER F 20 43.93 1.92 -54.18
CA SER F 20 42.89 1.35 -53.35
C SER F 20 43.54 0.47 -52.28
N ILE F 21 42.98 0.51 -51.08
CA ILE F 21 43.44 -0.27 -49.94
C ILE F 21 42.32 -1.18 -49.49
N THR F 22 42.57 -2.49 -49.50
CA THR F 22 41.57 -3.48 -49.11
C THR F 22 41.74 -3.85 -47.64
N CYS F 23 40.66 -4.42 -47.08
CA CYS F 23 40.62 -4.83 -45.68
C CYS F 23 39.67 -6.00 -45.58
N HIS F 24 40.14 -7.11 -45.02
CA HIS F 24 39.38 -8.35 -44.94
C HIS F 24 39.13 -8.70 -43.49
N ALA F 25 37.86 -8.87 -43.14
CA ALA F 25 37.48 -9.30 -41.80
C ALA F 25 37.23 -10.81 -41.81
N SER F 26 37.55 -11.45 -40.68
CA SER F 26 37.34 -12.89 -40.54
C SER F 26 35.87 -13.28 -40.67
N GLN F 27 34.95 -12.32 -40.55
CA GLN F 27 33.53 -12.57 -40.72
C GLN F 27 32.89 -11.32 -41.29
N GLY F 28 31.65 -11.45 -41.74
CA GLY F 28 30.91 -10.28 -42.20
C GLY F 28 30.72 -9.26 -41.09
N ILE F 29 30.81 -7.98 -41.48
CA ILE F 29 30.62 -6.88 -40.54
C ILE F 29 29.60 -5.87 -41.01
N SER F 30 28.94 -6.11 -42.14
CA SER F 30 27.82 -5.30 -42.61
C SER F 30 28.13 -3.80 -42.59
N SER F 31 29.21 -3.45 -43.27
CA SER F 31 29.66 -2.07 -43.47
C SER F 31 29.96 -1.35 -42.16
N ASN F 32 30.09 -2.06 -41.04
CA ASN F 32 30.43 -1.44 -39.77
C ASN F 32 31.95 -1.26 -39.66
N ILE F 33 32.49 -0.48 -40.59
CA ILE F 33 33.92 -0.29 -40.73
C ILE F 33 34.22 1.20 -40.92
N GLY F 34 35.32 1.65 -40.35
CA GLY F 34 35.78 3.01 -40.54
C GLY F 34 37.22 3.02 -41.03
N TRP F 35 37.59 4.12 -41.69
CA TRP F 35 38.92 4.30 -42.23
C TRP F 35 39.58 5.52 -41.59
N LEU F 36 40.87 5.38 -41.31
CA LEU F 36 41.62 6.38 -40.55
C LEU F 36 42.89 6.75 -41.29
N GLN F 37 43.37 7.97 -41.03
CA GLN F 37 44.62 8.48 -41.60
C GLN F 37 45.48 9.04 -40.49
N GLN F 38 46.79 8.80 -40.59
CA GLN F 38 47.76 9.32 -39.63
C GLN F 38 48.94 9.91 -40.41
N LYS F 39 48.94 11.24 -40.58
CA LYS F 39 50.04 11.90 -41.25
C LYS F 39 51.31 11.80 -40.41
N PRO F 40 52.49 11.81 -41.05
CA PRO F 40 53.75 11.61 -40.31
C PRO F 40 53.91 12.49 -39.08
N GLY F 41 54.07 11.86 -37.92
CA GLY F 41 54.21 12.55 -36.66
C GLY F 41 52.93 13.06 -36.04
N LYS F 42 51.89 13.29 -36.85
CA LYS F 42 50.64 13.85 -36.37
C LYS F 42 49.73 12.73 -35.86
N SER F 43 48.56 13.11 -35.35
CA SER F 43 47.63 12.17 -34.76
C SER F 43 46.72 11.59 -35.86
N PHE F 44 45.59 11.03 -35.47
CA PHE F 44 44.68 10.38 -36.40
C PHE F 44 43.57 11.32 -36.83
N MET F 45 43.06 11.09 -38.05
CA MET F 45 41.96 11.86 -38.60
C MET F 45 40.96 10.90 -39.24
N GLY F 46 39.68 11.17 -39.03
CA GLY F 46 38.64 10.31 -39.58
C GLY F 46 38.44 10.55 -41.07
N LEU F 47 38.29 9.46 -41.81
CA LEU F 47 38.01 9.52 -43.24
C LEU F 47 36.64 8.96 -43.57
N ILE F 48 36.38 7.70 -43.23
CA ILE F 48 35.13 7.01 -43.57
C ILE F 48 34.52 6.46 -42.29
N TYR F 49 33.20 6.52 -42.20
CA TYR F 49 32.46 5.85 -41.15
C TYR F 49 31.29 5.10 -41.78
N TYR F 50 31.04 3.88 -41.27
CA TYR F 50 29.98 3.02 -41.78
C TYR F 50 30.17 2.71 -43.27
N GLY F 51 31.40 2.39 -43.64
CA GLY F 51 31.70 1.89 -44.98
C GLY F 51 31.89 2.88 -46.12
N THR F 52 30.94 3.79 -46.32
CA THR F 52 30.95 4.65 -47.49
C THR F 52 30.76 6.14 -47.19
N ASN F 53 30.54 6.52 -45.94
CA ASN F 53 30.21 7.90 -45.61
C ASN F 53 31.47 8.68 -45.24
N LEU F 54 31.76 9.73 -45.99
CA LEU F 54 32.89 10.59 -45.69
C LEU F 54 32.64 11.37 -44.40
N VAL F 55 33.71 11.53 -43.61
CA VAL F 55 33.64 12.42 -42.46
C VAL F 55 33.59 13.87 -42.95
N ASP F 56 32.92 14.73 -42.18
CA ASP F 56 32.82 16.14 -42.54
C ASP F 56 34.22 16.74 -42.69
N GLY F 57 34.44 17.40 -43.83
CA GLY F 57 35.71 18.02 -44.14
C GLY F 57 36.63 17.19 -45.00
N VAL F 58 36.44 15.88 -45.04
CA VAL F 58 37.30 15.00 -45.84
C VAL F 58 37.09 15.30 -47.32
N PRO F 59 38.15 15.50 -48.10
CA PRO F 59 37.98 15.76 -49.53
C PRO F 59 37.22 14.65 -50.23
N SER F 60 36.51 15.02 -51.30
CA SER F 60 35.69 14.08 -52.04
C SER F 60 36.50 13.11 -52.91
N ARG F 61 37.82 13.24 -52.95
CA ARG F 61 38.64 12.28 -53.68
C ARG F 61 38.79 10.95 -52.93
N PHE F 62 38.44 10.92 -51.64
CA PHE F 62 38.38 9.69 -50.87
C PHE F 62 37.02 9.03 -51.06
N SER F 63 37.01 7.70 -51.01
CA SER F 63 35.77 6.95 -51.19
C SER F 63 35.93 5.56 -50.57
N GLY F 64 34.88 5.12 -49.89
CA GLY F 64 34.84 3.78 -49.30
C GLY F 64 33.82 2.93 -50.02
N SER F 65 34.05 1.62 -50.02
CA SER F 65 33.18 0.68 -50.72
C SER F 65 33.38 -0.71 -50.12
N GLY F 66 32.56 -1.64 -50.57
CA GLY F 66 32.63 -3.02 -50.14
C GLY F 66 31.43 -3.41 -49.29
N SER F 67 31.32 -4.72 -49.06
CA SER F 67 30.25 -5.28 -48.25
C SER F 67 30.72 -6.59 -47.65
N GLY F 68 29.91 -7.12 -46.74
CA GLY F 68 30.21 -8.38 -46.09
C GLY F 68 31.47 -8.34 -45.25
N ALA F 69 32.53 -8.99 -45.74
CA ALA F 69 33.80 -9.04 -45.02
C ALA F 69 34.97 -8.53 -45.85
N ASP F 70 34.69 -7.74 -46.89
CA ASP F 70 35.72 -7.22 -47.78
C ASP F 70 35.37 -5.79 -48.14
N TYR F 71 36.29 -4.86 -47.85
CA TYR F 71 36.02 -3.44 -48.00
C TYR F 71 37.27 -2.74 -48.52
N SER F 72 37.07 -1.63 -49.22
CA SER F 72 38.16 -0.94 -49.90
C SER F 72 38.06 0.56 -49.70
N LEU F 73 39.22 1.19 -49.55
CA LEU F 73 39.34 2.65 -49.50
C LEU F 73 40.13 3.11 -50.72
N THR F 74 39.57 4.07 -51.46
CA THR F 74 40.14 4.51 -52.72
C THR F 74 40.40 6.00 -52.69
N ILE F 75 41.58 6.41 -53.16
CA ILE F 75 41.96 7.81 -53.27
C ILE F 75 42.22 8.10 -54.74
N SER F 76 41.39 8.96 -55.33
CA SER F 76 41.55 9.36 -56.72
C SER F 76 42.44 10.59 -56.81
N SER F 77 43.46 10.53 -57.65
CA SER F 77 44.44 11.60 -57.83
C SER F 77 45.11 11.94 -56.50
N LEU F 78 46.17 11.21 -56.16
CA LEU F 78 46.82 11.39 -54.87
C LEU F 78 47.40 12.80 -54.75
N ASP F 79 47.28 13.36 -53.55
CA ASP F 79 47.84 14.66 -53.21
C ASP F 79 49.05 14.46 -52.31
N SER F 80 49.92 15.49 -52.28
CA SER F 80 51.10 15.43 -51.42
C SER F 80 50.74 15.17 -49.97
N GLU F 81 49.56 15.60 -49.53
CA GLU F 81 49.14 15.33 -48.16
C GLU F 81 48.76 13.87 -47.95
N ASP F 82 48.31 13.18 -49.00
CA ASP F 82 47.79 11.83 -48.85
C ASP F 82 48.85 10.80 -48.48
N PHE F 83 50.13 11.13 -48.62
CA PHE F 83 51.21 10.20 -48.27
C PHE F 83 51.28 10.09 -46.75
N ALA F 84 50.63 9.07 -46.20
CA ALA F 84 50.55 8.88 -44.76
C ALA F 84 50.16 7.42 -44.49
N ASP F 85 49.90 7.12 -43.23
CA ASP F 85 49.43 5.80 -42.83
C ASP F 85 47.91 5.74 -42.82
N TYR F 86 47.38 4.57 -43.15
CA TYR F 86 45.94 4.36 -43.21
C TYR F 86 45.59 3.07 -42.49
N TYR F 87 44.51 3.10 -41.72
CA TYR F 87 44.09 1.96 -40.92
C TYR F 87 42.58 1.74 -41.05
N CYS F 88 42.17 0.49 -41.22
CA CYS F 88 40.76 0.14 -41.13
C CYS F 88 40.43 -0.32 -39.72
N VAL F 89 39.20 -0.04 -39.30
CA VAL F 89 38.72 -0.42 -37.97
C VAL F 89 37.27 -0.89 -38.09
N GLN F 90 36.99 -2.06 -37.52
CA GLN F 90 35.64 -2.57 -37.46
C GLN F 90 35.04 -2.28 -36.09
N TYR F 91 33.76 -1.93 -36.08
CA TYR F 91 33.02 -1.78 -34.83
C TYR F 91 31.70 -2.55 -34.88
N ALA F 92 31.67 -3.64 -35.65
CA ALA F 92 30.50 -4.50 -35.65
C ALA F 92 30.39 -5.31 -34.37
N GLN F 93 31.52 -5.64 -33.76
CA GLN F 93 31.54 -6.38 -32.51
C GLN F 93 32.55 -5.77 -31.55
N LEU F 94 32.33 -6.00 -30.27
CA LEU F 94 33.33 -5.69 -29.26
C LEU F 94 34.17 -6.94 -28.99
N PRO F 95 35.49 -6.80 -28.79
CA PRO F 95 36.25 -5.54 -28.82
C PRO F 95 36.48 -5.02 -30.24
N TYR F 96 36.52 -3.71 -30.40
CA TYR F 96 36.92 -3.13 -31.69
C TYR F 96 38.32 -3.61 -32.06
N THR F 97 38.54 -3.82 -33.35
CA THR F 97 39.82 -4.29 -33.84
C THR F 97 40.23 -3.47 -35.05
N PHE F 98 41.54 -3.28 -35.19
CA PHE F 98 42.12 -2.48 -36.26
C PHE F 98 42.86 -3.38 -37.24
N GLY F 99 43.18 -2.80 -38.40
CA GLY F 99 43.96 -3.50 -39.39
C GLY F 99 45.46 -3.36 -39.16
N GLY F 100 46.23 -4.10 -39.96
CA GLY F 100 47.67 -4.03 -39.86
C GLY F 100 48.24 -2.68 -40.23
N GLY F 101 47.56 -1.97 -41.11
CA GLY F 101 48.01 -0.66 -41.56
C GLY F 101 48.50 -0.70 -43.01
N THR F 102 48.59 0.49 -43.59
CA THR F 102 49.07 0.64 -44.96
C THR F 102 49.82 1.96 -45.06
N LYS F 103 51.08 1.90 -45.48
CA LYS F 103 51.93 3.08 -45.60
C LYS F 103 52.11 3.41 -47.08
N LEU F 104 51.65 4.59 -47.48
CA LEU F 104 51.80 5.06 -48.85
C LEU F 104 53.12 5.80 -48.97
N GLU F 105 53.96 5.37 -49.92
CA GLU F 105 55.29 5.93 -50.11
C GLU F 105 55.44 6.41 -51.55
N ILE F 106 56.39 7.32 -51.74
CA ILE F 106 56.60 7.93 -53.05
C ILE F 106 57.40 6.98 -53.93
N LYS F 107 56.90 6.73 -55.13
CA LYS F 107 57.61 5.91 -56.10
C LYS F 107 58.67 6.74 -56.83
N ARG F 108 59.80 6.13 -57.11
CA ARG F 108 60.90 6.82 -57.80
C ARG F 108 61.86 5.77 -58.35
N ALA F 109 62.91 6.25 -59.00
CA ALA F 109 63.92 5.36 -59.58
C ALA F 109 64.73 4.69 -58.48
N ASP F 110 65.08 3.43 -58.69
CA ASP F 110 65.85 2.68 -57.70
C ASP F 110 67.23 3.30 -57.54
N ALA F 111 67.70 3.36 -56.29
CA ALA F 111 68.98 3.97 -55.96
C ALA F 111 69.78 3.02 -55.08
N ALA F 112 71.09 2.96 -55.31
CA ALA F 112 71.98 2.10 -54.55
C ALA F 112 72.42 2.81 -53.26
N PRO F 113 72.59 2.07 -52.17
CA PRO F 113 72.94 2.71 -50.90
C PRO F 113 74.41 3.10 -50.83
N THR F 114 74.67 4.19 -50.13
CA THR F 114 76.02 4.71 -49.93
C THR F 114 76.55 4.16 -48.60
N VAL F 115 77.29 3.06 -48.67
CA VAL F 115 77.79 2.39 -47.47
C VAL F 115 79.04 3.11 -46.98
N SER F 116 79.11 3.33 -45.66
CA SER F 116 80.23 4.04 -45.05
C SER F 116 80.44 3.48 -43.66
N ILE F 117 81.56 2.79 -43.44
CA ILE F 117 81.89 2.18 -42.16
C ILE F 117 82.81 3.12 -41.38
N PHE F 118 82.70 3.08 -40.05
CA PHE F 118 83.46 3.97 -39.18
C PHE F 118 83.90 3.24 -37.91
N PRO F 119 85.19 3.27 -37.59
CA PRO F 119 85.69 2.54 -36.41
C PRO F 119 85.47 3.34 -35.13
N PRO F 120 85.67 2.73 -33.96
CA PRO F 120 85.41 3.45 -32.71
C PRO F 120 86.37 4.63 -32.52
N SER F 121 85.86 5.67 -31.87
CA SER F 121 86.64 6.86 -31.58
C SER F 121 87.60 6.62 -30.43
N SER F 122 88.53 7.56 -30.24
CA SER F 122 89.45 7.48 -29.11
C SER F 122 88.73 7.82 -27.80
N GLU F 123 87.82 8.79 -27.83
CA GLU F 123 87.04 9.15 -26.66
C GLU F 123 86.09 8.03 -26.22
N GLN F 124 85.83 7.05 -27.08
CA GLN F 124 85.03 5.89 -26.74
C GLN F 124 85.85 4.73 -26.21
N LEU F 125 86.99 4.44 -26.85
CA LEU F 125 87.87 3.39 -26.39
C LEU F 125 88.46 3.68 -25.02
N THR F 126 88.45 4.94 -24.58
CA THR F 126 88.94 5.27 -23.25
C THR F 126 87.92 4.92 -22.16
N SER F 127 86.63 4.97 -22.48
CA SER F 127 85.57 4.65 -21.53
C SER F 127 85.28 3.16 -21.44
N GLY F 128 86.19 2.31 -21.92
CA GLY F 128 85.98 0.88 -21.87
C GLY F 128 84.85 0.39 -22.75
N GLY F 129 84.82 0.86 -24.00
CA GLY F 129 83.78 0.46 -24.93
C GLY F 129 84.21 0.72 -26.35
N ALA F 130 83.40 0.22 -27.28
CA ALA F 130 83.69 0.35 -28.71
C ALA F 130 82.43 0.07 -29.51
N SER F 131 82.19 0.89 -30.53
CA SER F 131 81.03 0.73 -31.40
C SER F 131 81.43 1.03 -32.84
N VAL F 132 81.10 0.12 -33.75
CA VAL F 132 81.38 0.28 -35.17
C VAL F 132 80.07 0.64 -35.86
N VAL F 133 80.01 1.85 -36.41
CA VAL F 133 78.80 2.36 -37.08
C VAL F 133 78.98 2.21 -38.58
N CYS F 134 77.88 1.90 -39.27
CA CYS F 134 77.89 1.69 -40.72
C CYS F 134 76.64 2.36 -41.29
N PHE F 135 76.82 3.51 -41.94
CA PHE F 135 75.70 4.27 -42.50
C PHE F 135 75.41 3.83 -43.92
N LEU F 136 74.12 3.75 -44.25
CA LEU F 136 73.64 3.39 -45.59
C LEU F 136 72.66 4.49 -46.00
N ASN F 137 73.19 5.62 -46.46
CA ASN F 137 72.39 6.80 -46.74
C ASN F 137 71.85 6.78 -48.16
N ASN F 138 70.61 7.25 -48.30
CA ASN F 138 69.97 7.50 -49.59
C ASN F 138 69.93 6.27 -50.49
N PHE F 139 68.86 5.49 -50.38
CA PHE F 139 68.67 4.34 -51.25
C PHE F 139 67.17 4.15 -51.48
N TYR F 140 66.83 3.30 -52.46
CA TYR F 140 65.45 3.04 -52.78
C TYR F 140 65.35 1.72 -53.52
N PRO F 141 64.38 0.85 -53.22
CA PRO F 141 63.35 1.02 -52.19
C PRO F 141 63.87 0.85 -50.77
N LYS F 142 62.96 0.89 -49.79
CA LYS F 142 63.34 0.80 -48.39
C LYS F 142 63.85 -0.57 -48.00
N ASP F 143 63.53 -1.61 -48.75
CA ASP F 143 63.96 -2.96 -48.41
C ASP F 143 65.48 -3.06 -48.49
N ILE F 144 66.10 -3.50 -47.39
CA ILE F 144 67.55 -3.62 -47.31
C ILE F 144 67.92 -4.50 -46.11
N ASN F 145 69.04 -5.22 -46.22
CA ASN F 145 69.51 -6.11 -45.16
C ASN F 145 70.99 -5.86 -44.93
N VAL F 146 71.35 -5.49 -43.70
CA VAL F 146 72.74 -5.30 -43.32
C VAL F 146 73.23 -6.55 -42.61
N LYS F 147 74.49 -6.89 -42.82
CA LYS F 147 75.09 -8.08 -42.24
C LYS F 147 76.50 -7.75 -41.76
N TRP F 148 76.83 -8.22 -40.55
CA TRP F 148 78.13 -7.98 -39.94
C TRP F 148 78.91 -9.29 -39.91
N LYS F 149 80.18 -9.23 -40.28
CA LYS F 149 81.06 -10.40 -40.30
C LYS F 149 82.39 -10.03 -39.64
N ILE F 150 82.60 -10.54 -38.43
CA ILE F 150 83.87 -10.35 -37.72
C ILE F 150 84.83 -11.44 -38.21
N ASP F 151 85.77 -11.06 -39.07
CA ASP F 151 86.74 -12.00 -39.67
C ASP F 151 86.02 -13.11 -40.44
N GLY F 152 85.04 -12.71 -41.25
CA GLY F 152 84.20 -13.63 -42.02
C GLY F 152 83.03 -14.23 -41.27
N SER F 153 83.21 -14.52 -39.99
CA SER F 153 82.15 -15.11 -39.18
C SER F 153 81.02 -14.11 -38.96
N GLU F 154 79.79 -14.52 -39.26
CA GLU F 154 78.64 -13.65 -39.14
C GLU F 154 78.45 -13.19 -37.69
N ARG F 155 77.81 -12.03 -37.52
CA ARG F 155 77.57 -11.43 -36.22
C ARG F 155 76.12 -11.03 -36.10
N GLN F 156 75.46 -11.47 -35.03
CA GLN F 156 74.06 -11.14 -34.77
C GLN F 156 73.84 -10.64 -33.35
N ASN F 157 74.90 -10.31 -32.61
CA ASN F 157 74.81 -9.97 -31.20
C ASN F 157 75.12 -8.50 -30.99
N GLY F 158 74.24 -7.79 -30.30
CA GLY F 158 74.47 -6.41 -29.93
C GLY F 158 74.48 -5.44 -31.10
N VAL F 159 73.44 -5.51 -31.93
CA VAL F 159 73.32 -4.66 -33.12
C VAL F 159 72.13 -3.74 -32.93
N LEU F 160 72.33 -2.45 -33.20
CA LEU F 160 71.29 -1.43 -33.06
C LEU F 160 71.09 -0.77 -34.43
N ASN F 161 69.91 -0.98 -35.01
CA ASN F 161 69.58 -0.45 -36.33
C ASN F 161 68.47 0.57 -36.21
N SER F 162 68.64 1.71 -36.88
CA SER F 162 67.66 2.79 -36.87
C SER F 162 67.42 3.26 -38.30
N TRP F 163 66.15 3.39 -38.66
CA TRP F 163 65.75 3.82 -39.99
C TRP F 163 65.14 5.20 -39.95
N THR F 164 65.46 6.03 -40.94
CA THR F 164 64.81 7.31 -41.13
C THR F 164 63.66 7.17 -42.11
N ASP F 165 62.62 7.98 -41.90
CA ASP F 165 61.49 8.00 -42.80
C ASP F 165 61.94 8.45 -44.19
N GLN F 166 61.04 8.27 -45.17
CA GLN F 166 61.35 8.66 -46.54
C GLN F 166 61.67 10.15 -46.59
N ASP F 167 62.90 10.46 -46.99
CA ASP F 167 63.38 11.85 -46.98
C ASP F 167 62.49 12.74 -47.83
N SER F 168 61.96 13.80 -47.22
CA SER F 168 61.13 14.75 -47.95
C SER F 168 61.90 15.44 -49.06
N LYS F 169 63.24 15.44 -48.99
CA LYS F 169 64.05 16.12 -50.00
C LYS F 169 64.05 15.37 -51.32
N ASP F 170 64.53 14.13 -51.31
CA ASP F 170 64.71 13.36 -52.54
C ASP F 170 64.01 12.01 -52.50
N SER F 171 63.12 11.78 -51.53
CA SER F 171 62.34 10.55 -51.43
C SER F 171 63.24 9.31 -51.32
N THR F 172 64.29 9.41 -50.51
CA THR F 172 65.22 8.32 -50.30
C THR F 172 65.22 7.92 -48.82
N TYR F 173 65.51 6.65 -48.57
CA TYR F 173 65.62 6.12 -47.22
C TYR F 173 67.09 5.99 -46.84
N SER F 174 67.35 6.05 -45.53
CA SER F 174 68.70 5.88 -44.99
C SER F 174 68.64 4.94 -43.80
N MET F 175 69.77 4.29 -43.53
CA MET F 175 69.84 3.27 -42.49
C MET F 175 71.10 3.46 -41.65
N SER F 176 70.97 3.17 -40.36
CA SER F 176 72.08 3.24 -39.42
C SER F 176 72.21 1.90 -38.71
N SER F 177 73.44 1.51 -38.40
CA SER F 177 73.72 0.22 -37.77
C SER F 177 74.92 0.38 -36.85
N THR F 178 74.76 0.02 -35.58
CA THR F 178 75.80 0.17 -34.57
C THR F 178 76.04 -1.16 -33.88
N LEU F 179 77.22 -1.74 -34.09
CA LEU F 179 77.64 -2.98 -33.43
C LEU F 179 78.47 -2.61 -32.22
N THR F 180 77.91 -2.85 -31.03
CA THR F 180 78.52 -2.42 -29.77
C THR F 180 79.05 -3.62 -29.00
N LEU F 181 80.20 -3.44 -28.36
CA LEU F 181 80.77 -4.44 -27.46
C LEU F 181 81.80 -3.76 -26.57
N THR F 182 82.43 -4.55 -25.71
CA THR F 182 83.40 -4.01 -24.76
C THR F 182 84.75 -3.79 -25.42
N LYS F 183 85.53 -2.88 -24.83
CA LYS F 183 86.86 -2.58 -25.34
C LYS F 183 87.74 -3.83 -25.34
N ASP F 184 87.62 -4.65 -24.29
CA ASP F 184 88.43 -5.87 -24.21
C ASP F 184 88.10 -6.83 -25.35
N GLU F 185 86.82 -6.91 -25.74
CA GLU F 185 86.41 -7.79 -26.83
C GLU F 185 86.78 -7.21 -28.19
N TYR F 186 86.76 -5.88 -28.34
CA TYR F 186 87.13 -5.27 -29.61
C TYR F 186 88.59 -5.52 -29.95
N GLU F 187 89.47 -5.46 -28.95
CA GLU F 187 90.89 -5.68 -29.14
C GLU F 187 91.26 -7.16 -29.25
N ARG F 188 90.40 -7.94 -29.90
CA ARG F 188 90.65 -9.36 -30.13
C ARG F 188 90.77 -9.71 -31.61
N HIS F 189 90.13 -8.96 -32.49
CA HIS F 189 90.11 -9.23 -33.92
C HIS F 189 90.76 -8.07 -34.68
N ASN F 190 90.72 -8.14 -36.01
CA ASN F 190 91.29 -7.10 -36.84
C ASN F 190 90.31 -6.67 -37.93
N SER F 191 89.86 -7.62 -38.74
CA SER F 191 89.00 -7.32 -39.88
C SER F 191 87.54 -7.32 -39.44
N TYR F 192 86.82 -6.26 -39.80
CA TYR F 192 85.40 -6.12 -39.50
C TYR F 192 84.67 -5.74 -40.79
N THR F 193 83.81 -6.64 -41.27
CA THR F 193 83.08 -6.45 -42.52
C THR F 193 81.69 -5.88 -42.25
N CYS F 194 81.23 -5.01 -43.15
CA CYS F 194 79.87 -4.45 -43.15
C CYS F 194 79.25 -4.68 -44.52
N GLU F 195 78.51 -5.78 -44.65
CA GLU F 195 77.83 -6.10 -45.91
C GLU F 195 76.47 -5.41 -45.98
N ALA F 196 75.83 -5.51 -47.14
CA ALA F 196 74.54 -4.86 -47.37
C ALA F 196 73.91 -5.46 -48.61
N THR F 197 72.68 -5.96 -48.47
CA THR F 197 71.95 -6.58 -49.57
C THR F 197 70.85 -5.64 -50.05
N HIS F 198 70.80 -5.39 -51.36
CA HIS F 198 69.83 -4.49 -51.96
C HIS F 198 69.44 -5.01 -53.33
N LYS F 199 68.30 -4.52 -53.83
CA LYS F 199 67.82 -5.01 -55.13
C LYS F 199 68.57 -4.37 -56.29
N THR F 200 69.11 -3.16 -56.11
CA THR F 200 69.89 -2.52 -57.15
C THR F 200 71.22 -3.21 -57.38
N SER F 201 71.65 -4.09 -56.47
CA SER F 201 72.94 -4.75 -56.55
C SER F 201 72.74 -6.26 -56.41
N THR F 202 73.07 -7.00 -57.47
CA THR F 202 73.00 -8.46 -57.38
C THR F 202 73.99 -8.99 -56.35
N SER F 203 75.08 -8.26 -56.09
CA SER F 203 76.10 -8.62 -55.13
C SER F 203 76.05 -7.70 -53.91
N PRO F 204 76.46 -8.19 -52.74
CA PRO F 204 76.45 -7.34 -51.54
C PRO F 204 77.61 -6.37 -51.52
N ILE F 205 77.31 -5.12 -51.14
CA ILE F 205 78.32 -4.10 -50.99
C ILE F 205 79.05 -4.30 -49.66
N VAL F 206 80.37 -4.07 -49.68
CA VAL F 206 81.23 -4.41 -48.55
C VAL F 206 82.06 -3.19 -48.16
N LYS F 207 82.28 -3.03 -46.85
CA LYS F 207 83.19 -2.01 -46.31
C LYS F 207 83.89 -2.61 -45.09
N SER F 208 85.20 -2.81 -45.18
CA SER F 208 85.97 -3.44 -44.11
C SER F 208 87.11 -2.52 -43.67
N PHE F 209 87.79 -2.93 -42.60
CA PHE F 209 88.91 -2.17 -42.04
C PHE F 209 89.67 -3.06 -41.08
N ASN F 210 90.90 -2.66 -40.77
CA ASN F 210 91.76 -3.34 -39.83
C ASN F 210 91.82 -2.56 -38.52
N ARG F 211 91.78 -3.28 -37.40
CA ARG F 211 91.75 -2.65 -36.09
C ARG F 211 93.04 -1.89 -35.82
N ASN F 212 92.92 -0.59 -35.61
CA ASN F 212 94.06 0.29 -35.32
C ASN F 212 95.14 0.14 -36.38
N GLU F 213 94.95 0.78 -37.53
CA GLU F 213 95.87 0.63 -38.66
C GLU F 213 96.98 1.68 -38.61
N CYS F 214 96.61 2.94 -38.79
CA CYS F 214 97.56 4.05 -38.81
C CYS F 214 98.45 4.07 -37.56
N GLU G 1 -28.33 7.42 35.25
CA GLU G 1 -29.38 6.53 35.75
C GLU G 1 -30.04 5.76 34.61
N VAL G 2 -30.36 4.49 34.86
CA VAL G 2 -31.01 3.65 33.85
C VAL G 2 -32.50 3.95 33.85
N GLN G 3 -33.03 4.27 32.67
CA GLN G 3 -34.45 4.51 32.49
C GLN G 3 -34.88 4.01 31.12
N LEU G 4 -35.99 3.28 31.10
CA LEU G 4 -36.57 2.77 29.86
C LEU G 4 -37.85 3.55 29.59
N GLN G 5 -37.83 4.36 28.54
CA GLN G 5 -38.93 5.27 28.21
C GLN G 5 -39.65 4.73 26.98
N GLN G 6 -40.85 4.19 27.18
CA GLN G 6 -41.61 3.58 26.11
C GLN G 6 -42.47 4.62 25.40
N SER G 7 -43.19 4.16 24.38
CA SER G 7 -44.01 5.03 23.57
C SER G 7 -45.36 5.29 24.25
N GLY G 8 -46.16 6.18 23.65
CA GLY G 8 -47.46 6.49 24.20
C GLY G 8 -48.49 5.40 23.93
N ALA G 9 -49.65 5.56 24.57
CA ALA G 9 -50.73 4.59 24.41
C ALA G 9 -51.17 4.53 22.94
N GLU G 10 -51.37 3.31 22.45
CA GLU G 10 -51.78 3.08 21.08
C GLU G 10 -53.25 2.67 21.04
N LEU G 11 -53.95 3.17 20.02
CA LEU G 11 -55.37 2.87 19.81
C LEU G 11 -55.54 2.45 18.36
N VAL G 12 -55.75 1.15 18.14
CA VAL G 12 -55.71 0.57 16.80
C VAL G 12 -56.92 -0.32 16.58
N LYS G 13 -57.16 -0.64 15.32
CA LYS G 13 -58.26 -1.47 14.87
C LYS G 13 -57.83 -2.93 14.74
N PRO G 14 -58.77 -3.88 14.84
CA PRO G 14 -58.40 -5.29 14.67
C PRO G 14 -57.90 -5.57 13.26
N GLY G 15 -56.94 -6.49 13.17
CA GLY G 15 -56.32 -6.85 11.92
C GLY G 15 -55.16 -5.97 11.52
N ALA G 16 -55.01 -4.80 12.13
CA ALA G 16 -53.93 -3.88 11.79
C ALA G 16 -52.66 -4.30 12.54
N SER G 17 -51.63 -3.47 12.44
CA SER G 17 -50.37 -3.70 13.14
C SER G 17 -49.96 -2.43 13.88
N VAL G 18 -49.10 -2.61 14.88
CA VAL G 18 -48.61 -1.51 15.68
C VAL G 18 -47.17 -1.82 16.10
N LYS G 19 -46.35 -0.77 16.20
CA LYS G 19 -44.94 -0.90 16.53
C LYS G 19 -44.68 -0.06 17.77
N LEU G 20 -44.47 -0.72 18.91
CA LEU G 20 -44.15 -0.05 20.15
C LEU G 20 -42.64 0.15 20.24
N SER G 21 -42.24 1.19 20.97
CA SER G 21 -40.83 1.56 21.09
C SER G 21 -40.42 1.61 22.55
N CYS G 22 -39.14 1.36 22.78
CA CYS G 22 -38.54 1.39 24.13
C CYS G 22 -37.15 1.97 23.99
N THR G 23 -36.97 3.21 24.43
CA THR G 23 -35.73 3.93 24.25
C THR G 23 -34.90 3.90 25.53
N ALA G 24 -33.63 3.56 25.40
CA ALA G 24 -32.71 3.58 26.54
C ALA G 24 -32.36 5.01 26.92
N SER G 25 -32.31 5.27 28.22
CA SER G 25 -31.98 6.59 28.75
C SER G 25 -30.92 6.44 29.82
N GLY G 26 -29.78 7.10 29.63
CA GLY G 26 -28.68 7.00 30.57
C GLY G 26 -27.79 5.80 30.38
N PHE G 27 -27.95 5.05 29.30
CA PHE G 27 -27.12 3.89 29.03
C PHE G 27 -27.26 3.52 27.55
N ASN G 28 -26.43 2.58 27.13
CA ASN G 28 -26.45 2.09 25.76
C ASN G 28 -27.37 0.88 25.68
N ILE G 29 -28.39 0.96 24.81
CA ILE G 29 -29.33 -0.14 24.63
C ILE G 29 -28.60 -1.45 24.26
N LYS G 30 -27.39 -1.34 23.72
CA LYS G 30 -26.59 -2.50 23.31
C LYS G 30 -26.02 -3.28 24.49
N ASP G 31 -26.14 -2.75 25.71
CA ASP G 31 -25.44 -3.34 26.85
C ASP G 31 -25.97 -4.73 27.19
N THR G 32 -27.29 -4.84 27.38
CA THR G 32 -27.88 -6.06 27.91
C THR G 32 -28.99 -6.56 26.97
N TYR G 33 -29.55 -7.71 27.33
CA TYR G 33 -30.79 -8.19 26.71
C TYR G 33 -31.89 -7.15 26.90
N VAL G 34 -32.86 -7.17 25.98
CA VAL G 34 -34.08 -6.39 26.11
C VAL G 34 -35.24 -7.33 25.88
N HIS G 35 -36.15 -7.41 26.86
CA HIS G 35 -37.29 -8.30 26.82
C HIS G 35 -38.57 -7.51 26.59
N TRP G 36 -39.65 -8.24 26.35
CA TRP G 36 -40.98 -7.65 26.23
C TRP G 36 -41.97 -8.52 26.99
N VAL G 37 -42.78 -7.90 27.84
CA VAL G 37 -43.70 -8.61 28.72
C VAL G 37 -45.09 -8.02 28.54
N LYS G 38 -46.09 -8.89 28.38
CA LYS G 38 -47.48 -8.51 28.22
C LYS G 38 -48.21 -8.70 29.55
N GLN G 39 -49.05 -7.74 29.91
CA GLN G 39 -49.79 -7.78 31.16
C GLN G 39 -51.27 -7.59 30.91
N ARG G 40 -52.08 -8.48 31.49
CA ARG G 40 -53.53 -8.40 31.46
C ARG G 40 -54.09 -8.62 32.85
N PRO G 41 -55.22 -7.99 33.18
CA PRO G 41 -55.77 -8.16 34.54
C PRO G 41 -56.08 -9.60 34.89
N GLU G 42 -56.70 -10.36 33.97
CA GLU G 42 -57.05 -11.74 34.25
C GLU G 42 -55.87 -12.67 34.02
N GLN G 43 -55.29 -12.64 32.81
CA GLN G 43 -54.24 -13.58 32.46
C GLN G 43 -52.93 -13.29 33.19
N GLY G 44 -52.71 -12.06 33.62
CA GLY G 44 -51.50 -11.74 34.35
C GLY G 44 -50.34 -11.38 33.44
N LEU G 45 -49.13 -11.63 33.93
CA LEU G 45 -47.91 -11.30 33.22
C LEU G 45 -47.51 -12.45 32.30
N GLU G 46 -47.06 -12.11 31.09
CA GLU G 46 -46.65 -13.10 30.10
C GLU G 46 -45.40 -12.61 29.40
N TRP G 47 -44.41 -13.49 29.33
CA TRP G 47 -43.16 -13.18 28.63
C TRP G 47 -43.33 -13.39 27.14
N ILE G 48 -43.00 -12.36 26.35
CA ILE G 48 -43.14 -12.43 24.90
C ILE G 48 -41.85 -12.97 24.30
N GLY G 49 -40.75 -12.26 24.55
CA GLY G 49 -39.48 -12.65 23.98
C GLY G 49 -38.42 -11.64 24.34
N ARG G 50 -37.23 -11.83 23.75
CA ARG G 50 -36.10 -10.97 24.04
C ARG G 50 -35.29 -10.74 22.76
N ILE G 51 -34.45 -9.71 22.79
CA ILE G 51 -33.53 -9.40 21.71
C ILE G 51 -32.20 -8.98 22.31
N ASP G 52 -31.12 -9.31 21.62
CA ASP G 52 -29.80 -8.79 21.90
C ASP G 52 -29.54 -7.66 20.92
N PRO G 53 -29.70 -6.39 21.31
CA PRO G 53 -29.54 -5.29 20.35
C PRO G 53 -28.16 -5.23 19.72
N ALA G 54 -27.16 -5.86 20.33
CA ALA G 54 -25.81 -5.84 19.79
C ALA G 54 -25.74 -6.55 18.46
N ASN G 55 -26.50 -7.65 18.31
CA ASN G 55 -26.46 -8.45 17.10
C ASN G 55 -27.82 -8.76 16.50
N GLY G 56 -28.91 -8.46 17.20
CA GLY G 56 -30.24 -8.67 16.65
C GLY G 56 -30.80 -10.06 16.82
N TYR G 57 -30.12 -10.93 17.56
CA TYR G 57 -30.64 -12.27 17.77
C TYR G 57 -31.78 -12.24 18.79
N THR G 58 -32.86 -12.97 18.48
CA THR G 58 -34.08 -12.91 19.26
C THR G 58 -34.47 -14.29 19.77
N LYS G 59 -35.32 -14.28 20.80
CA LYS G 59 -35.97 -15.47 21.32
C LYS G 59 -37.45 -15.13 21.52
N TYR G 60 -38.31 -16.13 21.37
CA TYR G 60 -39.74 -15.92 21.51
C TYR G 60 -40.38 -17.08 22.24
N ASP G 61 -41.41 -16.76 23.01
CA ASP G 61 -42.34 -17.78 23.46
C ASP G 61 -43.13 -18.27 22.25
N PRO G 62 -43.20 -19.59 22.01
CA PRO G 62 -43.95 -20.08 20.84
C PRO G 62 -45.41 -19.64 20.82
N LYS G 63 -45.95 -19.16 21.94
CA LYS G 63 -47.31 -18.63 21.95
C LYS G 63 -47.41 -17.38 21.06
N PHE G 64 -46.44 -16.47 21.18
CA PHE G 64 -46.45 -15.22 20.42
C PHE G 64 -45.74 -15.34 19.08
N GLN G 65 -45.29 -16.54 18.70
CA GLN G 65 -44.64 -16.73 17.41
C GLN G 65 -45.61 -16.43 16.27
N GLY G 66 -45.33 -15.35 15.52
CA GLY G 66 -46.22 -14.95 14.45
C GLY G 66 -46.74 -13.54 14.61
N LYS G 67 -47.27 -13.23 15.79
CA LYS G 67 -47.80 -11.90 16.06
C LYS G 67 -46.71 -10.93 16.53
N ALA G 68 -45.78 -11.39 17.35
CA ALA G 68 -44.78 -10.54 17.97
C ALA G 68 -43.49 -10.58 17.16
N THR G 69 -42.92 -9.40 16.91
CA THR G 69 -41.65 -9.27 16.20
C THR G 69 -40.83 -8.20 16.90
N ILE G 70 -39.71 -8.61 17.50
CA ILE G 70 -38.87 -7.72 18.30
C ILE G 70 -37.65 -7.34 17.47
N THR G 71 -37.41 -6.03 17.35
CA THR G 71 -36.25 -5.49 16.64
C THR G 71 -35.61 -4.41 17.51
N ALA G 72 -34.49 -3.87 17.03
CA ALA G 72 -33.77 -2.85 17.79
C ALA G 72 -32.88 -2.06 16.83
N ASP G 73 -32.74 -0.77 17.13
CA ASP G 73 -31.88 0.14 16.37
C ASP G 73 -30.90 0.78 17.36
N THR G 74 -29.65 0.30 17.33
CA THR G 74 -28.63 0.84 18.22
C THR G 74 -28.38 2.33 17.95
N SER G 75 -28.60 2.78 16.71
CA SER G 75 -28.40 4.19 16.38
C SER G 75 -29.29 5.07 17.25
N SER G 76 -30.59 4.84 17.24
CA SER G 76 -31.52 5.60 18.06
C SER G 76 -31.63 5.06 19.48
N ASN G 77 -30.82 4.07 19.84
CA ASN G 77 -30.80 3.51 21.20
C ASN G 77 -32.19 3.02 21.63
N THR G 78 -32.89 2.37 20.71
CA THR G 78 -34.28 2.01 20.90
C THR G 78 -34.52 0.57 20.51
N ALA G 79 -35.38 -0.11 21.27
CA ALA G 79 -35.89 -1.43 20.94
C ALA G 79 -37.35 -1.33 20.54
N TYR G 80 -37.82 -2.28 19.73
CA TYR G 80 -39.16 -2.21 19.17
C TYR G 80 -39.88 -3.54 19.36
N LEU G 81 -41.20 -3.45 19.52
CA LEU G 81 -42.09 -4.60 19.58
C LEU G 81 -43.23 -4.37 18.59
N GLN G 82 -43.28 -5.19 17.55
CA GLN G 82 -44.31 -5.08 16.52
C GLN G 82 -45.32 -6.21 16.72
N LEU G 83 -46.60 -5.84 16.70
CA LEU G 83 -47.70 -6.79 16.85
C LEU G 83 -48.55 -6.75 15.59
N SER G 84 -48.71 -7.90 14.95
CA SER G 84 -49.43 -8.00 13.69
C SER G 84 -50.75 -8.75 13.89
N SER G 85 -51.67 -8.51 12.95
CA SER G 85 -52.99 -9.14 12.95
C SER G 85 -53.65 -9.01 14.33
N LEU G 86 -53.87 -7.76 14.72
CA LEU G 86 -54.29 -7.47 16.09
C LEU G 86 -55.68 -8.04 16.38
N THR G 87 -55.90 -8.33 17.65
CA THR G 87 -57.14 -8.94 18.12
C THR G 87 -57.49 -8.33 19.48
N SER G 88 -58.76 -8.46 19.86
CA SER G 88 -59.21 -7.99 21.16
C SER G 88 -58.35 -8.52 22.31
N GLU G 89 -57.84 -9.74 22.17
CA GLU G 89 -56.99 -10.31 23.21
C GLU G 89 -55.61 -9.65 23.25
N ASP G 90 -55.20 -8.98 22.19
CA ASP G 90 -53.95 -8.22 22.22
C ASP G 90 -54.07 -6.93 23.02
N THR G 91 -55.27 -6.57 23.47
CA THR G 91 -55.46 -5.40 24.31
C THR G 91 -54.82 -5.67 25.68
N ALA G 92 -53.69 -5.01 25.94
CA ALA G 92 -52.93 -5.26 27.15
C ALA G 92 -51.91 -4.14 27.31
N VAL G 93 -51.19 -4.17 28.43
CA VAL G 93 -50.08 -3.27 28.70
C VAL G 93 -48.79 -4.01 28.39
N TYR G 94 -47.87 -3.35 27.69
CA TYR G 94 -46.64 -3.97 27.24
C TYR G 94 -45.45 -3.26 27.87
N TYR G 95 -44.52 -4.04 28.42
CA TYR G 95 -43.35 -3.53 29.11
C TYR G 95 -42.08 -4.05 28.45
N CYS G 96 -41.06 -3.19 28.38
CA CYS G 96 -39.72 -3.61 28.02
C CYS G 96 -38.88 -3.70 29.29
N VAL G 97 -38.09 -4.78 29.38
CA VAL G 97 -37.36 -5.12 30.59
C VAL G 97 -35.91 -5.42 30.25
N ARG G 98 -35.01 -5.02 31.13
CA ARG G 98 -33.60 -5.35 31.03
C ARG G 98 -33.09 -5.70 32.42
N PRO G 99 -32.03 -6.49 32.51
CA PRO G 99 -31.47 -6.85 33.82
C PRO G 99 -30.55 -5.78 34.36
N LEU G 100 -30.26 -5.90 35.65
CA LEU G 100 -29.31 -5.00 36.32
C LEU G 100 -27.88 -5.52 36.20
N TYR G 101 -27.60 -6.67 36.80
CA TYR G 101 -26.29 -7.32 36.70
C TYR G 101 -26.41 -8.69 36.06
N ASP G 102 -27.22 -9.58 36.63
CA ASP G 102 -27.37 -10.94 36.12
C ASP G 102 -27.87 -10.92 34.68
N TYR G 103 -27.09 -11.55 33.79
CA TYR G 103 -27.41 -11.56 32.35
C TYR G 103 -28.86 -11.94 32.06
N TYR G 104 -29.45 -12.80 32.89
CA TYR G 104 -30.74 -13.41 32.61
C TYR G 104 -31.87 -12.82 33.45
N ALA G 105 -31.60 -11.78 34.22
CA ALA G 105 -32.57 -11.26 35.18
C ALA G 105 -33.54 -10.29 34.51
N MET G 106 -34.53 -9.83 35.28
CA MET G 106 -35.59 -8.92 34.81
C MET G 106 -35.79 -7.87 35.90
N ASP G 107 -34.98 -6.82 35.87
CA ASP G 107 -34.90 -5.88 36.99
C ASP G 107 -35.38 -4.48 36.67
N TYR G 108 -35.02 -3.92 35.51
CA TYR G 108 -35.43 -2.58 35.12
C TYR G 108 -36.60 -2.68 34.14
N TRP G 109 -37.64 -1.89 34.39
CA TRP G 109 -38.87 -1.95 33.61
C TRP G 109 -39.24 -0.56 33.13
N GLY G 110 -39.64 -0.47 31.86
CA GLY G 110 -40.23 0.74 31.36
C GLY G 110 -41.58 1.01 32.00
N GLN G 111 -42.09 2.22 31.78
CA GLN G 111 -43.35 2.60 32.39
C GLN G 111 -44.53 1.80 31.83
N GLY G 112 -44.40 1.25 30.62
CA GLY G 112 -45.46 0.47 30.03
C GLY G 112 -46.25 1.22 28.98
N THR G 113 -46.56 0.54 27.87
CA THR G 113 -47.32 1.13 26.78
C THR G 113 -48.70 0.48 26.75
N SER G 114 -49.74 1.30 26.82
CA SER G 114 -51.10 0.79 26.77
C SER G 114 -51.52 0.58 25.32
N VAL G 115 -52.15 -0.57 25.05
CA VAL G 115 -52.63 -0.92 23.71
C VAL G 115 -54.08 -1.34 23.82
N THR G 116 -54.93 -0.73 22.98
CA THR G 116 -56.37 -1.00 22.99
C THR G 116 -56.81 -1.24 21.55
N VAL G 117 -57.30 -2.45 21.28
CA VAL G 117 -57.76 -2.84 19.95
C VAL G 117 -59.28 -2.80 19.95
N SER G 118 -59.85 -2.04 19.01
CA SER G 118 -61.30 -1.93 18.91
C SER G 118 -61.65 -1.33 17.55
N SER G 119 -62.83 -1.68 17.06
CA SER G 119 -63.37 -1.07 15.85
C SER G 119 -64.20 0.17 16.14
N ALA G 120 -64.43 0.48 17.41
CA ALA G 120 -65.31 1.59 17.77
C ALA G 120 -64.76 2.92 17.26
N LYS G 121 -65.66 3.78 16.80
CA LYS G 121 -65.30 5.12 16.41
C LYS G 121 -65.27 6.04 17.63
N THR G 122 -64.79 7.26 17.43
CA THR G 122 -64.77 8.25 18.49
C THR G 122 -66.19 8.63 18.87
N THR G 123 -66.74 7.98 19.89
CA THR G 123 -68.12 8.17 20.30
C THR G 123 -68.17 8.94 21.61
N ALA G 124 -69.11 9.90 21.68
CA ALA G 124 -69.27 10.74 22.85
C ALA G 124 -70.13 10.03 23.91
N PRO G 125 -69.90 10.32 25.18
CA PRO G 125 -70.63 9.63 26.25
C PRO G 125 -72.06 10.14 26.40
N SER G 126 -72.89 9.27 26.96
CA SER G 126 -74.28 9.60 27.29
C SER G 126 -74.37 9.71 28.82
N VAL G 127 -74.53 10.93 29.31
CA VAL G 127 -74.55 11.20 30.75
C VAL G 127 -75.98 11.15 31.25
N TYR G 128 -76.22 10.36 32.30
CA TYR G 128 -77.55 10.18 32.85
C TYR G 128 -77.53 10.48 34.35
N PRO G 129 -78.44 11.33 34.83
CA PRO G 129 -78.50 11.61 36.27
C PRO G 129 -79.16 10.46 37.03
N LEU G 130 -78.62 10.17 38.21
CA LEU G 130 -79.09 9.07 39.04
C LEU G 130 -79.62 9.64 40.36
N ALA G 131 -80.92 9.86 40.42
CA ALA G 131 -81.57 10.30 41.65
C ALA G 131 -82.21 9.11 42.37
N PRO G 132 -82.26 9.15 43.71
CA PRO G 132 -82.83 8.03 44.45
C PRO G 132 -84.33 7.88 44.26
N VAL G 133 -84.93 6.89 44.92
CA VAL G 133 -86.35 6.61 44.79
C VAL G 133 -87.09 7.31 45.93
N CYS G 134 -88.38 7.59 45.70
CA CYS G 134 -89.23 8.20 46.71
C CYS G 134 -89.30 7.33 47.96
N THR G 135 -84.86 9.55 53.10
CA THR G 135 -85.59 9.01 54.25
C THR G 135 -84.68 8.86 55.46
N GLY G 136 -83.39 8.64 55.21
CA GLY G 136 -82.41 8.53 56.26
C GLY G 136 -81.71 9.84 56.53
N SER G 137 -80.60 9.75 57.27
CA SER G 137 -79.78 10.93 57.53
C SER G 137 -78.74 11.17 56.44
N SER G 138 -78.35 10.14 55.69
CA SER G 138 -77.40 10.25 54.61
C SER G 138 -78.09 9.95 53.29
N VAL G 139 -77.70 10.68 52.25
CA VAL G 139 -78.28 10.53 50.91
C VAL G 139 -77.14 10.32 49.92
N THR G 140 -77.39 9.48 48.91
CA THR G 140 -76.38 9.14 47.92
C THR G 140 -76.94 9.37 46.52
N LEU G 141 -76.23 10.15 45.72
CA LEU G 141 -76.58 10.40 44.32
C LEU G 141 -75.62 9.64 43.42
N GLY G 142 -75.79 9.81 42.12
CA GLY G 142 -74.95 9.11 41.16
C GLY G 142 -75.02 9.73 39.79
N CYS G 143 -74.15 9.23 38.91
CA CYS G 143 -74.05 9.72 37.54
C CYS G 143 -73.51 8.60 36.66
N LEU G 144 -74.18 8.35 35.54
CA LEU G 144 -73.83 7.26 34.64
C LEU G 144 -73.29 7.84 33.33
N VAL G 145 -72.17 7.28 32.87
CA VAL G 145 -71.48 7.75 31.67
C VAL G 145 -71.36 6.53 30.75
N LYS G 146 -72.32 6.38 29.83
CA LYS G 146 -72.48 5.15 29.07
C LYS G 146 -72.20 5.37 27.59
N GLY G 147 -71.51 4.40 26.98
CA GLY G 147 -71.34 4.36 25.55
C GLY G 147 -70.42 5.40 24.95
N TYR G 148 -69.20 5.51 25.47
CA TYR G 148 -68.19 6.42 24.92
C TYR G 148 -66.96 5.64 24.49
N PHE G 149 -66.18 6.25 23.61
CA PHE G 149 -64.93 5.68 23.12
C PHE G 149 -64.11 6.75 22.43
N PRO G 150 -62.79 6.79 22.68
CA PRO G 150 -62.09 5.90 23.61
C PRO G 150 -61.97 6.51 24.99
N GLU G 151 -61.18 5.86 25.85
CA GLU G 151 -60.90 6.41 27.17
C GLU G 151 -59.92 7.59 27.05
N PRO G 152 -59.82 8.42 28.09
CA PRO G 152 -60.58 8.40 29.34
C PRO G 152 -61.62 9.52 29.44
N VAL G 153 -62.20 9.67 30.62
CA VAL G 153 -63.12 10.75 30.93
C VAL G 153 -62.80 11.26 32.33
N THR G 154 -63.05 12.55 32.55
CA THR G 154 -62.90 13.16 33.86
C THR G 154 -64.29 13.44 34.42
N LEU G 155 -64.51 13.07 35.68
CA LEU G 155 -65.80 13.23 36.33
C LEU G 155 -65.60 13.92 37.67
N THR G 156 -66.24 15.08 37.83
CA THR G 156 -66.24 15.82 39.08
C THR G 156 -67.68 16.17 39.44
N TRP G 157 -67.85 16.77 40.62
CA TRP G 157 -69.15 17.22 41.09
C TRP G 157 -69.08 18.70 41.41
N ASN G 158 -70.02 19.47 40.85
CA ASN G 158 -70.05 20.93 41.03
C ASN G 158 -68.74 21.58 40.60
N SER G 159 -68.11 21.03 39.55
CA SER G 159 -66.87 21.53 38.99
C SER G 159 -65.72 21.46 40.00
N GLY G 160 -65.49 20.25 40.52
CA GLY G 160 -64.42 20.02 41.47
C GLY G 160 -64.68 20.46 42.89
N SER G 161 -65.82 21.13 43.14
CA SER G 161 -66.15 21.59 44.48
C SER G 161 -66.37 20.41 45.43
N LEU G 162 -67.45 19.66 45.21
CA LEU G 162 -67.77 18.50 46.04
C LEU G 162 -66.84 17.36 45.67
N SER G 163 -65.83 17.14 46.51
CA SER G 163 -64.81 16.11 46.26
C SER G 163 -64.84 14.99 47.28
N SER G 164 -64.93 15.32 48.56
CA SER G 164 -64.92 14.30 49.60
C SER G 164 -66.21 13.50 49.60
N GLY G 165 -66.10 12.21 49.89
CA GLY G 165 -67.25 11.33 49.88
C GLY G 165 -67.74 10.94 48.50
N VAL G 166 -66.82 10.74 47.56
CA VAL G 166 -67.14 10.44 46.17
C VAL G 166 -66.44 9.16 45.77
N HIS G 167 -67.11 8.33 44.96
CA HIS G 167 -66.55 7.08 44.46
C HIS G 167 -66.76 7.01 42.95
N THR G 168 -65.73 7.37 42.19
CA THR G 168 -65.75 7.23 40.74
C THR G 168 -65.15 5.88 40.37
N PHE G 169 -65.95 5.03 39.76
CA PHE G 169 -65.56 3.66 39.49
C PHE G 169 -64.80 3.54 38.17
N PRO G 170 -63.94 2.54 38.05
CA PRO G 170 -63.20 2.35 36.80
C PRO G 170 -64.14 2.06 35.64
N ALA G 171 -63.74 2.51 34.45
CA ALA G 171 -64.51 2.25 33.25
C ALA G 171 -64.52 0.76 32.92
N VAL G 172 -65.60 0.32 32.28
CA VAL G 172 -65.77 -1.08 31.89
C VAL G 172 -66.18 -1.12 30.42
N LEU G 173 -65.58 -2.04 29.67
CA LEU G 173 -65.84 -2.16 28.24
C LEU G 173 -67.15 -2.92 28.02
N GLN G 174 -68.13 -2.25 27.40
CA GLN G 174 -69.43 -2.84 27.10
C GLN G 174 -69.67 -2.73 25.60
N SER G 175 -69.43 -3.84 24.89
CA SER G 175 -69.66 -3.94 23.45
C SER G 175 -68.92 -2.83 22.70
N ASP G 176 -67.60 -2.84 22.83
CA ASP G 176 -66.69 -1.92 22.16
C ASP G 176 -66.87 -0.47 22.61
N LEU G 177 -67.73 -0.21 23.59
CA LEU G 177 -67.91 1.12 24.16
C LEU G 177 -67.77 1.03 25.66
N TYR G 178 -67.24 2.10 26.26
CA TYR G 178 -66.95 2.12 27.68
C TYR G 178 -68.13 2.65 28.48
N THR G 179 -68.23 2.20 29.73
CA THR G 179 -69.25 2.65 30.66
C THR G 179 -68.60 2.93 32.00
N LEU G 180 -68.92 4.09 32.58
CA LEU G 180 -68.37 4.52 33.86
C LEU G 180 -69.49 5.13 34.69
N SER G 181 -69.31 5.11 36.00
CA SER G 181 -70.28 5.71 36.90
C SER G 181 -69.56 6.20 38.15
N SER G 182 -70.22 7.12 38.87
CA SER G 182 -69.66 7.71 40.07
C SER G 182 -70.77 8.03 41.04
N SER G 183 -70.52 7.79 42.33
CA SER G 183 -71.45 8.07 43.40
C SER G 183 -70.90 9.15 44.32
N VAL G 184 -71.82 9.83 45.01
CA VAL G 184 -71.48 10.87 45.96
C VAL G 184 -72.47 10.81 47.11
N THR G 185 -71.98 11.03 48.33
CA THR G 185 -72.78 10.90 49.54
C THR G 185 -72.64 12.14 50.41
N VAL G 186 -73.77 12.72 50.80
CA VAL G 186 -73.81 13.87 51.69
C VAL G 186 -74.96 13.68 52.68
N THR G 187 -75.24 14.72 53.46
CA THR G 187 -76.34 14.65 54.43
C THR G 187 -77.67 14.97 53.74
N SER G 188 -78.76 14.62 54.44
CA SER G 188 -80.08 14.87 53.91
C SER G 188 -80.40 16.36 53.84
N SER G 189 -79.82 17.15 54.76
CA SER G 189 -80.04 18.60 54.76
C SER G 189 -79.35 19.30 53.59
N THR G 190 -78.45 18.61 52.89
CA THR G 190 -77.75 19.20 51.75
C THR G 190 -78.55 19.08 50.45
N TRP G 191 -79.17 17.93 50.22
CA TRP G 191 -79.88 17.67 48.98
C TRP G 191 -81.33 17.29 49.26
N PRO G 192 -82.29 17.76 48.44
CA PRO G 192 -82.12 18.62 47.26
C PRO G 192 -81.93 20.10 47.61
N SER G 193 -81.63 20.38 48.88
CA SER G 193 -81.45 21.77 49.31
C SER G 193 -80.37 22.49 48.51
N GLN G 194 -79.34 21.78 48.09
CA GLN G 194 -78.23 22.37 47.34
C GLN G 194 -78.07 21.67 46.01
N SER G 195 -77.87 22.46 44.96
CA SER G 195 -77.75 21.92 43.61
C SER G 195 -76.46 21.12 43.46
N ILE G 196 -76.58 19.88 42.99
CA ILE G 196 -75.45 19.00 42.75
C ILE G 196 -75.43 18.66 41.26
N THR G 197 -74.31 18.90 40.61
CA THR G 197 -74.16 18.71 39.18
C THR G 197 -73.05 17.72 38.89
N CYS G 198 -73.25 16.89 37.86
CA CYS G 198 -72.27 15.90 37.42
C CYS G 198 -71.56 16.45 36.19
N ASN G 199 -70.27 16.73 36.32
CA ASN G 199 -69.47 17.31 35.24
C ASN G 199 -68.64 16.21 34.60
N VAL G 200 -68.90 15.93 33.32
CA VAL G 200 -68.22 14.86 32.59
C VAL G 200 -67.59 15.47 31.34
N ALA G 201 -66.28 15.34 31.22
CA ALA G 201 -65.52 15.82 30.07
C ALA G 201 -64.93 14.64 29.33
N HIS G 202 -65.12 14.62 28.01
CA HIS G 202 -64.57 13.58 27.13
C HIS G 202 -63.70 14.27 26.08
N PRO G 203 -62.42 14.49 26.37
CA PRO G 203 -61.58 15.27 25.44
C PRO G 203 -61.45 14.67 24.05
N ALA G 204 -61.62 13.35 23.92
CA ALA G 204 -61.49 12.72 22.61
C ALA G 204 -62.45 13.32 21.60
N SER G 205 -63.74 13.32 21.93
CA SER G 205 -64.75 13.99 21.11
C SER G 205 -64.90 15.47 21.46
N SER G 206 -64.15 15.96 22.44
CA SER G 206 -64.17 17.36 22.86
C SER G 206 -65.58 17.78 23.28
N THR G 207 -66.09 17.11 24.31
CA THR G 207 -67.41 17.37 24.85
C THR G 207 -67.35 17.46 26.37
N LYS G 208 -68.07 18.44 26.93
CA LYS G 208 -68.13 18.66 28.38
C LYS G 208 -69.60 18.90 28.75
N VAL G 209 -70.34 17.80 28.93
CA VAL G 209 -71.74 17.86 29.32
C VAL G 209 -71.83 17.86 30.84
N ASP G 210 -72.86 18.51 31.37
CA ASP G 210 -73.07 18.60 32.81
C ASP G 210 -74.55 18.44 33.11
N LYS G 211 -74.89 17.38 33.85
CA LYS G 211 -76.27 17.07 34.22
C LYS G 211 -76.48 17.37 35.69
N LYS G 212 -77.54 18.11 36.00
CA LYS G 212 -77.92 18.39 37.38
C LYS G 212 -78.87 17.31 37.87
N ILE G 213 -78.58 16.78 39.06
CA ILE G 213 -79.39 15.70 39.62
C ILE G 213 -80.71 16.29 40.13
N GLU G 214 -81.82 15.72 39.67
CA GLU G 214 -83.13 16.19 40.09
C GLU G 214 -83.92 15.05 40.72
N PRO G 215 -84.62 15.32 41.83
CA PRO G 215 -85.37 14.26 42.52
C PRO G 215 -86.54 13.74 41.70
N ARG G 216 -87.20 12.71 42.20
CA ARG G 216 -88.32 12.09 41.50
C ARG G 216 -89.65 12.42 42.18
N ASP H 1 -43.32 -25.76 29.56
CA ASP H 1 -42.98 -24.54 30.29
C ASP H 1 -43.10 -24.76 31.80
N ILE H 2 -42.40 -23.93 32.56
CA ILE H 2 -42.36 -24.06 34.02
C ILE H 2 -43.51 -23.24 34.61
N LEU H 3 -44.41 -23.90 35.31
CA LEU H 3 -45.50 -23.22 35.99
C LEU H 3 -45.01 -22.64 37.32
N MET H 4 -45.41 -21.41 37.61
CA MET H 4 -45.04 -20.72 38.83
C MET H 4 -46.30 -20.49 39.66
N THR H 5 -46.50 -21.32 40.67
CA THR H 5 -47.65 -21.20 41.57
C THR H 5 -47.27 -20.28 42.73
N GLN H 6 -47.81 -19.07 42.71
CA GLN H 6 -47.51 -18.06 43.72
C GLN H 6 -48.67 -17.97 44.70
N SER H 7 -48.35 -17.92 45.99
CA SER H 7 -49.35 -17.91 47.04
C SER H 7 -48.92 -16.98 48.16
N PRO H 8 -49.87 -16.30 48.82
CA PRO H 8 -51.30 -16.36 48.51
C PRO H 8 -51.71 -15.36 47.44
N SER H 9 -52.94 -15.51 46.92
CA SER H 9 -53.44 -14.55 45.94
C SER H 9 -53.50 -13.15 46.52
N SER H 10 -53.74 -13.03 47.83
CA SER H 10 -53.78 -11.74 48.51
C SER H 10 -53.66 -11.99 50.00
N MET H 11 -53.40 -10.92 50.75
CA MET H 11 -53.31 -10.99 52.20
C MET H 11 -53.64 -9.63 52.79
N SER H 12 -54.35 -9.64 53.91
CA SER H 12 -54.72 -8.43 54.63
C SER H 12 -53.86 -8.34 55.88
N VAL H 13 -53.02 -7.32 55.95
CA VAL H 13 -52.04 -7.14 57.01
C VAL H 13 -51.94 -5.66 57.34
N SER H 14 -51.14 -5.35 58.36
CA SER H 14 -51.02 -3.98 58.87
C SER H 14 -49.55 -3.56 58.87
N LEU H 15 -49.34 -2.29 59.17
CA LEU H 15 -47.99 -1.75 59.21
C LEU H 15 -47.16 -2.41 60.30
N GLY H 16 -45.90 -2.67 60.00
CA GLY H 16 -44.99 -3.30 60.94
C GLY H 16 -45.04 -4.81 60.95
N ASP H 17 -46.04 -5.42 60.32
CA ASP H 17 -46.11 -6.88 60.27
C ASP H 17 -44.98 -7.46 59.43
N THR H 18 -44.65 -8.71 59.71
CA THR H 18 -43.65 -9.46 58.95
C THR H 18 -44.39 -10.52 58.15
N VAL H 19 -44.42 -10.35 56.82
CA VAL H 19 -45.18 -11.23 55.94
C VAL H 19 -44.22 -11.92 54.99
N SER H 20 -44.67 -13.03 54.42
CA SER H 20 -43.86 -13.84 53.53
C SER H 20 -44.70 -14.33 52.36
N ILE H 21 -44.25 -14.05 51.15
CA ILE H 21 -44.87 -14.55 49.93
C ILE H 21 -44.07 -15.75 49.44
N THR H 22 -44.76 -16.81 49.05
CA THR H 22 -44.11 -18.02 48.58
C THR H 22 -44.38 -18.22 47.09
N CYS H 23 -43.45 -18.93 46.44
CA CYS H 23 -43.53 -19.21 45.01
C CYS H 23 -43.02 -20.62 44.78
N HIS H 24 -43.83 -21.46 44.14
CA HIS H 24 -43.50 -22.86 43.90
C HIS H 24 -43.42 -23.10 42.40
N ALA H 25 -42.33 -23.73 41.96
CA ALA H 25 -42.12 -24.03 40.56
C ALA H 25 -42.40 -25.51 40.29
N SER H 26 -42.79 -25.80 39.05
CA SER H 26 -43.06 -27.18 38.65
C SER H 26 -41.81 -28.05 38.60
N GLN H 27 -40.63 -27.45 38.75
CA GLN H 27 -39.38 -28.19 38.75
C GLN H 27 -38.30 -27.31 39.36
N GLY H 28 -37.14 -27.91 39.61
CA GLY H 28 -36.02 -27.17 40.17
C GLY H 28 -35.53 -26.06 39.28
N ILE H 29 -35.37 -24.87 39.84
CA ILE H 29 -34.87 -23.71 39.11
C ILE H 29 -33.60 -23.15 39.70
N SER H 30 -33.08 -23.76 40.77
CA SER H 30 -31.77 -23.43 41.36
C SER H 30 -31.56 -21.92 41.51
N SER H 31 -32.45 -21.29 42.29
CA SER H 31 -32.37 -19.89 42.67
C SER H 31 -32.46 -18.92 41.50
N ASN H 32 -32.79 -19.40 40.29
CA ASN H 32 -32.94 -18.52 39.14
C ASN H 32 -34.34 -17.89 39.14
N ILE H 33 -34.56 -17.03 40.14
CA ILE H 33 -35.87 -16.44 40.36
C ILE H 33 -35.70 -14.96 40.72
N GLY H 34 -36.65 -14.15 40.28
CA GLY H 34 -36.68 -12.75 40.66
C GLY H 34 -38.02 -12.38 41.25
N TRP H 35 -38.01 -11.33 42.07
CA TRP H 35 -39.20 -10.82 42.72
C TRP H 35 -39.46 -9.39 42.29
N LEU H 36 -40.73 -9.10 41.98
CA LEU H 36 -41.12 -7.82 41.40
C LEU H 36 -42.16 -7.14 42.26
N GLN H 37 -42.21 -5.82 42.16
CA GLN H 37 -43.18 -4.99 42.87
C GLN H 37 -43.85 -4.04 41.91
N GLN H 38 -45.17 -3.96 41.96
CA GLN H 38 -45.94 -3.04 41.12
C GLN H 38 -46.87 -2.23 42.02
N LYS H 39 -46.49 -0.99 42.30
CA LYS H 39 -47.34 -0.11 43.09
C LYS H 39 -48.60 0.24 42.29
N PRO H 40 -49.73 0.45 42.98
CA PRO H 40 -51.01 0.64 42.27
C PRO H 40 -50.97 1.69 41.18
N GLY H 41 -51.44 1.32 39.99
CA GLY H 41 -51.48 2.23 38.87
C GLY H 41 -50.13 2.70 38.38
N LYS H 42 -49.06 1.96 38.67
CA LYS H 42 -47.71 2.34 38.27
C LYS H 42 -47.00 1.12 37.69
N SER H 43 -45.75 1.34 37.25
CA SER H 43 -44.98 0.29 36.58
C SER H 43 -44.32 -0.61 37.61
N PHE H 44 -43.37 -1.43 37.17
CA PHE H 44 -42.75 -2.44 38.02
C PHE H 44 -41.40 -1.96 38.55
N MET H 45 -41.02 -2.53 39.68
CA MET H 45 -39.72 -2.28 40.30
C MET H 45 -39.10 -3.62 40.68
N GLY H 46 -37.83 -3.80 40.33
CA GLY H 46 -37.13 -5.03 40.68
C GLY H 46 -36.77 -5.03 42.16
N LEU H 47 -37.08 -6.14 42.83
CA LEU H 47 -36.76 -6.32 44.25
C LEU H 47 -35.58 -7.26 44.45
N ILE H 48 -35.69 -8.49 43.94
CA ILE H 48 -34.69 -9.53 44.15
C ILE H 48 -34.33 -10.13 42.80
N TYR H 49 -33.06 -10.51 42.64
CA TYR H 49 -32.62 -11.31 41.51
C TYR H 49 -31.76 -12.45 42.01
N TYR H 50 -31.81 -13.56 41.28
CA TYR H 50 -31.07 -14.78 41.61
C TYR H 50 -31.35 -15.21 43.06
N GLY H 51 -32.63 -15.26 43.40
CA GLY H 51 -33.05 -15.82 44.66
C GLY H 51 -32.95 -14.92 45.88
N THR H 52 -31.76 -14.37 46.13
CA THR H 52 -31.51 -13.65 47.39
C THR H 52 -30.88 -12.28 47.22
N ASN H 53 -30.47 -11.88 46.02
CA ASN H 53 -29.70 -10.66 45.83
C ASN H 53 -30.62 -9.48 45.63
N LEU H 54 -30.47 -8.46 46.48
CA LEU H 54 -31.30 -7.26 46.38
C LEU H 54 -30.93 -6.44 45.15
N VAL H 55 -31.94 -5.89 44.49
CA VAL H 55 -31.70 -4.91 43.44
C VAL H 55 -31.23 -3.61 44.09
N ASP H 56 -30.33 -2.90 43.39
CA ASP H 56 -29.80 -1.64 43.89
C ASP H 56 -30.92 -0.68 44.21
N GLY H 57 -30.87 -0.11 45.42
CA GLY H 57 -31.86 0.84 45.88
C GLY H 57 -33.00 0.25 46.68
N VAL H 58 -33.06 -1.06 46.84
CA VAL H 58 -34.14 -1.73 47.55
C VAL H 58 -33.80 -1.80 49.03
N PRO H 59 -34.74 -1.47 49.92
CA PRO H 59 -34.43 -1.53 51.36
C PRO H 59 -34.12 -2.95 51.81
N SER H 60 -33.32 -3.05 52.87
CA SER H 60 -32.91 -4.35 53.39
C SER H 60 -34.04 -5.08 54.11
N ARG H 61 -35.15 -4.39 54.41
CA ARG H 61 -36.30 -5.09 55.00
C ARG H 61 -36.89 -6.11 54.05
N PHE H 62 -36.60 -6.00 52.75
CA PHE H 62 -36.91 -7.04 51.79
C PHE H 62 -35.82 -8.10 51.80
N SER H 63 -36.21 -9.36 51.60
CA SER H 63 -35.24 -10.44 51.52
C SER H 63 -35.87 -11.62 50.79
N GLY H 64 -35.05 -12.31 50.00
CA GLY H 64 -35.47 -13.50 49.28
C GLY H 64 -34.76 -14.73 49.84
N SER H 65 -35.42 -15.87 49.74
CA SER H 65 -34.87 -17.12 50.25
C SER H 65 -35.52 -18.27 49.50
N GLY H 66 -34.96 -19.46 49.71
CA GLY H 66 -35.48 -20.67 49.10
C GLY H 66 -34.43 -21.39 48.27
N SER H 67 -34.82 -22.58 47.82
CA SER H 67 -33.95 -23.43 47.02
C SER H 67 -34.80 -24.43 46.27
N GLY H 68 -34.16 -25.15 45.35
CA GLY H 68 -34.85 -26.16 44.56
C GLY H 68 -35.99 -25.59 43.75
N ALA H 69 -37.22 -25.76 44.25
CA ALA H 69 -38.41 -25.27 43.57
C ALA H 69 -39.36 -24.54 44.53
N ASP H 70 -38.87 -24.07 45.66
CA ASP H 70 -39.69 -23.41 46.66
C ASP H 70 -38.94 -22.20 47.18
N TYR H 71 -39.52 -21.01 47.02
CA TYR H 71 -38.84 -19.77 47.32
C TYR H 71 -39.78 -18.84 48.07
N SER H 72 -39.21 -17.81 48.70
CA SER H 72 -39.98 -16.95 49.59
C SER H 72 -39.44 -15.53 49.53
N LEU H 73 -40.35 -14.58 49.47
CA LEU H 73 -40.05 -13.16 49.59
C LEU H 73 -40.63 -12.66 50.90
N THR H 74 -39.77 -12.17 51.80
CA THR H 74 -40.17 -11.74 53.12
C THR H 74 -39.96 -10.23 53.27
N ILE H 75 -40.95 -9.56 53.84
CA ILE H 75 -40.90 -8.13 54.10
C ILE H 75 -41.01 -7.96 55.62
N SER H 76 -39.92 -7.55 56.25
CA SER H 76 -39.90 -7.30 57.68
C SER H 76 -40.35 -5.87 57.96
N SER H 77 -41.30 -5.72 58.88
CA SER H 77 -41.86 -4.43 59.25
C SER H 77 -42.41 -3.69 58.03
N LEU H 78 -43.68 -3.96 57.71
CA LEU H 78 -44.28 -3.37 56.52
C LEU H 78 -44.33 -1.86 56.62
N ASP H 79 -44.04 -1.19 55.49
CA ASP H 79 -44.15 0.25 55.37
C ASP H 79 -45.37 0.59 54.52
N SER H 80 -45.85 1.83 54.67
CA SER H 80 -47.04 2.27 53.96
C SER H 80 -46.89 2.12 52.44
N GLU H 81 -45.66 2.21 51.93
CA GLU H 81 -45.42 2.05 50.50
C GLU H 81 -45.43 0.59 50.07
N ASP H 82 -45.21 -0.35 50.99
CA ASP H 82 -45.08 -1.76 50.63
C ASP H 82 -46.39 -2.40 50.20
N PHE H 83 -47.53 -1.76 50.47
CA PHE H 83 -48.83 -2.30 50.06
C PHE H 83 -48.95 -2.18 48.54
N ALA H 84 -48.71 -3.27 47.84
CA ALA H 84 -48.76 -3.29 46.38
C ALA H 84 -48.84 -4.73 45.90
N ASP H 85 -48.74 -4.92 44.59
CA ASP H 85 -48.71 -6.25 43.99
C ASP H 85 -47.27 -6.74 43.91
N TYR H 86 -47.11 -8.06 44.04
CA TYR H 86 -45.81 -8.70 43.97
C TYR H 86 -45.90 -9.93 43.08
N TYR H 87 -44.86 -10.15 42.28
CA TYR H 87 -44.81 -11.26 41.32
C TYR H 87 -43.45 -11.93 41.40
N CYS H 88 -43.45 -13.26 41.26
CA CYS H 88 -42.22 -14.02 41.07
C CYS H 88 -42.08 -14.40 39.60
N VAL H 89 -40.83 -14.40 39.13
CA VAL H 89 -40.51 -14.76 37.76
C VAL H 89 -39.29 -15.68 37.77
N GLN H 90 -39.39 -16.79 37.06
CA GLN H 90 -38.27 -17.71 36.90
C GLN H 90 -37.61 -17.44 35.55
N TYR H 91 -36.28 -17.51 35.54
CA TYR H 91 -35.54 -17.45 34.28
C TYR H 91 -34.56 -18.62 34.19
N ALA H 92 -34.88 -19.73 34.84
CA ALA H 92 -34.09 -20.94 34.67
C ALA H 92 -34.25 -21.53 33.28
N GLN H 93 -35.42 -21.34 32.66
CA GLN H 93 -35.67 -21.88 31.32
C GLN H 93 -36.47 -20.86 30.51
N LEU H 94 -36.29 -20.94 29.20
CA LEU H 94 -37.13 -20.20 28.27
C LEU H 94 -38.32 -21.06 27.87
N PRO H 95 -39.53 -20.50 27.77
CA PRO H 95 -39.82 -19.08 28.02
C PRO H 95 -39.87 -18.72 29.49
N TYR H 96 -39.46 -17.50 29.83
CA TYR H 96 -39.65 -17.02 31.19
C TYR H 96 -41.12 -17.06 31.55
N THR H 97 -41.41 -17.37 32.82
CA THR H 97 -42.79 -17.47 33.28
C THR H 97 -42.92 -16.77 34.61
N PHE H 98 -44.12 -16.24 34.86
CA PHE H 98 -44.41 -15.45 36.05
C PHE H 98 -45.40 -16.18 36.95
N GLY H 99 -45.46 -15.73 38.20
CA GLY H 99 -46.46 -16.22 39.12
C GLY H 99 -47.78 -15.48 38.97
N GLY H 100 -48.81 -16.04 39.60
CA GLY H 100 -50.13 -15.41 39.54
C GLY H 100 -50.14 -14.01 40.11
N GLY H 101 -49.38 -13.78 41.18
CA GLY H 101 -49.31 -12.47 41.80
C GLY H 101 -49.81 -12.48 43.23
N THR H 102 -49.40 -11.48 44.01
CA THR H 102 -49.81 -11.36 45.41
C THR H 102 -50.05 -9.89 45.72
N LYS H 103 -51.24 -9.59 46.24
CA LYS H 103 -51.62 -8.22 46.56
C LYS H 103 -51.66 -8.06 48.08
N LEU H 104 -50.84 -7.15 48.60
CA LEU H 104 -50.85 -6.81 50.02
C LEU H 104 -51.85 -5.68 50.24
N GLU H 105 -52.86 -5.94 51.07
CA GLU H 105 -53.93 -4.99 51.32
C GLU H 105 -53.96 -4.62 52.79
N ILE H 106 -54.46 -3.42 53.08
CA ILE H 106 -54.50 -2.92 54.45
C ILE H 106 -55.61 -3.64 55.22
N LYS H 107 -55.31 -4.08 56.44
CA LYS H 107 -56.28 -4.76 57.28
C LYS H 107 -56.98 -3.75 58.17
N ARG H 108 -58.27 -3.96 58.39
CA ARG H 108 -59.07 -3.08 59.22
C ARG H 108 -60.29 -3.86 59.72
N ALA H 109 -61.04 -3.22 60.60
CA ALA H 109 -62.26 -3.82 61.12
C ALA H 109 -63.29 -3.98 60.01
N ASP H 110 -64.10 -5.04 60.12
CA ASP H 110 -65.14 -5.29 59.14
C ASP H 110 -66.13 -4.13 59.09
N ALA H 111 -66.75 -3.95 57.93
CA ALA H 111 -67.68 -2.85 57.75
C ALA H 111 -68.74 -3.24 56.73
N ALA H 112 -70.01 -3.05 57.10
CA ALA H 112 -71.10 -3.40 56.21
C ALA H 112 -71.22 -2.36 55.09
N PRO H 113 -71.64 -2.78 53.89
CA PRO H 113 -71.73 -1.83 52.78
C PRO H 113 -73.01 -1.01 52.81
N THR H 114 -72.90 0.20 52.28
CA THR H 114 -74.06 1.10 52.12
C THR H 114 -74.63 0.89 50.73
N VAL H 115 -75.82 0.31 50.66
CA VAL H 115 -76.43 -0.06 49.38
C VAL H 115 -77.38 1.05 48.94
N SER H 116 -77.41 1.31 47.64
CA SER H 116 -78.30 2.32 47.07
C SER H 116 -78.64 1.91 45.64
N ILE H 117 -79.93 1.86 45.33
CA ILE H 117 -80.41 1.47 44.00
C ILE H 117 -80.93 2.71 43.29
N PHE H 118 -80.83 2.70 41.96
CA PHE H 118 -81.18 3.87 41.16
C PHE H 118 -81.92 3.47 39.89
N PRO H 119 -83.19 3.85 39.76
CA PRO H 119 -83.96 3.52 38.55
C PRO H 119 -83.42 4.24 37.33
N PRO H 120 -83.78 3.80 36.13
CA PRO H 120 -83.29 4.47 34.92
C PRO H 120 -83.75 5.93 34.86
N SER H 121 -82.88 6.78 34.34
CA SER H 121 -83.21 8.19 34.18
C SER H 121 -84.25 8.37 33.09
N SER H 122 -84.90 9.53 33.12
CA SER H 122 -85.84 9.88 32.06
C SER H 122 -85.14 9.94 30.71
N GLU H 123 -83.97 10.59 30.66
CA GLU H 123 -83.25 10.77 29.40
C GLU H 123 -82.97 9.42 28.73
N GLN H 124 -82.43 8.46 29.49
CA GLN H 124 -82.11 7.16 28.91
C GLN H 124 -83.37 6.45 28.43
N LEU H 125 -84.47 6.56 29.18
CA LEU H 125 -85.70 5.88 28.80
C LEU H 125 -86.25 6.41 27.49
N THR H 126 -86.12 7.71 27.24
CA THR H 126 -86.59 8.28 25.99
C THR H 126 -85.71 7.92 24.80
N SER H 127 -84.50 7.39 25.04
CA SER H 127 -83.61 6.99 23.97
C SER H 127 -83.75 5.51 23.59
N GLY H 128 -84.46 4.71 24.40
CA GLY H 128 -84.67 3.32 24.10
C GLY H 128 -83.93 2.34 24.97
N GLY H 129 -83.27 2.79 26.04
CA GLY H 129 -82.57 1.93 26.95
C GLY H 129 -83.05 2.09 28.37
N ALA H 130 -82.51 1.26 29.26
CA ALA H 130 -82.89 1.27 30.67
C ALA H 130 -81.82 0.58 31.48
N SER H 131 -81.19 1.31 32.41
CA SER H 131 -80.14 0.77 33.27
C SER H 131 -80.49 1.04 34.73
N VAL H 132 -80.46 -0.01 35.54
CA VAL H 132 -80.66 0.09 36.98
C VAL H 132 -79.29 -0.02 37.64
N VAL H 133 -78.91 1.00 38.41
CA VAL H 133 -77.60 1.08 39.04
C VAL H 133 -77.75 0.79 40.53
N CYS H 134 -76.81 0.01 41.06
CA CYS H 134 -76.78 -0.38 42.47
C CYS H 134 -75.38 -0.10 43.00
N PHE H 135 -75.28 0.80 43.98
CA PHE H 135 -74.00 1.18 44.57
C PHE H 135 -73.82 0.49 45.92
N LEU H 136 -72.66 -0.10 46.12
CA LEU H 136 -72.30 -0.81 47.34
C LEU H 136 -70.99 -0.19 47.84
N ASN H 137 -71.08 0.75 48.77
CA ASN H 137 -69.98 1.63 49.10
C ASN H 137 -69.41 1.33 50.48
N ASN H 138 -68.09 1.48 50.60
CA ASN H 138 -67.37 1.46 51.87
C ASN H 138 -67.65 0.21 52.69
N PHE H 139 -67.05 -0.92 52.31
CA PHE H 139 -67.22 -2.16 53.05
C PHE H 139 -65.86 -2.85 53.19
N TYR H 140 -65.80 -3.78 54.15
CA TYR H 140 -64.59 -4.56 54.36
C TYR H 140 -64.99 -5.87 55.01
N PRO H 141 -64.42 -7.01 54.58
CA PRO H 141 -63.39 -7.14 53.54
C PRO H 141 -63.94 -7.01 52.12
N LYS H 142 -63.06 -7.22 51.14
CA LYS H 142 -63.43 -6.99 49.74
C LYS H 142 -64.43 -8.04 49.24
N ASP H 143 -64.39 -9.24 49.78
CA ASP H 143 -65.21 -10.34 49.28
C ASP H 143 -66.69 -10.03 49.43
N ILE H 144 -67.39 -9.95 48.29
CA ILE H 144 -68.79 -9.54 48.27
C ILE H 144 -69.43 -10.11 47.00
N ASN H 145 -70.74 -10.33 47.06
CA ASN H 145 -71.52 -10.82 45.95
C ASN H 145 -72.77 -9.96 45.77
N VAL H 146 -73.07 -9.62 44.51
CA VAL H 146 -74.27 -8.87 44.17
C VAL H 146 -75.15 -9.77 43.30
N LYS H 147 -76.45 -9.74 43.57
CA LYS H 147 -77.43 -10.55 42.85
C LYS H 147 -78.57 -9.64 42.40
N TRP H 148 -78.92 -9.72 41.13
CA TRP H 148 -80.02 -8.95 40.56
C TRP H 148 -81.26 -9.81 40.47
N LYS H 149 -82.37 -9.31 41.01
CA LYS H 149 -83.65 -10.01 40.98
C LYS H 149 -84.69 -9.13 40.32
N ILE H 150 -85.25 -9.61 39.21
CA ILE H 150 -86.35 -8.95 38.53
C ILE H 150 -87.63 -9.69 38.89
N ASP H 151 -88.55 -9.00 39.55
CA ASP H 151 -89.79 -9.60 40.06
C ASP H 151 -89.47 -10.80 40.95
N GLY H 152 -88.41 -10.66 41.75
CA GLY H 152 -88.00 -11.71 42.67
C GLY H 152 -87.15 -12.80 42.06
N SER H 153 -87.02 -12.86 40.74
CA SER H 153 -86.29 -13.92 40.06
C SER H 153 -84.92 -13.41 39.63
N GLU H 154 -83.89 -14.21 39.88
CA GLU H 154 -82.51 -13.80 39.61
C GLU H 154 -82.32 -13.49 38.12
N ARG H 155 -81.43 -12.55 37.85
CA ARG H 155 -81.07 -12.16 36.49
C ARG H 155 -79.57 -12.01 36.39
N GLN H 156 -78.96 -12.65 35.39
CA GLN H 156 -77.52 -12.65 35.23
C GLN H 156 -77.04 -12.04 33.91
N ASN H 157 -77.85 -12.09 32.87
CA ASN H 157 -77.46 -11.52 31.58
C ASN H 157 -77.69 -10.00 31.58
N GLY H 158 -76.69 -9.26 31.12
CA GLY H 158 -76.78 -7.82 31.05
C GLY H 158 -76.23 -7.07 32.25
N VAL H 159 -75.55 -7.77 33.16
CA VAL H 159 -75.01 -7.15 34.38
C VAL H 159 -73.59 -6.70 34.11
N LEU H 160 -73.22 -5.56 34.67
CA LEU H 160 -71.90 -4.97 34.45
C LEU H 160 -71.39 -4.43 35.79
N ASN H 161 -70.31 -5.01 36.29
CA ASN H 161 -69.78 -4.69 37.61
C ASN H 161 -68.44 -3.97 37.51
N SER H 162 -68.13 -3.21 38.56
CA SER H 162 -66.89 -2.46 38.64
C SER H 162 -66.55 -2.21 40.10
N TRP H 163 -65.28 -2.43 40.46
CA TRP H 163 -64.80 -2.29 41.82
C TRP H 163 -63.72 -1.22 41.88
N THR H 164 -63.60 -0.58 43.05
CA THR H 164 -62.55 0.39 43.29
C THR H 164 -61.42 -0.24 44.08
N ASP H 165 -60.21 0.27 43.88
CA ASP H 165 -59.11 -0.11 44.74
C ASP H 165 -59.39 0.34 46.17
N GLN H 166 -58.67 -0.26 47.11
CA GLN H 166 -58.85 0.07 48.51
C GLN H 166 -58.68 1.57 48.73
N ASP H 167 -59.69 2.18 49.35
CA ASP H 167 -59.68 3.63 49.53
C ASP H 167 -58.50 4.05 50.40
N SER H 168 -57.96 5.23 50.10
CA SER H 168 -56.80 5.72 50.84
C SER H 168 -57.16 6.24 52.22
N LYS H 169 -58.38 6.76 52.38
CA LYS H 169 -58.76 7.36 53.65
C LYS H 169 -59.16 6.32 54.68
N ASP H 170 -60.22 5.55 54.41
CA ASP H 170 -60.78 4.61 55.36
C ASP H 170 -60.40 3.16 55.07
N SER H 171 -59.65 2.91 54.00
CA SER H 171 -59.20 1.55 53.65
C SER H 171 -60.38 0.61 53.45
N THR H 172 -61.43 1.10 52.78
CA THR H 172 -62.61 0.31 52.47
C THR H 172 -62.75 0.18 50.96
N TYR H 173 -63.51 -0.83 50.54
CA TYR H 173 -63.77 -1.10 49.15
C TYR H 173 -65.18 -0.68 48.78
N SER H 174 -65.40 -0.44 47.49
CA SER H 174 -66.70 -0.06 46.98
C SER H 174 -66.94 -0.76 45.64
N MET H 175 -68.20 -1.02 45.34
CA MET H 175 -68.59 -1.75 44.15
C MET H 175 -69.75 -1.05 43.45
N SER H 176 -69.81 -1.20 42.13
CA SER H 176 -70.88 -0.65 41.31
C SER H 176 -71.40 -1.74 40.37
N SER H 177 -72.71 -1.92 40.35
CA SER H 177 -73.36 -2.94 39.52
C SER H 177 -74.44 -2.28 38.68
N THR H 178 -74.41 -2.51 37.38
CA THR H 178 -75.34 -1.89 36.45
C THR H 178 -76.00 -2.95 35.59
N LEU H 179 -77.32 -3.10 35.75
CA LEU H 179 -78.13 -3.99 34.92
C LEU H 179 -78.74 -3.16 33.79
N THR H 180 -78.45 -3.55 32.55
CA THR H 180 -78.90 -2.82 31.38
C THR H 180 -79.88 -3.67 30.59
N LEU H 181 -81.12 -3.20 30.50
CA LEU H 181 -82.16 -3.82 29.70
C LEU H 181 -82.62 -2.86 28.62
N THR H 182 -83.40 -3.37 27.68
CA THR H 182 -84.06 -2.50 26.73
C THR H 182 -85.26 -1.83 27.38
N LYS H 183 -85.68 -0.70 26.81
CA LYS H 183 -86.85 0.00 27.31
C LYS H 183 -88.07 -0.92 27.29
N ASP H 184 -88.26 -1.64 26.19
CA ASP H 184 -89.40 -2.56 26.07
C ASP H 184 -89.35 -3.63 27.16
N GLU H 185 -88.22 -4.32 27.30
CA GLU H 185 -88.10 -5.37 28.30
C GLU H 185 -88.18 -4.81 29.71
N TYR H 186 -87.72 -3.58 29.92
CA TYR H 186 -87.77 -2.98 31.26
C TYR H 186 -89.20 -2.79 31.74
N GLU H 187 -90.14 -2.59 30.82
CA GLU H 187 -91.53 -2.35 31.19
C GLU H 187 -92.35 -3.63 31.30
N ARG H 188 -91.79 -4.78 30.91
CA ARG H 188 -92.49 -6.05 31.11
C ARG H 188 -92.56 -6.43 32.57
N HIS H 189 -91.72 -5.85 33.42
CA HIS H 189 -91.64 -6.19 34.83
C HIS H 189 -91.86 -4.94 35.67
N ASN H 190 -92.04 -5.16 36.98
CA ASN H 190 -92.33 -4.07 37.91
C ASN H 190 -91.29 -3.91 39.00
N SER H 191 -90.85 -5.01 39.61
CA SER H 191 -89.94 -4.96 40.76
C SER H 191 -88.51 -5.21 40.32
N TYR H 192 -87.59 -4.42 40.86
CA TYR H 192 -86.17 -4.53 40.56
C TYR H 192 -85.37 -4.44 41.86
N THR H 193 -84.48 -5.42 42.06
CA THR H 193 -83.80 -5.60 43.34
C THR H 193 -82.33 -5.94 43.10
N CYS H 194 -81.47 -5.47 44.00
CA CYS H 194 -80.08 -5.93 44.08
C CYS H 194 -79.80 -6.38 45.51
N GLU H 195 -79.38 -7.63 45.65
CA GLU H 195 -79.09 -8.23 46.96
C GLU H 195 -77.58 -8.27 47.17
N ALA H 196 -77.13 -7.74 48.30
CA ALA H 196 -75.71 -7.72 48.65
C ALA H 196 -75.45 -8.76 49.74
N THR H 197 -74.51 -9.67 49.48
CA THR H 197 -74.14 -10.72 50.43
C THR H 197 -72.72 -10.43 50.91
N HIS H 198 -72.60 -10.09 52.19
CA HIS H 198 -71.34 -9.75 52.81
C HIS H 198 -71.22 -10.51 54.12
N LYS H 199 -69.98 -10.80 54.53
CA LYS H 199 -69.78 -11.58 55.75
C LYS H 199 -70.23 -10.84 57.00
N THR H 200 -70.44 -9.52 56.91
CA THR H 200 -70.91 -8.75 58.05
C THR H 200 -72.35 -9.08 58.44
N SER H 201 -73.06 -9.86 57.63
CA SER H 201 -74.45 -10.20 57.91
C SER H 201 -74.80 -11.52 57.25
N THR H 202 -75.38 -12.44 58.02
CA THR H 202 -75.86 -13.69 57.44
C THR H 202 -77.02 -13.45 56.48
N SER H 203 -77.80 -12.38 56.71
CA SER H 203 -78.92 -12.03 55.84
C SER H 203 -78.46 -11.03 54.78
N PRO H 204 -78.79 -11.25 53.51
CA PRO H 204 -78.34 -10.32 52.47
C PRO H 204 -79.00 -8.96 52.61
N ILE H 205 -78.20 -7.91 52.35
CA ILE H 205 -78.72 -6.55 52.38
C ILE H 205 -79.47 -6.29 51.08
N VAL H 206 -80.75 -5.95 51.20
CA VAL H 206 -81.66 -5.86 50.06
C VAL H 206 -82.08 -4.41 49.88
N LYS H 207 -82.07 -3.94 48.63
CA LYS H 207 -82.60 -2.63 48.26
C LYS H 207 -83.26 -2.75 46.90
N SER H 208 -84.48 -2.23 46.78
CA SER H 208 -85.29 -2.44 45.60
C SER H 208 -86.24 -1.27 45.40
N PHE H 209 -86.98 -1.32 44.30
CA PHE H 209 -88.00 -0.33 43.98
C PHE H 209 -88.96 -0.95 42.97
N ASN H 210 -90.06 -0.25 42.71
CA ASN H 210 -91.08 -0.70 41.78
C ASN H 210 -91.26 0.35 40.69
N ARG H 211 -91.24 -0.11 39.43
CA ARG H 211 -91.48 0.77 38.31
C ARG H 211 -92.87 1.41 38.44
N ASN H 212 -93.01 2.61 37.85
CA ASN H 212 -94.21 3.43 37.94
C ASN H 212 -94.43 3.95 39.36
N GLU H 213 -94.46 3.04 40.33
CA GLU H 213 -94.69 3.43 41.72
C GLU H 213 -93.53 4.23 42.28
N CYS H 214 -93.85 5.33 42.97
CA CYS H 214 -92.84 6.13 43.67
C CYS H 214 -93.50 6.94 44.78
C1 NAG I . 9.82 -8.02 5.34
C2 NAG I . 8.51 -7.34 5.80
C3 NAG I . 8.28 -6.03 5.02
C4 NAG I . 9.52 -5.16 4.97
C5 NAG I . 10.71 -5.96 4.48
C6 NAG I . 12.01 -5.18 4.51
C7 NAG I . 6.99 -9.15 6.50
C8 NAG I . 5.80 -9.97 6.12
N2 NAG I . 7.38 -8.23 5.60
O3 NAG I . 7.21 -5.31 5.63
O4 NAG I . 9.30 -4.08 4.06
O5 NAG I . 10.89 -7.07 5.36
O6 NAG I . 12.19 -4.48 5.72
O7 NAG I . 7.57 -9.31 7.57
C1 NAG I . 9.37 -2.80 4.70
C2 NAG I . 9.69 -1.82 3.59
C3 NAG I . 9.77 -0.40 4.15
C4 NAG I . 8.54 -0.06 4.99
C5 NAG I . 8.20 -1.17 5.98
C6 NAG I . 6.85 -0.98 6.63
C7 NAG I . 11.02 -2.62 1.68
C8 NAG I . 12.40 -2.94 1.18
N2 NAG I . 10.95 -2.17 2.94
O3 NAG I . 9.84 0.48 3.03
O4 NAG I . 8.81 1.15 5.70
O5 NAG I . 8.15 -2.44 5.32
O6 NAG I . 5.79 -1.31 5.72
O7 NAG I . 10.02 -2.76 0.98
C1 BMA I . 8.26 2.26 4.94
C2 BMA I . 7.57 3.28 5.88
C3 BMA I . 6.89 4.31 4.91
C4 BMA I . 7.93 4.98 4.06
C5 BMA I . 8.53 3.90 3.21
C6 BMA I . 9.34 4.49 2.03
O2 BMA I . 8.54 3.92 6.68
O3 BMA I . 5.97 5.30 5.42
O4 BMA I . 7.32 5.93 3.18
O5 BMA I . 9.25 2.96 4.11
O6 BMA I . 10.69 4.09 2.07
C1 BMA I . 6.09 5.57 6.83
C2 BMA I . 5.48 6.93 7.21
C3 BMA I . 5.82 7.16 8.65
C4 BMA I . 5.43 5.95 9.53
C5 BMA I . 5.80 4.59 8.89
C6 BMA I . 5.15 3.40 9.57
O2 BMA I . 4.05 6.87 7.10
O3 BMA I . 5.19 8.36 9.12
O4 BMA I . 6.13 6.06 10.79
O5 BMA I . 5.40 4.58 7.57
O6 BMA I . 5.91 2.25 9.19
C1 BMA I . 10.91 2.93 1.19
C2 BMA I . 9.70 2.47 0.27
C3 BMA I . 10.08 1.12 -0.27
C4 BMA I . 11.52 1.12 -0.89
C5 BMA I . 12.55 1.96 -0.06
C6 BMA I . 13.86 2.19 -0.77
O2 BMA I . 9.53 3.36 -0.85
O3 BMA I . 9.11 0.65 -1.17
O4 BMA I . 11.98 -0.24 -0.93
O5 BMA I . 12.00 3.18 0.30
O6 BMA I . 14.80 1.34 -0.10
C1 NAG J . 46.16 -9.22 -2.35
C2 NAG J . 47.53 -9.60 -1.72
C3 NAG J . 48.40 -8.36 -1.48
C4 NAG J . 48.36 -7.37 -2.63
C5 NAG J . 46.93 -7.13 -3.09
C6 NAG J . 46.81 -6.23 -4.30
C7 NAG J . 47.04 -11.62 -0.42
C8 NAG J . 46.83 -12.19 0.95
N2 NAG J . 47.30 -10.32 -0.48
O3 NAG J . 49.74 -8.78 -1.27
O4 NAG J . 48.92 -6.14 -2.19
O5 NAG J . 46.37 -8.39 -3.46
O6 NAG J . 45.44 -5.97 -4.58
O7 NAG J . 46.95 -12.31 -1.43
C1 NAG J . 50.07 -5.81 -2.98
C2 NAG J . 50.49 -4.41 -2.57
C3 NAG J . 51.71 -3.98 -3.38
C4 NAG J . 52.82 -5.03 -3.27
C5 NAG J . 52.29 -6.42 -3.60
C6 NAG J . 53.30 -7.51 -3.32
C7 NAG J . 48.69 -2.97 -1.73
C8 NAG J . 49.09 -3.42 -0.36
N2 NAG J . 49.39 -3.47 -2.75
O3 NAG J . 52.17 -2.72 -2.90
O4 NAG J . 53.88 -4.70 -4.17
O5 NAG J . 51.15 -6.72 -2.77
O6 NAG J . 54.16 -7.70 -4.44
O7 NAG J . 47.76 -2.18 -1.90
C1 NAG K . -8.68 17.81 -5.19
C2 NAG K . -7.23 18.11 -5.59
C3 NAG K . -6.59 19.14 -4.65
C4 NAG K . -7.49 20.35 -4.45
C5 NAG K . -8.89 19.91 -4.06
C6 NAG K . -9.88 21.06 -3.97
C7 NAG K . -6.22 16.14 -6.68
C8 NAG K . -5.39 14.91 -6.49
N2 NAG K . -6.44 16.88 -5.59
O3 NAG K . -5.35 19.55 -5.18
O4 NAG K . -6.97 21.17 -3.41
O5 NAG K . -9.40 19.03 -5.07
O6 NAG K . -9.81 21.91 -5.10
O7 NAG K . -6.68 16.45 -7.78
C1 NAG K . -6.64 22.49 -3.89
C2 NAG K . -6.68 23.43 -2.68
C3 NAG K . -6.20 24.84 -3.06
C4 NAG K . -4.90 24.79 -3.86
C5 NAG K . -4.99 23.78 -4.99
C6 NAG K . -3.68 23.59 -5.72
C7 NAG K . -8.49 22.74 -1.15
C8 NAG K . -9.92 22.96 -0.75
N2 NAG K . -8.05 23.50 -2.15
O3 NAG K . -5.99 25.57 -1.86
O4 NAG K . -4.60 26.07 -4.40
O5 NAG K . -5.34 22.50 -4.45
O6 NAG K . -2.59 23.43 -4.82
O7 NAG K . -7.78 21.92 -0.59
C1 BMA K . -3.56 26.63 -3.56
C2 BMA K . -2.68 27.66 -4.30
C3 BMA K . -1.52 27.91 -3.29
C4 BMA K . -2.07 28.49 -1.98
C5 BMA K . -3.18 27.57 -1.40
C6 BMA K . -3.92 28.21 -0.25
O2 BMA K . -3.39 28.87 -4.48
O3 BMA K . -0.35 28.66 -3.70
O4 BMA K . -1.00 28.60 -1.03
O5 BMA K . -4.14 27.29 -2.44
O6 BMA K . -4.81 29.18 -0.79
C1 BMA K . -0.43 29.28 -5.00
C2 BMA K . 0.72 30.27 -5.21
C3 BMA K . 0.39 31.08 -6.42
C4 BMA K . -0.09 30.21 -7.62
C5 BMA K . -0.79 28.86 -7.24
C6 BMA K . -0.64 27.78 -8.30
O2 BMA K . 1.94 29.54 -5.49
O3 BMA K . 1.51 31.90 -6.79
O4 BMA K . -1.01 31.01 -8.41
O5 BMA K . -0.30 28.35 -6.06
O6 BMA K . -1.41 26.66 -7.85
C1 NAG L . -42.77 26.87 2.41
C2 NAG L . -44.24 26.93 1.94
C3 NAG L . -44.72 28.38 1.80
C4 NAG L . -44.33 29.21 3.01
C5 NAG L . -42.83 29.08 3.23
C6 NAG L . -42.32 29.92 4.38
C7 NAG L . -44.76 24.96 0.57
C8 NAG L . -44.84 24.40 -0.81
N2 NAG L . -44.38 26.24 0.66
O3 NAG L . -46.13 28.38 1.65
O4 NAG L . -44.71 30.57 2.81
O5 NAG L . -42.57 27.71 3.54
O6 NAG L . -42.33 29.19 5.61
O7 NAG L . -45.02 24.28 1.56
C1 NAG L . -45.73 30.82 3.79
C2 NAG L . -45.80 32.31 3.85
C3 NAG L . -46.84 32.74 4.87
C4 NAG L . -48.18 32.06 4.60
C5 NAG L . -48.01 30.55 4.43
C6 NAG L . -49.27 29.85 3.97
C7 NAG L . -44.01 34.03 3.79
C8 NAG L . -42.63 34.40 4.21
N2 NAG L . -44.47 32.84 4.20
O3 NAG L . -46.98 34.15 4.85
O4 NAG L . -49.09 32.29 5.67
O5 NAG L . -47.02 30.29 3.43
O6 NAG L . -49.95 29.33 5.10
O7 NAG L . -44.70 34.78 3.09
CA CA M . -3.69 12.44 29.89
CA CA N . 10.87 12.62 31.02
CA CA O . 18.42 8.50 40.75
CA CA P . 13.91 0.95 52.04
C1 NAG Q . 10.51 -30.15 45.82
C2 NAG Q . 12.03 -30.15 45.52
C3 NAG Q . 12.88 -30.62 46.70
C4 NAG Q . 12.47 -29.89 47.97
C5 NAG Q . 11.03 -30.26 48.23
C6 NAG Q . 10.48 -29.69 49.51
C7 NAG Q . 11.96 -32.13 44.02
C8 NAG Q . 12.43 -32.72 42.72
N2 NAG Q . 12.37 -30.88 44.30
O3 NAG Q . 14.23 -30.32 46.40
O4 NAG Q . 13.29 -30.32 49.05
O5 NAG Q . 10.25 -29.70 47.17
O6 NAG Q . 9.49 -30.56 50.07
O7 NAG Q . 11.28 -32.77 44.81
S SO4 R . 24.10 -23.81 40.26
O1 SO4 R . 25.48 -24.16 40.60
O2 SO4 R . 23.46 -23.15 41.40
O3 SO4 R . 24.09 -22.90 39.12
O4 SO4 R . 23.37 -25.03 39.93
S SO4 S . -5.84 0.97 11.77
O1 SO4 S . -4.71 0.56 10.94
O2 SO4 S . -5.89 0.14 12.96
O3 SO4 S . -5.67 2.37 12.16
O4 SO4 S . -7.08 0.82 11.01
S SO4 T . -20.79 -12.35 17.47
O1 SO4 T . -19.83 -13.15 16.71
O2 SO4 T . -20.62 -12.63 18.89
O3 SO4 T . -20.56 -10.93 17.21
O4 SO4 T . -22.14 -12.71 17.06
S SO4 U . 18.37 -19.29 49.40
O1 SO4 U . 19.75 -19.78 49.33
O2 SO4 U . 18.02 -19.05 50.79
O3 SO4 U . 18.24 -18.05 48.64
O4 SO4 U . 17.47 -20.30 48.84
S SO4 V . 27.58 6.49 31.54
O1 SO4 V . 28.95 6.24 31.11
O2 SO4 V . 27.58 7.36 32.71
O3 SO4 V . 26.93 5.22 31.86
O4 SO4 V . 26.84 7.14 30.45
MG MG W . -2.57 -24.44 9.11
CA CA X . -2.50 -26.65 -0.23
CA CA Y . -1.62 -23.05 15.12
C1 NAG Z . 53.01 -16.04 -2.00
C2 NAG Z . 52.94 -17.51 -2.47
C3 NAG Z . 53.99 -17.76 -3.55
C4 NAG Z . 53.92 -16.72 -4.66
C5 NAG Z . 53.96 -15.32 -4.07
C6 NAG Z . 53.78 -14.23 -5.10
C7 NAG Z . 52.42 -19.53 -1.17
C8 NAG Z . 52.78 -20.37 0.00
N2 NAG Z . 53.14 -18.42 -1.36
O3 NAG Z . 53.79 -19.06 -4.10
O4 NAG Z . 55.02 -16.88 -5.53
O5 NAG Z . 52.89 -15.17 -3.12
O6 NAG Z . 53.88 -12.94 -4.50
O7 NAG Z . 51.52 -19.85 -1.95
C1 AGG AA . -11.70 -20.74 10.43
C2 AGG AA . -11.25 -21.22 11.79
C3 AGG AA . -10.41 -22.49 11.73
C4 AGG AA . -9.68 -22.83 10.44
S1 AGG AA . -8.92 -24.43 10.32
O1 AGG AA . -9.74 -25.35 11.05
O2 AGG AA . -8.66 -24.68 8.93
N AGG AA . -7.49 -24.37 11.06
CA AGG AA . -6.26 -23.99 10.36
CB AGG AA . -5.59 -22.79 11.05
CG AGG AA . -6.39 -21.52 10.91
CD1 AGG AA . -7.09 -21.02 11.99
CE1 AGG AA . -7.84 -19.87 11.88
CZ AGG AA . -7.90 -19.21 10.66
OH AGG AA . -8.64 -18.06 10.50
CE2 AGG AA . -7.21 -19.70 9.57
CD2 AGG AA . -6.46 -20.85 9.70
C AGG AA . -5.31 -25.15 10.25
O AGG AA . -5.56 -26.10 11.11
OXT AGG AA . -4.42 -25.19 9.44
C11 AGG AA . -8.53 -17.04 11.50
C12 AGG AA . -9.77 -16.18 11.34
C13 AGG AA . -9.57 -14.74 11.79
C14 AGG AA . -10.84 -13.90 11.68
C15 AGG AA . -11.05 -12.87 12.79
C16 AGG AA . -9.81 -12.04 13.07
C17 AGG AA . -10.02 -10.96 14.10
N18 AGG AA . -11.13 -10.09 13.68
C18 AGG AA . -12.38 -10.85 13.55
C19 AGG AA . -12.21 -11.93 12.51
CA CA BA . 11.61 35.61 -27.23
CA CA CA . -2.21 40.54 -28.33
CA CA DA . -10.11 40.02 -38.63
CA CA EA . -7.91 32.99 -50.47
S SO4 FA . 3.50 -2.96 -33.01
O1 SO4 FA . 3.21 -1.91 -32.05
O2 SO4 FA . 3.43 -4.26 -32.37
O3 SO4 FA . 4.84 -2.76 -33.55
O4 SO4 FA . 2.54 -2.91 -34.11
S SO4 GA . -19.97 39.97 -28.70
O1 SO4 GA . -18.99 40.21 -27.65
O2 SO4 GA . -19.75 38.64 -29.27
O3 SO4 GA . -19.83 40.98 -29.75
O4 SO4 GA . -21.31 40.04 -28.14
S SO4 HA . 9.39 22.37 -10.69
O1 SO4 HA . 9.35 21.05 -11.31
O2 SO4 HA . 9.88 22.23 -9.32
O3 SO4 HA . 8.05 22.94 -10.68
O4 SO4 HA . 10.29 23.24 -11.44
MG MG IA . -1.56 -1.12 -10.97
CA CA JA . -2.62 -4.39 -2.44
CA CA KA . -1.89 1.12 -16.75
C1 NAG LA . -51.54 22.84 1.67
C2 NAG LA . -51.90 21.44 2.18
C3 NAG LA . -52.87 21.53 3.35
C4 NAG LA . -52.37 22.49 4.41
C5 NAG LA . -52.04 23.84 3.78
C6 NAG LA . -51.45 24.83 4.75
C7 NAG LA . -51.97 19.47 0.71
C8 NAG LA . -52.71 18.79 -0.40
N2 NAG LA . -52.48 20.64 1.11
O3 NAG LA . -53.06 20.23 3.92
O4 NAG LA . -53.37 22.69 5.41
O5 NAG LA . -51.06 23.64 2.75
O6 NAG LA . -50.62 25.79 4.08
O7 NAG LA . -50.98 18.97 1.22
C1 AGG MA . 7.87 0.44 -11.95
C2 AGG MA . 7.88 -0.47 -13.15
C3 AGG MA . 6.59 -1.27 -13.31
C4 AGG MA . 5.77 -1.63 -12.07
S1 AGG MA . 4.57 -2.92 -12.27
O1 AGG MA . 5.11 -3.90 -13.14
O2 AGG MA . 4.13 -3.31 -10.96
N AGG MA . 3.28 -2.28 -13.01
CA AGG MA . 2.22 -1.59 -12.27
CB AGG MA . 1.96 -0.19 -12.86
CG AGG MA . 3.03 0.80 -12.48
CD1 AGG MA . 4.00 1.17 -13.41
CE1 AGG MA . 5.00 2.07 -13.07
CZ AGG MA . 5.04 2.61 -11.80
OH AGG MA . 6.02 3.49 -11.45
CE2 AGG MA . 4.09 2.24 -10.87
CD2 AGG MA . 3.10 1.34 -11.22
C AGG MA . 0.94 -2.41 -12.28
O AGG MA . 0.94 -3.36 -13.17
OXT AGG MA . 0.02 -2.18 -11.52
C11 AGG MA . 6.27 4.62 -12.31
C12 AGG MA . 7.39 5.42 -11.69
C13 AGG MA . 8.07 6.38 -12.65
C14 AGG MA . 9.53 6.65 -12.32
C15 AGG MA . 10.21 7.75 -13.14
C16 AGG MA . 9.20 8.68 -13.81
C17 AGG MA . 9.86 9.83 -14.53
N18 AGG MA . 10.71 10.59 -13.60
C18 AGG MA . 11.78 9.74 -13.06
C19 AGG MA . 11.17 8.58 -12.30
#